data_1TNZ
#
_entry.id   1TNZ
#
_cell.length_a   271.262
_cell.length_b   266.922
_cell.length_c   185.750
_cell.angle_alpha   90.00
_cell.angle_beta   131.91
_cell.angle_gamma   90.00
#
_symmetry.space_group_name_H-M   'C 1 2 1'
#
loop_
_entity.id
_entity.type
_entity.pdbx_description
1 polymer 'geranylgeranyltransferase type I alpha subunit'
2 polymer 'Geranylgeranyl transferase type I beta subunit'
3 polymer 'Cell division control protein 42 homolog (Cdc42)'
4 non-polymer 'ZINC ION'
5 non-polymer 2-[METHYL-(5-GERANYL-4-METHYL-PENT-3-ENYL)-AMINO]-ETHYL-DIPHOSPHATE
6 non-polymer 'CHLORIDE ION'
7 non-polymer '2-(N-MORPHOLINO)-ETHANESULFONIC ACID'
8 water water
#
loop_
_entity_poly.entity_id
_entity_poly.type
_entity_poly.pdbx_seq_one_letter_code
_entity_poly.pdbx_strand_id
1 'polypeptide(L)'
;MAATEGVGESAPGGEPGQPEQPPPPPPPPPAQQPQEEEMAAEAGEAAASPMDDGFLSLDSPTYVLYRDRAEWADIDPVPQ
NDGPSPVVQIIYSEKFRDVYDYFRAVLQRDERSERAFKLTRDAIELNAANYTVWHFRRVLLRSLQKDLQEEMNYIIAIIE
EQPKNYQVWHHRRVLVEWLKDPSQELEFIADILNQDAKNYHAWQHRQWVIQEFRLWDNELQYVDQLLKEDVRNNSVWNQR
HFVISNTTGYSDRAVLEREVQYTLEMIKLVPHNESAWNYLKGILQDRGLSRYPNLLNQLLDLQPSHSSPYLIAFLVDIYE
DMLENQCDNKEDILNKALELCEILAKEKDTIRKEYWRYIGRSLQSKHSRESDIPASV
;
A,C,E,G,I,K
2 'polypeptide(L)'
;MAATEDDRLAGSGEGERLDFLRDRHVRFFQRCLQVLPERYSSLETSRLTIAFFALSGLDMLDSLDVVNKDDIIEWIYSLQ
VLPTEDRSNLDRCGFRGSSYLGIPFNPSKNPGTAHPYDSGHIAMTYTGLSCLIILGDDLSRVDKEACLAGLRALQLEDGS
FCAVPEGSENDMRFVYCASCICYMLNNWSGMDMKKAISYIRRSMSYDNGLAQGAGLESHGGSTFCGIASLCLMGKLEEVF
SEKELNRIKRWCIMRQQNGYHGRPNKPVDTCYSFWVGATLKLLKIFQYTNFEKNRNYILSTQDRLVGGFAKWPDSHPDAL
HAYFGICGLSLMEESGICKVHPALNVSTRTSERLRDLHQSWKTKDSKQCSDNVHISS
;
B,D,F,H,J,L
3 'polypeptide(L)' RRCVLL M,N,O,P,Q,R
#
loop_
_chem_comp.id
_chem_comp.type
_chem_comp.name
_chem_comp.formula
CL non-polymer 'CHLORIDE ION' 'Cl -1'
MES non-polymer '2-(N-MORPHOLINO)-ETHANESULFONIC ACID' 'C6 H13 N O4 S'
MGM non-polymer 2-[METHYL-(5-GERANYL-4-METHYL-PENT-3-ENYL)-AMINO]-ETHYL-DIPHOSPHATE 'C19 H37 N O7 P2'
ZN non-polymer 'ZINC ION' 'Zn 2'
#
# COMPACT_ATOMS: atom_id res chain seq x y z
N PHE A 55 -30.25 -14.80 18.25
CA PHE A 55 -30.45 -15.86 17.22
C PHE A 55 -29.38 -15.86 16.13
N LEU A 56 -29.64 -15.14 15.03
CA LEU A 56 -28.71 -15.10 13.90
C LEU A 56 -27.44 -14.31 14.19
N SER A 57 -26.36 -15.02 14.46
CA SER A 57 -25.08 -14.41 14.79
C SER A 57 -24.54 -13.48 13.70
N LEU A 58 -23.75 -12.48 14.11
CA LEU A 58 -23.19 -11.53 13.17
C LEU A 58 -22.13 -12.13 12.26
N ASP A 59 -21.58 -13.26 12.66
CA ASP A 59 -20.56 -13.90 11.85
C ASP A 59 -21.03 -15.25 11.27
N SER A 60 -22.34 -15.50 11.32
CA SER A 60 -22.91 -16.72 10.78
C SER A 60 -22.85 -16.69 9.26
N PRO A 61 -22.65 -17.85 8.62
CA PRO A 61 -22.58 -17.90 7.15
C PRO A 61 -23.87 -17.36 6.55
N THR A 62 -24.99 -17.69 7.20
CA THR A 62 -26.30 -17.28 6.74
C THR A 62 -26.79 -15.95 7.30
N TYR A 63 -25.89 -15.14 7.86
CA TYR A 63 -26.29 -13.83 8.37
C TYR A 63 -26.84 -12.98 7.23
N VAL A 64 -27.85 -12.17 7.52
CA VAL A 64 -28.47 -11.32 6.51
C VAL A 64 -28.57 -9.88 6.99
N LEU A 65 -28.24 -8.93 6.12
CA LEU A 65 -28.34 -7.53 6.50
C LEU A 65 -29.80 -7.22 6.83
N TYR A 66 -30.01 -6.35 7.81
CA TYR A 66 -31.36 -5.99 8.20
C TYR A 66 -32.16 -5.40 7.03
N ARG A 67 -31.44 -4.74 6.11
CA ARG A 67 -32.10 -4.13 4.97
C ARG A 67 -32.65 -5.20 4.01
N ASP A 68 -32.29 -6.45 4.26
CA ASP A 68 -32.74 -7.56 3.43
C ASP A 68 -33.61 -8.53 4.23
N ARG A 69 -34.05 -8.12 5.42
CA ARG A 69 -34.86 -9.01 6.22
C ARG A 69 -36.32 -8.61 6.12
N ALA A 70 -37.17 -9.60 5.88
CA ALA A 70 -38.61 -9.38 5.76
C ALA A 70 -39.17 -8.68 6.98
N GLU A 71 -38.89 -9.22 8.16
CA GLU A 71 -39.36 -8.66 9.42
C GLU A 71 -39.03 -7.19 9.59
N TRP A 72 -38.11 -6.65 8.80
CA TRP A 72 -37.73 -5.24 8.93
C TRP A 72 -38.08 -4.41 7.70
N ALA A 73 -38.94 -4.95 6.86
CA ALA A 73 -39.34 -4.28 5.62
C ALA A 73 -40.09 -2.98 5.86
N ASP A 74 -40.92 -2.96 6.90
CA ASP A 74 -41.73 -1.80 7.23
C ASP A 74 -40.95 -0.60 7.78
N ILE A 75 -39.78 -0.86 8.34
CA ILE A 75 -38.96 0.19 8.94
C ILE A 75 -37.99 0.83 7.96
N ASP A 76 -37.89 2.16 8.01
CA ASP A 76 -36.95 2.89 7.16
C ASP A 76 -35.68 3.17 7.94
N PRO A 77 -34.55 2.64 7.50
CA PRO A 77 -33.30 2.90 8.23
C PRO A 77 -32.98 4.39 8.33
N VAL A 78 -32.44 4.79 9.47
CA VAL A 78 -32.06 6.20 9.69
C VAL A 78 -30.54 6.28 9.66
N PRO A 79 -29.99 7.05 8.71
CA PRO A 79 -28.53 7.20 8.60
C PRO A 79 -27.98 8.30 9.49
N GLN A 80 -26.71 8.16 9.84
CA GLN A 80 -26.03 9.15 10.65
C GLN A 80 -25.41 10.14 9.69
N ASN A 81 -25.38 11.41 10.07
CA ASN A 81 -24.79 12.43 9.20
C ASN A 81 -24.04 13.51 10.01
N ASP A 82 -22.72 13.59 9.77
CA ASP A 82 -21.89 14.56 10.47
C ASP A 82 -21.72 15.83 9.64
N GLY A 83 -22.70 16.10 8.78
CA GLY A 83 -22.65 17.30 7.96
C GLY A 83 -21.54 17.40 6.93
N PRO A 84 -21.37 18.59 6.34
CA PRO A 84 -20.40 18.94 5.31
C PRO A 84 -19.00 18.40 5.55
N SER A 85 -18.38 18.86 6.62
CA SER A 85 -17.01 18.45 6.96
C SER A 85 -16.94 17.68 8.27
N PRO A 86 -17.06 16.34 8.20
CA PRO A 86 -17.01 15.48 9.39
C PRO A 86 -15.65 15.48 10.09
N VAL A 87 -15.68 15.47 11.42
CA VAL A 87 -14.46 15.46 12.23
C VAL A 87 -14.32 14.13 12.97
N VAL A 88 -13.10 13.63 13.08
CA VAL A 88 -12.84 12.38 13.77
C VAL A 88 -13.90 11.35 13.37
N GLN A 89 -14.04 11.17 12.05
CA GLN A 89 -15.00 10.24 11.48
C GLN A 89 -14.47 8.81 11.41
N ILE A 90 -15.27 7.88 11.89
CA ILE A 90 -14.92 6.47 11.89
C ILE A 90 -15.58 5.80 10.69
N ILE A 91 -14.80 5.05 9.91
CA ILE A 91 -15.34 4.36 8.74
C ILE A 91 -15.97 3.04 9.18
N TYR A 92 -17.20 2.82 8.73
CA TYR A 92 -17.93 1.61 9.10
C TYR A 92 -18.20 0.64 7.97
N SER A 93 -18.11 -0.65 8.28
CA SER A 93 -18.35 -1.72 7.34
C SER A 93 -19.84 -1.74 7.00
N GLU A 94 -20.20 -2.43 5.92
CA GLU A 94 -21.60 -2.52 5.52
C GLU A 94 -22.45 -3.08 6.64
N LYS A 95 -21.97 -4.17 7.25
CA LYS A 95 -22.69 -4.81 8.34
C LYS A 95 -22.91 -3.86 9.51
N PHE A 96 -21.82 -3.21 9.93
CA PHE A 96 -21.88 -2.30 11.05
C PHE A 96 -22.91 -1.19 10.80
N ARG A 97 -22.70 -0.44 9.73
CA ARG A 97 -23.60 0.64 9.39
C ARG A 97 -25.03 0.14 9.30
N ASP A 98 -25.21 -1.06 8.79
CA ASP A 98 -26.54 -1.64 8.64
C ASP A 98 -27.24 -1.80 9.99
N VAL A 99 -26.61 -2.52 10.91
CA VAL A 99 -27.18 -2.73 12.23
C VAL A 99 -27.59 -1.41 12.86
N TYR A 100 -26.66 -0.46 12.87
CA TYR A 100 -26.94 0.81 13.49
C TYR A 100 -27.94 1.69 12.77
N ASP A 101 -28.03 1.59 11.45
CA ASP A 101 -29.02 2.41 10.75
C ASP A 101 -30.41 1.98 11.17
N TYR A 102 -30.55 0.71 11.52
CA TYR A 102 -31.83 0.20 11.97
C TYR A 102 -32.01 0.49 13.45
N PHE A 103 -30.90 0.50 14.20
CA PHE A 103 -30.98 0.83 15.62
C PHE A 103 -31.51 2.26 15.74
N ARG A 104 -30.93 3.19 14.98
CA ARG A 104 -31.38 4.57 15.00
C ARG A 104 -32.87 4.64 14.71
N ALA A 105 -33.31 3.86 13.73
CA ALA A 105 -34.71 3.83 13.34
C ALA A 105 -35.59 3.44 14.50
N VAL A 106 -35.29 2.30 15.11
CA VAL A 106 -36.07 1.80 16.24
C VAL A 106 -36.04 2.79 17.41
N LEU A 107 -34.88 3.37 17.69
CA LEU A 107 -34.75 4.33 18.79
C LEU A 107 -35.66 5.52 18.56
N GLN A 108 -35.47 6.16 17.41
CA GLN A 108 -36.25 7.33 17.02
C GLN A 108 -37.74 7.13 17.25
N ARG A 109 -38.22 5.90 17.05
CA ARG A 109 -39.63 5.60 17.20
C ARG A 109 -39.95 5.00 18.56
N ASP A 110 -38.94 4.91 19.43
CA ASP A 110 -39.11 4.32 20.74
C ASP A 110 -39.94 3.05 20.65
N GLU A 111 -39.65 2.23 19.65
CA GLU A 111 -40.36 0.97 19.44
C GLU A 111 -39.98 -0.05 20.49
N ARG A 112 -40.92 -0.39 21.37
CA ARG A 112 -40.63 -1.38 22.40
C ARG A 112 -40.94 -2.78 21.90
N SER A 113 -40.42 -3.15 20.73
CA SER A 113 -40.68 -4.46 20.15
C SER A 113 -39.70 -5.55 20.56
N GLU A 114 -40.06 -6.78 20.26
CA GLU A 114 -39.20 -7.92 20.57
C GLU A 114 -38.08 -7.96 19.53
N ARG A 115 -38.35 -7.46 18.33
CA ARG A 115 -37.33 -7.47 17.29
C ARG A 115 -36.27 -6.44 17.63
N ALA A 116 -36.70 -5.36 18.30
CA ALA A 116 -35.78 -4.31 18.71
C ALA A 116 -34.86 -4.87 19.79
N PHE A 117 -35.45 -5.61 20.72
CA PHE A 117 -34.66 -6.20 21.78
C PHE A 117 -33.52 -7.01 21.20
N LYS A 118 -33.81 -7.78 20.16
CA LYS A 118 -32.80 -8.60 19.51
C LYS A 118 -31.78 -7.74 18.76
N LEU A 119 -32.26 -6.64 18.17
CA LEU A 119 -31.38 -5.75 17.44
C LEU A 119 -30.30 -5.22 18.36
N THR A 120 -30.65 -4.95 19.62
CA THR A 120 -29.67 -4.44 20.57
C THR A 120 -28.51 -5.41 20.80
N ARG A 121 -28.82 -6.70 20.81
CA ARG A 121 -27.77 -7.70 21.02
C ARG A 121 -26.67 -7.55 19.97
N ASP A 122 -27.08 -7.21 18.76
CA ASP A 122 -26.16 -7.04 17.64
C ASP A 122 -25.42 -5.72 17.76
N ALA A 123 -26.12 -4.68 18.18
CA ALA A 123 -25.51 -3.36 18.34
C ALA A 123 -24.48 -3.44 19.45
N ILE A 124 -24.80 -4.21 20.49
CA ILE A 124 -23.88 -4.36 21.61
C ILE A 124 -22.67 -5.16 21.19
N GLU A 125 -22.85 -6.15 20.32
CA GLU A 125 -21.71 -6.94 19.89
C GLU A 125 -20.79 -6.05 19.06
N LEU A 126 -21.39 -5.18 18.25
CA LEU A 126 -20.61 -4.28 17.42
C LEU A 126 -19.91 -3.19 18.22
N ASN A 127 -20.51 -2.79 19.34
CA ASN A 127 -19.92 -1.75 20.19
C ASN A 127 -20.55 -1.67 21.57
N ALA A 128 -20.03 -2.45 22.51
CA ALA A 128 -20.56 -2.47 23.87
C ALA A 128 -20.31 -1.19 24.66
N ALA A 129 -19.72 -0.18 24.04
CA ALA A 129 -19.44 1.06 24.76
C ALA A 129 -20.52 2.09 24.51
N ASN A 130 -21.48 1.76 23.66
CA ASN A 130 -22.57 2.69 23.35
C ASN A 130 -23.59 2.65 24.47
N TYR A 131 -23.47 3.60 25.39
CA TYR A 131 -24.34 3.68 26.55
C TYR A 131 -25.82 3.81 26.22
N THR A 132 -26.14 4.45 25.10
CA THR A 132 -27.54 4.61 24.72
C THR A 132 -28.14 3.24 24.40
N VAL A 133 -27.38 2.41 23.72
CA VAL A 133 -27.87 1.08 23.38
C VAL A 133 -28.23 0.35 24.65
N TRP A 134 -27.34 0.33 25.63
CA TRP A 134 -27.60 -0.35 26.89
C TRP A 134 -28.81 0.22 27.61
N HIS A 135 -28.98 1.54 27.56
CA HIS A 135 -30.12 2.16 28.20
C HIS A 135 -31.40 1.62 27.56
N PHE A 136 -31.49 1.75 26.24
CA PHE A 136 -32.64 1.28 25.48
C PHE A 136 -32.92 -0.20 25.77
N ARG A 137 -31.84 -0.98 25.85
CA ARG A 137 -32.00 -2.40 26.12
C ARG A 137 -32.66 -2.59 27.48
N ARG A 138 -32.30 -1.75 28.45
CA ARG A 138 -32.90 -1.85 29.78
C ARG A 138 -34.35 -1.46 29.71
N VAL A 139 -34.68 -0.45 28.90
CA VAL A 139 -36.05 -0.01 28.72
C VAL A 139 -36.87 -1.19 28.23
N LEU A 140 -36.34 -1.88 27.22
CA LEU A 140 -36.99 -3.04 26.63
C LEU A 140 -37.08 -4.20 27.62
N LEU A 141 -36.04 -4.38 28.42
CA LEU A 141 -36.06 -5.47 29.40
C LEU A 141 -37.30 -5.34 30.28
N ARG A 142 -37.67 -4.10 30.61
CA ARG A 142 -38.84 -3.86 31.42
C ARG A 142 -40.12 -3.98 30.60
N SER A 143 -40.24 -3.19 29.54
CA SER A 143 -41.43 -3.25 28.67
C SER A 143 -41.82 -4.69 28.33
N LEU A 144 -40.90 -5.43 27.74
CA LEU A 144 -41.17 -6.80 27.35
C LEU A 144 -41.12 -7.77 28.53
N GLN A 145 -40.94 -7.24 29.72
CA GLN A 145 -40.86 -8.08 30.92
C GLN A 145 -40.01 -9.31 30.70
N LYS A 146 -38.78 -9.12 30.23
CA LYS A 146 -37.87 -10.22 29.96
C LYS A 146 -37.35 -10.86 31.23
N ASP A 147 -36.92 -12.11 31.13
CA ASP A 147 -36.39 -12.83 32.28
C ASP A 147 -35.05 -12.22 32.67
N LEU A 148 -35.02 -11.54 33.81
CA LEU A 148 -33.79 -10.92 34.27
C LEU A 148 -32.69 -11.89 34.66
N GLN A 149 -33.06 -13.10 35.06
CA GLN A 149 -32.05 -14.06 35.44
C GLN A 149 -31.26 -14.47 34.20
N GLU A 150 -31.93 -14.40 33.05
CA GLU A 150 -31.31 -14.75 31.78
C GLU A 150 -30.32 -13.63 31.42
N GLU A 151 -30.78 -12.38 31.59
CA GLU A 151 -29.96 -11.21 31.30
C GLU A 151 -28.70 -11.27 32.15
N MET A 152 -28.81 -11.76 33.38
CA MET A 152 -27.64 -11.86 34.27
C MET A 152 -26.56 -12.74 33.62
N ASN A 153 -26.99 -13.77 32.90
CA ASN A 153 -26.03 -14.65 32.24
C ASN A 153 -25.40 -13.88 31.11
N TYR A 154 -26.24 -13.20 30.33
CA TYR A 154 -25.78 -12.40 29.20
C TYR A 154 -24.68 -11.44 29.62
N ILE A 155 -24.98 -10.58 30.58
CA ILE A 155 -24.03 -9.59 31.05
C ILE A 155 -22.80 -10.24 31.69
N ILE A 156 -22.97 -11.41 32.30
CA ILE A 156 -21.81 -12.05 32.93
C ILE A 156 -20.81 -12.43 31.83
N ALA A 157 -21.32 -12.88 30.68
CA ALA A 157 -20.46 -13.25 29.58
C ALA A 157 -19.78 -12.01 29.02
N ILE A 158 -20.58 -10.98 28.74
CA ILE A 158 -20.10 -9.73 28.19
C ILE A 158 -18.96 -9.11 29.02
N ILE A 159 -19.17 -9.01 30.32
CA ILE A 159 -18.17 -8.43 31.20
C ILE A 159 -16.88 -9.22 31.19
N GLU A 160 -16.97 -10.54 31.08
CA GLU A 160 -15.77 -11.35 31.06
C GLU A 160 -14.91 -11.00 29.86
N GLU A 161 -15.57 -10.71 28.74
CA GLU A 161 -14.91 -10.34 27.50
C GLU A 161 -14.40 -8.89 27.53
N GLN A 162 -15.07 -8.03 28.28
CA GLN A 162 -14.68 -6.61 28.37
C GLN A 162 -14.75 -6.10 29.79
N PRO A 163 -13.87 -6.59 30.66
CA PRO A 163 -13.83 -6.19 32.07
C PRO A 163 -13.46 -4.76 32.40
N LYS A 164 -13.12 -3.94 31.40
CA LYS A 164 -12.76 -2.55 31.66
C LYS A 164 -13.72 -1.56 31.02
N ASN A 165 -14.90 -2.06 30.65
CA ASN A 165 -15.95 -1.25 30.03
C ASN A 165 -16.90 -0.69 31.10
N TYR A 166 -17.00 0.63 31.19
CA TYR A 166 -17.88 1.26 32.17
C TYR A 166 -19.36 0.88 32.02
N GLN A 167 -19.87 0.92 30.80
CA GLN A 167 -21.27 0.62 30.52
C GLN A 167 -21.76 -0.74 30.97
N VAL A 168 -20.92 -1.77 30.82
CA VAL A 168 -21.32 -3.13 31.20
C VAL A 168 -21.40 -3.34 32.70
N TRP A 169 -20.52 -2.70 33.46
CA TRP A 169 -20.56 -2.86 34.91
C TRP A 169 -21.76 -2.12 35.49
N HIS A 170 -22.14 -1.04 34.81
CA HIS A 170 -23.28 -0.25 35.24
C HIS A 170 -24.52 -1.09 35.01
N HIS A 171 -24.61 -1.70 33.83
CA HIS A 171 -25.75 -2.53 33.48
C HIS A 171 -25.91 -3.65 34.51
N ARG A 172 -24.82 -4.29 34.88
CA ARG A 172 -24.91 -5.38 35.86
C ARG A 172 -25.41 -4.87 37.20
N ARG A 173 -24.91 -3.70 37.61
CA ARG A 173 -25.32 -3.09 38.88
C ARG A 173 -26.83 -2.83 38.90
N VAL A 174 -27.34 -2.31 37.79
CA VAL A 174 -28.76 -2.02 37.67
C VAL A 174 -29.58 -3.30 37.80
N LEU A 175 -29.12 -4.37 37.16
CA LEU A 175 -29.83 -5.65 37.23
C LEU A 175 -29.87 -6.19 38.64
N VAL A 176 -28.74 -6.16 39.33
CA VAL A 176 -28.68 -6.67 40.69
C VAL A 176 -29.64 -5.87 41.57
N GLU A 177 -29.76 -4.56 41.33
CA GLU A 177 -30.68 -3.73 42.10
C GLU A 177 -32.10 -4.20 41.80
N TRP A 178 -32.41 -4.39 40.53
CA TRP A 178 -33.74 -4.85 40.13
C TRP A 178 -34.10 -6.17 40.82
N LEU A 179 -33.24 -7.17 40.69
CA LEU A 179 -33.50 -8.48 41.29
C LEU A 179 -33.35 -8.51 42.80
N LYS A 180 -32.68 -7.51 43.36
CA LYS A 180 -32.44 -7.46 44.81
C LYS A 180 -31.79 -8.78 45.20
N ASP A 181 -31.03 -9.36 44.27
CA ASP A 181 -30.37 -10.63 44.46
C ASP A 181 -28.84 -10.51 44.30
N PRO A 182 -28.08 -10.56 45.40
CA PRO A 182 -26.63 -10.45 45.27
C PRO A 182 -25.96 -11.81 45.33
N SER A 183 -26.78 -12.85 45.43
CA SER A 183 -26.31 -14.24 45.55
C SER A 183 -25.12 -14.69 44.72
N GLN A 184 -24.95 -14.17 43.52
CA GLN A 184 -23.83 -14.60 42.70
C GLN A 184 -22.75 -13.55 42.48
N GLU A 185 -22.91 -12.38 43.08
CA GLU A 185 -21.94 -11.30 42.90
C GLU A 185 -20.53 -11.55 43.39
N LEU A 186 -20.36 -11.81 44.68
CA LEU A 186 -19.02 -12.02 45.21
C LEU A 186 -18.19 -13.04 44.44
N GLU A 187 -18.81 -14.13 44.02
CA GLU A 187 -18.10 -15.16 43.27
C GLU A 187 -17.71 -14.69 41.89
N PHE A 188 -18.64 -13.99 41.22
CA PHE A 188 -18.38 -13.46 39.88
C PHE A 188 -17.19 -12.51 39.89
N ILE A 189 -17.24 -11.55 40.80
CA ILE A 189 -16.18 -10.57 40.94
C ILE A 189 -14.84 -11.26 41.23
N ALA A 190 -14.86 -12.29 42.07
CA ALA A 190 -13.65 -13.01 42.41
C ALA A 190 -13.00 -13.60 41.15
N ASP A 191 -13.85 -14.03 40.21
CA ASP A 191 -13.33 -14.59 38.96
C ASP A 191 -12.72 -13.50 38.12
N ILE A 192 -13.42 -12.38 37.99
CA ILE A 192 -12.89 -11.27 37.20
C ILE A 192 -11.59 -10.83 37.83
N LEU A 193 -11.54 -10.78 39.16
CA LEU A 193 -10.33 -10.38 39.86
C LEU A 193 -9.21 -11.39 39.66
N ASN A 194 -9.51 -12.46 38.94
CA ASN A 194 -8.51 -13.48 38.68
C ASN A 194 -7.73 -13.16 37.42
N GLN A 195 -8.36 -12.48 36.48
CA GLN A 195 -7.66 -12.11 35.26
C GLN A 195 -7.05 -10.71 35.42
N ASP A 196 -7.26 -10.11 36.59
CA ASP A 196 -6.72 -8.80 36.94
C ASP A 196 -7.14 -8.47 38.36
N ALA A 197 -6.25 -8.74 39.32
CA ALA A 197 -6.55 -8.49 40.72
C ALA A 197 -6.62 -7.02 41.13
N LYS A 198 -6.43 -6.10 40.18
CA LYS A 198 -6.48 -4.68 40.48
C LYS A 198 -7.50 -3.92 39.67
N ASN A 199 -8.35 -4.65 38.96
CA ASN A 199 -9.39 -4.06 38.13
C ASN A 199 -10.23 -3.12 38.99
N TYR A 200 -10.12 -1.82 38.77
CA TYR A 200 -10.87 -0.86 39.57
C TYR A 200 -12.38 -1.07 39.48
N HIS A 201 -12.86 -1.40 38.29
CA HIS A 201 -14.29 -1.62 38.07
C HIS A 201 -14.80 -2.76 38.95
N ALA A 202 -14.00 -3.82 39.05
CA ALA A 202 -14.34 -4.99 39.85
C ALA A 202 -14.42 -4.66 41.33
N TRP A 203 -13.38 -4.03 41.86
CA TRP A 203 -13.36 -3.68 43.26
C TRP A 203 -14.48 -2.69 43.63
N GLN A 204 -14.80 -1.80 42.71
CA GLN A 204 -15.84 -0.82 42.96
C GLN A 204 -17.17 -1.54 43.06
N HIS A 205 -17.43 -2.45 42.12
CA HIS A 205 -18.66 -3.20 42.11
C HIS A 205 -18.74 -4.07 43.37
N ARG A 206 -17.61 -4.65 43.76
CA ARG A 206 -17.56 -5.51 44.94
C ARG A 206 -17.94 -4.74 46.20
N GLN A 207 -17.41 -3.54 46.35
CA GLN A 207 -17.73 -2.74 47.52
C GLN A 207 -19.20 -2.33 47.53
N TRP A 208 -19.77 -2.11 46.35
CA TRP A 208 -21.17 -1.71 46.28
C TRP A 208 -22.04 -2.86 46.76
N VAL A 209 -21.80 -4.06 46.23
CA VAL A 209 -22.58 -5.22 46.61
C VAL A 209 -22.47 -5.46 48.10
N ILE A 210 -21.24 -5.55 48.59
CA ILE A 210 -21.03 -5.79 50.01
C ILE A 210 -21.77 -4.78 50.88
N GLN A 211 -21.68 -3.50 50.54
CA GLN A 211 -22.35 -2.47 51.31
C GLN A 211 -23.86 -2.51 51.19
N GLU A 212 -24.35 -2.56 49.96
CA GLU A 212 -25.78 -2.59 49.67
C GLU A 212 -26.56 -3.75 50.28
N PHE A 213 -25.97 -4.94 50.31
CA PHE A 213 -26.67 -6.09 50.86
C PHE A 213 -26.01 -6.60 52.13
N ARG A 214 -25.23 -5.73 52.76
CA ARG A 214 -24.51 -6.03 53.99
C ARG A 214 -23.94 -7.45 54.03
N LEU A 215 -22.97 -7.70 53.15
CA LEU A 215 -22.32 -9.00 53.07
C LEU A 215 -20.88 -8.94 53.56
N TRP A 216 -20.68 -8.48 54.79
CA TRP A 216 -19.32 -8.37 55.33
C TRP A 216 -18.74 -9.67 55.87
N ASP A 217 -19.61 -10.53 56.38
CA ASP A 217 -19.24 -11.82 56.96
C ASP A 217 -17.95 -12.50 56.51
N ASN A 218 -17.74 -12.62 55.21
CA ASN A 218 -16.55 -13.31 54.70
C ASN A 218 -15.49 -12.48 53.99
N GLU A 219 -15.69 -11.18 53.89
CA GLU A 219 -14.73 -10.36 53.17
C GLU A 219 -13.36 -10.30 53.81
N LEU A 220 -13.28 -10.06 55.11
CA LEU A 220 -11.96 -9.99 55.74
C LEU A 220 -11.13 -11.25 55.49
N GLN A 221 -11.80 -12.36 55.27
CA GLN A 221 -11.13 -13.63 55.01
C GLN A 221 -10.63 -13.64 53.56
N TYR A 222 -11.46 -13.12 52.65
CA TYR A 222 -11.11 -13.04 51.23
C TYR A 222 -9.87 -12.17 51.11
N VAL A 223 -9.86 -11.06 51.85
CA VAL A 223 -8.75 -10.14 51.86
C VAL A 223 -7.47 -10.85 52.29
N ASP A 224 -7.52 -11.54 53.43
CA ASP A 224 -6.37 -12.28 53.96
C ASP A 224 -5.81 -13.23 52.94
N GLN A 225 -6.70 -13.85 52.15
CA GLN A 225 -6.30 -14.80 51.13
C GLN A 225 -5.57 -14.12 49.97
N LEU A 226 -6.11 -12.99 49.51
CA LEU A 226 -5.49 -12.28 48.40
C LEU A 226 -4.17 -11.63 48.81
N LEU A 227 -4.06 -11.17 50.06
CA LEU A 227 -2.82 -10.58 50.49
C LEU A 227 -1.71 -11.63 50.56
N LYS A 228 -2.10 -12.90 50.56
CA LYS A 228 -1.12 -13.97 50.59
C LYS A 228 -0.66 -14.24 49.17
N GLU A 229 -1.56 -14.06 48.21
CA GLU A 229 -1.24 -14.27 46.81
C GLU A 229 -0.37 -13.14 46.25
N ASP A 230 -0.47 -11.97 46.87
CA ASP A 230 0.29 -10.81 46.46
C ASP A 230 0.15 -9.69 47.47
N VAL A 231 1.04 -9.67 48.44
CA VAL A 231 1.04 -8.68 49.49
C VAL A 231 1.22 -7.25 48.98
N ARG A 232 1.57 -7.10 47.71
CA ARG A 232 1.79 -5.77 47.15
C ARG A 232 0.57 -5.20 46.46
N ASN A 233 -0.53 -5.94 46.45
CA ASN A 233 -1.75 -5.45 45.79
C ASN A 233 -2.43 -4.38 46.63
N ASN A 234 -2.23 -3.13 46.22
CA ASN A 234 -2.80 -2.00 46.94
C ASN A 234 -4.32 -2.05 47.04
N SER A 235 -4.97 -2.63 46.04
CA SER A 235 -6.43 -2.73 46.04
C SER A 235 -6.95 -3.56 47.19
N VAL A 236 -6.23 -4.63 47.52
CA VAL A 236 -6.62 -5.53 48.61
C VAL A 236 -6.42 -4.84 49.96
N TRP A 237 -5.33 -4.09 50.11
CA TRP A 237 -5.12 -3.39 51.36
C TRP A 237 -6.24 -2.39 51.58
N ASN A 238 -6.73 -1.77 50.52
CA ASN A 238 -7.82 -0.82 50.62
C ASN A 238 -9.06 -1.59 51.03
N GLN A 239 -9.25 -2.76 50.41
CA GLN A 239 -10.41 -3.58 50.72
C GLN A 239 -10.38 -3.96 52.19
N ARG A 240 -9.20 -4.24 52.71
CA ARG A 240 -9.09 -4.60 54.11
C ARG A 240 -9.61 -3.47 54.97
N HIS A 241 -9.13 -2.26 54.73
CA HIS A 241 -9.57 -1.11 55.51
C HIS A 241 -11.08 -0.88 55.36
N PHE A 242 -11.58 -1.09 54.15
CA PHE A 242 -12.99 -0.95 53.84
C PHE A 242 -13.81 -1.84 54.77
N VAL A 243 -13.46 -3.11 54.82
CA VAL A 243 -14.17 -4.06 55.66
C VAL A 243 -14.13 -3.69 57.14
N ILE A 244 -12.93 -3.59 57.68
CA ILE A 244 -12.78 -3.29 59.08
C ILE A 244 -13.48 -2.02 59.52
N SER A 245 -13.23 -0.90 58.84
CA SER A 245 -13.87 0.34 59.26
C SER A 245 -15.40 0.33 59.11
N ASN A 246 -15.92 -0.65 58.38
CA ASN A 246 -17.36 -0.73 58.18
C ASN A 246 -17.99 -1.81 59.05
N THR A 247 -17.21 -2.36 59.96
CA THR A 247 -17.73 -3.38 60.86
C THR A 247 -17.29 -3.04 62.27
N THR A 248 -16.21 -3.64 62.72
CA THR A 248 -15.71 -3.39 64.06
C THR A 248 -15.16 -1.97 64.25
N GLY A 249 -14.59 -1.39 63.20
CA GLY A 249 -14.03 -0.07 63.32
C GLY A 249 -12.64 -0.23 63.92
N TYR A 250 -11.91 0.86 64.10
CA TYR A 250 -10.56 0.74 64.67
C TYR A 250 -10.43 1.29 66.10
N SER A 251 -11.56 1.66 66.69
CA SER A 251 -11.56 2.18 68.06
C SER A 251 -11.32 1.08 69.08
N ASP A 252 -11.70 -0.14 68.75
CA ASP A 252 -11.48 -1.24 69.67
C ASP A 252 -9.98 -1.51 69.72
N ARG A 253 -9.33 -1.04 70.78
CA ARG A 253 -7.89 -1.23 70.92
C ARG A 253 -7.44 -2.65 70.62
N ALA A 254 -8.36 -3.60 70.81
CA ALA A 254 -8.05 -5.00 70.55
C ALA A 254 -7.85 -5.17 69.06
N VAL A 255 -8.72 -4.54 68.27
CA VAL A 255 -8.65 -4.62 66.82
C VAL A 255 -7.46 -3.82 66.29
N LEU A 256 -7.33 -2.58 66.75
CA LEU A 256 -6.21 -1.75 66.31
C LEU A 256 -4.90 -2.53 66.49
N GLU A 257 -4.75 -3.15 67.65
CA GLU A 257 -3.58 -3.95 67.98
C GLU A 257 -3.42 -5.09 66.98
N ARG A 258 -4.49 -5.86 66.78
CA ARG A 258 -4.43 -6.98 65.86
C ARG A 258 -3.94 -6.53 64.49
N GLU A 259 -4.49 -5.42 64.01
CA GLU A 259 -4.16 -4.88 62.71
C GLU A 259 -2.72 -4.35 62.63
N VAL A 260 -2.30 -3.54 63.61
CA VAL A 260 -0.94 -3.03 63.57
C VAL A 260 0.03 -4.21 63.55
N GLN A 261 -0.30 -5.25 64.31
CA GLN A 261 0.54 -6.44 64.39
C GLN A 261 0.56 -7.16 63.05
N TYR A 262 -0.62 -7.33 62.46
CA TYR A 262 -0.77 -8.01 61.18
C TYR A 262 0.08 -7.35 60.11
N THR A 263 0.03 -6.01 60.09
CA THR A 263 0.76 -5.23 59.11
C THR A 263 2.26 -5.33 59.31
N LEU A 264 2.73 -5.20 60.56
CA LEU A 264 4.16 -5.31 60.83
C LEU A 264 4.68 -6.66 60.36
N GLU A 265 3.85 -7.69 60.45
CA GLU A 265 4.25 -9.02 60.02
C GLU A 265 4.43 -9.06 58.52
N MET A 266 3.52 -8.41 57.80
CA MET A 266 3.57 -8.37 56.34
C MET A 266 4.75 -7.52 55.92
N ILE A 267 5.00 -6.44 56.66
CA ILE A 267 6.11 -5.56 56.36
C ILE A 267 7.41 -6.36 56.47
N LYS A 268 7.52 -7.19 57.51
CA LYS A 268 8.73 -7.99 57.70
C LYS A 268 8.94 -8.98 56.56
N LEU A 269 7.85 -9.44 55.94
CA LEU A 269 7.98 -10.38 54.83
C LEU A 269 8.45 -9.70 53.56
N VAL A 270 7.98 -8.47 53.33
CA VAL A 270 8.35 -7.70 52.15
C VAL A 270 8.41 -6.25 52.63
N PRO A 271 9.54 -5.86 53.25
CA PRO A 271 9.79 -4.52 53.80
C PRO A 271 9.60 -3.36 52.83
N HIS A 272 9.79 -3.60 51.54
CA HIS A 272 9.63 -2.56 50.54
C HIS A 272 8.25 -2.70 49.90
N ASN A 273 7.23 -2.19 50.59
CA ASN A 273 5.85 -2.28 50.11
C ASN A 273 5.09 -1.06 50.59
N GLU A 274 4.97 -0.06 49.72
CA GLU A 274 4.28 1.17 50.08
C GLU A 274 2.90 0.92 50.66
N SER A 275 2.16 -0.01 50.06
CA SER A 275 0.80 -0.35 50.50
C SER A 275 0.73 -0.70 51.99
N ALA A 276 1.53 -1.67 52.41
CA ALA A 276 1.54 -2.07 53.80
C ALA A 276 1.87 -0.87 54.71
N TRP A 277 2.87 -0.10 54.34
CA TRP A 277 3.24 1.06 55.15
C TRP A 277 2.15 2.12 55.19
N ASN A 278 1.46 2.32 54.07
CA ASN A 278 0.40 3.32 54.00
C ASN A 278 -0.80 2.93 54.87
N TYR A 279 -1.05 1.63 54.97
CA TYR A 279 -2.14 1.10 55.80
C TYR A 279 -1.78 1.36 57.25
N LEU A 280 -0.57 0.95 57.63
CA LEU A 280 -0.08 1.14 58.99
C LEU A 280 -0.21 2.60 59.41
N LYS A 281 0.38 3.51 58.64
CA LYS A 281 0.30 4.93 58.96
C LYS A 281 -1.16 5.39 58.90
N GLY A 282 -1.91 4.84 57.95
CA GLY A 282 -3.29 5.23 57.79
C GLY A 282 -4.15 5.05 59.02
N ILE A 283 -4.14 3.85 59.60
CA ILE A 283 -4.94 3.54 60.76
C ILE A 283 -4.44 4.14 62.07
N LEU A 284 -3.29 4.80 62.03
CA LEU A 284 -2.72 5.38 63.24
C LEU A 284 -2.53 6.89 63.18
N GLN A 285 -2.36 7.42 61.97
CA GLN A 285 -2.13 8.85 61.79
C GLN A 285 -3.11 9.78 62.46
N ASP A 286 -4.37 9.39 62.55
CA ASP A 286 -5.34 10.27 63.16
C ASP A 286 -5.42 10.24 64.68
N ARG A 287 -5.03 9.13 65.29
CA ARG A 287 -5.04 9.07 66.74
C ARG A 287 -3.77 9.73 67.25
N GLY A 288 -2.78 9.88 66.36
CA GLY A 288 -1.52 10.51 66.73
C GLY A 288 -0.36 9.53 66.76
N LEU A 289 0.48 9.55 65.72
CA LEU A 289 1.62 8.64 65.65
C LEU A 289 2.56 8.67 66.86
N SER A 290 2.72 9.83 67.48
CA SER A 290 3.61 9.95 68.63
C SER A 290 3.04 9.32 69.91
N ARG A 291 1.73 9.05 69.92
CA ARG A 291 1.08 8.45 71.06
C ARG A 291 1.28 6.93 71.18
N TYR A 292 2.26 6.39 70.46
CA TYR A 292 2.53 4.95 70.50
C TYR A 292 4.03 4.69 70.67
N PRO A 293 4.59 5.07 71.84
CA PRO A 293 6.01 4.91 72.15
C PRO A 293 6.68 3.59 71.75
N ASN A 294 5.97 2.48 71.85
CA ASN A 294 6.58 1.20 71.48
C ASN A 294 6.71 1.03 69.97
N LEU A 295 5.94 1.79 69.21
CA LEU A 295 5.97 1.72 67.75
C LEU A 295 7.25 2.35 67.26
N LEU A 296 7.58 3.51 67.84
CA LEU A 296 8.80 4.21 67.45
C LEU A 296 10.02 3.31 67.64
N ASN A 297 10.09 2.62 68.78
CA ASN A 297 11.22 1.74 69.05
C ASN A 297 11.24 0.52 68.17
N GLN A 298 10.10 -0.15 68.04
CA GLN A 298 10.04 -1.35 67.22
C GLN A 298 10.50 -1.05 65.80
N LEU A 299 10.22 0.17 65.32
CA LEU A 299 10.63 0.56 63.98
C LEU A 299 12.12 0.84 63.96
N LEU A 300 12.61 1.61 64.93
CA LEU A 300 14.03 1.92 65.03
C LEU A 300 14.85 0.63 65.03
N ASP A 301 14.26 -0.45 65.54
CA ASP A 301 14.93 -1.75 65.60
C ASP A 301 14.91 -2.42 64.24
N LEU A 302 13.82 -2.25 63.50
CA LEU A 302 13.71 -2.85 62.18
C LEU A 302 14.73 -2.24 61.22
N GLN A 303 14.94 -0.93 61.37
CA GLN A 303 15.85 -0.16 60.52
C GLN A 303 17.07 -0.94 60.04
N PRO A 304 17.84 -1.52 60.96
CA PRO A 304 19.03 -2.29 60.57
C PRO A 304 18.81 -3.30 59.44
N SER A 305 17.87 -4.23 59.64
CA SER A 305 17.62 -5.25 58.63
C SER A 305 16.52 -4.98 57.60
N HIS A 306 15.38 -4.46 58.03
CA HIS A 306 14.26 -4.20 57.11
C HIS A 306 14.09 -2.73 56.68
N SER A 307 15.20 -1.98 56.60
CA SER A 307 15.12 -0.57 56.21
C SER A 307 14.59 -0.39 54.78
N SER A 308 14.00 0.77 54.54
CA SER A 308 13.45 1.12 53.23
C SER A 308 13.01 2.57 53.34
N PRO A 309 12.84 3.25 52.21
CA PRO A 309 12.42 4.66 52.27
C PRO A 309 11.11 4.86 53.04
N TYR A 310 10.22 3.88 52.96
CA TYR A 310 8.93 3.93 53.64
C TYR A 310 9.08 3.97 55.16
N LEU A 311 10.02 3.18 55.67
CA LEU A 311 10.29 3.13 57.10
C LEU A 311 10.86 4.47 57.59
N ILE A 312 11.85 5.00 56.86
CA ILE A 312 12.49 6.26 57.21
C ILE A 312 11.45 7.38 57.20
N ALA A 313 10.58 7.34 56.20
CA ALA A 313 9.53 8.34 56.04
C ALA A 313 8.57 8.28 57.22
N PHE A 314 8.21 7.07 57.62
CA PHE A 314 7.31 6.86 58.74
C PHE A 314 7.93 7.52 59.98
N LEU A 315 9.20 7.24 60.21
CA LEU A 315 9.91 7.82 61.35
C LEU A 315 9.84 9.34 61.31
N VAL A 316 10.10 9.93 60.15
CA VAL A 316 10.06 11.38 60.02
C VAL A 316 8.70 11.88 60.46
N ASP A 317 7.66 11.17 60.04
CA ASP A 317 6.29 11.53 60.39
C ASP A 317 5.98 11.39 61.86
N ILE A 318 6.64 10.44 62.52
CA ILE A 318 6.46 10.24 63.96
C ILE A 318 7.11 11.44 64.66
N TYR A 319 8.35 11.75 64.28
CA TYR A 319 9.04 12.88 64.88
C TYR A 319 8.27 14.15 64.65
N GLU A 320 7.61 14.27 63.51
CA GLU A 320 6.88 15.51 63.26
C GLU A 320 5.64 15.60 64.13
N ASP A 321 5.04 14.46 64.44
CA ASP A 321 3.86 14.45 65.29
C ASP A 321 4.28 14.92 66.68
N MET A 322 5.46 14.47 67.11
CA MET A 322 6.01 14.87 68.41
C MET A 322 6.18 16.38 68.47
N LEU A 323 6.93 16.92 67.52
CA LEU A 323 7.16 18.37 67.46
C LEU A 323 5.81 19.10 67.48
N GLU A 324 4.82 18.50 66.84
CA GLU A 324 3.48 19.06 66.76
C GLU A 324 2.85 19.14 68.14
N ASN A 325 3.17 18.14 68.97
CA ASN A 325 2.64 18.08 70.33
C ASN A 325 3.70 18.46 71.37
N GLN A 326 4.33 19.61 71.18
CA GLN A 326 5.37 20.14 72.07
C GLN A 326 5.99 19.12 73.02
N CYS A 327 6.69 18.11 72.48
CA CYS A 327 7.30 17.07 73.30
C CYS A 327 8.58 17.52 74.01
N ASP A 328 9.26 16.56 74.65
CA ASP A 328 10.51 16.80 75.38
C ASP A 328 11.65 16.78 74.38
N ASN A 329 12.53 17.79 74.43
CA ASN A 329 13.68 17.87 73.52
C ASN A 329 13.26 18.39 72.14
N LYS A 330 12.42 19.42 72.12
CA LYS A 330 11.96 19.97 70.85
C LYS A 330 13.11 20.10 69.84
N GLU A 331 14.17 20.80 70.23
CA GLU A 331 15.33 21.00 69.36
C GLU A 331 16.08 19.71 69.04
N ASP A 332 16.04 18.73 69.95
CA ASP A 332 16.73 17.47 69.70
C ASP A 332 15.98 16.61 68.69
N ILE A 333 14.66 16.59 68.84
CA ILE A 333 13.79 15.81 67.94
C ILE A 333 13.93 16.33 66.50
N LEU A 334 13.75 17.64 66.35
CA LEU A 334 13.85 18.28 65.04
C LEU A 334 15.12 17.85 64.31
N ASN A 335 16.20 17.65 65.06
CA ASN A 335 17.47 17.22 64.46
C ASN A 335 17.39 15.78 64.00
N LYS A 336 16.67 14.95 64.76
CA LYS A 336 16.53 13.56 64.41
C LYS A 336 15.72 13.48 63.12
N ALA A 337 14.73 14.38 63.01
CA ALA A 337 13.89 14.45 61.83
C ALA A 337 14.75 14.85 60.63
N LEU A 338 15.30 16.05 60.71
CA LEU A 338 16.15 16.60 59.65
C LEU A 338 17.22 15.60 59.22
N GLU A 339 17.83 14.91 60.19
CA GLU A 339 18.87 13.93 59.88
C GLU A 339 18.32 12.87 58.93
N LEU A 340 17.07 12.48 59.15
CA LEU A 340 16.42 11.47 58.32
C LEU A 340 16.01 12.01 56.96
N CYS A 341 15.46 13.22 56.94
CA CYS A 341 15.05 13.85 55.70
C CYS A 341 16.23 13.82 54.73
N GLU A 342 17.39 14.21 55.24
CA GLU A 342 18.60 14.24 54.43
C GLU A 342 19.00 12.83 54.04
N ILE A 343 18.79 11.87 54.92
CA ILE A 343 19.14 10.49 54.61
C ILE A 343 18.27 10.04 53.43
N LEU A 344 17.02 10.48 53.43
CA LEU A 344 16.10 10.14 52.35
C LEU A 344 16.57 10.78 51.04
N ALA A 345 16.75 12.09 51.06
CA ALA A 345 17.19 12.87 49.90
C ALA A 345 18.53 12.46 49.31
N LYS A 346 19.54 12.28 50.16
CA LYS A 346 20.86 11.92 49.69
C LYS A 346 21.07 10.44 49.35
N GLU A 347 20.44 9.52 50.07
CA GLU A 347 20.65 8.11 49.78
C GLU A 347 19.47 7.14 49.66
N LYS A 348 18.44 7.32 50.49
CA LYS A 348 17.29 6.39 50.49
C LYS A 348 16.18 6.55 49.45
N ASP A 349 15.77 7.78 49.18
CA ASP A 349 14.70 8.06 48.22
C ASP A 349 15.17 9.28 47.40
N THR A 350 16.28 9.09 46.69
CA THR A 350 16.89 10.15 45.90
C THR A 350 15.99 10.80 44.85
N ILE A 351 15.14 10.01 44.20
CA ILE A 351 14.26 10.57 43.18
C ILE A 351 13.41 11.71 43.74
N ARG A 352 13.20 11.70 45.05
CA ARG A 352 12.42 12.74 45.71
C ARG A 352 13.31 13.68 46.53
N LYS A 353 14.60 13.70 46.15
CA LYS A 353 15.62 14.52 46.77
C LYS A 353 15.13 15.94 47.05
N GLU A 354 14.63 16.62 46.02
CA GLU A 354 14.16 17.99 46.19
C GLU A 354 12.95 18.11 47.11
N TYR A 355 12.14 17.06 47.16
CA TYR A 355 10.96 17.05 48.01
C TYR A 355 11.35 16.94 49.49
N TRP A 356 12.17 15.95 49.80
CA TRP A 356 12.61 15.73 51.17
C TRP A 356 13.35 16.93 51.74
N ARG A 357 14.20 17.56 50.95
CA ARG A 357 14.91 18.76 51.40
C ARG A 357 13.87 19.82 51.71
N TYR A 358 12.84 19.89 50.88
CA TYR A 358 11.74 20.84 51.04
C TYR A 358 11.01 20.57 52.35
N ILE A 359 10.84 19.29 52.67
CA ILE A 359 10.17 18.88 53.90
C ILE A 359 11.05 19.35 55.07
N GLY A 360 12.35 19.07 54.96
CA GLY A 360 13.29 19.47 55.99
C GLY A 360 13.20 20.96 56.27
N ARG A 361 13.37 21.79 55.24
CA ARG A 361 13.28 23.24 55.41
C ARG A 361 11.95 23.62 56.06
N SER A 362 10.90 22.87 55.74
CA SER A 362 9.57 23.14 56.28
C SER A 362 9.55 22.91 57.78
N LEU A 363 10.13 21.77 58.18
CA LEU A 363 10.19 21.43 59.60
C LEU A 363 11.04 22.43 60.36
N GLN A 364 12.21 22.73 59.82
CA GLN A 364 13.12 23.66 60.45
C GLN A 364 12.53 25.04 60.69
N SER A 365 11.80 25.57 59.72
CA SER A 365 11.21 26.89 59.88
C SER A 365 9.91 26.87 60.67
N LYS A 366 9.50 25.70 61.13
CA LYS A 366 8.27 25.58 61.90
C LYS A 366 8.51 25.22 63.36
N HIS A 367 9.70 24.70 63.66
CA HIS A 367 10.03 24.31 65.04
C HIS A 367 11.44 24.76 65.49
N SER A 368 11.72 26.06 65.37
CA SER A 368 13.03 26.58 65.77
C SER A 368 12.93 27.87 66.56
N LEU B 18 15.65 10.89 24.26
CA LEU B 18 15.97 11.54 22.95
C LEU B 18 15.31 12.92 22.82
N ASP B 19 14.87 13.24 21.61
CA ASP B 19 14.24 14.52 21.36
C ASP B 19 12.75 14.42 21.11
N PHE B 20 12.11 15.57 21.15
CA PHE B 20 10.69 15.68 20.95
C PHE B 20 10.37 15.92 19.46
N LEU B 21 9.90 14.89 18.78
CA LEU B 21 9.56 14.99 17.36
C LEU B 21 8.27 15.77 17.15
N ARG B 22 8.33 17.06 17.47
CA ARG B 22 7.18 17.95 17.35
C ARG B 22 6.30 17.90 16.10
N ASP B 23 6.91 18.01 14.92
CA ASP B 23 6.12 18.01 13.69
C ASP B 23 5.40 16.70 13.50
N ARG B 24 6.10 15.61 13.83
CA ARG B 24 5.56 14.28 13.73
C ARG B 24 4.24 14.22 14.51
N HIS B 25 4.25 14.81 15.70
CA HIS B 25 3.06 14.85 16.55
C HIS B 25 1.98 15.75 15.99
N VAL B 26 2.37 16.80 15.28
CA VAL B 26 1.37 17.69 14.71
C VAL B 26 0.64 16.93 13.60
N ARG B 27 1.37 16.13 12.84
CA ARG B 27 0.76 15.35 11.78
C ARG B 27 -0.19 14.34 12.40
N PHE B 28 0.25 13.72 13.49
CA PHE B 28 -0.55 12.73 14.23
C PHE B 28 -1.94 13.28 14.57
N PHE B 29 -1.99 14.40 15.30
CA PHE B 29 -3.29 14.99 15.66
C PHE B 29 -4.07 15.36 14.41
N GLN B 30 -3.38 15.73 13.34
CA GLN B 30 -4.07 16.09 12.10
C GLN B 30 -4.91 14.93 11.60
N ARG B 31 -4.27 13.76 11.52
CA ARG B 31 -4.91 12.52 11.08
C ARG B 31 -6.13 12.21 11.95
N CYS B 32 -5.97 12.37 13.26
CA CYS B 32 -7.07 12.11 14.20
C CYS B 32 -8.30 12.91 13.88
N LEU B 33 -8.13 14.17 13.46
CA LEU B 33 -9.29 14.99 13.13
C LEU B 33 -9.91 14.58 11.80
N GLN B 34 -9.17 13.80 11.03
CA GLN B 34 -9.62 13.36 9.72
C GLN B 34 -10.49 12.11 9.69
N VAL B 35 -9.86 10.94 9.60
CA VAL B 35 -10.62 9.69 9.55
C VAL B 35 -9.95 8.59 10.34
N LEU B 36 -10.76 7.80 11.07
CA LEU B 36 -10.23 6.70 11.88
C LEU B 36 -10.68 5.34 11.34
N PRO B 37 -9.88 4.29 11.61
CA PRO B 37 -10.16 2.90 11.17
C PRO B 37 -11.33 2.31 11.97
N GLU B 38 -12.15 1.50 11.32
CA GLU B 38 -13.30 0.93 12.01
C GLU B 38 -12.91 0.31 13.35
N ARG B 39 -11.61 0.12 13.56
CA ARG B 39 -11.16 -0.47 14.81
C ARG B 39 -11.36 0.47 16.00
N TYR B 40 -11.74 1.72 15.73
CA TYR B 40 -11.97 2.68 16.81
C TYR B 40 -13.46 2.94 16.98
N SER B 41 -14.26 2.00 16.47
CA SER B 41 -15.71 2.12 16.53
C SER B 41 -16.22 2.31 17.95
N SER B 42 -15.50 1.77 18.93
CA SER B 42 -15.92 1.87 20.32
C SER B 42 -15.79 3.28 20.89
N LEU B 43 -15.24 4.20 20.11
CA LEU B 43 -15.09 5.58 20.55
C LEU B 43 -16.17 6.45 19.94
N GLU B 44 -17.03 5.84 19.12
CA GLU B 44 -18.10 6.55 18.44
C GLU B 44 -18.82 7.59 19.29
N THR B 45 -19.36 7.17 20.43
CA THR B 45 -20.10 8.11 21.28
C THR B 45 -19.22 9.08 22.08
N SER B 46 -17.91 9.01 21.87
CA SER B 46 -16.96 9.88 22.56
C SER B 46 -16.02 10.53 21.57
N ARG B 47 -16.50 10.71 20.34
CA ARG B 47 -15.70 11.31 19.29
C ARG B 47 -15.27 12.74 19.65
N LEU B 48 -16.17 13.47 20.30
CA LEU B 48 -15.89 14.84 20.68
C LEU B 48 -14.68 14.94 21.60
N THR B 49 -14.47 13.95 22.46
CA THR B 49 -13.31 14.01 23.37
C THR B 49 -12.05 13.62 22.60
N ILE B 50 -12.21 12.96 21.46
CA ILE B 50 -11.03 12.61 20.65
C ILE B 50 -10.66 13.88 19.91
N ALA B 51 -11.66 14.66 19.53
CA ALA B 51 -11.47 15.93 18.83
C ALA B 51 -10.68 16.84 19.77
N PHE B 52 -11.13 16.89 21.02
CA PHE B 52 -10.49 17.69 22.06
C PHE B 52 -9.02 17.32 22.17
N PHE B 53 -8.74 16.04 22.36
CA PHE B 53 -7.37 15.56 22.49
C PHE B 53 -6.51 16.10 21.35
N ALA B 54 -7.09 16.07 20.15
CA ALA B 54 -6.41 16.49 18.94
C ALA B 54 -6.28 18.00 18.79
N LEU B 55 -7.40 18.70 18.98
CA LEU B 55 -7.40 20.15 18.88
C LEU B 55 -6.56 20.77 19.99
N SER B 56 -6.87 20.43 21.24
CA SER B 56 -6.13 20.95 22.36
C SER B 56 -4.68 20.53 22.24
N GLY B 57 -4.45 19.40 21.58
CA GLY B 57 -3.10 18.95 21.40
C GLY B 57 -2.34 19.80 20.39
N LEU B 58 -3.06 20.25 19.36
CA LEU B 58 -2.46 21.10 18.33
C LEU B 58 -2.23 22.47 18.94
N ASP B 59 -3.18 22.90 19.75
CA ASP B 59 -3.11 24.16 20.44
C ASP B 59 -1.84 24.16 21.29
N MET B 60 -1.65 23.09 22.05
CA MET B 60 -0.48 22.95 22.91
C MET B 60 0.81 23.02 22.11
N LEU B 61 0.76 22.64 20.83
CA LEU B 61 1.93 22.66 19.96
C LEU B 61 1.94 23.92 19.09
N ASP B 62 0.94 24.77 19.33
CA ASP B 62 0.77 26.01 18.58
C ASP B 62 0.75 25.69 17.09
N SER B 63 -0.25 24.92 16.68
CA SER B 63 -0.45 24.51 15.28
C SER B 63 -1.91 24.47 14.89
N LEU B 64 -2.75 25.24 15.57
CA LEU B 64 -4.16 25.24 15.25
C LEU B 64 -4.44 25.74 13.85
N ASP B 65 -3.45 26.36 13.23
CA ASP B 65 -3.63 26.86 11.88
C ASP B 65 -3.86 25.74 10.88
N VAL B 66 -3.20 24.60 11.06
CA VAL B 66 -3.34 23.48 10.13
C VAL B 66 -4.74 22.86 10.05
N VAL B 67 -5.74 23.54 10.62
CA VAL B 67 -7.10 23.05 10.59
C VAL B 67 -8.05 24.19 10.29
N ASN B 68 -9.21 23.88 9.74
CA ASN B 68 -10.19 24.91 9.43
C ASN B 68 -11.09 25.15 10.64
N LYS B 69 -10.68 26.07 11.51
CA LYS B 69 -11.44 26.36 12.71
C LYS B 69 -12.95 26.51 12.51
N ASP B 70 -13.35 27.03 11.35
CA ASP B 70 -14.78 27.26 11.10
C ASP B 70 -15.59 26.01 10.86
N ASP B 71 -15.03 25.07 10.09
CA ASP B 71 -15.73 23.83 9.80
C ASP B 71 -15.95 23.07 11.10
N ILE B 72 -14.87 22.95 11.87
CA ILE B 72 -14.94 22.26 13.14
C ILE B 72 -15.92 22.90 14.12
N ILE B 73 -15.93 24.22 14.19
CA ILE B 73 -16.84 24.91 15.09
C ILE B 73 -18.30 24.59 14.73
N GLU B 74 -18.58 24.41 13.45
CA GLU B 74 -19.93 24.10 13.01
C GLU B 74 -20.30 22.68 13.41
N TRP B 75 -19.33 21.78 13.23
CA TRP B 75 -19.51 20.39 13.59
C TRP B 75 -19.83 20.31 15.08
N ILE B 76 -19.02 20.98 15.89
CA ILE B 76 -19.24 20.96 17.32
C ILE B 76 -20.63 21.47 17.67
N TYR B 77 -21.02 22.60 17.10
CA TYR B 77 -22.33 23.15 17.39
C TYR B 77 -23.48 22.26 16.96
N SER B 78 -23.21 21.38 16.00
CA SER B 78 -24.24 20.46 15.52
C SER B 78 -24.48 19.39 16.58
N LEU B 79 -23.55 19.30 17.53
CA LEU B 79 -23.63 18.32 18.60
C LEU B 79 -24.36 18.84 19.86
N GLN B 80 -24.77 20.10 19.84
CA GLN B 80 -25.45 20.65 21.01
C GLN B 80 -26.93 20.26 21.07
N VAL B 81 -27.35 19.79 22.23
CA VAL B 81 -28.73 19.41 22.44
C VAL B 81 -29.41 20.69 22.93
N LEU B 82 -30.11 21.36 22.02
CA LEU B 82 -30.81 22.59 22.34
C LEU B 82 -32.21 22.32 22.85
N PRO B 83 -32.77 23.26 23.62
CA PRO B 83 -34.14 23.04 24.12
C PRO B 83 -35.15 23.13 22.98
N THR B 84 -36.18 22.29 23.07
CA THR B 84 -37.22 22.27 22.04
C THR B 84 -38.11 23.50 22.19
N GLU B 85 -39.08 23.63 21.29
CA GLU B 85 -40.02 24.75 21.32
C GLU B 85 -40.60 24.91 22.72
N ASP B 86 -41.31 23.88 23.18
CA ASP B 86 -41.93 23.89 24.50
C ASP B 86 -40.94 23.89 25.66
N ARG B 87 -39.66 23.74 25.35
CA ARG B 87 -38.61 23.72 26.36
C ARG B 87 -38.87 22.67 27.46
N SER B 88 -39.45 21.55 27.07
CA SER B 88 -39.76 20.48 28.02
C SER B 88 -38.58 19.54 28.22
N ASN B 89 -37.49 19.80 27.50
CA ASN B 89 -36.30 18.97 27.58
C ASN B 89 -35.10 19.71 28.15
N LEU B 90 -35.35 20.68 29.01
CA LEU B 90 -34.23 21.42 29.60
C LEU B 90 -33.29 20.54 30.40
N ASP B 91 -33.85 19.59 31.16
CA ASP B 91 -33.05 18.68 31.99
C ASP B 91 -32.12 17.79 31.17
N ARG B 92 -32.20 17.88 29.85
CA ARG B 92 -31.39 17.03 29.00
C ARG B 92 -30.46 17.76 28.04
N CYS B 93 -30.33 19.06 28.20
CA CYS B 93 -29.48 19.83 27.30
C CYS B 93 -28.00 19.77 27.66
N GLY B 94 -27.16 19.97 26.64
CA GLY B 94 -25.72 19.93 26.78
C GLY B 94 -25.19 19.53 25.43
N PHE B 95 -24.17 18.68 25.38
CA PHE B 95 -23.63 18.24 24.09
C PHE B 95 -23.59 16.72 23.92
N ARG B 96 -23.62 16.27 22.67
CA ARG B 96 -23.56 14.84 22.35
C ARG B 96 -22.11 14.52 22.04
N GLY B 97 -21.76 13.24 22.09
CA GLY B 97 -20.38 12.85 21.79
C GLY B 97 -20.17 12.81 20.28
N SER B 98 -21.25 12.55 19.55
CA SER B 98 -21.24 12.46 18.09
C SER B 98 -22.68 12.45 17.60
N SER B 99 -22.84 12.18 16.31
CA SER B 99 -24.16 12.16 15.69
C SER B 99 -24.76 10.76 15.57
N TYR B 100 -24.22 9.80 16.34
CA TYR B 100 -24.69 8.42 16.29
C TYR B 100 -26.20 8.19 16.42
N LEU B 101 -26.96 9.17 16.93
CA LEU B 101 -28.41 8.98 17.06
C LEU B 101 -29.17 9.21 15.75
N GLY B 102 -28.51 9.85 14.79
CA GLY B 102 -29.13 10.09 13.52
C GLY B 102 -29.99 11.33 13.42
N ILE B 103 -29.66 12.33 14.24
CA ILE B 103 -30.42 13.57 14.21
C ILE B 103 -29.88 14.43 13.07
N PRO B 104 -30.78 15.03 12.29
CA PRO B 104 -30.40 15.88 11.15
C PRO B 104 -29.44 17.02 11.53
N PHE B 105 -28.28 17.04 10.86
CA PHE B 105 -27.24 18.04 11.08
C PHE B 105 -27.79 19.44 11.22
N ASN B 106 -27.54 20.07 12.37
CA ASN B 106 -28.02 21.42 12.64
C ASN B 106 -27.06 22.15 13.58
N PRO B 107 -26.16 23.00 13.02
CA PRO B 107 -25.18 23.75 13.81
C PRO B 107 -25.78 24.79 14.76
N SER B 108 -26.61 24.33 15.69
CA SER B 108 -27.27 25.19 16.67
C SER B 108 -27.89 26.40 15.97
N LYS B 109 -28.48 26.16 14.80
CA LYS B 109 -29.12 27.23 14.03
C LYS B 109 -30.62 27.27 14.31
N ASN B 110 -31.29 26.11 14.24
CA ASN B 110 -32.73 26.05 14.48
C ASN B 110 -33.02 25.46 15.86
N PRO B 111 -34.29 25.50 16.30
CA PRO B 111 -34.68 24.96 17.62
C PRO B 111 -34.45 23.45 17.70
N GLY B 112 -34.48 22.92 18.92
CA GLY B 112 -34.27 21.50 19.12
C GLY B 112 -35.38 20.59 18.64
N THR B 113 -35.01 19.57 17.87
CA THR B 113 -35.98 18.59 17.36
C THR B 113 -36.14 17.44 18.36
N ALA B 114 -37.35 17.32 18.91
CA ALA B 114 -37.67 16.28 19.89
C ALA B 114 -37.18 14.89 19.48
N HIS B 115 -36.75 14.11 20.46
CA HIS B 115 -36.26 12.74 20.24
C HIS B 115 -36.25 12.07 21.61
N PRO B 116 -36.98 10.96 21.74
CA PRO B 116 -37.10 10.20 22.98
C PRO B 116 -35.81 9.88 23.74
N TYR B 117 -34.69 9.79 23.02
CA TYR B 117 -33.45 9.41 23.66
C TYR B 117 -32.26 10.34 23.43
N ASP B 118 -32.52 11.53 22.89
CA ASP B 118 -31.43 12.45 22.64
C ASP B 118 -31.23 13.40 23.82
N SER B 119 -30.01 13.40 24.35
CA SER B 119 -29.65 14.27 25.48
C SER B 119 -28.14 14.33 25.61
N GLY B 120 -27.64 15.33 26.32
CA GLY B 120 -26.22 15.50 26.47
C GLY B 120 -25.49 14.54 27.39
N HIS B 121 -24.18 14.60 27.34
CA HIS B 121 -23.30 13.77 28.16
C HIS B 121 -22.32 14.76 28.79
N ILE B 122 -22.30 14.79 30.11
CA ILE B 122 -21.47 15.72 30.85
C ILE B 122 -20.02 15.82 30.39
N ALA B 123 -19.43 14.72 29.96
CA ALA B 123 -18.05 14.74 29.50
C ALA B 123 -17.97 15.42 28.14
N MET B 124 -19.05 15.34 27.38
CA MET B 124 -19.12 15.93 26.05
C MET B 124 -19.39 17.42 26.14
N THR B 125 -20.25 17.83 27.08
CA THR B 125 -20.54 19.24 27.27
C THR B 125 -19.22 19.89 27.66
N TYR B 126 -18.48 19.23 28.56
CA TYR B 126 -17.20 19.72 28.99
C TYR B 126 -16.24 19.87 27.82
N THR B 127 -15.88 18.75 27.18
CA THR B 127 -14.95 18.81 26.06
C THR B 127 -15.48 19.64 24.89
N GLY B 128 -16.81 19.73 24.79
CA GLY B 128 -17.41 20.51 23.74
C GLY B 128 -17.05 21.98 23.92
N LEU B 129 -17.49 22.56 25.04
CA LEU B 129 -17.20 23.95 25.37
C LEU B 129 -15.71 24.18 25.31
N SER B 130 -14.96 23.27 25.91
CA SER B 130 -13.52 23.35 25.92
C SER B 130 -13.00 23.52 24.49
N CYS B 131 -13.53 22.72 23.56
CA CYS B 131 -13.10 22.79 22.17
C CYS B 131 -13.47 24.12 21.52
N LEU B 132 -14.70 24.57 21.73
CA LEU B 132 -15.16 25.83 21.16
C LEU B 132 -14.23 26.97 21.53
N ILE B 133 -13.88 27.07 22.81
CA ILE B 133 -12.97 28.11 23.29
C ILE B 133 -11.60 27.99 22.63
N ILE B 134 -11.08 26.77 22.55
CA ILE B 134 -9.78 26.53 21.92
C ILE B 134 -9.78 26.99 20.48
N LEU B 135 -10.93 26.86 19.81
CA LEU B 135 -11.06 27.25 18.40
C LEU B 135 -11.31 28.74 18.19
N GLY B 136 -11.51 29.47 19.28
CA GLY B 136 -11.74 30.90 19.17
C GLY B 136 -13.20 31.33 19.22
N ASP B 137 -14.11 30.37 19.17
CA ASP B 137 -15.52 30.72 19.23
C ASP B 137 -15.79 31.48 20.53
N ASP B 138 -16.85 32.28 20.55
CA ASP B 138 -17.19 33.07 21.73
C ASP B 138 -18.35 32.51 22.55
N LEU B 139 -18.78 31.29 22.23
CA LEU B 139 -19.88 30.63 22.96
C LEU B 139 -21.23 31.34 22.87
N SER B 140 -21.38 32.23 21.90
CA SER B 140 -22.64 32.95 21.76
C SER B 140 -23.78 32.01 21.40
N ARG B 141 -23.50 30.95 20.65
CA ARG B 141 -24.54 30.00 20.24
C ARG B 141 -24.79 28.90 21.27
N VAL B 142 -24.14 28.99 22.42
CA VAL B 142 -24.34 28.01 23.47
C VAL B 142 -25.47 28.47 24.37
N ASP B 143 -26.53 27.68 24.49
CA ASP B 143 -27.65 28.04 25.38
C ASP B 143 -27.19 27.78 26.81
N LYS B 144 -26.39 28.71 27.35
CA LYS B 144 -25.85 28.58 28.68
C LYS B 144 -26.84 28.15 29.74
N GLU B 145 -28.00 28.77 29.77
CA GLU B 145 -28.99 28.40 30.78
C GLU B 145 -29.46 26.95 30.65
N ALA B 146 -29.61 26.49 29.41
CA ALA B 146 -30.04 25.12 29.16
C ALA B 146 -28.97 24.16 29.64
N CYS B 147 -27.71 24.44 29.30
CA CYS B 147 -26.62 23.59 29.74
C CYS B 147 -26.60 23.48 31.26
N LEU B 148 -26.63 24.63 31.92
CA LEU B 148 -26.59 24.67 33.38
C LEU B 148 -27.77 23.94 33.97
N ALA B 149 -28.91 24.02 33.28
CA ALA B 149 -30.13 23.35 33.73
C ALA B 149 -29.89 21.83 33.67
N GLY B 150 -29.31 21.39 32.56
CA GLY B 150 -29.02 19.99 32.37
C GLY B 150 -28.00 19.51 33.39
N LEU B 151 -26.98 20.33 33.64
CA LEU B 151 -25.95 19.98 34.61
C LEU B 151 -26.57 19.72 35.97
N ARG B 152 -27.34 20.67 36.46
CA ARG B 152 -27.99 20.53 37.77
C ARG B 152 -28.72 19.19 37.87
N ALA B 153 -29.41 18.83 36.79
CA ALA B 153 -30.17 17.58 36.75
C ALA B 153 -29.32 16.34 36.99
N LEU B 154 -28.03 16.42 36.68
CA LEU B 154 -27.13 15.30 36.84
C LEU B 154 -26.58 15.05 38.24
N GLN B 155 -26.54 16.09 39.06
CA GLN B 155 -25.99 15.92 40.41
C GLN B 155 -26.89 15.08 41.31
N LEU B 156 -26.26 14.17 42.05
CA LEU B 156 -26.98 13.27 42.96
C LEU B 156 -27.01 13.84 44.38
N GLU B 157 -27.76 13.19 45.26
CA GLU B 157 -27.88 13.63 46.65
C GLU B 157 -26.53 13.69 47.36
N ASP B 158 -25.64 12.76 47.04
CA ASP B 158 -24.34 12.74 47.69
C ASP B 158 -23.35 13.78 47.16
N GLY B 159 -23.78 14.57 46.17
CA GLY B 159 -22.89 15.58 45.64
C GLY B 159 -22.20 15.24 44.32
N SER B 160 -22.07 13.96 43.99
CA SER B 160 -21.43 13.58 42.72
C SER B 160 -22.39 13.74 41.55
N PHE B 161 -21.91 13.43 40.35
CA PHE B 161 -22.72 13.55 39.15
C PHE B 161 -22.78 12.29 38.29
N CYS B 162 -23.77 12.25 37.41
CA CYS B 162 -23.93 11.19 36.43
C CYS B 162 -23.50 11.81 35.12
N ALA B 163 -23.37 11.01 34.07
CA ALA B 163 -22.95 11.57 32.80
C ALA B 163 -24.15 11.96 31.94
N VAL B 164 -25.24 11.19 32.08
CA VAL B 164 -26.44 11.45 31.30
C VAL B 164 -27.70 11.38 32.15
N PRO B 165 -28.72 12.17 31.79
CA PRO B 165 -29.97 12.17 32.56
C PRO B 165 -30.65 10.81 32.62
N GLU B 166 -30.45 9.98 31.60
CA GLU B 166 -31.09 8.65 31.59
C GLU B 166 -30.47 7.73 32.64
N GLY B 167 -29.36 8.16 33.25
CA GLY B 167 -28.73 7.34 34.26
C GLY B 167 -27.40 6.76 33.83
N SER B 168 -26.47 6.64 34.78
CA SER B 168 -25.15 6.10 34.52
C SER B 168 -24.44 5.96 35.85
N GLU B 169 -23.20 5.48 35.82
CA GLU B 169 -22.45 5.37 37.05
C GLU B 169 -22.13 6.80 37.46
N ASN B 170 -21.76 6.99 38.73
CA ASN B 170 -21.42 8.34 39.20
C ASN B 170 -20.13 8.30 39.99
N ASP B 171 -19.28 9.29 39.76
CA ASP B 171 -18.02 9.38 40.48
C ASP B 171 -17.27 10.68 40.24
N MET B 172 -16.08 10.76 40.81
CA MET B 172 -15.24 11.94 40.72
C MET B 172 -15.00 12.46 39.30
N ARG B 173 -14.95 11.55 38.32
CA ARG B 173 -14.71 11.95 36.94
C ARG B 173 -15.71 13.01 36.52
N PHE B 174 -16.98 12.78 36.82
CA PHE B 174 -18.04 13.69 36.42
C PHE B 174 -18.14 14.93 37.30
N VAL B 175 -17.57 14.87 38.50
CA VAL B 175 -17.58 16.02 39.40
C VAL B 175 -16.63 17.04 38.78
N TYR B 176 -15.55 16.54 38.19
CA TYR B 176 -14.56 17.39 37.54
C TYR B 176 -15.17 17.98 36.27
N CYS B 177 -16.01 17.22 35.60
CA CYS B 177 -16.65 17.70 34.38
C CYS B 177 -17.58 18.85 34.71
N ALA B 178 -18.39 18.67 35.75
CA ALA B 178 -19.34 19.69 36.19
C ALA B 178 -18.56 20.96 36.56
N SER B 179 -17.48 20.77 37.29
CA SER B 179 -16.66 21.90 37.70
C SER B 179 -16.15 22.68 36.49
N CYS B 180 -15.58 21.98 35.52
CA CYS B 180 -15.07 22.63 34.31
C CYS B 180 -16.18 23.37 33.56
N ILE B 181 -17.36 22.77 33.48
CA ILE B 181 -18.45 23.42 32.79
C ILE B 181 -18.84 24.72 33.50
N CYS B 182 -19.10 24.62 34.80
CA CYS B 182 -19.48 25.80 35.60
C CYS B 182 -18.43 26.90 35.51
N TYR B 183 -17.16 26.50 35.47
CA TYR B 183 -16.08 27.46 35.38
C TYR B 183 -16.06 28.17 34.03
N MET B 184 -16.15 27.39 32.96
CA MET B 184 -16.11 27.95 31.61
C MET B 184 -17.32 28.84 31.32
N LEU B 185 -18.50 28.42 31.76
CA LEU B 185 -19.68 29.23 31.54
C LEU B 185 -19.70 30.31 32.61
N ASN B 186 -18.64 30.34 33.41
CA ASN B 186 -18.49 31.32 34.48
C ASN B 186 -19.77 31.50 35.29
N ASN B 187 -20.39 30.40 35.67
CA ASN B 187 -21.62 30.43 36.43
C ASN B 187 -21.73 29.13 37.22
N TRP B 188 -21.69 29.20 38.54
CA TRP B 188 -21.78 27.99 39.34
C TRP B 188 -23.17 27.58 39.77
N SER B 189 -24.18 28.07 39.08
CA SER B 189 -25.55 27.71 39.43
C SER B 189 -25.77 26.30 38.89
N GLY B 190 -24.78 25.81 38.15
CA GLY B 190 -24.86 24.50 37.55
C GLY B 190 -24.76 23.36 38.53
N MET B 191 -24.31 23.65 39.75
CA MET B 191 -24.16 22.62 40.77
C MET B 191 -24.38 23.14 42.17
N ASP B 192 -24.57 22.21 43.10
CA ASP B 192 -24.73 22.53 44.50
C ASP B 192 -23.33 22.32 45.05
N MET B 193 -22.51 23.35 44.92
CA MET B 193 -21.12 23.33 45.35
C MET B 193 -20.85 22.79 46.75
N LYS B 194 -21.76 23.05 47.67
CA LYS B 194 -21.58 22.57 49.04
C LYS B 194 -21.57 21.05 49.03
N LYS B 195 -22.56 20.44 48.36
CA LYS B 195 -22.64 18.99 48.27
C LYS B 195 -21.49 18.38 47.48
N ALA B 196 -21.05 19.06 46.43
CA ALA B 196 -19.94 18.57 45.63
C ALA B 196 -18.67 18.50 46.50
N ILE B 197 -18.40 19.58 47.23
CA ILE B 197 -17.24 19.64 48.10
C ILE B 197 -17.32 18.53 49.13
N SER B 198 -18.53 18.27 49.63
CA SER B 198 -18.71 17.21 50.61
C SER B 198 -18.23 15.89 50.00
N TYR B 199 -18.67 15.62 48.77
CA TYR B 199 -18.30 14.39 48.07
C TYR B 199 -16.79 14.26 47.94
N ILE B 200 -16.16 15.33 47.47
CA ILE B 200 -14.71 15.34 47.28
C ILE B 200 -13.99 15.04 48.58
N ARG B 201 -14.46 15.59 49.69
CA ARG B 201 -13.83 15.32 50.98
C ARG B 201 -13.99 13.87 51.35
N ARG B 202 -15.23 13.39 51.30
CA ARG B 202 -15.55 12.02 51.67
C ARG B 202 -14.78 10.98 50.86
N SER B 203 -14.17 11.40 49.75
CA SER B 203 -13.43 10.45 48.92
C SER B 203 -11.97 10.29 49.32
N MET B 204 -11.50 11.10 50.26
CA MET B 204 -10.12 10.98 50.69
C MET B 204 -9.93 9.64 51.39
N SER B 205 -8.87 8.92 51.02
CA SER B 205 -8.58 7.61 51.58
C SER B 205 -7.74 7.65 52.85
N TYR B 206 -7.59 6.50 53.49
CA TYR B 206 -6.80 6.40 54.70
C TYR B 206 -5.34 6.67 54.37
N ASP B 207 -4.96 6.43 53.11
CA ASP B 207 -3.58 6.67 52.68
C ASP B 207 -3.43 8.10 52.18
N ASN B 208 -4.49 8.88 52.34
CA ASN B 208 -4.50 10.29 51.98
C ASN B 208 -4.69 10.71 50.52
N GLY B 209 -4.86 9.74 49.62
CA GLY B 209 -5.09 10.10 48.24
C GLY B 209 -6.61 10.24 48.07
N LEU B 210 -7.07 10.62 46.88
CA LEU B 210 -8.51 10.74 46.66
C LEU B 210 -8.96 9.62 45.73
N ALA B 211 -10.09 8.99 46.02
CA ALA B 211 -10.58 7.90 45.20
C ALA B 211 -11.77 8.35 44.40
N GLN B 212 -12.33 7.45 43.61
CA GLN B 212 -13.48 7.77 42.79
C GLN B 212 -14.70 8.12 43.63
N GLY B 213 -14.72 7.57 44.84
CA GLY B 213 -15.80 7.80 45.77
C GLY B 213 -15.41 7.23 47.11
N ALA B 214 -16.19 7.55 48.14
CA ALA B 214 -15.90 7.09 49.49
C ALA B 214 -15.62 5.60 49.62
N GLY B 215 -14.55 5.28 50.34
CA GLY B 215 -14.20 3.89 50.57
C GLY B 215 -13.38 3.22 49.52
N LEU B 216 -13.45 3.71 48.29
CA LEU B 216 -12.68 3.14 47.18
C LEU B 216 -11.19 3.44 47.32
N GLU B 217 -10.40 2.72 46.54
CA GLU B 217 -8.96 2.89 46.52
C GLU B 217 -8.60 4.25 45.93
N SER B 218 -7.81 5.03 46.67
CA SER B 218 -7.38 6.35 46.18
C SER B 218 -6.68 6.12 44.84
N HIS B 219 -6.80 7.07 43.93
CA HIS B 219 -6.25 6.90 42.60
C HIS B 219 -5.80 8.22 41.99
N GLY B 220 -4.72 8.18 41.21
CA GLY B 220 -4.20 9.39 40.61
C GLY B 220 -5.21 10.18 39.78
N GLY B 221 -6.05 9.45 39.05
CA GLY B 221 -7.05 10.09 38.21
C GLY B 221 -8.09 10.84 39.01
N SER B 222 -8.65 10.18 40.02
CA SER B 222 -9.66 10.82 40.87
C SER B 222 -9.04 11.92 41.72
N THR B 223 -7.79 11.74 42.13
CA THR B 223 -7.14 12.75 42.93
C THR B 223 -7.05 14.03 42.10
N PHE B 224 -6.64 13.92 40.85
CA PHE B 224 -6.57 15.08 39.99
C PHE B 224 -7.95 15.71 39.89
N CYS B 225 -8.96 14.90 39.57
CA CYS B 225 -10.31 15.40 39.44
C CYS B 225 -10.77 16.14 40.69
N GLY B 226 -10.50 15.55 41.85
CA GLY B 226 -10.88 16.16 43.11
C GLY B 226 -10.18 17.49 43.36
N ILE B 227 -8.84 17.46 43.36
CA ILE B 227 -8.06 18.66 43.59
C ILE B 227 -8.36 19.73 42.56
N ALA B 228 -8.33 19.37 41.29
CA ALA B 228 -8.60 20.33 40.21
C ALA B 228 -9.98 20.98 40.35
N SER B 229 -10.97 20.19 40.76
CA SER B 229 -12.32 20.73 40.92
C SER B 229 -12.32 21.81 41.99
N LEU B 230 -11.66 21.53 43.11
CA LEU B 230 -11.59 22.48 44.21
C LEU B 230 -10.87 23.76 43.75
N CYS B 231 -9.78 23.60 43.01
CA CYS B 231 -9.04 24.76 42.52
C CYS B 231 -9.92 25.58 41.59
N LEU B 232 -10.67 24.90 40.73
CA LEU B 232 -11.56 25.59 39.81
C LEU B 232 -12.62 26.37 40.60
N MET B 233 -13.02 25.86 41.76
CA MET B 233 -14.02 26.55 42.59
C MET B 233 -13.30 27.53 43.49
N GLY B 234 -11.97 27.50 43.45
CA GLY B 234 -11.16 28.38 44.28
C GLY B 234 -11.39 28.15 45.76
N LYS B 235 -11.42 26.89 46.16
CA LYS B 235 -11.64 26.55 47.56
C LYS B 235 -10.71 25.47 48.07
N LEU B 236 -9.55 25.32 47.43
CA LEU B 236 -8.60 24.29 47.85
C LEU B 236 -8.27 24.48 49.33
N GLU B 237 -7.68 25.64 49.65
CA GLU B 237 -7.27 25.99 51.01
C GLU B 237 -8.42 25.91 52.02
N GLU B 238 -9.60 26.28 51.58
CA GLU B 238 -10.77 26.29 52.43
C GLU B 238 -11.30 24.91 52.79
N VAL B 239 -11.16 23.95 51.88
CA VAL B 239 -11.67 22.61 52.11
C VAL B 239 -10.73 21.69 52.87
N PHE B 240 -9.45 21.73 52.53
CA PHE B 240 -8.46 20.89 53.20
C PHE B 240 -7.53 21.69 54.10
N SER B 241 -7.26 21.17 55.29
CA SER B 241 -6.37 21.82 56.23
C SER B 241 -4.95 21.72 55.72
N GLU B 242 -4.03 22.49 56.31
CA GLU B 242 -2.65 22.43 55.89
C GLU B 242 -2.12 21.02 56.12
N LYS B 243 -2.51 20.41 57.23
CA LYS B 243 -2.06 19.07 57.56
C LYS B 243 -2.57 18.10 56.49
N GLU B 244 -3.84 18.27 56.12
CA GLU B 244 -4.44 17.42 55.11
C GLU B 244 -3.74 17.60 53.76
N LEU B 245 -3.53 18.85 53.36
CA LEU B 245 -2.86 19.14 52.10
C LEU B 245 -1.45 18.56 52.09
N ASN B 246 -0.80 18.51 53.24
CA ASN B 246 0.54 17.96 53.28
C ASN B 246 0.51 16.46 53.05
N ARG B 247 -0.53 15.82 53.56
CA ARG B 247 -0.68 14.38 53.40
C ARG B 247 -1.02 14.02 51.97
N ILE B 248 -1.84 14.86 51.34
CA ILE B 248 -2.23 14.64 49.94
C ILE B 248 -1.00 14.83 49.04
N LYS B 249 -0.22 15.87 49.34
CA LYS B 249 1.01 16.14 48.59
C LYS B 249 1.93 14.94 48.69
N ARG B 250 2.05 14.39 49.90
CA ARG B 250 2.91 13.24 50.10
C ARG B 250 2.45 12.08 49.23
N TRP B 251 1.15 11.86 49.17
CA TRP B 251 0.60 10.75 48.39
C TRP B 251 0.91 10.90 46.92
N CYS B 252 0.73 12.12 46.41
CA CYS B 252 0.99 12.43 45.02
C CYS B 252 2.46 12.30 44.67
N ILE B 253 3.32 13.02 45.37
CA ILE B 253 4.76 12.99 45.12
C ILE B 253 5.32 11.55 45.15
N MET B 254 4.64 10.66 45.86
CA MET B 254 5.08 9.27 45.97
C MET B 254 4.76 8.45 44.73
N ARG B 255 4.00 9.05 43.81
CA ARG B 255 3.60 8.36 42.58
C ARG B 255 4.71 8.31 41.54
N GLN B 256 5.73 9.14 41.68
CA GLN B 256 6.81 9.12 40.70
C GLN B 256 7.81 7.98 40.93
N GLN B 257 7.97 7.16 39.90
CA GLN B 257 8.90 6.04 39.93
C GLN B 257 10.05 6.42 38.99
N ASN B 258 9.68 7.14 37.95
CA ASN B 258 10.54 7.68 36.90
C ASN B 258 9.46 8.46 36.17
N GLY B 259 8.50 7.74 35.63
CA GLY B 259 7.34 8.35 35.01
C GLY B 259 6.37 8.27 36.19
N TYR B 260 5.07 8.33 35.96
CA TYR B 260 4.15 8.25 37.09
C TYR B 260 3.13 7.13 36.96
N HIS B 261 2.77 6.50 38.07
CA HIS B 261 1.75 5.47 38.03
C HIS B 261 0.52 6.08 38.72
N GLY B 262 -0.64 5.46 38.56
CA GLY B 262 -1.84 6.01 39.17
C GLY B 262 -2.17 5.50 40.56
N ARG B 263 -1.50 4.43 40.99
CA ARG B 263 -1.74 3.82 42.29
C ARG B 263 -0.49 3.10 42.77
N PRO B 264 -0.29 3.01 44.09
CA PRO B 264 0.90 2.33 44.61
C PRO B 264 1.04 0.92 44.03
N ASN B 265 2.27 0.50 43.80
CA ASN B 265 2.54 -0.83 43.26
C ASN B 265 1.91 -1.10 41.89
N LYS B 266 1.68 -0.05 41.11
CA LYS B 266 1.14 -0.21 39.76
C LYS B 266 2.17 0.35 38.80
N PRO B 267 2.31 -0.25 37.61
CA PRO B 267 3.27 0.21 36.60
C PRO B 267 3.01 1.65 36.14
N VAL B 268 4.06 2.39 35.77
CA VAL B 268 3.88 3.77 35.31
C VAL B 268 3.14 3.80 33.99
N ASP B 269 2.46 4.91 33.73
CA ASP B 269 1.69 5.12 32.52
C ASP B 269 1.87 6.60 32.13
N THR B 270 2.25 6.84 30.88
CA THR B 270 2.48 8.20 30.42
C THR B 270 1.43 9.22 30.83
N CYS B 271 0.15 8.91 30.67
CA CYS B 271 -0.88 9.89 31.00
C CYS B 271 -0.86 10.40 32.44
N TYR B 272 -0.27 9.64 33.35
CA TYR B 272 -0.21 10.08 34.75
C TYR B 272 0.79 11.21 34.98
N SER B 273 1.66 11.45 33.98
CA SER B 273 2.61 12.54 34.08
C SER B 273 1.78 13.81 34.04
N PHE B 274 0.54 13.69 33.59
CA PHE B 274 -0.32 14.85 33.61
C PHE B 274 -1.25 14.78 34.82
N TRP B 275 -1.99 13.67 34.92
CA TRP B 275 -2.93 13.46 36.01
C TRP B 275 -2.29 13.79 37.37
N VAL B 276 -1.16 13.17 37.68
CA VAL B 276 -0.50 13.42 38.95
C VAL B 276 0.34 14.69 38.89
N GLY B 277 1.08 14.86 37.80
CA GLY B 277 1.91 16.04 37.65
C GLY B 277 1.11 17.33 37.78
N ALA B 278 -0.05 17.37 37.16
CA ALA B 278 -0.90 18.55 37.24
C ALA B 278 -1.39 18.77 38.68
N THR B 279 -1.61 17.67 39.41
CA THR B 279 -2.06 17.78 40.78
C THR B 279 -0.93 18.37 41.60
N LEU B 280 0.28 17.84 41.41
CA LEU B 280 1.44 18.35 42.13
C LEU B 280 1.62 19.84 41.84
N LYS B 281 1.37 20.22 40.59
CA LYS B 281 1.48 21.62 40.18
C LYS B 281 0.46 22.45 40.93
N LEU B 282 -0.79 22.01 40.93
CA LEU B 282 -1.82 22.75 41.65
C LEU B 282 -1.47 22.87 43.15
N LEU B 283 -0.75 21.88 43.68
CA LEU B 283 -0.36 21.88 45.08
C LEU B 283 0.99 22.59 45.26
N LYS B 284 1.44 23.24 44.20
CA LYS B 284 2.69 23.98 44.22
C LYS B 284 3.95 23.25 44.64
N ILE B 285 4.06 21.96 44.31
CA ILE B 285 5.26 21.23 44.67
C ILE B 285 5.77 20.37 43.52
N PHE B 286 5.24 20.57 42.32
CA PHE B 286 5.68 19.79 41.16
C PHE B 286 7.17 20.10 40.94
N GLN B 287 7.55 21.30 41.34
CA GLN B 287 8.92 21.79 41.22
C GLN B 287 9.93 20.92 41.95
N TYR B 288 9.48 20.20 42.96
CA TYR B 288 10.37 19.36 43.74
C TYR B 288 10.45 17.93 43.22
N THR B 289 9.79 17.65 42.10
CA THR B 289 9.82 16.31 41.51
C THR B 289 11.07 16.21 40.64
N ASN B 290 11.43 15.00 40.24
CA ASN B 290 12.60 14.81 39.38
C ASN B 290 12.13 14.98 37.93
N PHE B 291 12.57 16.05 37.26
CA PHE B 291 12.16 16.31 35.89
C PHE B 291 12.76 15.39 34.83
N GLU B 292 14.05 15.15 34.92
CA GLU B 292 14.72 14.34 33.93
C GLU B 292 14.16 12.94 33.76
N LYS B 293 14.02 12.21 34.86
CA LYS B 293 13.48 10.85 34.79
C LYS B 293 12.07 10.81 34.21
N ASN B 294 11.28 11.81 34.56
CA ASN B 294 9.91 11.90 34.07
C ASN B 294 9.92 12.14 32.57
N ARG B 295 10.67 13.16 32.15
CA ARG B 295 10.80 13.51 30.74
C ARG B 295 11.31 12.32 29.95
N ASN B 296 12.35 11.67 30.47
CA ASN B 296 12.92 10.52 29.79
C ASN B 296 11.89 9.43 29.57
N TYR B 297 11.07 9.17 30.59
CA TYR B 297 10.05 8.14 30.46
C TYR B 297 9.02 8.52 29.39
N ILE B 298 8.44 9.72 29.51
CA ILE B 298 7.44 10.16 28.54
C ILE B 298 7.95 10.01 27.11
N LEU B 299 9.22 10.36 26.90
CA LEU B 299 9.80 10.25 25.57
C LEU B 299 9.98 8.81 25.16
N SER B 300 10.33 7.94 26.10
CA SER B 300 10.50 6.53 25.77
C SER B 300 9.22 5.91 25.20
N THR B 301 8.09 6.60 25.36
CA THR B 301 6.82 6.08 24.87
C THR B 301 6.38 6.79 23.59
N GLN B 302 7.27 7.63 23.06
CA GLN B 302 7.00 8.39 21.84
C GLN B 302 7.15 7.48 20.63
N ASP B 303 6.22 7.57 19.68
CA ASP B 303 6.31 6.77 18.45
C ASP B 303 7.00 7.63 17.40
N ARG B 304 8.29 7.40 17.20
CA ARG B 304 9.09 8.18 16.26
C ARG B 304 8.67 8.02 14.80
N LEU B 305 7.88 6.99 14.51
CA LEU B 305 7.44 6.73 13.16
C LEU B 305 6.11 7.41 12.84
N VAL B 306 5.06 7.08 13.59
CA VAL B 306 3.74 7.64 13.34
C VAL B 306 3.41 8.89 14.18
N GLY B 307 4.15 9.10 15.27
CA GLY B 307 3.89 10.25 16.11
C GLY B 307 3.03 9.88 17.31
N GLY B 308 2.75 10.85 18.17
CA GLY B 308 1.96 10.57 19.36
C GLY B 308 2.72 9.77 20.41
N PHE B 309 2.06 9.46 21.53
CA PHE B 309 2.69 8.68 22.59
C PHE B 309 1.79 7.53 23.01
N ALA B 310 2.39 6.55 23.69
CA ALA B 310 1.65 5.38 24.16
C ALA B 310 1.74 5.38 25.69
N LYS B 311 0.98 4.51 26.35
CA LYS B 311 1.03 4.49 27.81
C LYS B 311 2.39 3.93 28.25
N TRP B 312 2.87 2.93 27.53
CA TRP B 312 4.15 2.31 27.86
C TRP B 312 5.05 2.31 26.63
N PRO B 313 6.37 2.21 26.85
CA PRO B 313 7.31 2.20 25.72
C PRO B 313 7.08 0.95 24.88
N ASP B 314 7.36 1.03 23.58
CA ASP B 314 7.16 -0.10 22.68
C ASP B 314 5.71 -0.55 22.83
N SER B 315 4.80 0.37 22.56
CA SER B 315 3.37 0.13 22.66
C SER B 315 2.76 1.09 21.64
N HIS B 316 1.56 0.80 21.15
CA HIS B 316 0.96 1.68 20.15
C HIS B 316 0.43 2.99 20.71
N PRO B 317 0.68 4.09 20.00
CA PRO B 317 0.23 5.43 20.40
C PRO B 317 -1.26 5.62 20.20
N ASP B 318 -1.80 6.68 20.80
CA ASP B 318 -3.22 7.01 20.68
C ASP B 318 -3.44 8.48 21.05
N ALA B 319 -4.58 9.03 20.66
CA ALA B 319 -4.88 10.43 20.94
C ALA B 319 -4.78 10.81 22.41
N LEU B 320 -5.25 9.93 23.30
CA LEU B 320 -5.22 10.21 24.73
C LEU B 320 -3.79 10.35 25.25
N HIS B 321 -2.97 9.33 25.04
CA HIS B 321 -1.61 9.41 25.54
C HIS B 321 -0.75 10.41 24.79
N ALA B 322 -1.11 10.70 23.55
CA ALA B 322 -0.37 11.68 22.77
C ALA B 322 -0.61 13.04 23.44
N TYR B 323 -1.87 13.36 23.69
CA TYR B 323 -2.22 14.62 24.34
C TYR B 323 -1.67 14.76 25.74
N PHE B 324 -1.99 13.81 26.61
CA PHE B 324 -1.52 13.86 27.99
C PHE B 324 0.00 13.74 28.08
N GLY B 325 0.60 13.02 27.15
CA GLY B 325 2.04 12.91 27.16
C GLY B 325 2.63 14.29 26.89
N ILE B 326 1.99 15.02 25.97
CA ILE B 326 2.46 16.35 25.63
C ILE B 326 2.21 17.29 26.81
N CYS B 327 1.01 17.22 27.40
CA CYS B 327 0.71 18.07 28.55
C CYS B 327 1.66 17.77 29.70
N GLY B 328 2.13 16.54 29.77
CA GLY B 328 3.06 16.15 30.82
C GLY B 328 4.37 16.88 30.59
N LEU B 329 4.82 16.88 29.35
CA LEU B 329 6.05 17.57 28.97
C LEU B 329 5.90 19.07 29.23
N SER B 330 4.72 19.59 28.89
CA SER B 330 4.39 20.99 29.09
C SER B 330 4.63 21.45 30.52
N LEU B 331 4.19 20.63 31.48
CA LEU B 331 4.35 20.93 32.90
C LEU B 331 5.81 21.30 33.21
N MET B 332 6.75 20.63 32.56
CA MET B 332 8.16 20.89 32.76
C MET B 332 8.75 21.89 31.75
N GLU B 333 7.86 22.64 31.08
CA GLU B 333 8.22 23.65 30.09
C GLU B 333 9.11 23.15 28.96
N GLU B 334 8.62 22.12 28.26
CA GLU B 334 9.29 21.52 27.11
C GLU B 334 9.52 22.56 26.02
N SER B 335 10.66 22.48 25.34
CA SER B 335 10.94 23.45 24.28
C SER B 335 10.00 23.26 23.10
N GLY B 336 9.10 24.21 22.92
CA GLY B 336 8.18 24.09 21.81
C GLY B 336 6.76 23.72 22.14
N ILE B 337 6.42 23.73 23.42
CA ILE B 337 5.07 23.39 23.89
C ILE B 337 4.52 24.46 24.83
N CYS B 338 3.31 24.90 24.58
CA CYS B 338 2.71 25.91 25.45
C CYS B 338 2.57 25.42 26.88
N LYS B 339 2.43 26.34 27.81
CA LYS B 339 2.24 26.01 29.22
C LYS B 339 0.77 25.63 29.33
N VAL B 340 0.51 24.50 29.97
CA VAL B 340 -0.86 24.06 30.13
C VAL B 340 -1.44 24.51 31.48
N HIS B 341 -2.69 24.95 31.45
CA HIS B 341 -3.38 25.36 32.66
C HIS B 341 -3.73 24.02 33.34
N PRO B 342 -2.99 23.66 34.41
CA PRO B 342 -3.17 22.41 35.16
C PRO B 342 -4.56 22.03 35.67
N ALA B 343 -5.42 23.01 35.92
CA ALA B 343 -6.75 22.68 36.41
C ALA B 343 -7.82 22.57 35.33
N LEU B 344 -7.69 23.37 34.27
CA LEU B 344 -8.69 23.39 33.21
C LEU B 344 -8.40 22.49 32.01
N ASN B 345 -7.15 22.03 31.91
CA ASN B 345 -6.73 21.15 30.85
C ASN B 345 -6.89 21.72 29.44
N VAL B 346 -6.44 22.96 29.28
CA VAL B 346 -6.44 23.71 28.02
C VAL B 346 -5.12 24.46 28.13
N SER B 347 -4.62 25.02 27.04
CA SER B 347 -3.36 25.76 27.15
C SER B 347 -3.63 27.07 27.91
N THR B 348 -2.60 27.62 28.55
CA THR B 348 -2.78 28.88 29.29
C THR B 348 -3.30 29.96 28.33
N ARG B 349 -2.76 29.96 27.12
CA ARG B 349 -3.22 30.90 26.10
C ARG B 349 -4.74 30.84 26.05
N THR B 350 -5.26 29.63 25.92
CA THR B 350 -6.70 29.41 25.86
C THR B 350 -7.41 29.81 27.16
N SER B 351 -6.77 29.58 28.29
CA SER B 351 -7.36 29.90 29.58
C SER B 351 -7.54 31.41 29.68
N GLU B 352 -6.61 32.14 29.09
CA GLU B 352 -6.64 33.60 29.09
C GLU B 352 -7.70 34.13 28.14
N ARG B 353 -7.78 33.53 26.95
CA ARG B 353 -8.78 33.94 25.98
C ARG B 353 -10.14 33.82 26.68
N LEU B 354 -10.22 32.87 27.61
CA LEU B 354 -11.44 32.64 28.39
C LEU B 354 -11.65 33.76 29.41
N ARG B 355 -10.57 34.24 30.02
CA ARG B 355 -10.67 35.33 30.99
C ARG B 355 -11.31 36.54 30.29
N ASP B 356 -10.76 36.89 29.12
CA ASP B 356 -11.25 38.02 28.32
C ASP B 356 -12.70 37.80 27.94
N LEU B 357 -12.96 36.60 27.44
CA LEU B 357 -14.30 36.22 27.03
C LEU B 357 -15.26 36.47 28.18
N HIS B 358 -14.83 36.12 29.39
CA HIS B 358 -15.65 36.32 30.59
C HIS B 358 -15.90 37.80 30.85
N GLN B 359 -14.81 38.60 30.86
CA GLN B 359 -14.92 40.04 31.08
C GLN B 359 -15.95 40.62 30.13
N SER B 360 -15.87 40.23 28.86
CA SER B 360 -16.80 40.70 27.84
C SER B 360 -18.24 40.62 28.32
N TRP B 361 -18.66 39.44 28.73
CA TRP B 361 -20.04 39.23 29.19
C TRP B 361 -20.39 40.19 30.32
N LYS B 362 -19.44 40.38 31.25
CA LYS B 362 -19.64 41.28 32.38
C LYS B 362 -19.68 42.74 31.92
N THR B 363 -20.79 43.13 31.30
CA THR B 363 -21.00 44.49 30.80
C THR B 363 -22.50 44.76 30.75
N PHE C 55 8.56 6.29 -72.77
CA PHE C 55 7.83 6.93 -73.92
C PHE C 55 6.33 6.64 -73.92
N LEU C 56 5.92 5.61 -74.65
CA LEU C 56 4.51 5.24 -74.77
C LEU C 56 3.93 4.64 -73.50
N SER C 57 3.25 5.48 -72.72
CA SER C 57 2.63 5.08 -71.47
C SER C 57 1.65 3.90 -71.62
N LEU C 58 1.34 3.22 -70.51
CA LEU C 58 0.43 2.07 -70.55
C LEU C 58 -1.05 2.45 -70.60
N ASP C 59 -1.32 3.73 -70.45
CA ASP C 59 -2.69 4.25 -70.48
C ASP C 59 -2.92 5.21 -71.64
N SER C 60 -1.88 5.39 -72.44
CA SER C 60 -1.94 6.25 -73.60
C SER C 60 -3.01 5.74 -74.57
N PRO C 61 -3.74 6.65 -75.23
CA PRO C 61 -4.77 6.21 -76.16
C PRO C 61 -4.09 5.39 -77.26
N THR C 62 -2.88 5.83 -77.63
CA THR C 62 -2.07 5.19 -78.68
C THR C 62 -1.16 4.05 -78.24
N TYR C 63 -1.44 3.45 -77.09
CA TYR C 63 -0.63 2.35 -76.59
C TYR C 63 -0.85 1.10 -77.47
N VAL C 64 0.24 0.42 -77.80
CA VAL C 64 0.19 -0.76 -78.64
C VAL C 64 0.83 -1.96 -77.94
N LEU C 65 0.16 -3.11 -78.01
CA LEU C 65 0.71 -4.32 -77.40
C LEU C 65 2.06 -4.63 -78.05
N TYR C 66 2.97 -5.21 -77.27
CA TYR C 66 4.30 -5.53 -77.77
C TYR C 66 4.24 -6.55 -78.90
N ARG C 67 3.17 -7.34 -78.90
CA ARG C 67 2.96 -8.35 -79.94
C ARG C 67 2.66 -7.66 -81.28
N ASP C 68 2.26 -6.40 -81.23
CA ASP C 68 1.95 -5.64 -82.44
C ASP C 68 2.96 -4.53 -82.72
N ARG C 69 4.15 -4.65 -82.13
CA ARG C 69 5.18 -3.64 -82.35
C ARG C 69 6.26 -4.18 -83.28
N ALA C 70 6.61 -3.39 -84.28
CA ALA C 70 7.62 -3.78 -85.25
C ALA C 70 8.95 -4.09 -84.60
N GLU C 71 9.39 -3.18 -83.71
CA GLU C 71 10.66 -3.31 -82.99
C GLU C 71 10.78 -4.63 -82.23
N TRP C 72 9.65 -5.29 -81.96
CA TRP C 72 9.65 -6.54 -81.22
C TRP C 72 9.25 -7.76 -82.05
N ALA C 73 9.26 -7.61 -83.36
CA ALA C 73 8.87 -8.69 -84.25
C ALA C 73 9.84 -9.89 -84.25
N ASP C 74 11.12 -9.64 -84.00
CA ASP C 74 12.13 -10.69 -83.99
C ASP C 74 12.05 -11.59 -82.76
N ILE C 75 11.53 -11.04 -81.67
CA ILE C 75 11.42 -11.76 -80.42
C ILE C 75 10.13 -12.57 -80.26
N ASP C 76 10.28 -13.82 -79.84
CA ASP C 76 9.14 -14.71 -79.59
C ASP C 76 8.76 -14.63 -78.12
N PRO C 77 7.53 -14.20 -77.80
CA PRO C 77 7.13 -14.12 -76.41
C PRO C 77 7.18 -15.46 -75.68
N VAL C 78 7.56 -15.42 -74.41
CA VAL C 78 7.63 -16.62 -73.57
C VAL C 78 6.46 -16.56 -72.60
N PRO C 79 5.61 -17.58 -72.61
CA PRO C 79 4.45 -17.61 -71.72
C PRO C 79 4.75 -18.27 -70.37
N GLN C 80 3.97 -17.87 -69.36
CA GLN C 80 4.09 -18.43 -68.03
C GLN C 80 3.26 -19.71 -68.03
N ASN C 81 3.66 -20.72 -67.28
CA ASN C 81 2.86 -21.95 -67.24
C ASN C 81 2.98 -22.72 -65.93
N ASP C 82 1.89 -22.72 -65.17
CA ASP C 82 1.84 -23.40 -63.89
C ASP C 82 1.39 -24.85 -64.02
N GLY C 83 1.65 -25.47 -65.17
CA GLY C 83 1.25 -26.84 -65.38
C GLY C 83 -0.24 -27.15 -65.32
N PRO C 84 -0.60 -28.44 -65.31
CA PRO C 84 -1.97 -28.95 -65.26
C PRO C 84 -2.94 -28.28 -64.29
N SER C 85 -2.60 -28.32 -63.00
CA SER C 85 -3.45 -27.74 -61.97
C SER C 85 -2.76 -26.59 -61.24
N PRO C 86 -2.98 -25.36 -61.72
CA PRO C 86 -2.38 -24.16 -61.11
C PRO C 86 -2.97 -23.78 -59.73
N VAL C 87 -2.10 -23.34 -58.83
CA VAL C 87 -2.49 -22.94 -57.46
C VAL C 87 -2.30 -21.43 -57.28
N VAL C 88 -3.24 -20.78 -56.60
CA VAL C 88 -3.17 -19.34 -56.36
C VAL C 88 -2.78 -18.63 -57.66
N GLN C 89 -3.54 -18.93 -58.70
CA GLN C 89 -3.35 -18.38 -60.03
C GLN C 89 -4.07 -17.04 -60.23
N ILE C 90 -3.29 -16.01 -60.56
CA ILE C 90 -3.81 -14.66 -60.77
C ILE C 90 -4.21 -14.49 -62.24
N ILE C 91 -5.42 -13.97 -62.49
CA ILE C 91 -5.87 -13.75 -63.85
C ILE C 91 -5.31 -12.42 -64.36
N TYR C 92 -4.72 -12.46 -65.56
CA TYR C 92 -4.12 -11.26 -66.14
C TYR C 92 -4.79 -10.74 -67.40
N SER C 93 -4.85 -9.41 -67.51
CA SER C 93 -5.44 -8.76 -68.66
C SER C 93 -4.55 -9.00 -69.87
N GLU C 94 -5.07 -8.71 -71.06
CA GLU C 94 -4.31 -8.89 -72.29
C GLU C 94 -3.02 -8.07 -72.24
N LYS C 95 -3.16 -6.79 -71.84
CA LYS C 95 -2.02 -5.88 -71.74
C LYS C 95 -0.97 -6.42 -70.79
N PHE C 96 -1.39 -6.77 -69.57
CA PHE C 96 -0.49 -7.29 -68.55
C PHE C 96 0.29 -8.49 -69.06
N ARG C 97 -0.44 -9.55 -69.41
CA ARG C 97 0.18 -10.75 -69.92
C ARG C 97 1.12 -10.45 -71.09
N ASP C 98 0.73 -9.47 -71.91
CA ASP C 98 1.55 -9.10 -73.05
C ASP C 98 2.91 -8.57 -72.61
N VAL C 99 2.91 -7.52 -71.81
CA VAL C 99 4.15 -6.94 -71.33
C VAL C 99 5.08 -8.00 -70.73
N TYR C 100 4.54 -8.82 -69.84
CA TYR C 100 5.34 -9.85 -69.20
C TYR C 100 5.76 -11.00 -70.08
N ASP C 101 4.98 -11.32 -71.11
CA ASP C 101 5.39 -12.42 -71.99
C ASP C 101 6.65 -11.99 -72.74
N TYR C 102 6.78 -10.70 -72.97
CA TYR C 102 7.97 -10.19 -73.66
C TYR C 102 9.10 -9.99 -72.66
N PHE C 103 8.75 -9.66 -71.42
CA PHE C 103 9.76 -9.50 -70.39
C PHE C 103 10.46 -10.85 -70.21
N ARG C 104 9.67 -11.93 -70.10
CA ARG C 104 10.22 -13.26 -69.94
C ARG C 104 11.18 -13.56 -71.08
N ALA C 105 10.76 -13.19 -72.29
CA ALA C 105 11.56 -13.41 -73.49
C ALA C 105 12.92 -12.73 -73.38
N VAL C 106 12.90 -11.42 -73.12
CA VAL C 106 14.13 -10.66 -72.98
C VAL C 106 15.02 -11.20 -71.85
N LEU C 107 14.42 -11.54 -70.71
CA LEU C 107 15.16 -12.08 -69.57
C LEU C 107 15.88 -13.35 -69.96
N GLN C 108 15.11 -14.30 -70.45
CA GLN C 108 15.62 -15.59 -70.87
C GLN C 108 16.86 -15.48 -71.75
N ARG C 109 16.91 -14.45 -72.58
CA ARG C 109 18.03 -14.23 -73.50
C ARG C 109 19.05 -13.24 -72.95
N ASP C 110 18.83 -12.79 -71.72
CA ASP C 110 19.70 -11.81 -71.09
C ASP C 110 20.06 -10.70 -72.07
N GLU C 111 19.07 -10.25 -72.84
CA GLU C 111 19.27 -9.20 -73.80
C GLU C 111 19.50 -7.83 -73.17
N ARG C 112 20.73 -7.32 -73.25
CA ARG C 112 21.04 -6.02 -72.66
C ARG C 112 20.72 -4.87 -73.63
N SER C 113 19.54 -4.91 -74.24
CA SER C 113 19.14 -3.88 -75.20
C SER C 113 18.50 -2.65 -74.59
N GLU C 114 18.35 -1.61 -75.41
CA GLU C 114 17.74 -0.37 -74.98
C GLU C 114 16.23 -0.56 -74.98
N ARG C 115 15.74 -1.46 -75.82
CA ARG C 115 14.31 -1.71 -75.88
C ARG C 115 13.90 -2.47 -74.62
N ALA C 116 14.79 -3.31 -74.12
CA ALA C 116 14.55 -4.08 -72.91
C ALA C 116 14.44 -3.12 -71.75
N PHE C 117 15.36 -2.17 -71.69
CA PHE C 117 15.36 -1.19 -70.62
C PHE C 117 13.99 -0.51 -70.54
N LYS C 118 13.44 -0.16 -71.70
CA LYS C 118 12.14 0.50 -71.74
C LYS C 118 11.04 -0.49 -71.31
N LEU C 119 11.18 -1.74 -71.73
CA LEU C 119 10.21 -2.75 -71.38
C LEU C 119 10.07 -2.86 -69.88
N THR C 120 11.17 -2.71 -69.14
CA THR C 120 11.12 -2.80 -67.69
C THR C 120 10.24 -1.72 -67.07
N ARG C 121 10.29 -0.53 -67.65
CA ARG C 121 9.49 0.57 -67.12
C ARG C 121 8.00 0.17 -67.11
N ASP C 122 7.58 -0.56 -68.12
CA ASP C 122 6.21 -1.00 -68.21
C ASP C 122 5.93 -2.13 -67.25
N ALA C 123 6.89 -3.04 -67.12
CA ALA C 123 6.74 -4.18 -66.22
C ALA C 123 6.66 -3.65 -64.78
N ILE C 124 7.44 -2.62 -64.50
CA ILE C 124 7.43 -2.05 -63.17
C ILE C 124 6.13 -1.33 -62.91
N GLU C 125 5.56 -0.70 -63.93
CA GLU C 125 4.31 0.01 -63.72
C GLU C 125 3.22 -1.01 -63.44
N LEU C 126 3.31 -2.16 -64.10
CA LEU C 126 2.33 -3.22 -63.90
C LEU C 126 2.47 -3.92 -62.56
N ASN C 127 3.68 -3.93 -62.01
CA ASN C 127 3.95 -4.60 -60.74
C ASN C 127 5.32 -4.28 -60.18
N ALA C 128 5.40 -3.20 -59.41
CA ALA C 128 6.66 -2.77 -58.83
C ALA C 128 7.19 -3.69 -57.75
N ALA C 129 6.50 -4.79 -57.50
CA ALA C 129 6.93 -5.71 -56.46
C ALA C 129 7.77 -6.84 -57.01
N ASN C 130 7.88 -6.90 -58.33
CA ASN C 130 8.66 -7.96 -58.95
C ASN C 130 10.15 -7.64 -58.86
N TYR C 131 10.79 -8.21 -57.84
CA TYR C 131 12.21 -7.98 -57.59
C TYR C 131 13.14 -8.36 -58.74
N THR C 132 12.74 -9.35 -59.54
CA THR C 132 13.56 -9.76 -60.66
C THR C 132 13.61 -8.64 -61.70
N VAL C 133 12.47 -8.00 -61.94
CA VAL C 133 12.40 -6.92 -62.89
C VAL C 133 13.39 -5.83 -62.48
N TRP C 134 13.33 -5.42 -61.22
CA TRP C 134 14.23 -4.38 -60.73
C TRP C 134 15.69 -4.79 -60.85
N HIS C 135 15.97 -6.07 -60.62
CA HIS C 135 17.35 -6.54 -60.71
C HIS C 135 17.83 -6.35 -62.13
N PHE C 136 17.07 -6.89 -63.08
CA PHE C 136 17.40 -6.80 -64.48
C PHE C 136 17.54 -5.35 -64.90
N ARG C 137 16.65 -4.50 -64.42
CA ARG C 137 16.73 -3.10 -64.78
C ARG C 137 18.08 -2.53 -64.30
N ARG C 138 18.56 -2.97 -63.14
CA ARG C 138 19.84 -2.49 -62.63
C ARG C 138 20.96 -3.03 -63.51
N VAL C 139 20.82 -4.26 -63.99
CA VAL C 139 21.82 -4.84 -64.87
C VAL C 139 21.92 -3.94 -66.11
N LEU C 140 20.77 -3.59 -66.68
CA LEU C 140 20.72 -2.73 -67.86
C LEU C 140 21.25 -1.34 -67.56
N LEU C 141 20.93 -0.80 -66.38
CA LEU C 141 21.42 0.52 -66.02
C LEU C 141 22.93 0.57 -66.19
N ARG C 142 23.60 -0.53 -65.86
CA ARG C 142 25.06 -0.60 -65.97
C ARG C 142 25.48 -0.84 -67.42
N SER C 143 25.01 -1.94 -68.00
CA SER C 143 25.34 -2.28 -69.38
C SER C 143 25.21 -1.08 -70.28
N LEU C 144 24.01 -0.50 -70.35
CA LEU C 144 23.75 0.65 -71.21
C LEU C 144 24.31 1.96 -70.66
N GLN C 145 25.02 1.88 -69.54
CA GLN C 145 25.61 3.07 -68.91
C GLN C 145 24.63 4.23 -68.87
N LYS C 146 23.43 4.00 -68.37
CA LYS C 146 22.40 5.03 -68.30
C LYS C 146 22.72 6.07 -67.26
N ASP C 147 22.13 7.25 -67.42
CA ASP C 147 22.35 8.35 -66.49
C ASP C 147 21.69 8.01 -65.16
N LEU C 148 22.50 7.78 -64.13
CA LEU C 148 21.97 7.43 -62.83
C LEU C 148 21.24 8.57 -62.14
N GLN C 149 21.59 9.81 -62.46
CA GLN C 149 20.92 10.94 -61.82
C GLN C 149 19.48 11.00 -62.32
N GLU C 150 19.25 10.47 -63.51
CA GLU C 150 17.94 10.42 -64.12
C GLU C 150 17.15 9.36 -63.38
N GLU C 151 17.76 8.19 -63.18
CA GLU C 151 17.14 7.08 -62.47
C GLU C 151 16.73 7.50 -61.07
N MET C 152 17.52 8.36 -60.44
CA MET C 152 17.19 8.84 -59.10
C MET C 152 15.84 9.56 -59.10
N ASN C 153 15.53 10.25 -60.20
CA ASN C 153 14.26 10.95 -60.31
C ASN C 153 13.18 9.89 -60.43
N TYR C 154 13.42 8.93 -61.31
CA TYR C 154 12.47 7.86 -61.55
C TYR C 154 12.05 7.17 -60.27
N ILE C 155 13.04 6.68 -59.53
CA ILE C 155 12.77 5.98 -58.28
C ILE C 155 12.14 6.90 -57.24
N ILE C 156 12.51 8.17 -57.23
CA ILE C 156 11.92 9.09 -56.26
C ILE C 156 10.40 9.19 -56.49
N ALA C 157 10.00 9.18 -57.75
CA ALA C 157 8.58 9.25 -58.09
C ALA C 157 7.91 7.94 -57.67
N ILE C 158 8.52 6.82 -58.05
CA ILE C 158 7.99 5.49 -57.75
C ILE C 158 7.75 5.27 -56.26
N ILE C 159 8.75 5.60 -55.45
CA ILE C 159 8.64 5.42 -54.01
C ILE C 159 7.52 6.28 -53.41
N GLU C 160 7.33 7.49 -53.93
CA GLU C 160 6.28 8.36 -53.41
C GLU C 160 4.93 7.68 -53.59
N GLU C 161 4.77 6.98 -54.72
CA GLU C 161 3.53 6.29 -55.03
C GLU C 161 3.38 5.00 -54.23
N GLN C 162 4.50 4.36 -53.88
CA GLN C 162 4.47 3.10 -53.14
C GLN C 162 5.52 3.08 -52.05
N PRO C 163 5.35 3.90 -51.01
CA PRO C 163 6.29 4.00 -49.89
C PRO C 163 6.46 2.79 -48.99
N LYS C 164 5.70 1.73 -49.24
CA LYS C 164 5.79 0.53 -48.40
C LYS C 164 6.25 -0.68 -49.19
N ASN C 165 6.88 -0.44 -50.32
CA ASN C 165 7.37 -1.48 -51.20
C ASN C 165 8.84 -1.75 -50.90
N TYR C 166 9.16 -2.99 -50.54
CA TYR C 166 10.55 -3.33 -50.23
C TYR C 166 11.50 -3.16 -51.40
N GLN C 167 11.10 -3.64 -52.57
CA GLN C 167 11.94 -3.56 -53.77
C GLN C 167 12.37 -2.17 -54.17
N VAL C 168 11.49 -1.18 -54.05
CA VAL C 168 11.83 0.18 -54.44
C VAL C 168 12.83 0.87 -53.52
N TRP C 169 12.75 0.62 -52.22
CA TRP C 169 13.69 1.24 -51.31
C TRP C 169 15.06 0.60 -51.49
N HIS C 170 15.07 -0.67 -51.85
CA HIS C 170 16.33 -1.36 -52.07
C HIS C 170 17.00 -0.75 -53.30
N HIS C 171 16.23 -0.59 -54.36
CA HIS C 171 16.72 0.00 -55.59
C HIS C 171 17.33 1.37 -55.32
N ARG C 172 16.62 2.21 -54.57
CA ARG C 172 17.15 3.54 -54.28
C ARG C 172 18.45 3.44 -53.51
N ARG C 173 18.53 2.49 -52.58
CA ARG C 173 19.74 2.35 -51.79
C ARG C 173 20.93 1.96 -52.66
N VAL C 174 20.70 1.06 -53.60
CA VAL C 174 21.75 0.63 -54.49
C VAL C 174 22.26 1.80 -55.33
N LEU C 175 21.34 2.65 -55.78
CA LEU C 175 21.72 3.82 -56.59
C LEU C 175 22.56 4.78 -55.79
N VAL C 176 22.14 5.09 -54.58
CA VAL C 176 22.90 6.01 -53.75
C VAL C 176 24.30 5.45 -53.51
N GLU C 177 24.45 4.14 -53.40
CA GLU C 177 25.77 3.54 -53.20
C GLU C 177 26.58 3.76 -54.47
N TRP C 178 25.96 3.49 -55.61
CA TRP C 178 26.64 3.68 -56.89
C TRP C 178 27.13 5.11 -57.06
N LEU C 179 26.25 6.08 -56.87
CA LEU C 179 26.63 7.49 -57.03
C LEU C 179 27.46 8.03 -55.89
N LYS C 180 27.51 7.32 -54.77
CA LYS C 180 28.25 7.80 -53.60
C LYS C 180 27.79 9.22 -53.29
N ASP C 181 26.55 9.52 -53.66
CA ASP C 181 25.95 10.83 -53.46
C ASP C 181 24.72 10.79 -52.53
N PRO C 182 24.85 11.30 -51.31
CA PRO C 182 23.70 11.26 -50.40
C PRO C 182 23.02 12.62 -50.32
N SER C 183 23.54 13.56 -51.11
CA SER C 183 23.06 14.94 -51.12
C SER C 183 21.57 15.19 -51.05
N GLN C 184 20.75 14.33 -51.63
CA GLN C 184 19.32 14.57 -51.59
C GLN C 184 18.52 13.61 -50.73
N GLU C 185 19.20 12.70 -50.05
CA GLU C 185 18.53 11.69 -49.23
C GLU C 185 17.75 12.18 -48.01
N LEU C 186 18.40 12.89 -47.10
CA LEU C 186 17.70 13.37 -45.92
C LEU C 186 16.41 14.13 -46.22
N GLU C 187 16.43 14.99 -47.24
CA GLU C 187 15.25 15.77 -47.59
C GLU C 187 14.14 14.90 -48.17
N PHE C 188 14.52 13.95 -49.03
CA PHE C 188 13.56 13.04 -49.64
C PHE C 188 12.82 12.24 -48.58
N ILE C 189 13.59 11.65 -47.67
CA ILE C 189 13.04 10.85 -46.59
C ILE C 189 12.10 11.70 -45.75
N ALA C 190 12.51 12.92 -45.45
CA ALA C 190 11.67 13.81 -44.66
C ALA C 190 10.31 14.01 -45.31
N ASP C 191 10.27 14.05 -46.64
CA ASP C 191 9.01 14.22 -47.35
C ASP C 191 8.18 12.97 -47.21
N ILE C 192 8.81 11.81 -47.39
CA ILE C 192 8.08 10.55 -47.26
C ILE C 192 7.55 10.44 -45.83
N LEU C 193 8.38 10.83 -44.87
CA LEU C 193 7.97 10.78 -43.47
C LEU C 193 6.86 11.76 -43.21
N ASN C 194 6.44 12.50 -44.22
CA ASN C 194 5.37 13.45 -44.04
C ASN C 194 4.03 12.82 -44.33
N GLN C 195 4.03 11.81 -45.19
CA GLN C 195 2.77 11.13 -45.50
C GLN C 195 2.62 9.93 -44.53
N ASP C 196 3.62 9.75 -43.66
CA ASP C 196 3.65 8.68 -42.64
C ASP C 196 4.92 8.80 -41.83
N ALA C 197 4.82 9.44 -40.67
CA ALA C 197 5.98 9.64 -39.81
C ALA C 197 6.50 8.39 -39.15
N LYS C 198 5.90 7.24 -39.44
CA LYS C 198 6.32 5.98 -38.83
C LYS C 198 6.68 4.90 -39.83
N ASN C 199 6.81 5.29 -41.10
CA ASN C 199 7.15 4.36 -42.16
C ASN C 199 8.50 3.72 -41.83
N TYR C 200 8.48 2.43 -41.50
CA TYR C 200 9.70 1.71 -41.13
C TYR C 200 10.76 1.76 -42.24
N HIS C 201 10.32 1.62 -43.48
CA HIS C 201 11.21 1.64 -44.64
C HIS C 201 11.97 2.96 -44.72
N ALA C 202 11.27 4.05 -44.44
CA ALA C 202 11.86 5.39 -44.48
C ALA C 202 12.91 5.58 -43.40
N TRP C 203 12.57 5.24 -42.16
CA TRP C 203 13.51 5.38 -41.06
C TRP C 203 14.71 4.47 -41.24
N GLN C 204 14.49 3.31 -41.83
CA GLN C 204 15.59 2.40 -42.03
C GLN C 204 16.56 3.00 -43.04
N HIS C 205 16.01 3.50 -44.14
CA HIS C 205 16.83 4.10 -45.16
C HIS C 205 17.54 5.31 -44.59
N ARG C 206 16.83 6.07 -43.77
CA ARG C 206 17.43 7.27 -43.19
C ARG C 206 18.65 6.93 -42.34
N GLN C 207 18.54 5.88 -41.53
CA GLN C 207 19.64 5.50 -40.68
C GLN C 207 20.81 5.01 -41.51
N TRP C 208 20.52 4.33 -42.61
CA TRP C 208 21.60 3.84 -43.46
C TRP C 208 22.38 5.01 -44.04
N VAL C 209 21.67 5.97 -44.62
CA VAL C 209 22.32 7.13 -45.22
C VAL C 209 23.15 7.86 -44.19
N ILE C 210 22.55 8.20 -43.07
CA ILE C 210 23.25 8.91 -42.02
C ILE C 210 24.52 8.19 -41.59
N GLN C 211 24.44 6.88 -41.42
CA GLN C 211 25.60 6.11 -40.99
C GLN C 211 26.65 5.98 -42.07
N GLU C 212 26.21 5.59 -43.25
CA GLU C 212 27.10 5.38 -44.38
C GLU C 212 27.89 6.61 -44.83
N PHE C 213 27.29 7.79 -44.78
CA PHE C 213 27.97 8.99 -45.20
C PHE C 213 28.24 9.94 -44.06
N ARG C 214 28.18 9.41 -42.84
CA ARG C 214 28.42 10.17 -41.63
C ARG C 214 27.75 11.56 -41.65
N LEU C 215 26.43 11.58 -41.69
CA LEU C 215 25.66 12.81 -41.73
C LEU C 215 24.91 13.04 -40.42
N TRP C 216 25.61 13.04 -39.30
CA TRP C 216 24.96 13.23 -38.00
C TRP C 216 24.65 14.70 -37.65
N ASP C 217 25.52 15.60 -38.10
CA ASP C 217 25.41 17.03 -37.85
C ASP C 217 24.04 17.62 -37.53
N ASN C 218 23.04 17.33 -38.34
CA ASN C 218 21.73 17.91 -38.11
C ASN C 218 20.60 16.99 -37.67
N GLU C 219 20.88 15.71 -37.49
CA GLU C 219 19.81 14.81 -37.12
C GLU C 219 19.18 15.07 -35.75
N LEU C 220 19.99 15.30 -34.72
CA LEU C 220 19.43 15.55 -33.40
C LEU C 220 18.44 16.70 -33.41
N GLN C 221 18.63 17.63 -34.34
CA GLN C 221 17.76 18.77 -34.47
C GLN C 221 16.47 18.34 -35.15
N TYR C 222 16.59 17.49 -36.16
CA TYR C 222 15.44 16.99 -36.90
C TYR C 222 14.56 16.24 -35.92
N VAL C 223 15.21 15.46 -35.05
CA VAL C 223 14.52 14.68 -34.03
C VAL C 223 13.72 15.62 -33.13
N ASP C 224 14.38 16.63 -32.56
CA ASP C 224 13.73 17.58 -31.67
C ASP C 224 12.50 18.20 -32.31
N GLN C 225 12.57 18.43 -33.62
CA GLN C 225 11.48 19.03 -34.36
C GLN C 225 10.29 18.08 -34.49
N LEU C 226 10.57 16.82 -34.80
CA LEU C 226 9.52 15.83 -34.96
C LEU C 226 8.87 15.45 -33.63
N LEU C 227 9.65 15.48 -32.56
CA LEU C 227 9.10 15.15 -31.26
C LEU C 227 8.15 16.25 -30.81
N LYS C 228 8.23 17.42 -31.44
CA LYS C 228 7.34 18.52 -31.10
C LYS C 228 6.04 18.35 -31.88
N GLU C 229 6.13 17.76 -33.07
CA GLU C 229 4.95 17.55 -33.90
C GLU C 229 4.12 16.39 -33.36
N ASP C 230 4.79 15.48 -32.64
CA ASP C 230 4.12 14.31 -32.10
C ASP C 230 5.05 13.58 -31.14
N VAL C 231 4.99 13.96 -29.86
CA VAL C 231 5.83 13.37 -28.84
C VAL C 231 5.59 11.88 -28.64
N ARG C 232 4.54 11.34 -29.27
CA ARG C 232 4.23 9.93 -29.13
C ARG C 232 4.80 9.05 -30.23
N ASN C 233 5.50 9.65 -31.18
CA ASN C 233 6.07 8.88 -32.28
C ASN C 233 7.28 8.08 -31.80
N ASN C 234 7.07 6.79 -31.58
CA ASN C 234 8.12 5.92 -31.11
C ASN C 234 9.35 5.87 -32.02
N SER C 235 9.13 6.02 -33.32
CA SER C 235 10.20 5.99 -34.31
C SER C 235 11.20 7.11 -34.08
N VAL C 236 10.69 8.29 -33.72
CA VAL C 236 11.53 9.45 -33.48
C VAL C 236 12.36 9.28 -32.21
N TRP C 237 11.76 8.71 -31.17
CA TRP C 237 12.50 8.48 -29.95
C TRP C 237 13.65 7.51 -30.22
N ASN C 238 13.41 6.56 -31.12
CA ASN C 238 14.45 5.60 -31.46
C ASN C 238 15.52 6.34 -32.23
N GLN C 239 15.11 7.22 -33.14
CA GLN C 239 16.07 7.98 -33.93
C GLN C 239 16.93 8.83 -33.02
N ARG C 240 16.32 9.35 -31.95
CA ARG C 240 17.08 10.18 -31.02
C ARG C 240 18.20 9.35 -30.41
N HIS C 241 17.87 8.17 -29.91
CA HIS C 241 18.88 7.32 -29.30
C HIS C 241 19.95 6.93 -30.33
N PHE C 242 19.50 6.70 -31.56
CA PHE C 242 20.39 6.35 -32.66
C PHE C 242 21.47 7.41 -32.82
N VAL C 243 21.04 8.66 -32.95
CA VAL C 243 21.96 9.77 -33.11
C VAL C 243 22.92 9.92 -31.94
N ILE C 244 22.38 10.08 -30.75
CA ILE C 244 23.22 10.26 -29.59
C ILE C 244 24.23 9.15 -29.36
N SER C 245 23.79 7.90 -29.34
CA SER C 245 24.73 6.81 -29.09
C SER C 245 25.76 6.63 -30.19
N ASN C 246 25.54 7.25 -31.34
CA ASN C 246 26.49 7.14 -32.45
C ASN C 246 27.35 8.40 -32.58
N THR C 247 27.25 9.29 -31.59
CA THR C 247 28.05 10.50 -31.62
C THR C 247 28.69 10.70 -30.23
N THR C 248 28.06 11.50 -29.40
CA THR C 248 28.60 11.75 -28.08
C THR C 248 28.54 10.54 -27.17
N GLY C 249 27.52 9.70 -27.34
CA GLY C 249 27.38 8.54 -26.47
C GLY C 249 26.70 9.01 -25.19
N TYR C 250 26.42 8.11 -24.26
CA TYR C 250 25.76 8.54 -23.02
C TYR C 250 26.67 8.50 -21.81
N SER C 251 27.96 8.26 -22.03
CA SER C 251 28.91 8.22 -20.93
C SER C 251 29.21 9.61 -20.39
N ASP C 252 29.12 10.61 -21.25
CA ASP C 252 29.37 11.98 -20.81
C ASP C 252 28.23 12.37 -19.87
N ARG C 253 28.49 12.33 -18.56
CA ARG C 253 27.46 12.66 -17.58
C ARG C 253 26.72 13.96 -17.91
N ALA C 254 27.37 14.82 -18.68
CA ALA C 254 26.76 16.08 -19.08
C ALA C 254 25.62 15.77 -20.03
N VAL C 255 25.87 14.85 -20.96
CA VAL C 255 24.87 14.46 -21.94
C VAL C 255 23.75 13.64 -21.29
N LEU C 256 24.14 12.63 -20.50
CA LEU C 256 23.16 11.79 -19.82
C LEU C 256 22.17 12.67 -19.08
N GLU C 257 22.69 13.65 -18.35
CA GLU C 257 21.87 14.59 -17.61
C GLU C 257 20.95 15.36 -18.54
N ARG C 258 21.52 15.93 -19.60
CA ARG C 258 20.71 16.69 -20.55
C ARG C 258 19.55 15.87 -21.05
N GLU C 259 19.83 14.61 -21.38
CA GLU C 259 18.81 13.70 -21.90
C GLU C 259 17.77 13.28 -20.87
N VAL C 260 18.21 12.92 -19.67
CA VAL C 260 17.25 12.54 -18.64
C VAL C 260 16.32 13.72 -18.41
N GLN C 261 16.88 14.92 -18.41
CA GLN C 261 16.11 16.14 -18.17
C GLN C 261 15.14 16.39 -19.31
N TYR C 262 15.62 16.23 -20.54
CA TYR C 262 14.82 16.45 -21.72
C TYR C 262 13.60 15.54 -21.72
N THR C 263 13.83 14.28 -21.35
CA THR C 263 12.77 13.29 -21.31
C THR C 263 11.75 13.59 -20.23
N LEU C 264 12.22 13.91 -19.02
CA LEU C 264 11.31 14.22 -17.93
C LEU C 264 10.40 15.39 -18.33
N GLU C 265 10.93 16.32 -19.11
CA GLU C 265 10.14 17.46 -19.57
C GLU C 265 9.03 17.00 -20.50
N MET C 266 9.36 16.08 -21.39
CA MET C 266 8.41 15.55 -22.35
C MET C 266 7.37 14.71 -21.61
N ILE C 267 7.82 13.99 -20.59
CA ILE C 267 6.93 13.16 -19.80
C ILE C 267 5.91 14.06 -19.12
N LYS C 268 6.36 15.18 -18.58
CA LYS C 268 5.45 16.10 -17.91
C LYS C 268 4.40 16.67 -18.87
N LEU C 269 4.75 16.80 -20.15
CA LEU C 269 3.80 17.34 -21.13
C LEU C 269 2.74 16.32 -21.49
N VAL C 270 3.15 15.05 -21.59
CA VAL C 270 2.23 13.96 -21.92
C VAL C 270 2.70 12.78 -21.12
N PRO C 271 2.30 12.70 -19.83
CA PRO C 271 2.66 11.64 -18.89
C PRO C 271 2.38 10.20 -19.34
N HIS C 272 1.36 10.02 -20.16
CA HIS C 272 1.01 8.69 -20.65
C HIS C 272 1.62 8.50 -22.04
N ASN C 273 2.90 8.17 -22.07
CA ASN C 273 3.65 7.99 -23.32
C ASN C 273 4.72 6.93 -23.11
N GLU C 274 4.40 5.70 -23.52
CA GLU C 274 5.33 4.58 -23.36
C GLU C 274 6.70 4.89 -23.95
N SER C 275 6.71 5.53 -25.11
CA SER C 275 7.95 5.87 -25.79
C SER C 275 8.91 6.66 -24.91
N ALA C 276 8.42 7.78 -24.37
CA ALA C 276 9.24 8.62 -23.51
C ALA C 276 9.77 7.83 -22.33
N TRP C 277 8.90 7.06 -21.69
CA TRP C 277 9.34 6.28 -20.54
C TRP C 277 10.36 5.21 -20.89
N ASN C 278 10.18 4.57 -22.04
CA ASN C 278 11.10 3.52 -22.48
C ASN C 278 12.48 4.08 -22.76
N TYR C 279 12.54 5.30 -23.29
CA TYR C 279 13.80 5.98 -23.58
C TYR C 279 14.49 6.28 -22.26
N LEU C 280 13.76 6.87 -21.33
CA LEU C 280 14.30 7.19 -20.01
C LEU C 280 14.89 5.94 -19.37
N LYS C 281 14.09 4.88 -19.25
CA LYS C 281 14.59 3.66 -18.64
C LYS C 281 15.73 3.09 -19.49
N GLY C 282 15.59 3.20 -20.80
CA GLY C 282 16.58 2.67 -21.70
C GLY C 282 17.98 3.17 -21.44
N ILE C 283 18.14 4.50 -21.41
CA ILE C 283 19.45 5.10 -21.20
C ILE C 283 19.99 5.02 -19.78
N LEU C 284 19.20 4.48 -18.87
CA LEU C 284 19.66 4.37 -17.48
C LEU C 284 19.71 2.95 -16.94
N GLN C 285 18.88 2.06 -17.51
CA GLN C 285 18.82 0.69 -17.04
C GLN C 285 20.14 -0.06 -16.93
N ASP C 286 21.08 0.22 -17.83
CA ASP C 286 22.34 -0.49 -17.76
C ASP C 286 23.37 0.04 -16.80
N ARG C 287 23.27 1.31 -16.44
CA ARG C 287 24.21 1.85 -15.48
C ARG C 287 23.68 1.52 -14.09
N GLY C 288 22.39 1.16 -14.01
CA GLY C 288 21.80 0.81 -12.72
C GLY C 288 20.79 1.84 -12.23
N LEU C 289 19.50 1.56 -12.42
CA LEU C 289 18.46 2.49 -12.00
C LEU C 289 18.54 2.93 -10.55
N SER C 290 18.97 2.04 -9.66
CA SER C 290 19.06 2.39 -8.25
C SER C 290 20.21 3.36 -7.92
N ARG C 291 21.15 3.53 -8.83
CA ARG C 291 22.28 4.43 -8.59
C ARG C 291 21.95 5.93 -8.76
N TYR C 292 20.66 6.25 -8.94
CA TYR C 292 20.25 7.64 -9.13
C TYR C 292 19.19 8.06 -8.11
N PRO C 293 19.61 8.24 -6.84
CA PRO C 293 18.73 8.63 -5.73
C PRO C 293 17.78 9.79 -6.00
N ASN C 294 18.26 10.82 -6.71
CA ASN C 294 17.41 11.95 -7.00
C ASN C 294 16.29 11.59 -7.97
N LEU C 295 16.57 10.66 -8.88
CA LEU C 295 15.56 10.26 -9.84
C LEU C 295 14.39 9.62 -9.12
N LEU C 296 14.68 8.72 -8.19
CA LEU C 296 13.63 8.05 -7.44
C LEU C 296 12.70 9.05 -6.77
N ASN C 297 13.29 10.07 -6.15
CA ASN C 297 12.51 11.09 -5.46
C ASN C 297 11.68 11.93 -6.41
N GLN C 298 12.31 12.41 -7.47
CA GLN C 298 11.62 13.25 -8.42
C GLN C 298 10.42 12.53 -9.04
N LEU C 299 10.49 11.21 -9.14
CA LEU C 299 9.39 10.45 -9.69
C LEU C 299 8.33 10.27 -8.61
N LEU C 300 8.75 9.88 -7.42
CA LEU C 300 7.81 9.71 -6.31
C LEU C 300 6.95 10.97 -6.15
N ASP C 301 7.53 12.12 -6.49
CA ASP C 301 6.85 13.41 -6.40
C ASP C 301 5.88 13.61 -7.55
N LEU C 302 6.26 13.15 -8.73
CA LEU C 302 5.40 13.28 -9.90
C LEU C 302 4.14 12.44 -9.72
N GLN C 303 4.30 11.32 -9.01
CA GLN C 303 3.20 10.38 -8.78
C GLN C 303 1.83 11.02 -8.59
N PRO C 304 1.70 11.91 -7.58
CA PRO C 304 0.41 12.58 -7.32
C PRO C 304 -0.30 13.14 -8.55
N SER C 305 0.40 13.95 -9.34
CA SER C 305 -0.18 14.57 -10.53
C SER C 305 0.02 13.88 -11.87
N HIS C 306 1.25 13.49 -12.17
CA HIS C 306 1.56 12.85 -13.46
C HIS C 306 1.64 11.32 -13.43
N SER C 307 0.86 10.68 -12.57
CA SER C 307 0.88 9.22 -12.47
C SER C 307 0.37 8.54 -13.75
N SER C 308 0.87 7.33 -13.99
CA SER C 308 0.51 6.52 -15.14
C SER C 308 1.08 5.14 -14.88
N PRO C 309 0.64 4.13 -15.65
CA PRO C 309 1.17 2.80 -15.40
C PRO C 309 2.70 2.76 -15.61
N TYR C 310 3.15 3.53 -16.59
CA TYR C 310 4.57 3.59 -16.94
C TYR C 310 5.45 4.07 -15.81
N LEU C 311 4.93 5.04 -15.05
CA LEU C 311 5.65 5.59 -13.91
C LEU C 311 5.73 4.53 -12.82
N ILE C 312 4.59 3.95 -12.46
CA ILE C 312 4.56 2.92 -11.41
C ILE C 312 5.50 1.77 -11.73
N ALA C 313 5.54 1.40 -13.01
CA ALA C 313 6.41 0.32 -13.47
C ALA C 313 7.87 0.70 -13.26
N PHE C 314 8.21 1.93 -13.65
CA PHE C 314 9.56 2.44 -13.51
C PHE C 314 10.02 2.32 -12.06
N LEU C 315 9.13 2.71 -11.13
CA LEU C 315 9.43 2.62 -9.71
C LEU C 315 9.70 1.16 -9.32
N VAL C 316 8.82 0.25 -9.75
CA VAL C 316 9.00 -1.16 -9.45
C VAL C 316 10.39 -1.59 -9.92
N ASP C 317 10.77 -1.12 -11.09
CA ASP C 317 12.07 -1.46 -11.64
C ASP C 317 13.20 -0.89 -10.81
N ILE C 318 13.01 0.31 -10.28
CA ILE C 318 14.05 0.92 -9.45
C ILE C 318 14.22 0.07 -8.20
N TYR C 319 13.10 -0.27 -7.56
CA TYR C 319 13.15 -1.08 -6.35
C TYR C 319 13.80 -2.42 -6.63
N GLU C 320 13.49 -3.01 -7.79
CA GLU C 320 14.08 -4.30 -8.09
C GLU C 320 15.58 -4.21 -8.25
N ASP C 321 16.06 -3.10 -8.81
CA ASP C 321 17.50 -2.93 -8.98
C ASP C 321 18.13 -2.84 -7.60
N MET C 322 17.43 -2.19 -6.68
CA MET C 322 17.91 -2.07 -5.32
C MET C 322 18.08 -3.47 -4.73
N LEU C 323 17.01 -4.25 -4.75
CA LEU C 323 17.03 -5.61 -4.21
C LEU C 323 18.18 -6.40 -4.84
N GLU C 324 18.47 -6.13 -6.11
CA GLU C 324 19.53 -6.80 -6.84
C GLU C 324 20.90 -6.45 -6.28
N ASN C 325 21.04 -5.23 -5.79
CA ASN C 325 22.29 -4.75 -5.22
C ASN C 325 22.23 -4.69 -3.69
N GLN C 326 21.88 -5.81 -3.07
CA GLN C 326 21.76 -5.96 -1.61
C GLN C 326 21.69 -4.64 -0.84
N CYS C 327 20.60 -3.90 -1.03
CA CYS C 327 20.41 -2.62 -0.36
C CYS C 327 20.05 -2.75 1.12
N ASP C 328 19.82 -1.60 1.76
CA ASP C 328 19.44 -1.54 3.16
C ASP C 328 17.91 -1.61 3.22
N ASN C 329 17.38 -2.44 4.12
CA ASN C 329 15.93 -2.61 4.26
C ASN C 329 15.42 -3.56 3.18
N LYS C 330 16.22 -4.57 2.84
CA LYS C 330 15.84 -5.52 1.82
C LYS C 330 14.36 -5.84 1.90
N GLU C 331 13.91 -6.28 3.07
CA GLU C 331 12.50 -6.63 3.27
C GLU C 331 11.56 -5.44 3.10
N ASP C 332 11.99 -4.26 3.51
CA ASP C 332 11.13 -3.09 3.39
C ASP C 332 10.96 -2.66 1.94
N ILE C 333 12.02 -2.79 1.16
CA ILE C 333 11.98 -2.42 -0.25
C ILE C 333 11.06 -3.36 -1.04
N LEU C 334 11.24 -4.66 -0.83
CA LEU C 334 10.43 -5.66 -1.49
C LEU C 334 8.94 -5.37 -1.36
N ASN C 335 8.52 -4.90 -0.19
CA ASN C 335 7.11 -4.60 0.02
C ASN C 335 6.63 -3.38 -0.76
N LYS C 336 7.52 -2.42 -0.94
CA LYS C 336 7.15 -1.23 -1.69
C LYS C 336 6.93 -1.66 -3.13
N ALA C 337 7.79 -2.59 -3.57
CA ALA C 337 7.72 -3.13 -4.92
C ALA C 337 6.40 -3.85 -5.08
N LEU C 338 6.20 -4.89 -4.26
CA LEU C 338 4.97 -5.69 -4.28
C LEU C 338 3.76 -4.78 -4.21
N GLU C 339 3.80 -3.84 -3.28
CA GLU C 339 2.71 -2.88 -3.10
C GLU C 339 2.34 -2.25 -4.44
N LEU C 340 3.36 -1.88 -5.21
CA LEU C 340 3.16 -1.26 -6.51
C LEU C 340 2.64 -2.24 -7.55
N CYS C 341 3.23 -3.44 -7.60
CA CYS C 341 2.79 -4.45 -8.55
C CYS C 341 1.28 -4.65 -8.43
N GLU C 342 0.81 -4.82 -7.20
CA GLU C 342 -0.62 -5.02 -6.95
C GLU C 342 -1.44 -3.78 -7.37
N ILE C 343 -0.85 -2.60 -7.25
CA ILE C 343 -1.56 -1.38 -7.64
C ILE C 343 -1.75 -1.41 -9.15
N LEU C 344 -0.72 -1.90 -9.84
CA LEU C 344 -0.73 -2.03 -11.28
C LEU C 344 -1.80 -3.04 -11.68
N ALA C 345 -1.69 -4.24 -11.13
CA ALA C 345 -2.63 -5.34 -11.40
C ALA C 345 -4.08 -4.97 -11.07
N LYS C 346 -4.30 -4.48 -9.85
CA LYS C 346 -5.64 -4.13 -9.38
C LYS C 346 -6.30 -2.87 -9.95
N GLU C 347 -5.53 -1.85 -10.31
CA GLU C 347 -6.15 -0.64 -10.84
C GLU C 347 -5.48 0.19 -11.93
N LYS C 348 -4.16 0.28 -11.94
CA LYS C 348 -3.46 1.09 -12.95
C LYS C 348 -3.21 0.47 -14.33
N ASP C 349 -2.89 -0.82 -14.37
CA ASP C 349 -2.62 -1.52 -15.63
C ASP C 349 -3.30 -2.89 -15.56
N THR C 350 -4.61 -2.88 -15.36
CA THR C 350 -5.40 -4.10 -15.22
C THR C 350 -5.33 -5.18 -16.32
N ILE C 351 -5.17 -4.76 -17.58
CA ILE C 351 -5.11 -5.72 -18.68
C ILE C 351 -3.94 -6.67 -18.52
N ARG C 352 -2.94 -6.25 -17.75
CA ARG C 352 -1.76 -7.08 -17.53
C ARG C 352 -1.75 -7.60 -16.09
N LYS C 353 -2.92 -7.56 -15.45
CA LYS C 353 -3.04 -7.99 -14.07
C LYS C 353 -2.33 -9.30 -13.76
N GLU C 354 -2.56 -10.33 -14.55
CA GLU C 354 -1.91 -11.61 -14.29
C GLU C 354 -0.40 -11.48 -14.44
N TYR C 355 0.04 -10.61 -15.35
CA TYR C 355 1.46 -10.41 -15.57
C TYR C 355 2.10 -9.81 -14.33
N TRP C 356 1.53 -8.71 -13.88
CA TRP C 356 2.03 -8.01 -12.71
C TRP C 356 2.04 -8.91 -11.46
N ARG C 357 0.96 -9.66 -11.24
CA ARG C 357 0.88 -10.56 -10.10
C ARG C 357 2.00 -11.58 -10.23
N TYR C 358 2.32 -11.94 -11.47
CA TYR C 358 3.39 -12.88 -11.79
C TYR C 358 4.73 -12.25 -11.44
N ILE C 359 4.87 -10.96 -11.74
CA ILE C 359 6.09 -10.24 -11.46
C ILE C 359 6.27 -10.18 -9.96
N GLY C 360 5.18 -9.85 -9.26
CA GLY C 360 5.21 -9.78 -7.82
C GLY C 360 5.74 -11.08 -7.24
N ARG C 361 5.08 -12.19 -7.57
CA ARG C 361 5.51 -13.49 -7.08
C ARG C 361 6.98 -13.74 -7.34
N SER C 362 7.43 -13.33 -8.52
CA SER C 362 8.82 -13.52 -8.92
C SER C 362 9.76 -12.80 -7.96
N LEU C 363 9.41 -11.57 -7.62
CA LEU C 363 10.21 -10.77 -6.71
C LEU C 363 10.18 -11.41 -5.33
N GLN C 364 8.97 -11.76 -4.91
CA GLN C 364 8.72 -12.41 -3.62
C GLN C 364 9.63 -13.61 -3.39
N SER C 365 9.62 -14.55 -4.32
CA SER C 365 10.40 -15.76 -4.20
C SER C 365 11.88 -15.57 -4.50
N LYS C 366 12.31 -14.35 -4.76
CA LYS C 366 13.72 -14.14 -5.04
C LYS C 366 14.40 -13.28 -3.98
N HIS C 367 13.59 -12.57 -3.19
CA HIS C 367 14.14 -11.71 -2.14
C HIS C 367 13.44 -11.83 -0.79
N SER C 368 13.43 -13.04 -0.22
CA SER C 368 12.79 -13.28 1.07
C SER C 368 13.59 -14.26 1.92
N LEU D 18 -18.47 -12.20 -30.74
CA LEU D 18 -19.16 -12.98 -31.82
C LEU D 18 -18.58 -14.40 -31.89
N ASP D 19 -19.07 -15.19 -32.86
CA ASP D 19 -18.64 -16.58 -33.06
C ASP D 19 -17.63 -16.79 -34.19
N PHE D 20 -16.90 -17.89 -34.13
CA PHE D 20 -15.90 -18.18 -35.14
C PHE D 20 -16.50 -19.01 -36.28
N LEU D 21 -16.82 -18.34 -37.39
CA LEU D 21 -17.42 -18.97 -38.57
C LEU D 21 -16.43 -19.90 -39.31
N ARG D 22 -16.00 -20.97 -38.66
CA ARG D 22 -15.03 -21.90 -39.23
C ARG D 22 -15.24 -22.32 -40.69
N ASP D 23 -16.44 -22.78 -41.02
CA ASP D 23 -16.71 -23.21 -42.40
C ASP D 23 -16.48 -22.09 -43.39
N ARG D 24 -16.94 -20.91 -43.05
CA ARG D 24 -16.79 -19.76 -43.90
C ARG D 24 -15.30 -19.55 -44.23
N HIS D 25 -14.43 -19.78 -43.25
CA HIS D 25 -13.00 -19.61 -43.45
C HIS D 25 -12.41 -20.73 -44.28
N VAL D 26 -12.97 -21.93 -44.18
CA VAL D 26 -12.44 -23.03 -44.96
C VAL D 26 -12.69 -22.70 -46.42
N ARG D 27 -13.87 -22.11 -46.70
CA ARG D 27 -14.22 -21.73 -48.06
C ARG D 27 -13.25 -20.67 -48.56
N PHE D 28 -12.98 -19.69 -47.69
CA PHE D 28 -12.07 -18.60 -48.03
C PHE D 28 -10.70 -19.13 -48.43
N PHE D 29 -10.12 -20.02 -47.65
CA PHE D 29 -8.81 -20.56 -48.01
C PHE D 29 -8.86 -21.34 -49.31
N GLN D 30 -9.98 -22.03 -49.53
CA GLN D 30 -10.18 -22.82 -50.74
C GLN D 30 -10.17 -21.96 -51.99
N ARG D 31 -10.83 -20.81 -51.92
CA ARG D 31 -10.88 -19.89 -53.04
C ARG D 31 -9.49 -19.33 -53.33
N CYS D 32 -8.71 -19.08 -52.29
CA CYS D 32 -7.35 -18.56 -52.45
C CYS D 32 -6.45 -19.50 -53.24
N LEU D 33 -6.64 -20.81 -53.07
CA LEU D 33 -5.81 -21.77 -53.79
C LEU D 33 -6.26 -21.89 -55.23
N GLN D 34 -7.39 -21.29 -55.55
CA GLN D 34 -7.92 -21.37 -56.90
C GLN D 34 -7.51 -20.26 -57.86
N VAL D 35 -8.25 -19.15 -57.82
CA VAL D 35 -7.94 -18.05 -58.72
C VAL D 35 -8.13 -16.72 -58.02
N LEU D 36 -7.21 -15.79 -58.27
CA LEU D 36 -7.28 -14.46 -57.66
C LEU D 36 -7.47 -13.41 -58.74
N PRO D 37 -8.05 -12.25 -58.38
CA PRO D 37 -8.30 -11.14 -59.33
C PRO D 37 -6.98 -10.46 -59.70
N GLU D 38 -6.91 -9.92 -60.93
CA GLU D 38 -5.68 -9.28 -61.37
C GLU D 38 -5.21 -8.24 -60.36
N ARG D 39 -6.09 -7.85 -59.44
CA ARG D 39 -5.71 -6.86 -58.45
C ARG D 39 -4.69 -7.38 -57.45
N TYR D 40 -4.35 -8.67 -57.53
CA TYR D 40 -3.35 -9.24 -56.63
C TYR D 40 -2.10 -9.60 -57.41
N SER D 41 -1.93 -8.92 -58.55
CA SER D 41 -0.78 -9.12 -59.43
C SER D 41 0.54 -8.85 -58.72
N SER D 42 0.49 -8.02 -57.69
CA SER D 42 1.68 -7.67 -56.92
C SER D 42 2.18 -8.79 -56.02
N LEU D 43 1.47 -9.93 -56.01
CA LEU D 43 1.86 -11.06 -55.18
C LEU D 43 2.39 -12.19 -56.03
N GLU D 44 2.46 -11.97 -57.33
CA GLU D 44 2.93 -12.99 -58.26
C GLU D 44 4.22 -13.67 -57.82
N THR D 45 5.25 -12.89 -57.51
CA THR D 45 6.53 -13.49 -57.10
C THR D 45 6.49 -14.03 -55.68
N SER D 46 5.31 -14.02 -55.07
CA SER D 46 5.15 -14.51 -53.70
C SER D 46 3.93 -15.43 -53.59
N ARG D 47 3.51 -16.00 -54.72
CA ARG D 47 2.35 -16.86 -54.72
C ARG D 47 2.52 -18.09 -53.84
N LEU D 48 3.74 -18.60 -53.72
CA LEU D 48 3.96 -19.78 -52.89
C LEU D 48 3.62 -19.50 -51.42
N THR D 49 3.86 -18.27 -50.96
CA THR D 49 3.56 -17.94 -49.56
C THR D 49 2.06 -17.75 -49.37
N ILE D 50 1.35 -17.43 -50.45
CA ILE D 50 -0.11 -17.26 -50.36
C ILE D 50 -0.66 -18.67 -50.26
N ALA D 51 -0.03 -19.59 -50.97
CA ALA D 51 -0.41 -20.99 -50.94
C ALA D 51 -0.24 -21.48 -49.51
N PHE D 52 0.86 -21.06 -48.89
CA PHE D 52 1.17 -21.43 -47.51
C PHE D 52 0.12 -20.93 -46.52
N PHE D 53 -0.30 -19.68 -46.65
CA PHE D 53 -1.31 -19.14 -45.75
C PHE D 53 -2.58 -19.97 -45.91
N ALA D 54 -2.92 -20.29 -47.16
CA ALA D 54 -4.13 -21.05 -47.46
C ALA D 54 -4.05 -22.51 -47.02
N LEU D 55 -2.95 -23.17 -47.34
CA LEU D 55 -2.78 -24.56 -46.96
C LEU D 55 -2.63 -24.72 -45.44
N SER D 56 -1.65 -24.03 -44.86
CA SER D 56 -1.43 -24.10 -43.42
C SER D 56 -2.68 -23.63 -42.70
N GLY D 57 -3.42 -22.73 -43.32
CA GLY D 57 -4.65 -22.23 -42.72
C GLY D 57 -5.70 -23.32 -42.70
N LEU D 58 -5.75 -24.13 -43.76
CA LEU D 58 -6.73 -25.21 -43.84
C LEU D 58 -6.29 -26.32 -42.91
N ASP D 59 -4.98 -26.50 -42.77
CA ASP D 59 -4.43 -27.53 -41.89
C ASP D 59 -4.87 -27.18 -40.46
N MET D 60 -4.73 -25.90 -40.13
CA MET D 60 -5.09 -25.38 -38.82
C MET D 60 -6.58 -25.57 -38.54
N LEU D 61 -7.41 -25.57 -39.58
CA LEU D 61 -8.84 -25.76 -39.41
C LEU D 61 -9.19 -27.23 -39.62
N ASP D 62 -8.16 -28.04 -39.87
CA ASP D 62 -8.31 -29.47 -40.11
C ASP D 62 -9.28 -29.73 -41.28
N SER D 63 -8.91 -29.24 -42.47
CA SER D 63 -9.72 -29.39 -43.67
C SER D 63 -8.84 -29.58 -44.92
N LEU D 64 -7.65 -30.14 -44.74
CA LEU D 64 -6.78 -30.36 -45.87
C LEU D 64 -7.40 -31.28 -46.91
N ASP D 65 -8.40 -32.06 -46.51
CA ASP D 65 -9.02 -32.98 -47.45
C ASP D 65 -9.76 -32.27 -48.58
N VAL D 66 -10.15 -31.00 -48.39
CA VAL D 66 -10.87 -30.28 -49.43
C VAL D 66 -9.98 -29.82 -50.59
N VAL D 67 -8.76 -30.36 -50.66
CA VAL D 67 -7.82 -30.02 -51.73
C VAL D 67 -7.04 -31.26 -52.19
N ASN D 68 -6.66 -31.32 -53.46
CA ASN D 68 -5.91 -32.46 -53.97
C ASN D 68 -4.44 -32.32 -53.60
N LYS D 69 -4.08 -32.87 -52.45
CA LYS D 69 -2.70 -32.80 -51.99
C LYS D 69 -1.69 -33.12 -53.09
N ASP D 70 -2.04 -34.06 -53.96
CA ASP D 70 -1.14 -34.48 -55.02
C ASP D 70 -0.85 -33.42 -56.09
N ASP D 71 -1.91 -32.78 -56.58
CA ASP D 71 -1.76 -31.74 -57.60
C ASP D 71 -0.90 -30.62 -57.05
N ILE D 72 -1.22 -30.18 -55.83
CA ILE D 72 -0.47 -29.10 -55.21
C ILE D 72 0.99 -29.48 -54.96
N ILE D 73 1.24 -30.70 -54.53
CA ILE D 73 2.61 -31.12 -54.29
C ILE D 73 3.44 -31.06 -55.57
N GLU D 74 2.81 -31.33 -56.71
CA GLU D 74 3.52 -31.29 -57.99
C GLU D 74 3.82 -29.85 -58.38
N TRP D 75 2.84 -28.98 -58.15
CA TRP D 75 2.98 -27.57 -58.45
C TRP D 75 4.15 -27.02 -57.64
N ILE D 76 4.17 -27.34 -56.35
CA ILE D 76 5.23 -26.88 -55.47
C ILE D 76 6.59 -27.34 -55.98
N TYR D 77 6.70 -28.62 -56.27
CA TYR D 77 7.96 -29.15 -56.75
C TYR D 77 8.41 -28.55 -58.08
N SER D 78 7.45 -28.01 -58.85
CA SER D 78 7.78 -27.38 -60.13
C SER D 78 8.43 -26.04 -59.86
N LEU D 79 8.35 -25.60 -58.61
CA LEU D 79 8.93 -24.33 -58.23
C LEU D 79 10.37 -24.46 -57.69
N GLN D 80 10.86 -25.68 -57.57
CA GLN D 80 12.22 -25.85 -57.05
C GLN D 80 13.30 -25.59 -58.09
N VAL D 81 14.29 -24.80 -57.70
CA VAL D 81 15.41 -24.51 -58.57
C VAL D 81 16.44 -25.59 -58.28
N LEU D 82 16.48 -26.59 -59.17
CA LEU D 82 17.42 -27.71 -59.03
C LEU D 82 18.76 -27.40 -59.67
N PRO D 83 19.83 -28.08 -59.21
CA PRO D 83 21.13 -27.82 -59.81
C PRO D 83 21.17 -28.34 -61.23
N THR D 84 21.88 -27.63 -62.10
CA THR D 84 22.00 -28.03 -63.50
C THR D 84 22.98 -29.20 -63.60
N GLU D 85 23.16 -29.71 -64.82
CA GLU D 85 24.06 -30.83 -65.07
C GLU D 85 25.43 -30.57 -64.43
N ASP D 86 26.07 -29.49 -64.87
CA ASP D 86 27.39 -29.13 -64.35
C ASP D 86 27.37 -28.66 -62.90
N ARG D 87 26.18 -28.50 -62.34
CA ARG D 87 26.04 -28.07 -60.93
C ARG D 87 26.77 -26.75 -60.65
N SER D 88 26.76 -25.86 -61.64
CA SER D 88 27.43 -24.58 -61.52
C SER D 88 26.52 -23.52 -60.89
N ASN D 89 25.26 -23.91 -60.62
CA ASN D 89 24.30 -23.00 -60.04
C ASN D 89 23.88 -23.40 -58.62
N LEU D 90 24.77 -24.06 -57.88
CA LEU D 90 24.42 -24.48 -56.53
C LEU D 90 24.08 -23.31 -55.63
N ASP D 91 24.85 -22.23 -55.74
CA ASP D 91 24.62 -21.05 -54.92
C ASP D 91 23.29 -20.37 -55.18
N ARG D 92 22.50 -20.92 -56.11
CA ARG D 92 21.22 -20.32 -56.45
C ARG D 92 20.02 -21.24 -56.28
N CYS D 93 20.25 -22.41 -55.69
CA CYS D 93 19.14 -23.34 -55.52
C CYS D 93 18.23 -23.06 -54.33
N GLY D 94 16.99 -23.52 -54.47
CA GLY D 94 15.99 -23.31 -53.44
C GLY D 94 14.66 -23.33 -54.16
N PHE D 95 13.72 -22.46 -53.79
CA PHE D 95 12.43 -22.43 -54.47
C PHE D 95 12.07 -21.05 -55.01
N ARG D 96 11.19 -21.03 -56.02
CA ARG D 96 10.72 -19.79 -56.64
C ARG D 96 9.38 -19.48 -56.03
N GLY D 97 8.96 -18.22 -56.15
CA GLY D 97 7.67 -17.85 -55.60
C GLY D 97 6.55 -18.31 -56.51
N SER D 98 6.86 -18.37 -57.80
CA SER D 98 5.90 -18.77 -58.81
C SER D 98 6.66 -19.06 -60.09
N SER D 99 5.92 -19.23 -61.19
CA SER D 99 6.50 -19.53 -62.49
C SER D 99 6.67 -18.30 -63.38
N TYR D 100 6.62 -17.11 -62.79
CA TYR D 100 6.72 -15.87 -63.55
C TYR D 100 7.91 -15.73 -64.53
N LEU D 101 8.96 -16.53 -64.38
CA LEU D 101 10.11 -16.42 -65.28
C LEU D 101 9.87 -17.13 -66.61
N GLY D 102 8.87 -18.00 -66.64
CA GLY D 102 8.57 -18.70 -67.87
C GLY D 102 9.36 -19.99 -68.08
N ILE D 103 9.79 -20.62 -67.00
CA ILE D 103 10.54 -21.87 -67.15
C ILE D 103 9.54 -23.00 -67.34
N PRO D 104 9.82 -23.91 -68.29
CA PRO D 104 8.94 -25.04 -68.58
C PRO D 104 8.61 -25.91 -67.35
N PHE D 105 7.32 -26.07 -67.07
CA PHE D 105 6.84 -26.86 -65.93
C PHE D 105 7.56 -28.19 -65.75
N ASN D 106 8.22 -28.36 -64.62
CA ASN D 106 8.93 -29.59 -64.32
C ASN D 106 8.93 -29.89 -62.82
N PRO D 107 8.03 -30.77 -62.37
CA PRO D 107 7.92 -31.14 -60.96
C PRO D 107 9.13 -31.87 -60.39
N SER D 108 10.27 -31.18 -60.39
CA SER D 108 11.52 -31.72 -59.88
C SER D 108 11.74 -33.14 -60.40
N LYS D 109 11.40 -33.35 -61.67
CA LYS D 109 11.55 -34.65 -62.31
C LYS D 109 12.88 -34.73 -63.08
N ASN D 110 13.15 -33.72 -63.89
CA ASN D 110 14.38 -33.70 -64.69
C ASN D 110 15.39 -32.73 -64.09
N PRO D 111 16.63 -32.71 -64.61
CA PRO D 111 17.67 -31.81 -64.09
C PRO D 111 17.34 -30.35 -64.36
N GLY D 112 18.06 -29.46 -63.69
CA GLY D 112 17.82 -28.03 -63.84
C GLY D 112 18.21 -27.42 -65.16
N THR D 113 17.27 -26.69 -65.77
CA THR D 113 17.50 -26.03 -67.04
C THR D 113 18.08 -24.63 -66.79
N ALA D 114 19.33 -24.42 -67.21
CA ALA D 114 20.02 -23.14 -67.03
C ALA D 114 19.17 -21.93 -67.45
N HIS D 115 19.37 -20.82 -66.74
CA HIS D 115 18.66 -19.58 -67.02
C HIS D 115 19.42 -18.51 -66.26
N PRO D 116 19.90 -17.47 -66.98
CA PRO D 116 20.66 -16.38 -66.39
C PRO D 116 20.09 -15.69 -65.15
N TYR D 117 18.79 -15.78 -64.94
CA TYR D 117 18.17 -15.10 -63.81
C TYR D 117 17.26 -15.94 -62.92
N ASP D 118 17.29 -17.25 -63.10
CA ASP D 118 16.47 -18.13 -62.28
C ASP D 118 17.22 -18.61 -61.05
N SER D 119 16.66 -18.35 -59.89
CA SER D 119 17.24 -18.76 -58.61
C SER D 119 16.19 -18.63 -57.51
N GLY D 120 16.43 -19.31 -56.39
CA GLY D 120 15.47 -19.30 -55.30
C GLY D 120 15.35 -18.03 -54.46
N HIS D 121 14.31 -17.99 -53.64
CA HIS D 121 14.06 -16.86 -52.76
C HIS D 121 13.87 -17.49 -51.39
N ILE D 122 14.73 -17.10 -50.45
CA ILE D 122 14.72 -17.65 -49.09
C ILE D 122 13.34 -17.78 -48.44
N ALA D 123 12.45 -16.83 -48.68
CA ALA D 123 11.11 -16.89 -48.10
C ALA D 123 10.27 -17.96 -48.79
N MET D 124 10.62 -18.23 -50.04
CA MET D 124 9.91 -19.23 -50.83
C MET D 124 10.40 -20.63 -50.51
N THR D 125 11.71 -20.76 -50.27
CA THR D 125 12.27 -22.06 -49.91
C THR D 125 11.62 -22.40 -48.57
N TYR D 126 11.56 -21.43 -47.66
CA TYR D 126 10.93 -21.65 -46.37
C TYR D 126 9.48 -22.09 -46.53
N THR D 127 8.63 -21.23 -47.09
CA THR D 127 7.21 -21.57 -47.27
C THR D 127 7.00 -22.79 -48.18
N GLY D 128 7.96 -23.04 -49.06
CA GLY D 128 7.86 -24.17 -49.96
C GLY D 128 7.94 -25.46 -49.17
N LEU D 129 9.07 -25.68 -48.50
CA LEU D 129 9.29 -26.86 -47.66
C LEU D 129 8.17 -26.96 -46.62
N SER D 130 7.82 -25.83 -46.03
CA SER D 130 6.76 -25.78 -45.05
C SER D 130 5.50 -26.38 -45.67
N CYS D 131 5.16 -25.95 -46.89
CA CYS D 131 3.96 -26.45 -47.57
C CYS D 131 4.03 -27.95 -47.85
N LEU D 132 5.17 -28.41 -48.34
CA LEU D 132 5.35 -29.82 -48.66
C LEU D 132 5.05 -30.70 -47.45
N ILE D 133 5.63 -30.34 -46.31
CA ILE D 133 5.41 -31.10 -45.08
C ILE D 133 3.94 -31.07 -44.70
N ILE D 134 3.32 -29.90 -44.78
CA ILE D 134 1.90 -29.78 -44.45
C ILE D 134 1.05 -30.70 -45.32
N LEU D 135 1.48 -30.89 -46.56
CA LEU D 135 0.73 -31.73 -47.50
C LEU D 135 1.02 -33.21 -47.38
N GLY D 136 1.98 -33.56 -46.53
CA GLY D 136 2.29 -34.96 -46.33
C GLY D 136 3.49 -35.47 -47.08
N ASP D 137 4.00 -34.68 -48.01
CA ASP D 137 5.17 -35.10 -48.78
C ASP D 137 6.32 -35.42 -47.82
N ASP D 138 7.27 -36.25 -48.26
CA ASP D 138 8.40 -36.62 -47.42
C ASP D 138 9.71 -35.94 -47.79
N LEU D 139 9.63 -34.91 -48.63
CA LEU D 139 10.81 -34.14 -49.03
C LEU D 139 11.90 -34.96 -49.75
N SER D 140 11.53 -36.13 -50.26
CA SER D 140 12.49 -36.96 -50.96
C SER D 140 13.00 -36.30 -52.25
N ARG D 141 12.14 -35.52 -52.91
CA ARG D 141 12.50 -34.84 -54.16
C ARG D 141 13.16 -33.47 -53.94
N VAL D 142 13.44 -33.13 -52.68
CA VAL D 142 14.08 -31.86 -52.37
C VAL D 142 15.59 -32.09 -52.33
N ASP D 143 16.33 -31.39 -53.19
CA ASP D 143 17.78 -31.55 -53.20
C ASP D 143 18.30 -30.81 -51.98
N LYS D 144 18.19 -31.44 -50.82
CA LYS D 144 18.62 -30.82 -49.57
C LYS D 144 19.99 -30.15 -49.61
N GLU D 145 20.99 -30.82 -50.17
CA GLU D 145 22.32 -30.21 -50.22
C GLU D 145 22.37 -28.95 -51.05
N ALA D 146 21.61 -28.94 -52.14
CA ALA D 146 21.55 -27.78 -53.02
C ALA D 146 20.91 -26.60 -52.27
N CYS D 147 19.79 -26.86 -51.60
CA CYS D 147 19.12 -25.81 -50.85
C CYS D 147 20.03 -25.22 -49.79
N LEU D 148 20.65 -26.08 -48.99
CA LEU D 148 21.57 -25.64 -47.94
C LEU D 148 22.74 -24.87 -48.54
N ALA D 149 23.16 -25.27 -49.73
CA ALA D 149 24.25 -24.60 -50.42
C ALA D 149 23.80 -23.18 -50.78
N GLY D 150 22.57 -23.07 -51.30
CA GLY D 150 22.02 -21.79 -51.65
C GLY D 150 21.83 -20.93 -50.42
N LEU D 151 21.34 -21.53 -49.34
CA LEU D 151 21.13 -20.79 -48.09
C LEU D 151 22.43 -20.13 -47.65
N ARG D 152 23.49 -20.93 -47.50
CA ARG D 152 24.77 -20.41 -47.07
C ARG D 152 25.21 -19.18 -47.88
N ALA D 153 24.94 -19.23 -49.18
CA ALA D 153 25.31 -18.15 -50.09
C ALA D 153 24.62 -16.84 -49.75
N LEU D 154 23.46 -16.92 -49.10
CA LEU D 154 22.71 -15.73 -48.75
C LEU D 154 23.14 -15.00 -47.49
N GLN D 155 23.80 -15.68 -46.56
CA GLN D 155 24.22 -15.04 -45.32
C GLN D 155 25.33 -14.02 -45.54
N LEU D 156 25.22 -12.88 -44.86
CA LEU D 156 26.19 -11.79 -44.97
C LEU D 156 27.20 -11.86 -43.84
N GLU D 157 28.23 -11.03 -43.91
CA GLU D 157 29.27 -11.01 -42.88
C GLU D 157 28.70 -10.71 -41.50
N ASP D 158 27.68 -9.88 -41.42
CA ASP D 158 27.11 -9.53 -40.13
C ASP D 158 26.17 -10.57 -39.54
N GLY D 159 25.99 -11.67 -40.25
CA GLY D 159 25.14 -12.73 -39.75
C GLY D 159 23.75 -12.81 -40.34
N SER D 160 23.22 -11.69 -40.85
CA SER D 160 21.89 -11.69 -41.44
C SER D 160 21.89 -12.31 -42.83
N PHE D 161 20.71 -12.37 -43.45
CA PHE D 161 20.58 -12.96 -44.78
C PHE D 161 19.85 -12.08 -45.78
N CYS D 162 20.06 -12.38 -47.06
CA CYS D 162 19.39 -11.71 -48.17
C CYS D 162 18.35 -12.72 -48.63
N ALA D 163 17.44 -12.30 -49.49
CA ALA D 163 16.41 -13.22 -49.94
C ALA D 163 16.82 -13.96 -51.21
N VAL D 164 17.62 -13.30 -52.04
CA VAL D 164 18.07 -13.89 -53.30
C VAL D 164 19.55 -13.65 -53.55
N PRO D 165 20.22 -14.60 -54.23
CA PRO D 165 21.65 -14.44 -54.50
C PRO D 165 21.99 -13.20 -55.31
N GLU D 166 21.06 -12.74 -56.15
CA GLU D 166 21.32 -11.56 -56.96
C GLU D 166 21.39 -10.30 -56.11
N GLY D 167 21.01 -10.41 -54.84
CA GLY D 167 21.04 -9.24 -53.97
C GLY D 167 19.65 -8.71 -53.58
N SER D 168 19.55 -8.21 -52.36
CA SER D 168 18.29 -7.67 -51.84
C SER D 168 18.59 -7.05 -50.51
N GLU D 169 17.56 -6.53 -49.85
CA GLU D 169 17.77 -5.94 -48.54
C GLU D 169 18.02 -7.13 -47.60
N ASN D 170 18.59 -6.86 -46.43
CA ASN D 170 18.86 -7.94 -45.47
C ASN D 170 18.39 -7.55 -44.08
N ASP D 171 17.73 -8.48 -43.40
CA ASP D 171 17.23 -8.21 -42.06
C ASP D 171 16.72 -9.45 -41.35
N MET D 172 16.19 -9.25 -40.14
CA MET D 172 15.67 -10.33 -39.31
C MET D 172 14.66 -11.24 -40.00
N ARG D 173 13.86 -10.70 -40.93
CA ARG D 173 12.87 -11.51 -41.63
C ARG D 173 13.52 -12.72 -42.26
N PHE D 174 14.64 -12.52 -42.92
CA PHE D 174 15.33 -13.61 -43.59
C PHE D 174 16.17 -14.48 -42.67
N VAL D 175 16.51 -13.97 -41.49
CA VAL D 175 17.26 -14.77 -40.53
C VAL D 175 16.30 -15.84 -40.03
N TYR D 176 15.04 -15.48 -39.88
CA TYR D 176 14.02 -16.42 -39.44
C TYR D 176 13.75 -17.46 -40.51
N CYS D 177 13.84 -17.04 -41.77
CA CYS D 177 13.62 -17.94 -42.90
C CYS D 177 14.73 -18.99 -42.94
N ALA D 178 15.96 -18.53 -42.78
CA ALA D 178 17.12 -19.43 -42.79
C ALA D 178 16.96 -20.44 -41.65
N SER D 179 16.58 -19.93 -40.48
CA SER D 179 16.39 -20.78 -39.31
C SER D 179 15.35 -21.87 -39.60
N CYS D 180 14.18 -21.49 -40.11
CA CYS D 180 13.15 -22.47 -40.43
C CYS D 180 13.61 -23.51 -41.43
N ILE D 181 14.37 -23.07 -42.43
CA ILE D 181 14.87 -23.97 -43.45
C ILE D 181 15.82 -24.98 -42.79
N CYS D 182 16.84 -24.49 -42.09
CA CYS D 182 17.79 -25.36 -41.41
C CYS D 182 17.09 -26.34 -40.47
N TYR D 183 16.05 -25.87 -39.80
CA TYR D 183 15.33 -26.71 -38.87
C TYR D 183 14.58 -27.84 -39.59
N MET D 184 13.81 -27.48 -40.62
CA MET D 184 13.03 -28.45 -41.37
C MET D 184 13.91 -29.48 -42.08
N LEU D 185 15.00 -29.04 -42.68
CA LEU D 185 15.90 -29.98 -43.35
C LEU D 185 16.76 -30.63 -42.28
N ASN D 186 16.47 -30.29 -41.04
CA ASN D 186 17.17 -30.84 -39.89
C ASN D 186 18.70 -30.85 -40.10
N ASN D 187 19.23 -29.74 -40.59
CA ASN D 187 20.65 -29.62 -40.86
C ASN D 187 21.04 -28.14 -40.77
N TRP D 188 21.88 -27.77 -39.81
CA TRP D 188 22.25 -26.36 -39.68
C TRP D 188 23.53 -25.96 -40.40
N SER D 189 23.93 -26.74 -41.38
CA SER D 189 25.13 -26.40 -42.14
C SER D 189 24.74 -25.28 -43.08
N GLY D 190 23.43 -25.02 -43.13
CA GLY D 190 22.89 -23.98 -43.98
C GLY D 190 23.25 -22.56 -43.56
N MET D 191 23.76 -22.38 -42.34
CA MET D 191 24.12 -21.06 -41.86
C MET D 191 25.24 -21.11 -40.83
N ASP D 192 25.87 -19.94 -40.61
CA ASP D 192 26.92 -19.82 -39.62
C ASP D 192 26.17 -19.32 -38.38
N MET D 193 25.61 -20.27 -37.64
CA MET D 193 24.84 -19.99 -36.46
C MET D 193 25.45 -18.98 -35.48
N LYS D 194 26.77 -19.00 -35.34
CA LYS D 194 27.44 -18.08 -34.43
C LYS D 194 27.19 -16.64 -34.88
N LYS D 195 27.39 -16.39 -36.17
CA LYS D 195 27.17 -15.06 -36.74
C LYS D 195 25.70 -14.64 -36.71
N ALA D 196 24.80 -15.58 -36.95
CA ALA D 196 23.37 -15.29 -36.93
C ALA D 196 22.97 -14.86 -35.53
N ILE D 197 23.42 -15.60 -34.53
CA ILE D 197 23.12 -15.29 -33.14
C ILE D 197 23.66 -13.89 -32.79
N SER D 198 24.83 -13.58 -33.32
CA SER D 198 25.42 -12.27 -33.07
C SER D 198 24.48 -11.18 -33.60
N TYR D 199 23.97 -11.39 -34.81
CA TYR D 199 23.06 -10.43 -35.44
C TYR D 199 21.81 -10.26 -34.56
N ILE D 200 21.18 -11.36 -34.18
CA ILE D 200 19.99 -11.30 -33.35
C ILE D 200 20.23 -10.50 -32.07
N ARG D 201 21.38 -10.70 -31.43
CA ARG D 201 21.68 -9.96 -30.20
C ARG D 201 21.82 -8.48 -30.50
N ARG D 202 22.65 -8.16 -31.49
CA ARG D 202 22.90 -6.78 -31.84
C ARG D 202 21.65 -6.00 -32.24
N SER D 203 20.55 -6.71 -32.47
CA SER D 203 19.31 -6.04 -32.87
C SER D 203 18.42 -5.64 -31.69
N MET D 204 18.81 -6.03 -30.48
CA MET D 204 18.03 -5.66 -29.31
C MET D 204 18.15 -4.16 -29.11
N SER D 205 17.00 -3.52 -28.92
CA SER D 205 16.90 -2.07 -28.74
C SER D 205 17.08 -1.63 -27.29
N TYR D 206 17.19 -0.31 -27.09
CA TYR D 206 17.35 0.24 -25.76
C TYR D 206 16.07 0.00 -24.95
N ASP D 207 14.95 -0.17 -25.65
CA ASP D 207 13.67 -0.41 -25.00
C ASP D 207 13.44 -1.91 -24.83
N ASN D 208 14.48 -2.67 -25.13
CA ASN D 208 14.49 -4.13 -24.99
C ASN D 208 13.76 -5.00 -26.00
N GLY D 209 13.17 -4.41 -27.03
CA GLY D 209 12.52 -5.22 -28.04
C GLY D 209 13.58 -5.55 -29.08
N LEU D 210 13.23 -6.32 -30.11
CA LEU D 210 14.19 -6.64 -31.15
C LEU D 210 13.79 -5.93 -32.44
N ALA D 211 14.75 -5.35 -33.14
CA ALA D 211 14.43 -4.63 -34.37
C ALA D 211 14.88 -5.43 -35.58
N GLN D 212 14.64 -4.89 -36.77
CA GLN D 212 15.03 -5.56 -38.00
C GLN D 212 16.54 -5.69 -38.10
N GLY D 213 17.24 -4.80 -37.40
CA GLY D 213 18.68 -4.80 -37.39
C GLY D 213 19.16 -3.80 -36.36
N ALA D 214 20.46 -3.81 -36.07
CA ALA D 214 21.02 -2.91 -35.10
C ALA D 214 20.65 -1.44 -35.27
N GLY D 215 20.26 -0.80 -34.17
CA GLY D 215 19.91 0.61 -34.20
C GLY D 215 18.51 0.96 -34.62
N LEU D 216 17.86 0.09 -35.38
CA LEU D 216 16.51 0.35 -35.83
C LEU D 216 15.50 0.22 -34.68
N GLU D 217 14.29 0.69 -34.93
CA GLU D 217 13.22 0.64 -33.94
C GLU D 217 12.76 -0.78 -33.71
N SER D 218 12.75 -1.21 -32.45
CA SER D 218 12.32 -2.57 -32.09
C SER D 218 10.90 -2.73 -32.64
N HIS D 219 10.57 -3.95 -33.04
CA HIS D 219 9.29 -4.19 -33.66
C HIS D 219 8.76 -5.61 -33.41
N GLY D 220 7.45 -5.73 -33.24
CA GLY D 220 6.85 -7.02 -32.98
C GLY D 220 7.23 -8.11 -33.96
N GLY D 221 7.29 -7.75 -35.24
CA GLY D 221 7.62 -8.72 -36.28
C GLY D 221 9.04 -9.23 -36.17
N SER D 222 9.99 -8.31 -36.04
CA SER D 222 11.39 -8.71 -35.93
C SER D 222 11.65 -9.41 -34.60
N THR D 223 10.92 -9.02 -33.56
CA THR D 223 11.11 -9.67 -32.27
C THR D 223 10.69 -11.12 -32.40
N PHE D 224 9.55 -11.39 -33.04
CA PHE D 224 9.14 -12.76 -33.22
C PHE D 224 10.23 -13.51 -34.00
N CYS D 225 10.66 -12.93 -35.12
CA CYS D 225 11.69 -13.55 -35.94
C CYS D 225 12.95 -13.89 -35.15
N GLY D 226 13.41 -12.94 -34.35
CA GLY D 226 14.60 -13.14 -33.56
C GLY D 226 14.42 -14.22 -32.50
N ILE D 227 13.39 -14.08 -31.66
CA ILE D 227 13.14 -15.06 -30.62
C ILE D 227 12.88 -16.43 -31.22
N ALA D 228 11.95 -16.51 -32.14
CA ALA D 228 11.64 -17.79 -32.78
C ALA D 228 12.89 -18.45 -33.38
N SER D 229 13.77 -17.68 -34.00
CA SER D 229 14.97 -18.25 -34.59
C SER D 229 15.84 -18.91 -33.54
N LEU D 230 16.02 -18.23 -32.41
CA LEU D 230 16.81 -18.77 -31.31
C LEU D 230 16.16 -20.04 -30.76
N CYS D 231 14.84 -20.05 -30.62
CA CYS D 231 14.13 -21.23 -30.13
C CYS D 231 14.36 -22.39 -31.10
N LEU D 232 14.25 -22.11 -32.40
CA LEU D 232 14.46 -23.13 -33.42
C LEU D 232 15.87 -23.69 -33.33
N MET D 233 16.85 -22.86 -32.93
CA MET D 233 18.23 -23.32 -32.78
C MET D 233 18.40 -23.91 -31.39
N GLY D 234 17.36 -23.76 -30.55
CA GLY D 234 17.41 -24.26 -29.19
C GLY D 234 18.50 -23.55 -28.38
N LYS D 235 18.58 -22.24 -28.49
CA LYS D 235 19.59 -21.47 -27.78
C LYS D 235 19.04 -20.21 -27.12
N LEU D 236 17.75 -20.17 -26.89
CA LEU D 236 17.15 -18.98 -26.29
C LEU D 236 17.87 -18.64 -24.99
N GLU D 237 17.81 -19.56 -24.04
CA GLU D 237 18.41 -19.40 -22.72
C GLU D 237 19.92 -19.15 -22.76
N GLU D 238 20.58 -19.71 -23.76
CA GLU D 238 22.02 -19.55 -23.90
C GLU D 238 22.42 -18.18 -24.42
N VAL D 239 21.58 -17.57 -25.26
CA VAL D 239 21.90 -16.27 -25.83
C VAL D 239 21.53 -15.06 -24.98
N PHE D 240 20.36 -15.12 -24.34
CA PHE D 240 19.90 -14.02 -23.49
C PHE D 240 19.88 -14.40 -22.01
N SER D 241 20.38 -13.50 -21.17
CA SER D 241 20.40 -13.72 -19.73
C SER D 241 18.98 -13.69 -19.21
N GLU D 242 18.81 -14.11 -17.96
CA GLU D 242 17.48 -14.10 -17.36
C GLU D 242 17.00 -12.66 -17.29
N LYS D 243 17.90 -11.75 -16.95
CA LYS D 243 17.54 -10.35 -16.84
C LYS D 243 17.12 -9.83 -18.22
N GLU D 244 17.88 -10.22 -19.24
CA GLU D 244 17.56 -9.80 -20.59
C GLU D 244 16.20 -10.34 -21.02
N LEU D 245 15.98 -11.63 -20.79
CA LEU D 245 14.73 -12.25 -21.16
C LEU D 245 13.56 -11.60 -20.44
N ASN D 246 13.79 -11.11 -19.23
CA ASN D 246 12.71 -10.47 -18.47
C ASN D 246 12.33 -9.16 -19.11
N ARG D 247 13.34 -8.46 -19.62
CA ARG D 247 13.13 -7.17 -20.28
C ARG D 247 12.42 -7.34 -21.61
N ILE D 248 12.76 -8.42 -22.31
CA ILE D 248 12.15 -8.72 -23.60
C ILE D 248 10.68 -9.09 -23.37
N LYS D 249 10.45 -9.89 -22.33
CA LYS D 249 9.08 -10.29 -21.99
C LYS D 249 8.25 -9.05 -21.69
N ARG D 250 8.83 -8.12 -20.92
CA ARG D 250 8.12 -6.91 -20.58
C ARG D 250 7.76 -6.14 -21.84
N TRP D 251 8.69 -6.06 -22.78
CA TRP D 251 8.44 -5.33 -24.01
C TRP D 251 7.28 -5.93 -24.78
N CYS D 252 7.29 -7.25 -24.86
CA CYS D 252 6.24 -7.97 -25.58
C CYS D 252 4.88 -7.84 -24.92
N ILE D 253 4.80 -8.20 -23.64
CA ILE D 253 3.55 -8.14 -22.91
C ILE D 253 2.91 -6.75 -22.95
N MET D 254 3.74 -5.72 -23.17
CA MET D 254 3.25 -4.35 -23.22
C MET D 254 2.59 -4.03 -24.55
N ARG D 255 2.69 -4.96 -25.50
CA ARG D 255 2.10 -4.76 -26.82
C ARG D 255 0.60 -4.95 -26.84
N GLN D 256 0.03 -5.59 -25.81
CA GLN D 256 -1.40 -5.79 -25.81
C GLN D 256 -2.18 -4.57 -25.36
N GLN D 257 -3.10 -4.14 -26.22
CA GLN D 257 -3.97 -3.01 -25.95
C GLN D 257 -5.37 -3.57 -25.74
N ASN D 258 -5.64 -4.62 -26.50
CA ASN D 258 -6.90 -5.38 -26.50
C ASN D 258 -6.42 -6.45 -27.46
N GLY D 259 -6.15 -6.01 -28.69
CA GLY D 259 -5.57 -6.88 -29.71
C GLY D 259 -4.11 -6.51 -29.52
N TYR D 260 -3.25 -6.74 -30.50
CA TYR D 260 -1.85 -6.40 -30.33
C TYR D 260 -1.34 -5.47 -31.42
N HIS D 261 -0.46 -4.55 -31.06
CA HIS D 261 0.13 -3.66 -32.06
C HIS D 261 1.59 -4.11 -32.22
N GLY D 262 2.26 -3.67 -33.28
CA GLY D 262 3.63 -4.09 -33.50
C GLY D 262 4.68 -3.18 -32.91
N ARG D 263 4.29 -1.98 -32.48
CA ARG D 263 5.21 -1.00 -31.91
C ARG D 263 4.46 -0.08 -30.96
N PRO D 264 5.15 0.43 -29.93
CA PRO D 264 4.47 1.34 -29.00
C PRO D 264 3.78 2.49 -29.75
N ASN D 265 2.63 2.90 -29.25
CA ASN D 265 1.86 3.99 -29.83
C ASN D 265 1.42 3.77 -31.28
N LYS D 266 1.26 2.51 -31.67
CA LYS D 266 0.78 2.18 -33.00
C LYS D 266 -0.52 1.42 -32.81
N PRO D 267 -1.46 1.60 -33.74
CA PRO D 267 -2.77 0.91 -33.68
C PRO D 267 -2.63 -0.63 -33.75
N VAL D 268 -3.53 -1.36 -33.09
CA VAL D 268 -3.45 -2.82 -33.12
C VAL D 268 -3.76 -3.34 -34.52
N ASP D 269 -3.23 -4.52 -34.81
CA ASP D 269 -3.40 -5.17 -36.09
C ASP D 269 -3.55 -6.67 -35.80
N THR D 270 -4.61 -7.27 -36.34
CA THR D 270 -4.84 -8.68 -36.10
C THR D 270 -3.62 -9.59 -36.18
N CYS D 271 -2.79 -9.45 -37.22
CA CYS D 271 -1.66 -10.35 -37.36
C CYS D 271 -0.68 -10.34 -36.20
N TYR D 272 -0.68 -9.30 -35.38
CA TYR D 272 0.23 -9.26 -34.24
C TYR D 272 -0.19 -10.15 -33.08
N SER D 273 -1.44 -10.64 -33.13
CA SER D 273 -1.94 -11.55 -32.12
C SER D 273 -1.12 -12.83 -32.28
N PHE D 274 -0.51 -13.01 -33.45
CA PHE D 274 0.34 -14.16 -33.65
C PHE D 274 1.78 -13.73 -33.46
N TRP D 275 2.22 -12.71 -34.20
CA TRP D 275 3.60 -12.24 -34.11
C TRP D 275 4.06 -12.05 -32.65
N VAL D 276 3.30 -11.26 -31.89
CA VAL D 276 3.64 -11.02 -30.49
C VAL D 276 3.19 -12.17 -29.60
N GLY D 277 1.96 -12.65 -29.83
CA GLY D 277 1.41 -13.74 -29.04
C GLY D 277 2.32 -14.96 -29.07
N ALA D 278 2.81 -15.31 -30.25
CA ALA D 278 3.69 -16.46 -30.40
C ALA D 278 5.00 -16.23 -29.65
N THR D 279 5.47 -14.99 -29.62
CA THR D 279 6.71 -14.68 -28.92
C THR D 279 6.47 -14.87 -27.43
N LEU D 280 5.36 -14.33 -26.94
CA LEU D 280 5.01 -14.46 -25.54
C LEU D 280 4.91 -15.94 -25.18
N LYS D 281 4.37 -16.74 -26.10
CA LYS D 281 4.22 -18.17 -25.89
C LYS D 281 5.60 -18.80 -25.76
N LEU D 282 6.49 -18.48 -26.71
CA LEU D 282 7.83 -19.02 -26.65
C LEU D 282 8.51 -18.61 -25.35
N LEU D 283 8.16 -17.44 -24.83
CA LEU D 283 8.75 -16.95 -23.59
C LEU D 283 7.97 -17.43 -22.38
N LYS D 284 7.04 -18.34 -22.62
CA LYS D 284 6.21 -18.96 -21.59
C LYS D 284 5.40 -18.03 -20.68
N ILE D 285 4.94 -16.91 -21.22
CA ILE D 285 4.14 -16.01 -20.40
C ILE D 285 2.89 -15.54 -21.13
N PHE D 286 2.59 -16.16 -22.27
CA PHE D 286 1.40 -15.76 -23.02
C PHE D 286 0.19 -16.00 -22.12
N GLN D 287 0.32 -16.98 -21.23
CA GLN D 287 -0.71 -17.37 -20.29
C GLN D 287 -1.16 -16.24 -19.37
N TYR D 288 -0.28 -15.25 -19.17
CA TYR D 288 -0.60 -14.14 -18.31
C TYR D 288 -1.23 -12.97 -19.03
N THR D 289 -1.45 -13.12 -20.34
CA THR D 289 -2.08 -12.05 -21.13
C THR D 289 -3.60 -12.13 -20.96
N ASN D 290 -4.30 -11.09 -21.37
CA ASN D 290 -5.76 -11.11 -21.26
C ASN D 290 -6.30 -11.77 -22.52
N PHE D 291 -6.87 -12.97 -22.39
CA PHE D 291 -7.41 -13.70 -23.54
C PHE D 291 -8.68 -13.13 -24.17
N GLU D 292 -9.66 -12.79 -23.34
CA GLU D 292 -10.93 -12.29 -23.83
C GLU D 292 -10.84 -11.07 -24.74
N LYS D 293 -10.11 -10.05 -24.31
CA LYS D 293 -9.96 -8.83 -25.11
C LYS D 293 -9.26 -9.10 -26.43
N ASN D 294 -8.28 -10.01 -26.40
CA ASN D 294 -7.55 -10.37 -27.61
C ASN D 294 -8.50 -11.08 -28.57
N ARG D 295 -9.15 -12.13 -28.08
CA ARG D 295 -10.10 -12.88 -28.90
C ARG D 295 -11.19 -11.96 -29.44
N ASN D 296 -11.71 -11.10 -28.57
CA ASN D 296 -12.76 -10.18 -28.96
C ASN D 296 -12.31 -9.33 -30.15
N TYR D 297 -11.08 -8.83 -30.10
CA TYR D 297 -10.55 -8.01 -31.17
C TYR D 297 -10.41 -8.81 -32.46
N ILE D 298 -9.70 -9.94 -32.38
CA ILE D 298 -9.48 -10.78 -33.56
C ILE D 298 -10.82 -11.03 -34.27
N LEU D 299 -11.85 -11.33 -33.50
CA LEU D 299 -13.15 -11.60 -34.12
C LEU D 299 -13.77 -10.36 -34.72
N SER D 300 -13.53 -9.20 -34.12
CA SER D 300 -14.11 -7.97 -34.64
C SER D 300 -13.60 -7.69 -36.05
N THR D 301 -12.54 -8.38 -36.47
CA THR D 301 -11.98 -8.18 -37.80
C THR D 301 -12.36 -9.33 -38.74
N GLN D 302 -13.22 -10.22 -38.27
CA GLN D 302 -13.66 -11.35 -39.08
C GLN D 302 -14.72 -10.89 -40.09
N ASP D 303 -14.61 -11.36 -41.33
CA ASP D 303 -15.58 -11.00 -42.36
C ASP D 303 -16.62 -12.10 -42.39
N ARG D 304 -17.76 -11.84 -41.77
CA ARG D 304 -18.85 -12.81 -41.68
C ARG D 304 -19.48 -13.18 -43.02
N LEU D 305 -19.25 -12.36 -44.03
CA LEU D 305 -19.81 -12.59 -45.35
C LEU D 305 -18.90 -13.47 -46.24
N VAL D 306 -17.68 -13.00 -46.50
CA VAL D 306 -16.75 -13.74 -47.36
C VAL D 306 -15.77 -14.64 -46.59
N GLY D 307 -15.62 -14.43 -45.29
CA GLY D 307 -14.70 -15.25 -44.52
C GLY D 307 -13.34 -14.58 -44.36
N GLY D 308 -12.43 -15.24 -43.64
CA GLY D 308 -11.12 -14.66 -43.41
C GLY D 308 -11.14 -13.50 -42.42
N PHE D 309 -9.98 -12.88 -42.18
CA PHE D 309 -9.89 -11.74 -41.26
C PHE D 309 -9.13 -10.61 -41.91
N ALA D 310 -9.29 -9.41 -41.36
CA ALA D 310 -8.61 -8.22 -41.86
C ALA D 310 -7.71 -7.70 -40.75
N LYS D 311 -6.86 -6.72 -41.03
CA LYS D 311 -5.99 -6.22 -39.97
C LYS D 311 -6.80 -5.42 -38.98
N TRP D 312 -7.79 -4.70 -39.49
CA TRP D 312 -8.67 -3.90 -38.63
C TRP D 312 -10.12 -4.24 -38.87
N PRO D 313 -10.99 -3.93 -37.89
CA PRO D 313 -12.41 -4.22 -38.06
C PRO D 313 -12.97 -3.34 -39.17
N ASP D 314 -13.99 -3.81 -39.85
CA ASP D 314 -14.58 -3.04 -40.96
C ASP D 314 -13.45 -2.70 -41.94
N SER D 315 -12.81 -3.74 -42.44
CA SER D 315 -11.70 -3.62 -43.37
C SER D 315 -11.75 -4.91 -44.19
N HIS D 316 -11.20 -4.92 -45.40
CA HIS D 316 -11.25 -6.12 -46.22
C HIS D 316 -10.29 -7.21 -45.79
N PRO D 317 -10.77 -8.46 -45.77
CA PRO D 317 -9.95 -9.62 -45.38
C PRO D 317 -8.92 -10.00 -46.43
N ASP D 318 -7.97 -10.83 -46.02
CA ASP D 318 -6.92 -11.30 -46.93
C ASP D 318 -6.28 -12.57 -46.36
N ALA D 319 -5.59 -13.32 -47.20
CA ALA D 319 -4.96 -14.56 -46.78
C ALA D 319 -4.04 -14.43 -45.58
N LEU D 320 -3.25 -13.37 -45.53
CA LEU D 320 -2.31 -13.18 -44.43
C LEU D 320 -3.02 -13.01 -43.10
N HIS D 321 -3.92 -12.04 -43.00
CA HIS D 321 -4.63 -11.82 -41.75
C HIS D 321 -5.61 -12.95 -41.43
N ALA D 322 -6.09 -13.64 -42.46
CA ALA D 322 -6.99 -14.74 -42.20
C ALA D 322 -6.17 -15.81 -41.48
N TYR D 323 -5.01 -16.14 -42.03
CA TYR D 323 -4.17 -17.16 -41.43
C TYR D 323 -3.66 -16.77 -40.05
N PHE D 324 -3.03 -15.60 -39.95
CA PHE D 324 -2.49 -15.17 -38.67
C PHE D 324 -3.59 -14.92 -37.66
N GLY D 325 -4.75 -14.48 -38.14
CA GLY D 325 -5.85 -14.27 -37.21
C GLY D 325 -6.23 -15.62 -36.60
N ILE D 326 -6.25 -16.64 -37.45
CA ILE D 326 -6.60 -17.97 -36.97
C ILE D 326 -5.52 -18.49 -36.02
N CYS D 327 -4.25 -18.32 -36.39
CA CYS D 327 -3.16 -18.77 -35.53
C CYS D 327 -3.20 -18.01 -34.20
N GLY D 328 -3.70 -16.79 -34.25
CA GLY D 328 -3.80 -16.02 -33.03
C GLY D 328 -4.81 -16.68 -32.11
N LEU D 329 -5.96 -17.05 -32.68
CA LEU D 329 -7.02 -17.71 -31.94
C LEU D 329 -6.49 -19.04 -31.39
N SER D 330 -5.73 -19.73 -32.23
CA SER D 330 -5.14 -21.01 -31.88
C SER D 330 -4.31 -20.93 -30.61
N LEU D 331 -3.55 -19.85 -30.49
CA LEU D 331 -2.67 -19.63 -29.36
C LEU D 331 -3.39 -19.65 -28.01
N MET D 332 -4.64 -19.17 -28.01
CA MET D 332 -5.46 -19.14 -26.79
C MET D 332 -6.38 -20.37 -26.77
N GLU D 333 -6.28 -21.17 -27.82
CA GLU D 333 -7.09 -22.37 -28.00
C GLU D 333 -8.50 -21.94 -28.31
N GLU D 334 -8.93 -22.21 -29.53
CA GLU D 334 -10.27 -21.88 -29.97
C GLU D 334 -10.86 -23.18 -30.45
N SER D 335 -12.14 -23.37 -30.19
CA SER D 335 -12.79 -24.59 -30.58
C SER D 335 -12.86 -24.58 -32.10
N GLY D 336 -12.43 -25.69 -32.71
CA GLY D 336 -12.46 -25.78 -34.15
C GLY D 336 -11.13 -25.55 -34.85
N ILE D 337 -10.16 -25.05 -34.09
CA ILE D 337 -8.82 -24.74 -34.59
C ILE D 337 -7.76 -25.61 -33.93
N CYS D 338 -6.78 -26.05 -34.70
CA CYS D 338 -5.71 -26.90 -34.19
C CYS D 338 -4.66 -26.06 -33.50
N LYS D 339 -3.86 -26.71 -32.65
CA LYS D 339 -2.81 -26.05 -31.89
C LYS D 339 -1.61 -25.75 -32.78
N VAL D 340 -1.27 -24.47 -32.91
CA VAL D 340 -0.13 -24.06 -33.73
C VAL D 340 1.20 -24.10 -32.97
N HIS D 341 2.24 -24.57 -33.64
CA HIS D 341 3.58 -24.65 -33.07
C HIS D 341 4.14 -23.25 -33.22
N PRO D 342 4.24 -22.50 -32.12
CA PRO D 342 4.75 -21.12 -32.09
C PRO D 342 6.00 -20.74 -32.89
N ALA D 343 7.07 -21.51 -32.77
CA ALA D 343 8.28 -21.15 -33.49
C ALA D 343 8.33 -21.51 -34.96
N LEU D 344 7.76 -22.65 -35.33
CA LEU D 344 7.79 -23.10 -36.72
C LEU D 344 6.67 -22.55 -37.61
N ASN D 345 5.60 -22.10 -36.99
CA ASN D 345 4.48 -21.51 -37.70
C ASN D 345 3.73 -22.49 -38.57
N VAL D 346 3.48 -23.68 -38.02
CA VAL D 346 2.73 -24.75 -38.69
C VAL D 346 2.02 -25.47 -37.55
N SER D 347 0.87 -26.09 -37.82
CA SER D 347 0.15 -26.82 -36.77
C SER D 347 1.09 -27.83 -36.14
N THR D 348 0.81 -28.22 -34.88
CA THR D 348 1.65 -29.18 -34.18
C THR D 348 1.56 -30.55 -34.87
N ARG D 349 0.40 -30.84 -35.44
CA ARG D 349 0.21 -32.09 -36.17
C ARG D 349 1.37 -32.20 -37.17
N THR D 350 1.58 -31.13 -37.93
CA THR D 350 2.65 -31.05 -38.92
C THR D 350 4.03 -31.08 -38.29
N SER D 351 4.22 -30.34 -37.21
CA SER D 351 5.53 -30.30 -36.54
C SER D 351 5.94 -31.68 -36.09
N GLU D 352 4.94 -32.54 -35.86
CA GLU D 352 5.19 -33.91 -35.46
C GLU D 352 5.44 -34.81 -36.68
N ARG D 353 4.69 -34.60 -37.76
CA ARG D 353 4.91 -35.36 -38.99
C ARG D 353 6.39 -35.16 -39.36
N LEU D 354 6.87 -33.93 -39.15
CA LEU D 354 8.25 -33.56 -39.43
C LEU D 354 9.22 -34.20 -38.45
N ARG D 355 8.78 -34.34 -37.20
CA ARG D 355 9.59 -34.98 -36.16
C ARG D 355 9.87 -36.41 -36.63
N ASP D 356 8.80 -37.07 -37.12
CA ASP D 356 8.87 -38.43 -37.64
C ASP D 356 9.82 -38.49 -38.82
N LEU D 357 9.57 -37.63 -39.78
CA LEU D 357 10.38 -37.52 -40.98
C LEU D 357 11.86 -37.45 -40.63
N HIS D 358 12.19 -36.69 -39.59
CA HIS D 358 13.58 -36.54 -39.17
C HIS D 358 14.09 -37.86 -38.59
N GLN D 359 13.31 -38.46 -37.70
CA GLN D 359 13.68 -39.74 -37.08
C GLN D 359 13.98 -40.73 -38.19
N SER D 360 13.14 -40.70 -39.22
CA SER D 360 13.30 -41.57 -40.38
C SER D 360 14.69 -41.42 -41.00
N TRP D 361 15.00 -40.24 -41.52
CA TRP D 361 16.31 -40.00 -42.14
C TRP D 361 17.45 -40.35 -41.18
N LYS D 362 17.19 -40.23 -39.88
CA LYS D 362 18.19 -40.52 -38.86
C LYS D 362 18.82 -41.90 -39.07
N THR D 363 18.01 -42.86 -39.51
CA THR D 363 18.49 -44.23 -39.74
C THR D 363 19.33 -44.34 -41.02
N PHE E 55 53.39 17.19 -26.42
CA PHE E 55 54.03 18.27 -25.61
C PHE E 55 55.55 18.16 -25.47
N LEU E 56 56.02 17.43 -24.45
CA LEU E 56 57.44 17.28 -24.17
C LEU E 56 58.23 16.39 -25.14
N SER E 57 58.84 17.02 -26.14
CA SER E 57 59.62 16.33 -27.17
C SER E 57 60.69 15.35 -26.68
N LEU E 58 60.86 14.24 -27.39
CA LEU E 58 61.83 13.22 -27.03
C LEU E 58 63.28 13.72 -27.12
N ASP E 59 63.48 14.84 -27.78
CA ASP E 59 64.82 15.39 -27.93
C ASP E 59 64.94 16.74 -27.22
N SER E 60 63.94 17.09 -26.41
CA SER E 60 63.97 18.34 -25.67
C SER E 60 65.06 18.28 -24.59
N PRO E 61 65.69 19.42 -24.27
CA PRO E 61 66.75 19.41 -23.25
C PRO E 61 66.19 18.97 -21.93
N THR E 62 64.98 19.43 -21.64
CA THR E 62 64.30 19.11 -20.39
C THR E 62 63.44 17.84 -20.41
N TYR E 63 63.62 16.99 -21.42
CA TYR E 63 62.84 15.75 -21.47
C TYR E 63 63.14 14.94 -20.21
N VAL E 64 62.12 14.27 -19.69
CA VAL E 64 62.25 13.45 -18.49
C VAL E 64 61.70 12.03 -18.71
N LEU E 65 62.47 11.03 -18.31
CA LEU E 65 62.02 9.66 -18.45
C LEU E 65 60.67 9.51 -17.76
N TYR E 66 59.85 8.60 -18.26
CA TYR E 66 58.54 8.39 -17.69
C TYR E 66 58.63 7.88 -16.25
N ARG E 67 59.68 7.14 -15.95
CA ARG E 67 59.83 6.61 -14.59
C ARG E 67 60.07 7.73 -13.59
N ASP E 68 60.37 8.93 -14.09
CA ASP E 68 60.61 10.06 -13.20
C ASP E 68 59.52 11.10 -13.30
N ARG E 69 58.43 10.76 -13.96
CA ARG E 69 57.33 11.71 -14.09
C ARG E 69 56.30 11.44 -13.00
N ALA E 70 55.84 12.53 -12.38
CA ALA E 70 54.84 12.43 -11.33
C ALA E 70 53.57 11.78 -11.87
N GLU E 71 53.07 12.31 -12.99
CA GLU E 71 51.84 11.81 -13.61
C GLU E 71 51.84 10.31 -13.80
N TRP E 72 53.03 9.70 -13.85
CA TRP E 72 53.13 8.27 -14.07
C TRP E 72 53.61 7.47 -12.86
N ALA E 73 53.56 8.11 -11.69
CA ALA E 73 54.02 7.48 -10.46
C ALA E 73 53.17 6.30 -9.99
N ASP E 74 51.89 6.32 -10.34
CA ASP E 74 50.96 5.27 -9.94
C ASP E 74 51.08 4.00 -10.77
N ILE E 75 51.62 4.14 -11.98
CA ILE E 75 51.78 3.02 -12.90
C ILE E 75 53.12 2.30 -12.75
N ASP E 76 53.09 0.98 -12.77
CA ASP E 76 54.31 0.18 -12.69
C ASP E 76 54.70 -0.27 -14.10
N PRO E 77 55.88 0.14 -14.58
CA PRO E 77 56.32 -0.24 -15.92
C PRO E 77 56.41 -1.75 -16.10
N VAL E 78 56.03 -2.22 -17.28
CA VAL E 78 56.06 -3.65 -17.60
C VAL E 78 57.23 -3.89 -18.53
N PRO E 79 58.22 -4.65 -18.07
CA PRO E 79 59.39 -4.93 -18.91
C PRO E 79 59.15 -6.05 -19.91
N GLN E 80 59.94 -6.03 -20.98
CA GLN E 80 59.86 -7.05 -22.00
C GLN E 80 60.82 -8.15 -21.59
N ASN E 81 60.51 -9.42 -21.88
CA ASN E 81 61.41 -10.51 -21.52
C ASN E 81 61.41 -11.69 -22.52
N ASP E 82 62.55 -11.87 -23.18
CA ASP E 82 62.68 -12.94 -24.16
C ASP E 82 63.22 -14.22 -23.52
N GLY E 83 62.98 -14.37 -22.22
CA GLY E 83 63.44 -15.55 -21.52
C GLY E 83 64.95 -15.77 -21.46
N PRO E 84 65.37 -16.95 -20.97
CA PRO E 84 66.79 -17.32 -20.83
C PRO E 84 67.71 -17.00 -22.01
N SER E 85 67.40 -17.55 -23.18
CA SER E 85 68.22 -17.33 -24.36
C SER E 85 67.50 -16.55 -25.46
N PRO E 86 67.60 -15.21 -25.44
CA PRO E 86 66.94 -14.39 -26.45
C PRO E 86 67.53 -14.51 -27.85
N VAL E 87 66.65 -14.49 -28.85
CA VAL E 87 67.04 -14.58 -30.25
C VAL E 87 66.75 -13.30 -31.00
N VAL E 88 67.65 -12.92 -31.91
CA VAL E 88 67.50 -11.69 -32.69
C VAL E 88 67.01 -10.57 -31.79
N GLN E 89 67.77 -10.33 -30.73
CA GLN E 89 67.47 -9.31 -29.74
C GLN E 89 68.06 -7.93 -30.07
N ILE E 90 67.20 -6.90 -30.01
CA ILE E 90 67.58 -5.53 -30.31
C ILE E 90 67.92 -4.79 -29.02
N ILE E 91 69.06 -4.11 -28.99
CA ILE E 91 69.46 -3.36 -27.79
C ILE E 91 68.79 -1.98 -27.81
N TYR E 92 68.17 -1.64 -26.68
CA TYR E 92 67.46 -0.37 -26.57
C TYR E 92 68.06 0.63 -25.59
N SER E 93 68.04 1.89 -25.98
CA SER E 93 68.54 2.98 -25.15
C SER E 93 67.63 3.13 -23.94
N GLU E 94 68.10 3.88 -22.94
CA GLU E 94 67.32 4.09 -21.74
C GLU E 94 65.97 4.72 -22.09
N LYS E 95 66.03 5.76 -22.91
CA LYS E 95 64.84 6.50 -23.33
C LYS E 95 63.82 5.58 -24.02
N PHE E 96 64.30 4.83 -25.00
CA PHE E 96 63.46 3.91 -25.75
C PHE E 96 62.78 2.91 -24.83
N ARG E 97 63.58 2.13 -24.11
CA ARG E 97 63.05 1.13 -23.20
C ARG E 97 62.06 1.75 -22.22
N ASP E 98 62.35 2.99 -21.79
CA ASP E 98 61.47 3.70 -20.87
C ASP E 98 60.08 3.91 -21.46
N VAL E 99 60.01 4.59 -22.59
CA VAL E 99 58.73 4.85 -23.25
C VAL E 99 57.92 3.57 -23.40
N TYR E 100 58.54 2.52 -23.93
CA TYR E 100 57.83 1.27 -24.14
C TYR E 100 57.49 0.48 -22.89
N ASP E 101 58.28 0.62 -21.83
CA ASP E 101 57.95 -0.10 -20.59
C ASP E 101 56.64 0.46 -20.05
N TYR E 102 56.40 1.73 -20.31
CA TYR E 102 55.17 2.35 -19.86
C TYR E 102 54.06 2.08 -20.85
N PHE E 103 54.42 1.93 -22.12
CA PHE E 103 53.41 1.63 -23.13
C PHE E 103 52.81 0.27 -22.78
N ARG E 104 53.68 -0.70 -22.51
CA ARG E 104 53.24 -2.04 -22.15
C ARG E 104 52.30 -1.97 -20.96
N ALA E 105 52.67 -1.15 -19.99
CA ALA E 105 51.87 -0.97 -18.79
C ALA E 105 50.46 -0.50 -19.13
N VAL E 106 50.37 0.61 -19.86
CA VAL E 106 49.09 1.16 -20.25
C VAL E 106 48.28 0.16 -21.08
N LEU E 107 48.92 -0.52 -22.03
CA LEU E 107 48.24 -1.50 -22.87
C LEU E 107 47.63 -2.59 -22.02
N GLN E 108 48.47 -3.25 -21.24
CA GLN E 108 48.06 -4.32 -20.37
C GLN E 108 46.80 -4.00 -19.57
N ARG E 109 46.63 -2.73 -19.20
CA ARG E 109 45.49 -2.29 -18.41
C ARG E 109 44.42 -1.65 -19.29
N ASP E 110 44.63 -1.67 -20.60
CA ASP E 110 43.68 -1.09 -21.53
C ASP E 110 43.19 0.27 -21.01
N GLU E 111 44.12 1.06 -20.48
CA GLU E 111 43.81 2.38 -19.95
C GLU E 111 43.48 3.37 -21.06
N ARG E 112 42.22 3.78 -21.14
CA ARG E 112 41.83 4.73 -22.18
C ARG E 112 42.02 6.17 -21.70
N SER E 113 43.20 6.47 -21.17
CA SER E 113 43.47 7.80 -20.65
C SER E 113 44.02 8.79 -21.67
N GLU E 114 44.06 10.05 -21.26
CA GLU E 114 44.57 11.11 -22.12
C GLU E 114 46.10 11.05 -22.08
N ARG E 115 46.64 10.59 -20.95
CA ARG E 115 48.08 10.50 -20.83
C ARG E 115 48.59 9.36 -21.71
N ALA E 116 47.75 8.33 -21.87
CA ALA E 116 48.11 7.18 -22.71
C ALA E 116 48.16 7.67 -24.15
N PHE E 117 47.15 8.44 -24.54
CA PHE E 117 47.10 8.96 -25.90
C PHE E 117 48.41 9.66 -26.26
N LYS E 118 48.91 10.48 -25.33
CA LYS E 118 50.17 11.19 -25.56
C LYS E 118 51.34 10.22 -25.60
N LEU E 119 51.28 9.20 -24.76
CA LEU E 119 52.36 8.22 -24.71
C LEU E 119 52.54 7.58 -26.08
N THR E 120 51.44 7.33 -26.78
CA THR E 120 51.53 6.71 -28.10
C THR E 120 52.32 7.57 -29.08
N ARG E 121 52.18 8.89 -28.98
CA ARG E 121 52.90 9.80 -29.86
C ARG E 121 54.40 9.55 -29.78
N ASP E 122 54.87 9.27 -28.55
CA ASP E 122 56.28 9.00 -28.32
C ASP E 122 56.67 7.61 -28.82
N ALA E 123 55.80 6.64 -28.60
CA ALA E 123 56.04 5.26 -29.03
C ALA E 123 56.10 5.25 -30.54
N ILE E 124 55.24 6.04 -31.16
CA ILE E 124 55.23 6.10 -32.61
C ILE E 124 56.48 6.79 -33.13
N GLU E 125 56.97 7.79 -32.42
CA GLU E 125 58.17 8.47 -32.88
C GLU E 125 59.35 7.50 -32.78
N LEU E 126 59.35 6.69 -31.73
CA LEU E 126 60.41 5.72 -31.54
C LEU E 126 60.35 4.56 -32.52
N ASN E 127 59.14 4.22 -32.99
CA ASN E 127 58.96 3.12 -33.94
C ASN E 127 57.58 3.09 -34.57
N ALA E 128 57.42 3.81 -35.68
CA ALA E 128 56.14 3.88 -36.37
C ALA E 128 55.73 2.59 -37.05
N ALA E 129 56.52 1.53 -36.87
CA ALA E 129 56.20 0.26 -37.50
C ALA E 129 55.46 -0.67 -36.55
N ASN E 130 55.30 -0.24 -35.31
CA ASN E 130 54.61 -1.06 -34.33
C ASN E 130 53.10 -0.94 -34.54
N TYR E 131 52.54 -1.90 -35.24
CA TYR E 131 51.11 -1.89 -35.56
C TYR E 131 50.18 -1.87 -34.33
N THR E 132 50.63 -2.46 -33.23
CA THR E 132 49.82 -2.49 -32.01
C THR E 132 49.66 -1.07 -31.47
N VAL E 133 50.73 -0.31 -31.52
CA VAL E 133 50.69 1.06 -31.03
C VAL E 133 49.65 1.82 -31.82
N TRP E 134 49.70 1.72 -33.14
CA TRP E 134 48.72 2.43 -33.95
C TRP E 134 47.30 1.96 -33.68
N HIS E 135 47.12 0.66 -33.42
CA HIS E 135 45.79 0.16 -33.14
C HIS E 135 45.27 0.82 -31.87
N PHE E 136 46.05 0.74 -30.80
CA PHE E 136 45.69 1.30 -29.52
C PHE E 136 45.41 2.79 -29.65
N ARG E 137 46.23 3.47 -30.45
CA ARG E 137 46.03 4.90 -30.64
C ARG E 137 44.66 5.15 -31.28
N ARG E 138 44.24 4.26 -32.17
CA ARG E 138 42.94 4.39 -32.83
C ARG E 138 41.84 4.15 -31.79
N VAL E 139 42.08 3.21 -30.89
CA VAL E 139 41.12 2.91 -29.84
C VAL E 139 40.90 4.18 -29.02
N LEU E 140 42.01 4.82 -28.65
CA LEU E 140 41.97 6.05 -27.86
C LEU E 140 41.34 7.17 -28.64
N LEU E 141 41.62 7.24 -29.93
CA LEU E 141 41.04 8.29 -30.74
C LEU E 141 39.54 8.29 -30.58
N ARG E 142 38.96 7.08 -30.50
CA ARG E 142 37.53 6.93 -30.35
C ARG E 142 37.10 7.20 -28.91
N SER E 143 37.63 6.43 -27.97
CA SER E 143 37.30 6.62 -26.57
C SER E 143 37.31 8.09 -26.17
N LEU E 144 38.46 8.74 -26.34
CA LEU E 144 38.60 10.14 -25.98
C LEU E 144 37.95 11.09 -26.96
N GLN E 145 37.28 10.53 -27.97
CA GLN E 145 36.61 11.34 -28.99
C GLN E 145 37.46 12.51 -29.43
N LYS E 146 38.69 12.22 -29.83
CA LYS E 146 39.64 13.25 -30.28
C LYS E 146 39.24 13.81 -31.64
N ASP E 147 39.72 15.01 -31.94
CA ASP E 147 39.44 15.67 -33.20
C ASP E 147 40.15 14.90 -34.32
N LEU E 148 39.38 14.27 -35.18
CA LEU E 148 39.97 13.50 -36.27
C LEU E 148 40.61 14.36 -37.33
N GLN E 149 40.16 15.59 -37.47
CA GLN E 149 40.72 16.46 -38.48
C GLN E 149 42.16 16.80 -38.07
N GLU E 150 42.40 16.78 -36.77
CA GLU E 150 43.72 17.07 -36.24
C GLU E 150 44.62 15.87 -36.53
N GLU E 151 44.09 14.68 -36.28
CA GLU E 151 44.82 13.45 -36.52
C GLU E 151 45.22 13.36 -37.99
N MET E 152 44.37 13.87 -38.87
CA MET E 152 44.69 13.85 -40.30
C MET E 152 45.98 14.61 -40.57
N ASN E 153 46.19 15.69 -39.82
CA ASN E 153 47.41 16.47 -40.00
C ASN E 153 48.58 15.65 -39.50
N TYR E 154 48.41 15.08 -38.32
CA TYR E 154 49.43 14.24 -37.71
C TYR E 154 49.93 13.17 -38.67
N ILE E 155 49.01 12.33 -39.14
CA ILE E 155 49.36 11.25 -40.05
C ILE E 155 49.93 11.77 -41.36
N ILE E 156 49.46 12.93 -41.83
CA ILE E 156 50.00 13.47 -43.07
C ILE E 156 51.49 13.76 -42.94
N ALA E 157 51.88 14.26 -41.77
CA ALA E 157 53.27 14.56 -41.49
C ALA E 157 54.08 13.27 -41.41
N ILE E 158 53.59 12.33 -40.59
CA ILE E 158 54.21 11.03 -40.40
C ILE E 158 54.49 10.31 -41.73
N ILE E 159 53.47 10.21 -42.58
CA ILE E 159 53.62 9.53 -43.86
C ILE E 159 54.65 10.19 -44.77
N GLU E 160 54.76 11.52 -44.71
CA GLU E 160 55.74 12.19 -45.55
C GLU E 160 57.15 11.78 -45.15
N GLU E 161 57.34 11.55 -43.85
CA GLU E 161 58.63 11.13 -43.31
C GLU E 161 58.90 9.66 -43.56
N GLN E 162 57.83 8.85 -43.65
CA GLN E 162 57.96 7.40 -43.86
C GLN E 162 56.95 6.90 -44.86
N PRO E 163 57.09 7.28 -46.12
CA PRO E 163 56.18 6.88 -47.20
C PRO E 163 56.13 5.40 -47.59
N LYS E 164 56.98 4.58 -46.99
CA LYS E 164 56.99 3.16 -47.32
C LYS E 164 56.61 2.29 -46.13
N ASN E 165 55.97 2.89 -45.14
CA ASN E 165 55.54 2.19 -43.93
C ASN E 165 54.09 1.73 -44.09
N TYR E 166 53.86 0.41 -44.02
CA TYR E 166 52.51 -0.14 -44.16
C TYR E 166 51.52 0.39 -43.11
N GLN E 167 51.93 0.40 -41.85
CA GLN E 167 51.06 0.84 -40.76
C GLN E 167 50.51 2.25 -40.88
N VAL E 168 51.31 3.18 -41.38
CA VAL E 168 50.87 4.56 -41.49
C VAL E 168 49.84 4.77 -42.59
N TRP E 169 49.97 4.04 -43.70
CA TRP E 169 49.00 4.20 -44.78
C TRP E 169 47.68 3.55 -44.39
N HIS E 170 47.75 2.52 -43.56
CA HIS E 170 46.54 1.85 -43.09
C HIS E 170 45.80 2.81 -42.18
N HIS E 171 46.54 3.42 -41.26
CA HIS E 171 45.98 4.38 -40.32
C HIS E 171 45.27 5.51 -41.05
N ARG E 172 45.90 6.05 -42.08
CA ARG E 172 45.28 7.12 -42.83
C ARG E 172 44.00 6.64 -43.52
N ARG E 173 44.01 5.43 -44.02
CA ARG E 173 42.84 4.91 -44.70
C ARG E 173 41.69 4.74 -43.72
N VAL E 174 41.99 4.30 -42.50
CA VAL E 174 40.95 4.13 -41.49
C VAL E 174 40.33 5.47 -41.15
N LEU E 175 41.15 6.51 -41.03
CA LEU E 175 40.66 7.85 -40.71
C LEU E 175 39.77 8.39 -41.81
N VAL E 176 40.18 8.25 -43.06
CA VAL E 176 39.37 8.72 -44.16
C VAL E 176 38.02 8.02 -44.15
N GLU E 177 38.00 6.74 -43.81
CA GLU E 177 36.73 6.00 -43.76
C GLU E 177 35.88 6.59 -42.65
N TRP E 178 36.50 6.84 -41.49
CA TRP E 178 35.79 7.42 -40.36
C TRP E 178 35.14 8.75 -40.73
N LEU E 179 35.94 9.66 -41.27
CA LEU E 179 35.46 10.99 -41.64
C LEU E 179 34.59 10.99 -42.88
N LYS E 180 34.66 9.92 -43.67
CA LYS E 180 33.91 9.86 -44.92
C LYS E 180 34.23 11.11 -45.72
N ASP E 181 35.45 11.62 -45.51
CA ASP E 181 35.94 12.82 -46.18
C ASP E 181 37.18 12.54 -47.03
N PRO E 182 37.04 12.55 -48.37
CA PRO E 182 38.20 12.29 -49.21
C PRO E 182 38.77 13.58 -49.80
N SER E 183 38.15 14.69 -49.42
CA SER E 183 38.51 16.02 -49.91
C SER E 183 39.99 16.36 -50.07
N GLN E 184 40.86 15.84 -49.21
CA GLN E 184 42.27 16.17 -49.37
C GLN E 184 43.17 15.02 -49.82
N GLU E 185 42.58 13.86 -50.11
CA GLU E 185 43.35 12.69 -50.51
C GLU E 185 44.11 12.79 -51.82
N LEU E 186 43.41 13.05 -52.92
CA LEU E 186 44.10 13.12 -54.21
C LEU E 186 45.30 14.05 -54.23
N GLU E 187 45.17 15.21 -53.59
CA GLU E 187 46.27 16.17 -53.56
C GLU E 187 47.44 15.64 -52.73
N PHE E 188 47.13 15.06 -51.57
CA PHE E 188 48.16 14.52 -50.68
C PHE E 188 48.98 13.44 -51.38
N ILE E 189 48.30 12.51 -52.01
CA ILE E 189 48.94 11.42 -52.71
C ILE E 189 49.82 11.97 -53.82
N ALA E 190 49.32 12.97 -54.54
CA ALA E 190 50.09 13.57 -55.63
C ALA E 190 51.42 14.13 -55.11
N ASP E 191 51.42 14.64 -53.88
CA ASP E 191 52.64 15.17 -53.29
C ASP E 191 53.59 14.03 -52.98
N ILE E 192 53.07 12.96 -52.38
CA ILE E 192 53.90 11.81 -52.05
C ILE E 192 54.45 11.24 -53.34
N LEU E 193 53.62 11.18 -54.37
CA LEU E 193 54.05 10.65 -55.65
C LEU E 193 55.09 11.57 -56.28
N ASN E 194 55.41 12.67 -55.61
CA ASN E 194 56.40 13.58 -56.15
C ASN E 194 57.78 13.18 -55.67
N GLN E 195 57.87 12.58 -54.50
CA GLN E 195 59.16 12.15 -54.02
C GLN E 195 59.43 10.69 -54.44
N ASP E 196 58.47 10.13 -55.17
CA ASP E 196 58.56 8.76 -55.68
C ASP E 196 57.31 8.47 -56.48
N ALA E 197 57.38 8.63 -57.78
CA ALA E 197 56.23 8.40 -58.65
C ALA E 197 55.81 6.95 -58.80
N LYS E 198 56.51 6.03 -58.12
CA LYS E 198 56.17 4.62 -58.23
C LYS E 198 55.89 3.97 -56.89
N ASN E 199 55.72 4.79 -55.86
CA ASN E 199 55.43 4.31 -54.51
C ASN E 199 54.16 3.45 -54.58
N TYR E 200 54.31 2.13 -54.38
CA TYR E 200 53.15 1.25 -54.47
C TYR E 200 52.09 1.61 -53.42
N HIS E 201 52.53 1.97 -52.21
CA HIS E 201 51.61 2.34 -51.14
C HIS E 201 50.71 3.51 -51.56
N ALA E 202 51.32 4.48 -52.22
CA ALA E 202 50.63 5.68 -52.69
C ALA E 202 49.60 5.35 -53.76
N TRP E 203 50.02 4.62 -54.77
CA TRP E 203 49.09 4.26 -55.83
C TRP E 203 47.94 3.41 -55.32
N GLN E 204 48.24 2.54 -54.36
CA GLN E 204 47.20 1.68 -53.82
C GLN E 204 46.17 2.53 -53.10
N HIS E 205 46.65 3.45 -52.26
CA HIS E 205 45.76 4.33 -51.51
C HIS E 205 44.96 5.21 -52.48
N ARG E 206 45.61 5.65 -53.55
CA ARG E 206 44.93 6.48 -54.52
C ARG E 206 43.78 5.73 -55.16
N GLN E 207 44.02 4.49 -55.57
CA GLN E 207 42.95 3.71 -56.19
C GLN E 207 41.81 3.45 -55.22
N TRP E 208 42.13 3.30 -53.93
CA TRP E 208 41.08 3.06 -52.95
C TRP E 208 40.19 4.28 -52.82
N VAL E 209 40.79 5.44 -52.63
CA VAL E 209 40.04 6.68 -52.51
C VAL E 209 39.17 6.90 -53.73
N ILE E 210 39.77 6.86 -54.91
CA ILE E 210 39.02 7.07 -56.14
C ILE E 210 37.83 6.14 -56.26
N GLN E 211 38.02 4.86 -55.94
CA GLN E 211 36.94 3.90 -56.04
C GLN E 211 35.86 4.08 -54.98
N GLU E 212 36.31 4.18 -53.73
CA GLU E 212 35.42 4.33 -52.59
C GLU E 212 34.51 5.56 -52.63
N PHE E 213 35.03 6.68 -53.11
CA PHE E 213 34.24 7.91 -53.17
C PHE E 213 33.93 8.35 -54.58
N ARG E 214 34.04 7.40 -55.52
CA ARG E 214 33.80 7.64 -56.93
C ARG E 214 34.33 9.00 -57.42
N LEU E 215 35.64 9.15 -57.41
CA LEU E 215 36.30 10.38 -57.84
C LEU E 215 37.07 10.18 -59.14
N TRP E 216 36.39 9.68 -60.18
CA TRP E 216 37.05 9.44 -61.45
C TRP E 216 37.24 10.69 -62.32
N ASP E 217 36.30 11.61 -62.23
CA ASP E 217 36.30 12.84 -63.00
C ASP E 217 37.61 13.41 -63.53
N ASN E 218 38.64 13.52 -62.68
CA ASN E 218 39.90 14.10 -63.12
C ASN E 218 41.11 13.18 -63.22
N GLU E 219 40.95 11.90 -62.89
CA GLU E 219 42.07 11.00 -62.90
C GLU E 219 42.71 10.80 -64.27
N LEU E 220 41.91 10.55 -65.31
CA LEU E 220 42.47 10.34 -66.64
C LEU E 220 43.35 11.51 -67.07
N GLN E 221 43.05 12.68 -66.53
CA GLN E 221 43.81 13.88 -66.86
C GLN E 221 45.13 13.83 -66.09
N TYR E 222 45.06 13.41 -64.83
CA TYR E 222 46.25 13.30 -63.97
C TYR E 222 47.22 12.33 -64.62
N VAL E 223 46.65 11.24 -65.13
CA VAL E 223 47.42 10.20 -65.80
C VAL E 223 48.16 10.79 -66.99
N ASP E 224 47.43 11.48 -67.87
CA ASP E 224 48.02 12.11 -69.06
C ASP E 224 49.18 13.02 -68.70
N GLN E 225 49.05 13.71 -67.58
CA GLN E 225 50.06 14.62 -67.12
C GLN E 225 51.33 13.88 -66.67
N LEU E 226 51.15 12.80 -65.90
CA LEU E 226 52.29 12.04 -65.41
C LEU E 226 52.99 11.27 -66.52
N LEU E 227 52.22 10.84 -67.52
CA LEU E 227 52.83 10.11 -68.62
C LEU E 227 53.70 11.04 -69.44
N LYS E 228 53.48 12.35 -69.28
CA LYS E 228 54.28 13.32 -70.00
C LYS E 228 55.58 13.53 -69.23
N GLU E 229 55.50 13.45 -67.90
CA GLU E 229 56.68 13.64 -67.06
C GLU E 229 57.63 12.44 -67.14
N ASP E 230 57.07 11.27 -67.47
CA ASP E 230 57.86 10.04 -67.55
C ASP E 230 57.00 8.94 -68.17
N VAL E 231 57.05 8.83 -69.49
CA VAL E 231 56.28 7.84 -70.22
C VAL E 231 56.66 6.40 -69.86
N ARG E 232 57.74 6.22 -69.11
CA ARG E 232 58.17 4.88 -68.72
C ARG E 232 57.64 4.42 -67.37
N ASN E 233 56.87 5.27 -66.69
CA ASN E 233 56.35 4.90 -65.39
C ASN E 233 55.21 3.90 -65.54
N ASN E 234 55.53 2.64 -65.25
CA ASN E 234 54.57 1.54 -65.34
C ASN E 234 53.34 1.76 -64.44
N SER E 235 53.55 2.40 -63.30
CA SER E 235 52.44 2.64 -62.36
C SER E 235 51.37 3.51 -62.98
N VAL E 236 51.79 4.51 -63.75
CA VAL E 236 50.85 5.42 -64.39
C VAL E 236 50.08 4.72 -65.51
N TRP E 237 50.73 3.86 -66.27
CA TRP E 237 50.03 3.14 -67.32
C TRP E 237 48.97 2.25 -66.69
N ASN E 238 49.24 1.71 -65.51
CA ASN E 238 48.27 0.86 -64.85
C ASN E 238 47.13 1.76 -64.40
N GLN E 239 47.47 2.93 -63.87
CA GLN E 239 46.44 3.86 -63.41
C GLN E 239 45.52 4.22 -64.56
N ARG E 240 46.10 4.36 -65.74
CA ARG E 240 45.31 4.70 -66.90
C ARG E 240 44.26 3.63 -67.15
N HIS E 241 44.69 2.37 -67.21
CA HIS E 241 43.77 1.26 -67.44
C HIS E 241 42.74 1.18 -66.32
N PHE E 242 43.18 1.46 -65.10
CA PHE E 242 42.30 1.46 -63.94
C PHE E 242 41.13 2.41 -64.18
N VAL E 243 41.44 3.65 -64.51
CA VAL E 243 40.43 4.67 -64.76
C VAL E 243 39.48 4.29 -65.88
N ILE E 244 40.02 4.06 -67.06
CA ILE E 244 39.21 3.72 -68.20
C ILE E 244 38.29 2.53 -68.01
N SER E 245 38.85 1.41 -67.56
CA SER E 245 38.01 0.22 -67.38
C SER E 245 36.95 0.38 -66.28
N ASN E 246 37.10 1.38 -65.43
CA ASN E 246 36.14 1.61 -64.37
C ASN E 246 35.17 2.75 -64.70
N THR E 247 35.20 3.23 -65.93
CA THR E 247 34.30 4.30 -66.34
C THR E 247 33.70 3.93 -67.69
N THR E 248 34.28 4.40 -68.77
CA THR E 248 33.76 4.11 -70.09
C THR E 248 33.95 2.66 -70.51
N GLY E 249 35.02 2.02 -70.04
CA GLY E 249 35.27 0.64 -70.43
C GLY E 249 35.94 0.67 -71.80
N TYR E 250 36.32 -0.48 -72.34
CA TYR E 250 36.97 -0.49 -73.65
C TYR E 250 36.10 -1.04 -74.76
N SER E 251 34.84 -1.31 -74.46
CA SER E 251 33.92 -1.85 -75.45
C SER E 251 33.49 -0.80 -76.46
N ASP E 252 33.52 0.47 -76.05
CA ASP E 252 33.16 1.53 -76.96
C ASP E 252 34.28 1.64 -77.99
N ARG E 253 34.05 1.10 -79.18
CA ARG E 253 35.06 1.14 -80.23
C ARG E 253 35.68 2.52 -80.37
N ALA E 254 34.94 3.55 -79.99
CA ALA E 254 35.43 4.92 -80.08
C ALA E 254 36.58 5.07 -79.10
N VAL E 255 36.38 4.56 -77.89
CA VAL E 255 37.38 4.64 -76.84
C VAL E 255 38.58 3.74 -77.14
N LEU E 256 38.30 2.50 -77.54
CA LEU E 256 39.36 1.54 -77.86
C LEU E 256 40.30 2.18 -78.88
N GLU E 257 39.70 2.76 -79.91
CA GLU E 257 40.46 3.43 -80.97
C GLU E 257 41.28 4.57 -80.40
N ARG E 258 40.66 5.45 -79.61
CA ARG E 258 41.37 6.56 -79.02
C ARG E 258 42.60 6.08 -78.26
N GLU E 259 42.41 5.02 -77.48
CA GLU E 259 43.47 4.44 -76.67
C GLU E 259 44.59 3.79 -77.47
N VAL E 260 44.22 2.95 -78.44
CA VAL E 260 45.23 2.32 -79.25
C VAL E 260 46.05 3.40 -79.94
N GLN E 261 45.38 4.47 -80.38
CA GLN E 261 46.06 5.57 -81.05
C GLN E 261 46.99 6.28 -80.10
N TYR E 262 46.48 6.58 -78.90
CA TYR E 262 47.25 7.27 -77.88
C TYR E 262 48.54 6.53 -77.58
N THR E 263 48.42 5.22 -77.44
CA THR E 263 49.56 4.36 -77.13
C THR E 263 50.58 4.35 -78.25
N LEU E 264 50.12 4.11 -79.47
CA LEU E 264 51.03 4.09 -80.62
C LEU E 264 51.80 5.40 -80.69
N GLU E 265 51.20 6.49 -80.27
CA GLU E 265 51.88 7.78 -80.30
C GLU E 265 52.99 7.82 -79.27
N MET E 266 52.71 7.25 -78.10
CA MET E 266 53.70 7.22 -77.02
C MET E 266 54.83 6.27 -77.40
N ILE E 267 54.47 5.17 -78.07
CA ILE E 267 55.44 4.20 -78.51
C ILE E 267 56.40 4.86 -79.49
N LYS E 268 55.87 5.68 -80.40
CA LYS E 268 56.72 6.36 -81.38
C LYS E 268 57.67 7.33 -80.70
N LEU E 269 57.29 7.90 -79.56
CA LEU E 269 58.17 8.83 -78.86
C LEU E 269 59.31 8.12 -78.17
N VAL E 270 59.03 6.95 -77.61
CA VAL E 270 60.02 6.13 -76.90
C VAL E 270 59.64 4.69 -77.21
N PRO E 271 60.07 4.18 -78.38
CA PRO E 271 59.81 2.82 -78.86
C PRO E 271 60.21 1.69 -77.93
N HIS E 272 61.20 1.93 -77.08
CA HIS E 272 61.66 0.90 -76.15
C HIS E 272 61.05 1.17 -74.78
N ASN E 273 59.79 0.78 -74.62
CA ASN E 273 59.07 0.99 -73.37
C ASN E 273 58.09 -0.16 -73.17
N GLU E 274 58.48 -1.12 -72.33
CA GLU E 274 57.64 -2.28 -72.08
C GLU E 274 56.24 -1.91 -71.63
N SER E 275 56.15 -0.88 -70.77
CA SER E 275 54.87 -0.44 -70.26
C SER E 275 53.87 -0.11 -71.36
N ALA E 276 54.28 0.77 -72.28
CA ALA E 276 53.42 1.17 -73.38
C ALA E 276 52.98 -0.04 -74.20
N TRP E 277 53.92 -0.94 -74.50
CA TRP E 277 53.57 -2.12 -75.28
C TRP E 277 52.64 -3.07 -74.54
N ASN E 278 52.84 -3.18 -73.22
CA ASN E 278 52.00 -4.07 -72.42
C ASN E 278 50.57 -3.58 -72.37
N TYR E 279 50.41 -2.25 -72.33
CA TYR E 279 49.09 -1.63 -72.30
C TYR E 279 48.40 -1.91 -73.64
N LEU E 280 49.11 -1.65 -74.74
CA LEU E 280 48.57 -1.88 -76.05
C LEU E 280 48.09 -3.32 -76.18
N LYS E 281 48.97 -4.28 -75.92
CA LYS E 281 48.59 -5.69 -76.00
C LYS E 281 47.51 -6.01 -74.98
N GLY E 282 47.60 -5.39 -73.80
CA GLY E 282 46.64 -5.61 -72.76
C GLY E 282 45.21 -5.37 -73.18
N ILE E 283 44.94 -4.17 -73.71
CA ILE E 283 43.58 -3.80 -74.12
C ILE E 283 43.09 -4.45 -75.42
N LEU E 284 43.94 -5.22 -76.08
CA LEU E 284 43.54 -5.87 -77.32
C LEU E 284 43.61 -7.40 -77.27
N GLN E 285 44.48 -7.94 -76.42
CA GLN E 285 44.66 -9.38 -76.37
C GLN E 285 43.41 -10.20 -76.18
N ASP E 286 42.44 -9.70 -75.44
CA ASP E 286 41.25 -10.49 -75.22
C ASP E 286 40.22 -10.46 -76.31
N ARG E 287 40.20 -9.41 -77.11
CA ARG E 287 39.25 -9.32 -78.21
C ARG E 287 39.84 -10.09 -79.39
N GLY E 288 41.14 -10.36 -79.34
CA GLY E 288 41.77 -11.10 -80.41
C GLY E 288 42.71 -10.25 -81.25
N LEU E 289 44.00 -10.33 -80.98
CA LEU E 289 44.99 -9.54 -81.71
C LEU E 289 44.91 -9.66 -83.24
N SER E 290 44.54 -10.84 -83.73
CA SER E 290 44.45 -11.06 -85.17
C SER E 290 43.25 -10.39 -85.84
N ARG E 291 42.29 -9.92 -85.06
CA ARG E 291 41.11 -9.28 -85.63
C ARG E 291 41.32 -7.78 -85.97
N TYR E 292 42.57 -7.35 -86.01
CA TYR E 292 42.87 -5.95 -86.31
C TYR E 292 43.93 -5.85 -87.40
N PRO E 293 43.56 -6.17 -88.65
CA PRO E 293 44.45 -6.13 -89.81
C PRO E 293 45.33 -4.89 -89.98
N ASN E 294 44.79 -3.70 -89.76
CA ASN E 294 45.60 -2.51 -89.94
C ASN E 294 46.70 -2.40 -88.90
N LEU E 295 46.50 -3.01 -87.73
CA LEU E 295 47.50 -2.95 -86.67
C LEU E 295 48.74 -3.75 -87.09
N LEU E 296 48.52 -4.92 -87.65
CA LEU E 296 49.61 -5.76 -88.09
C LEU E 296 50.49 -5.02 -89.07
N ASN E 297 49.86 -4.34 -90.01
CA ASN E 297 50.61 -3.59 -91.03
C ASN E 297 51.28 -2.37 -90.44
N GLN E 298 50.56 -1.60 -89.64
CA GLN E 298 51.15 -0.40 -89.06
C GLN E 298 52.37 -0.72 -88.22
N LEU E 299 52.39 -1.91 -87.63
CA LEU E 299 53.52 -2.33 -86.82
C LEU E 299 54.65 -2.80 -87.72
N LEU E 300 54.31 -3.58 -88.75
CA LEU E 300 55.30 -4.07 -89.70
C LEU E 300 56.04 -2.89 -90.35
N ASP E 301 55.39 -1.74 -90.42
CA ASP E 301 56.01 -0.56 -91.02
C ASP E 301 56.87 0.18 -90.02
N LEU E 302 56.48 0.14 -88.75
CA LEU E 302 57.24 0.79 -87.70
C LEU E 302 58.60 0.10 -87.56
N GLN E 303 58.61 -1.22 -87.74
CA GLN E 303 59.80 -2.05 -87.60
C GLN E 303 61.10 -1.40 -88.08
N PRO E 304 61.15 -0.95 -89.34
CA PRO E 304 62.35 -0.31 -89.87
C PRO E 304 63.02 0.71 -88.92
N SER E 305 62.23 1.67 -88.45
CA SER E 305 62.74 2.72 -87.57
C SER E 305 62.54 2.55 -86.05
N HIS E 306 61.34 2.16 -85.64
CA HIS E 306 61.04 1.98 -84.21
C HIS E 306 61.10 0.54 -83.71
N SER E 307 61.96 -0.29 -84.31
CA SER E 307 62.08 -1.67 -83.87
C SER E 307 62.57 -1.79 -82.43
N SER E 308 62.19 -2.90 -81.80
CA SER E 308 62.57 -3.18 -80.41
C SER E 308 62.08 -4.59 -80.14
N PRO E 309 62.64 -5.24 -79.11
CA PRO E 309 62.21 -6.60 -78.80
C PRO E 309 60.69 -6.67 -78.55
N TYR E 310 60.14 -5.60 -77.97
CA TYR E 310 58.72 -5.54 -77.67
C TYR E 310 57.85 -5.60 -78.92
N LEU E 311 58.29 -4.91 -79.96
CA LEU E 311 57.56 -4.88 -81.22
C LEU E 311 57.57 -6.28 -81.86
N ILE E 312 58.76 -6.88 -81.94
CA ILE E 312 58.89 -8.20 -82.54
C ILE E 312 58.02 -9.18 -81.77
N ALA E 313 58.03 -9.06 -80.45
CA ALA E 313 57.26 -9.94 -79.60
C ALA E 313 55.79 -9.78 -79.90
N PHE E 314 55.35 -8.53 -80.04
CA PHE E 314 53.95 -8.23 -80.35
C PHE E 314 53.55 -8.96 -81.64
N LEU E 315 54.39 -8.86 -82.66
CA LEU E 315 54.17 -9.51 -83.94
C LEU E 315 54.03 -11.02 -83.77
N VAL E 316 54.91 -11.62 -82.99
CA VAL E 316 54.86 -13.06 -82.75
C VAL E 316 53.50 -13.42 -82.18
N ASP E 317 53.02 -12.59 -81.24
CA ASP E 317 51.73 -12.81 -80.61
C ASP E 317 50.55 -12.69 -81.59
N ILE E 318 50.65 -11.73 -82.50
CA ILE E 318 49.62 -11.53 -83.52
C ILE E 318 49.56 -12.80 -84.38
N TYR E 319 50.71 -13.22 -84.88
CA TYR E 319 50.79 -14.43 -85.68
C TYR E 319 50.23 -15.63 -84.93
N GLU E 320 50.55 -15.73 -83.65
CA GLU E 320 50.06 -16.86 -82.87
C GLU E 320 48.55 -16.82 -82.76
N ASP E 321 47.97 -15.63 -82.59
CA ASP E 321 46.52 -15.54 -82.49
C ASP E 321 45.90 -16.00 -83.80
N MET E 322 46.60 -15.71 -84.91
CA MET E 322 46.12 -16.14 -86.22
C MET E 322 46.07 -17.66 -86.27
N LEU E 323 47.23 -18.29 -86.05
CA LEU E 323 47.32 -19.74 -86.06
C LEU E 323 46.21 -20.33 -85.19
N GLU E 324 45.93 -19.65 -84.07
CA GLU E 324 44.90 -20.09 -83.14
C GLU E 324 43.54 -20.10 -83.83
N ASN E 325 43.29 -19.07 -84.64
CA ASN E 325 42.01 -18.97 -85.35
C ASN E 325 42.08 -19.49 -86.79
N GLN E 326 42.60 -20.70 -86.95
CA GLN E 326 42.72 -21.33 -88.27
C GLN E 326 42.68 -20.37 -89.46
N CYS E 327 43.67 -19.49 -89.56
CA CYS E 327 43.74 -18.52 -90.64
C CYS E 327 44.19 -19.13 -91.97
N ASP E 328 44.39 -18.28 -92.97
CA ASP E 328 44.83 -18.69 -94.31
C ASP E 328 46.35 -18.78 -94.32
N ASN E 329 46.88 -19.87 -94.88
CA ASN E 329 48.33 -20.09 -94.96
C ASN E 329 48.89 -20.46 -93.59
N LYS E 330 48.19 -21.34 -92.88
CA LYS E 330 48.63 -21.75 -91.55
C LYS E 330 50.13 -22.03 -91.50
N GLU E 331 50.64 -22.80 -92.45
CA GLU E 331 52.05 -23.13 -92.47
C GLU E 331 52.91 -21.92 -92.85
N ASP E 332 52.36 -20.99 -93.61
CA ASP E 332 53.10 -19.81 -94.01
C ASP E 332 53.25 -18.85 -92.83
N ILE E 333 52.18 -18.71 -92.06
CA ILE E 333 52.18 -17.85 -90.88
C ILE E 333 53.20 -18.37 -89.87
N LEU E 334 53.07 -19.65 -89.54
CA LEU E 334 53.95 -20.31 -88.58
C LEU E 334 55.41 -19.96 -88.83
N ASN E 335 55.79 -19.87 -90.10
CA ASN E 335 57.16 -19.53 -90.45
C ASN E 335 57.53 -18.09 -90.15
N LYS E 336 56.58 -17.19 -90.31
CA LYS E 336 56.84 -15.79 -90.02
C LYS E 336 57.03 -15.64 -88.52
N ALA E 337 56.30 -16.46 -87.76
CA ALA E 337 56.37 -16.44 -86.31
C ALA E 337 57.75 -16.95 -85.89
N LEU E 338 58.02 -18.20 -86.26
CA LEU E 338 59.31 -18.85 -85.94
C LEU E 338 60.49 -18.00 -86.38
N GLU E 339 60.37 -17.40 -87.56
CA GLU E 339 61.45 -16.57 -88.06
C GLU E 339 61.71 -15.41 -87.11
N LEU E 340 60.63 -14.88 -86.55
CA LEU E 340 60.72 -13.77 -85.60
C LEU E 340 61.27 -14.25 -84.25
N CYS E 341 60.81 -15.44 -83.82
CA CYS E 341 61.28 -16.01 -82.56
C CYS E 341 62.80 -16.08 -82.59
N GLU E 342 63.34 -16.59 -83.69
CA GLU E 342 64.77 -16.72 -83.84
C GLU E 342 65.46 -15.36 -83.86
N ILE E 343 64.82 -14.37 -84.47
CA ILE E 343 65.39 -13.03 -84.52
C ILE E 343 65.53 -12.52 -83.09
N LEU E 344 64.55 -12.85 -82.25
CA LEU E 344 64.54 -12.45 -80.86
C LEU E 344 65.64 -13.18 -80.11
N ALA E 345 65.69 -14.50 -80.26
CA ALA E 345 66.70 -15.33 -79.59
C ALA E 345 68.12 -14.98 -80.03
N LYS E 346 68.33 -14.93 -81.33
CA LYS E 346 69.65 -14.64 -81.89
C LYS E 346 70.18 -13.22 -81.78
N GLU E 347 69.34 -12.20 -82.00
CA GLU E 347 69.86 -10.84 -81.94
C GLU E 347 69.09 -9.76 -81.17
N LYS E 348 67.77 -9.82 -81.16
CA LYS E 348 66.98 -8.78 -80.50
C LYS E 348 66.76 -8.85 -78.98
N ASP E 349 66.54 -10.05 -78.46
CA ASP E 349 66.29 -10.21 -77.03
C ASP E 349 67.08 -11.42 -76.51
N THR E 350 68.39 -11.43 -76.77
CA THR E 350 69.27 -12.53 -76.40
C THR E 350 69.23 -13.07 -74.97
N ILE E 351 68.99 -12.20 -73.98
CA ILE E 351 68.95 -12.69 -72.61
C ILE E 351 67.83 -13.72 -72.42
N ARG E 352 66.84 -13.70 -73.30
CA ARG E 352 65.75 -14.66 -73.24
C ARG E 352 65.87 -15.66 -74.40
N LYS E 353 67.10 -15.77 -74.91
CA LYS E 353 67.41 -16.67 -76.01
C LYS E 353 66.77 -18.04 -75.86
N GLU E 354 66.99 -18.68 -74.72
CA GLU E 354 66.42 -20.01 -74.47
C GLU E 354 64.91 -20.04 -74.41
N TYR E 355 64.31 -18.94 -73.95
CA TYR E 355 62.86 -18.84 -73.84
C TYR E 355 62.23 -18.71 -75.22
N TRP E 356 62.77 -17.80 -76.03
CA TRP E 356 62.24 -17.60 -77.36
C TRP E 356 62.35 -18.88 -78.18
N ARG E 357 63.45 -19.61 -77.98
CA ARG E 357 63.64 -20.87 -78.69
C ARG E 357 62.56 -21.85 -78.22
N TYR E 358 62.27 -21.82 -76.93
CA TYR E 358 61.26 -22.69 -76.34
C TYR E 358 59.91 -22.34 -76.95
N ILE E 359 59.63 -21.04 -77.04
CA ILE E 359 58.37 -20.57 -77.61
C ILE E 359 58.25 -21.07 -79.05
N GLY E 360 59.33 -20.92 -79.81
CA GLY E 360 59.31 -21.39 -81.18
C GLY E 360 58.92 -22.86 -81.22
N ARG E 361 59.70 -23.70 -80.54
CA ARG E 361 59.43 -25.14 -80.50
C ARG E 361 57.98 -25.41 -80.15
N SER E 362 57.42 -24.62 -79.23
CA SER E 362 56.04 -24.77 -78.82
C SER E 362 55.08 -24.49 -79.98
N LEU E 363 55.31 -23.41 -80.70
CA LEU E 363 54.46 -23.06 -81.84
C LEU E 363 54.56 -24.15 -82.91
N GLN E 364 55.79 -24.57 -83.19
CA GLN E 364 56.05 -25.62 -84.18
C GLN E 364 55.20 -26.87 -83.91
N SER E 365 55.40 -27.46 -82.73
CA SER E 365 54.69 -28.66 -82.37
C SER E 365 53.20 -28.47 -82.12
N LYS E 366 52.70 -27.25 -82.28
CA LYS E 366 51.27 -27.00 -82.07
C LYS E 366 50.54 -26.68 -83.38
N HIS E 367 51.31 -26.30 -84.40
CA HIS E 367 50.70 -25.96 -85.69
C HIS E 367 51.46 -26.49 -86.91
N SER E 368 51.64 -27.82 -86.98
CA SER E 368 52.34 -28.44 -88.11
C SER E 368 51.71 -29.77 -88.53
N LEU F 18 82.27 -13.64 -59.50
CA LEU F 18 83.41 -14.33 -58.80
C LEU F 18 82.93 -15.59 -58.07
N ASP F 19 83.25 -15.64 -56.77
CA ASP F 19 82.90 -16.76 -55.93
C ASP F 19 81.90 -16.37 -54.85
N PHE F 20 81.38 -17.40 -54.18
CA PHE F 20 80.39 -17.27 -53.13
C PHE F 20 81.05 -17.46 -51.76
N LEU F 21 81.25 -16.38 -51.02
CA LEU F 21 81.88 -16.46 -49.70
C LEU F 21 80.99 -17.13 -48.67
N ARG F 22 80.71 -18.41 -48.90
CA ARG F 22 79.87 -19.24 -48.05
C ARG F 22 80.04 -19.05 -46.53
N ASP F 23 81.24 -19.23 -46.01
CA ASP F 23 81.47 -19.10 -44.56
C ASP F 23 81.17 -17.71 -44.03
N ARG F 24 81.56 -16.70 -44.81
CA ARG F 24 81.34 -15.32 -44.46
C ARG F 24 79.84 -15.15 -44.19
N HIS F 25 79.01 -15.77 -45.04
CA HIS F 25 77.57 -15.70 -44.90
C HIS F 25 77.05 -16.52 -43.73
N VAL F 26 77.77 -17.55 -43.32
CA VAL F 26 77.30 -18.33 -42.18
C VAL F 26 77.47 -17.50 -40.92
N ARG F 27 78.59 -16.77 -40.87
CA ARG F 27 78.86 -15.90 -39.73
C ARG F 27 77.80 -14.80 -39.69
N PHE F 28 77.50 -14.24 -40.85
CA PHE F 28 76.50 -13.18 -40.98
C PHE F 28 75.18 -13.59 -40.33
N PHE F 29 74.61 -14.71 -40.78
CA PHE F 29 73.35 -15.17 -40.22
C PHE F 29 73.50 -15.41 -38.74
N GLN F 30 74.67 -15.88 -38.34
CA GLN F 30 74.95 -16.16 -36.94
C GLN F 30 74.80 -14.93 -36.06
N ARG F 31 75.32 -13.82 -36.53
CA ARG F 31 75.22 -12.56 -35.80
C ARG F 31 73.79 -12.09 -35.74
N CYS F 32 73.01 -12.35 -36.79
CA CYS F 32 71.61 -11.93 -36.82
C CYS F 32 70.81 -12.56 -35.71
N LEU F 33 71.10 -13.82 -35.39
CA LEU F 33 70.38 -14.51 -34.32
C LEU F 33 70.80 -14.02 -32.94
N GLN F 34 71.91 -13.30 -32.88
CA GLN F 34 72.44 -12.81 -31.62
C GLN F 34 71.89 -11.47 -31.17
N VAL F 35 72.56 -10.39 -31.56
CA VAL F 35 72.13 -9.06 -31.15
C VAL F 35 72.16 -8.09 -32.32
N LEU F 36 71.22 -7.14 -32.33
CA LEU F 36 71.12 -6.13 -33.38
C LEU F 36 71.20 -4.74 -32.75
N PRO F 37 71.74 -3.75 -33.50
CA PRO F 37 71.88 -2.36 -33.04
C PRO F 37 70.51 -1.71 -32.93
N GLU F 38 70.35 -0.77 -31.99
CA GLU F 38 69.05 -0.11 -31.83
C GLU F 38 68.56 0.51 -33.14
N ARG F 39 69.41 0.47 -34.17
CA ARG F 39 69.05 1.01 -35.47
C ARG F 39 68.00 0.13 -36.16
N TYR F 40 67.82 -1.10 -35.65
CA TYR F 40 66.85 -2.01 -36.25
C TYR F 40 65.60 -2.15 -35.39
N SER F 41 65.32 -1.11 -34.62
CA SER F 41 64.17 -1.06 -33.72
C SER F 41 62.83 -1.23 -34.43
N SER F 42 62.77 -0.80 -35.68
CA SER F 42 61.54 -0.88 -36.47
C SER F 42 61.18 -2.32 -36.85
N LEU F 43 62.04 -3.27 -36.49
CA LEU F 43 61.80 -4.67 -36.80
C LEU F 43 61.37 -5.40 -35.52
N GLU F 44 61.16 -4.67 -34.44
CA GLU F 44 60.78 -5.29 -33.18
C GLU F 44 59.62 -6.27 -33.31
N THR F 45 58.50 -5.82 -33.87
CA THR F 45 57.34 -6.69 -34.02
C THR F 45 57.45 -7.71 -35.16
N SER F 46 58.63 -7.82 -35.78
CA SER F 46 58.82 -8.75 -36.88
C SER F 46 60.13 -9.49 -36.69
N ARG F 47 60.55 -9.61 -35.45
CA ARG F 47 61.82 -10.27 -35.18
C ARG F 47 61.76 -11.73 -35.59
N LEU F 48 60.61 -12.36 -35.41
CA LEU F 48 60.47 -13.77 -35.76
C LEU F 48 60.80 -14.00 -37.24
N THR F 49 60.38 -13.10 -38.11
CA THR F 49 60.68 -13.28 -39.53
C THR F 49 62.16 -13.07 -39.79
N ILE F 50 62.83 -12.30 -38.92
CA ILE F 50 64.27 -12.08 -39.09
C ILE F 50 64.96 -13.37 -38.67
N ALA F 51 64.47 -13.98 -37.59
CA ALA F 51 65.01 -15.24 -37.11
C ALA F 51 64.89 -16.21 -38.28
N PHE F 52 63.72 -16.20 -38.93
CA PHE F 52 63.47 -17.06 -40.08
C PHE F 52 64.50 -16.85 -41.20
N PHE F 53 64.77 -15.60 -41.52
CA PHE F 53 65.74 -15.32 -42.59
C PHE F 53 67.10 -15.90 -42.25
N ALA F 54 67.46 -15.84 -40.98
CA ALA F 54 68.74 -16.34 -40.51
C ALA F 54 68.75 -17.86 -40.39
N LEU F 55 67.75 -18.41 -39.72
CA LEU F 55 67.64 -19.86 -39.56
C LEU F 55 67.48 -20.58 -40.89
N SER F 56 66.49 -20.17 -41.69
CA SER F 56 66.30 -20.79 -42.99
C SER F 56 67.54 -20.56 -43.84
N GLY F 57 68.17 -19.41 -43.65
CA GLY F 57 69.38 -19.10 -44.38
C GLY F 57 70.52 -20.04 -44.02
N LEU F 58 70.63 -20.34 -42.72
CA LEU F 58 71.67 -21.26 -42.23
C LEU F 58 71.37 -22.67 -42.73
N ASP F 59 70.11 -23.05 -42.64
CA ASP F 59 69.68 -24.36 -43.12
C ASP F 59 70.10 -24.49 -44.60
N MET F 60 69.77 -23.48 -45.39
CA MET F 60 70.09 -23.44 -46.81
C MET F 60 71.58 -23.62 -47.06
N LEU F 61 72.41 -23.20 -46.10
CA LEU F 61 73.86 -23.31 -46.21
C LEU F 61 74.34 -24.57 -45.51
N ASP F 62 73.38 -25.30 -44.94
CA ASP F 62 73.69 -26.53 -44.25
C ASP F 62 74.64 -26.24 -43.09
N SER F 63 74.24 -25.32 -42.21
CA SER F 63 75.06 -24.94 -41.06
C SER F 63 74.21 -24.73 -39.82
N LEU F 64 73.09 -25.42 -39.74
CA LEU F 64 72.22 -25.26 -38.57
C LEU F 64 72.90 -25.64 -37.27
N ASP F 65 73.92 -26.49 -37.35
CA ASP F 65 74.65 -26.92 -36.17
C ASP F 65 75.27 -25.77 -35.36
N VAL F 66 75.64 -24.69 -36.02
CA VAL F 66 76.23 -23.56 -35.32
C VAL F 66 75.27 -22.81 -34.37
N VAL F 67 74.09 -23.37 -34.14
CA VAL F 67 73.15 -22.73 -33.22
C VAL F 67 72.54 -23.76 -32.28
N ASN F 68 71.98 -23.29 -31.18
CA ASN F 68 71.36 -24.18 -30.22
C ASN F 68 69.90 -24.35 -30.59
N LYS F 69 69.61 -25.40 -31.36
CA LYS F 69 68.24 -25.66 -31.80
C LYS F 69 67.21 -25.68 -30.68
N ASP F 70 67.61 -26.17 -29.51
CA ASP F 70 66.70 -26.25 -28.37
C ASP F 70 66.33 -24.90 -27.76
N ASP F 71 67.32 -24.02 -27.59
CA ASP F 71 67.06 -22.71 -27.02
C ASP F 71 66.13 -21.93 -27.91
N ILE F 72 66.41 -21.96 -29.20
CA ILE F 72 65.61 -21.25 -30.18
C ILE F 72 64.20 -21.78 -30.24
N ILE F 73 64.05 -23.11 -30.22
CA ILE F 73 62.72 -23.69 -30.26
C ILE F 73 61.87 -23.24 -29.08
N GLU F 74 62.49 -23.04 -27.93
CA GLU F 74 61.76 -22.60 -26.75
C GLU F 74 61.35 -21.14 -26.91
N TRP F 75 62.26 -20.36 -27.46
CA TRP F 75 62.00 -18.94 -27.69
C TRP F 75 60.79 -18.82 -28.60
N ILE F 76 60.82 -19.56 -29.71
CA ILE F 76 59.72 -19.53 -30.66
C ILE F 76 58.40 -19.91 -29.99
N TYR F 77 58.38 -21.00 -29.24
CA TYR F 77 57.17 -21.42 -28.57
C TYR F 77 56.67 -20.40 -27.56
N SER F 78 57.56 -19.55 -27.06
CA SER F 78 57.15 -18.54 -26.10
C SER F 78 56.38 -17.45 -26.83
N LEU F 79 56.45 -17.48 -28.14
CA LEU F 79 55.77 -16.50 -28.98
C LEU F 79 54.38 -16.93 -29.43
N GLN F 80 53.96 -18.14 -29.07
CA GLN F 80 52.65 -18.63 -29.46
C GLN F 80 51.53 -18.10 -28.57
N VAL F 81 50.48 -17.58 -29.20
CA VAL F 81 49.33 -17.08 -28.49
C VAL F 81 48.41 -18.27 -28.34
N LEU F 82 48.42 -18.88 -27.16
CA LEU F 82 47.60 -20.05 -26.87
C LEU F 82 46.23 -19.65 -26.35
N PRO F 83 45.24 -20.53 -26.53
CA PRO F 83 43.91 -20.18 -26.03
C PRO F 83 43.88 -20.14 -24.50
N THR F 84 43.12 -19.20 -23.96
CA THR F 84 42.99 -19.07 -22.52
C THR F 84 42.13 -20.21 -21.98
N GLU F 85 41.96 -20.23 -20.65
CA GLU F 85 41.15 -21.26 -20.00
C GLU F 85 39.78 -21.36 -20.66
N ASP F 86 39.03 -20.28 -20.63
CA ASP F 86 37.69 -20.23 -21.22
C ASP F 86 37.68 -20.33 -22.75
N ARG F 87 38.86 -20.29 -23.35
CA ARG F 87 39.00 -20.39 -24.81
C ARG F 87 38.16 -19.34 -25.54
N SER F 88 38.07 -18.15 -24.96
CA SER F 88 37.30 -17.07 -25.56
C SER F 88 38.14 -16.25 -26.54
N ASN F 89 39.42 -16.61 -26.66
CA ASN F 89 40.34 -15.90 -27.54
C ASN F 89 40.82 -16.76 -28.71
N LEU F 90 39.98 -17.69 -29.14
CA LEU F 90 40.37 -18.56 -30.25
C LEU F 90 40.62 -17.79 -31.53
N ASP F 91 39.79 -16.79 -31.80
CA ASP F 91 39.92 -15.97 -33.00
C ASP F 91 41.20 -15.15 -33.04
N ARG F 92 42.01 -15.25 -31.99
CA ARG F 92 43.24 -14.49 -31.93
C ARG F 92 44.50 -15.29 -31.75
N CYS F 93 44.41 -16.61 -31.86
CA CYS F 93 45.61 -17.42 -31.68
C CYS F 93 46.50 -17.51 -32.91
N GLY F 94 47.77 -17.83 -32.67
CA GLY F 94 48.75 -17.94 -33.72
C GLY F 94 50.08 -17.60 -33.06
N PHE F 95 50.93 -16.82 -33.73
CA PHE F 95 52.20 -16.44 -33.11
C PHE F 95 52.44 -14.93 -33.14
N ARG F 96 53.30 -14.46 -32.22
CA ARG F 96 53.65 -13.05 -32.12
C ARG F 96 54.97 -12.87 -32.83
N GLY F 97 55.30 -11.63 -33.19
CA GLY F 97 56.56 -11.37 -33.86
C GLY F 97 57.70 -11.36 -32.86
N SER F 98 57.38 -10.96 -31.63
CA SER F 98 58.34 -10.89 -30.54
C SER F 98 57.58 -10.77 -29.23
N SER F 99 58.31 -10.43 -28.17
CA SER F 99 57.73 -10.28 -26.84
C SER F 99 57.46 -8.82 -26.46
N TYR F 100 57.40 -7.94 -27.45
CA TYR F 100 57.18 -6.53 -27.20
C TYR F 100 55.98 -6.15 -26.35
N LEU F 101 55.00 -7.04 -26.17
CA LEU F 101 53.84 -6.70 -25.34
C LEU F 101 54.11 -6.86 -23.85
N GLY F 102 55.18 -7.54 -23.51
CA GLY F 102 55.53 -7.74 -22.12
C GLY F 102 54.84 -8.89 -21.42
N ILE F 103 54.46 -9.92 -22.17
CA ILE F 103 53.83 -11.07 -21.55
C ILE F 103 54.92 -11.97 -20.99
N PRO F 104 54.71 -12.48 -19.77
CA PRO F 104 55.68 -13.35 -19.10
C PRO F 104 56.10 -14.57 -19.92
N PHE F 105 57.39 -14.70 -20.15
CA PHE F 105 57.96 -15.80 -20.93
C PHE F 105 57.35 -17.16 -20.58
N ASN F 106 56.74 -17.81 -21.57
CA ASN F 106 56.11 -19.12 -21.38
C ASN F 106 56.17 -19.95 -22.67
N PRO F 107 57.14 -20.86 -22.78
CA PRO F 107 57.31 -21.71 -23.96
C PRO F 107 56.17 -22.69 -24.22
N SER F 108 54.97 -22.14 -24.42
CA SER F 108 53.77 -22.95 -24.68
C SER F 108 53.67 -24.09 -23.67
N LYS F 109 54.01 -23.79 -22.42
CA LYS F 109 53.97 -24.77 -21.34
C LYS F 109 52.64 -24.67 -20.57
N ASN F 110 52.26 -23.46 -20.19
CA ASN F 110 51.02 -23.26 -19.44
C ASN F 110 49.94 -22.65 -20.33
N PRO F 111 48.69 -22.57 -19.83
CA PRO F 111 47.60 -21.99 -20.63
C PRO F 111 47.82 -20.51 -20.94
N GLY F 112 47.03 -20.00 -21.87
CA GLY F 112 47.17 -18.61 -22.27
C GLY F 112 46.70 -17.57 -21.25
N THR F 113 47.56 -16.59 -20.98
CA THR F 113 47.24 -15.52 -20.02
C THR F 113 46.55 -14.36 -20.75
N ALA F 114 45.29 -14.11 -20.39
CA ALA F 114 44.49 -13.05 -21.01
C ALA F 114 45.22 -11.71 -21.09
N HIS F 115 44.96 -10.98 -22.16
CA HIS F 115 45.56 -9.68 -22.40
C HIS F 115 44.74 -9.01 -23.51
N PRO F 116 44.12 -7.86 -23.20
CA PRO F 116 43.29 -7.12 -24.15
C PRO F 116 43.83 -6.89 -25.56
N TYR F 117 45.14 -6.92 -25.74
CA TYR F 117 45.70 -6.67 -27.06
C TYR F 117 46.69 -7.71 -27.59
N ASP F 118 46.76 -8.87 -26.94
CA ASP F 118 47.67 -9.91 -27.40
C ASP F 118 46.99 -10.86 -28.35
N SER F 119 47.57 -11.02 -29.53
CA SER F 119 47.04 -11.92 -30.54
C SER F 119 48.10 -12.13 -31.62
N GLY F 120 47.93 -13.18 -32.43
CA GLY F 120 48.92 -13.48 -33.45
C GLY F 120 48.92 -12.59 -34.68
N HIS F 121 49.97 -12.77 -35.50
CA HIS F 121 50.13 -12.03 -36.75
C HIS F 121 50.38 -13.11 -37.80
N ILE F 122 49.54 -13.12 -38.81
CA ILE F 122 49.61 -14.14 -39.85
C ILE F 122 51.01 -14.40 -40.44
N ALA F 123 51.83 -13.35 -40.56
CA ALA F 123 53.17 -13.52 -41.11
C ALA F 123 54.06 -14.20 -40.08
N MET F 124 53.73 -14.01 -38.81
CA MET F 124 54.50 -14.59 -37.70
C MET F 124 54.13 -16.05 -37.50
N THR F 125 52.85 -16.36 -37.61
CA THR F 125 52.41 -17.75 -37.49
C THR F 125 53.12 -18.53 -38.61
N TYR F 126 53.11 -17.97 -39.80
CA TYR F 126 53.78 -18.59 -40.94
C TYR F 126 55.26 -18.81 -40.67
N THR F 127 56.01 -17.73 -40.47
CA THR F 127 57.45 -17.86 -40.22
C THR F 127 57.74 -18.62 -38.94
N GLY F 128 56.80 -18.58 -37.98
CA GLY F 128 56.99 -19.31 -36.74
C GLY F 128 57.04 -20.81 -37.02
N LEU F 129 55.93 -21.35 -37.53
CA LEU F 129 55.83 -22.77 -37.88
C LEU F 129 56.98 -23.15 -38.80
N SER F 130 57.24 -22.28 -39.76
CA SER F 130 58.31 -22.51 -40.70
C SER F 130 59.63 -22.73 -39.97
N CYS F 131 59.90 -21.89 -38.97
CA CYS F 131 61.13 -22.01 -38.18
C CYS F 131 61.16 -23.29 -37.36
N LEU F 132 60.05 -23.61 -36.71
CA LEU F 132 59.98 -24.82 -35.90
C LEU F 132 60.35 -26.05 -36.72
N ILE F 133 59.78 -26.16 -37.90
CA ILE F 133 60.07 -27.29 -38.77
C ILE F 133 61.54 -27.32 -39.17
N ILE F 134 62.07 -26.15 -39.52
CA ILE F 134 63.48 -26.05 -39.90
C ILE F 134 64.38 -26.52 -38.76
N LEU F 135 63.98 -26.23 -37.53
CA LEU F 135 64.77 -26.60 -36.35
C LEU F 135 64.60 -28.06 -35.93
N GLY F 136 63.69 -28.78 -36.57
CA GLY F 136 63.49 -30.18 -36.25
C GLY F 136 62.33 -30.48 -35.33
N ASP F 137 61.73 -29.44 -34.76
CA ASP F 137 60.60 -29.65 -33.86
C ASP F 137 59.49 -30.38 -34.61
N ASP F 138 58.61 -31.06 -33.88
CA ASP F 138 57.53 -31.82 -34.49
C ASP F 138 56.16 -31.15 -34.42
N LEU F 139 56.12 -29.89 -33.98
CA LEU F 139 54.87 -29.12 -33.88
C LEU F 139 53.86 -29.67 -32.89
N SER F 140 54.30 -30.56 -32.00
CA SER F 140 53.40 -31.15 -31.01
C SER F 140 52.84 -30.11 -30.06
N ARG F 141 53.62 -29.07 -29.77
CA ARG F 141 53.17 -28.03 -28.85
C ARG F 141 52.41 -26.90 -29.53
N VAL F 142 52.11 -27.09 -30.81
CA VAL F 142 51.36 -26.09 -31.57
C VAL F 142 49.88 -26.44 -31.49
N ASP F 143 49.07 -25.53 -30.96
CA ASP F 143 47.64 -25.79 -30.86
C ASP F 143 47.07 -25.58 -32.26
N LYS F 144 47.24 -26.58 -33.11
CA LYS F 144 46.79 -26.52 -34.49
C LYS F 144 45.37 -26.01 -34.68
N GLU F 145 44.43 -26.50 -33.91
CA GLU F 145 43.06 -26.05 -34.06
C GLU F 145 42.92 -24.56 -33.77
N ALA F 146 43.64 -24.08 -32.77
CA ALA F 146 43.58 -22.67 -32.38
C ALA F 146 44.14 -21.80 -33.50
N CYS F 147 45.29 -22.21 -34.05
CA CYS F 147 45.88 -21.46 -35.13
C CYS F 147 44.92 -21.38 -36.32
N LEU F 148 44.38 -22.53 -36.73
CA LEU F 148 43.45 -22.57 -37.86
C LEU F 148 42.22 -21.74 -37.56
N ALA F 149 41.83 -21.68 -36.29
CA ALA F 149 40.67 -20.90 -35.90
C ALA F 149 41.00 -19.43 -36.11
N GLY F 150 42.20 -19.03 -35.69
CA GLY F 150 42.65 -17.67 -35.83
C GLY F 150 42.79 -17.29 -37.28
N LEU F 151 43.34 -18.19 -38.09
CA LEU F 151 43.51 -17.95 -39.51
C LEU F 151 42.17 -17.64 -40.16
N ARG F 152 41.18 -18.52 -39.98
CA ARG F 152 39.86 -18.31 -40.56
C ARG F 152 39.33 -16.93 -40.24
N ALA F 153 39.57 -16.46 -39.03
CA ALA F 153 39.11 -15.17 -38.58
C ALA F 153 39.69 -14.01 -39.38
N LEU F 154 40.85 -14.23 -39.99
CA LEU F 154 41.51 -13.18 -40.76
C LEU F 154 41.03 -13.00 -42.20
N GLN F 155 40.44 -14.04 -42.79
CA GLN F 155 39.99 -13.94 -44.17
C GLN F 155 38.79 -13.03 -44.32
N LEU F 156 38.81 -12.19 -45.34
CA LEU F 156 37.75 -11.24 -45.63
C LEU F 156 36.77 -11.80 -46.66
N GLU F 157 35.66 -11.09 -46.88
CA GLU F 157 34.66 -11.55 -47.83
C GLU F 157 35.21 -11.73 -49.24
N ASP F 158 36.18 -10.90 -49.63
CA ASP F 158 36.75 -10.98 -50.98
C ASP F 158 37.76 -12.10 -51.16
N GLY F 159 38.04 -12.84 -50.08
CA GLY F 159 38.98 -13.93 -50.19
C GLY F 159 40.37 -13.68 -49.64
N SER F 160 40.78 -12.42 -49.57
CA SER F 160 42.11 -12.10 -49.04
C SER F 160 42.12 -12.15 -47.51
N PHE F 161 43.28 -11.89 -46.92
CA PHE F 161 43.45 -11.92 -45.47
C PHE F 161 44.08 -10.66 -44.89
N CYS F 162 43.89 -10.49 -43.58
CA CYS F 162 44.48 -9.41 -42.83
C CYS F 162 45.60 -10.09 -42.06
N ALA F 163 46.43 -9.30 -41.39
CA ALA F 163 47.53 -9.91 -40.66
C ALA F 163 47.16 -10.17 -39.20
N VAL F 164 46.30 -9.32 -38.65
CA VAL F 164 45.89 -9.44 -37.26
C VAL F 164 44.38 -9.24 -37.11
N PRO F 165 43.78 -9.92 -36.13
CA PRO F 165 42.34 -9.79 -35.90
C PRO F 165 41.88 -8.38 -35.59
N GLU F 166 42.75 -7.55 -35.01
CA GLU F 166 42.39 -6.17 -34.68
C GLU F 166 42.24 -5.32 -35.94
N GLY F 167 42.65 -5.87 -37.08
CA GLY F 167 42.54 -5.14 -38.33
C GLY F 167 43.86 -4.69 -38.90
N SER F 168 43.97 -4.68 -40.22
CA SER F 168 45.17 -4.25 -40.91
C SER F 168 44.84 -4.18 -42.38
N GLU F 169 45.83 -3.85 -43.19
CA GLU F 169 45.62 -3.78 -44.63
C GLU F 169 45.48 -5.25 -45.06
N ASN F 170 44.92 -5.48 -46.24
CA ASN F 170 44.74 -6.85 -46.72
C ASN F 170 45.21 -6.97 -48.17
N ASP F 171 45.96 -8.02 -48.48
CA ASP F 171 46.43 -8.23 -49.84
C ASP F 171 47.07 -9.60 -50.05
N MET F 172 47.60 -9.80 -51.25
CA MET F 172 48.21 -11.07 -51.64
C MET F 172 49.28 -11.58 -50.67
N ARG F 173 50.02 -10.67 -50.02
CA ARG F 173 51.06 -11.09 -49.09
C ARG F 173 50.51 -12.07 -48.06
N PHE F 174 49.37 -11.71 -47.47
CA PHE F 174 48.74 -12.52 -46.43
C PHE F 174 47.99 -13.75 -46.95
N VAL F 175 47.64 -13.72 -48.24
CA VAL F 175 46.97 -14.87 -48.84
C VAL F 175 48.02 -15.98 -48.90
N TYR F 176 49.25 -15.60 -49.21
CA TYR F 176 50.36 -16.56 -49.27
C TYR F 176 50.68 -17.10 -47.89
N CYS F 177 50.56 -16.24 -46.88
CA CYS F 177 50.85 -16.65 -45.52
C CYS F 177 49.85 -17.70 -45.09
N ALA F 178 48.57 -17.44 -45.37
CA ALA F 178 47.48 -18.36 -45.02
C ALA F 178 47.73 -19.70 -45.72
N SER F 179 48.11 -19.63 -46.99
CA SER F 179 48.37 -20.83 -47.76
C SER F 179 49.48 -21.64 -47.12
N CYS F 180 50.58 -20.98 -46.76
CA CYS F 180 51.71 -21.68 -46.13
C CYS F 180 51.32 -22.33 -44.82
N ILE F 181 50.53 -21.62 -44.02
CA ILE F 181 50.09 -22.16 -42.74
C ILE F 181 49.24 -23.40 -42.96
N CYS F 182 48.19 -23.28 -43.79
CA CYS F 182 47.32 -24.41 -44.09
C CYS F 182 48.11 -25.59 -44.60
N TYR F 183 49.10 -25.32 -45.43
CA TYR F 183 49.92 -26.39 -45.99
C TYR F 183 50.76 -27.10 -44.93
N MET F 184 51.45 -26.31 -44.10
CA MET F 184 52.30 -26.87 -43.04
C MET F 184 51.51 -27.63 -41.99
N LEU F 185 50.37 -27.08 -41.60
CA LEU F 185 49.55 -27.78 -40.61
C LEU F 185 48.77 -28.87 -41.35
N ASN F 186 49.05 -29.02 -42.63
CA ASN F 186 48.39 -30.00 -43.49
C ASN F 186 46.88 -30.07 -43.28
N ASN F 187 46.24 -28.90 -43.21
CA ASN F 187 44.81 -28.81 -42.97
C ASN F 187 44.30 -27.50 -43.57
N TRP F 188 43.49 -27.58 -44.62
CA TRP F 188 42.99 -26.37 -45.25
C TRP F 188 41.69 -25.82 -44.72
N SER F 189 41.33 -26.22 -43.50
CA SER F 189 40.10 -25.71 -42.90
C SER F 189 40.39 -24.29 -42.44
N GLY F 190 41.66 -23.91 -42.55
CA GLY F 190 42.08 -22.59 -42.15
C GLY F 190 41.58 -21.47 -43.03
N MET F 191 41.15 -21.80 -44.25
CA MET F 191 40.65 -20.78 -45.17
C MET F 191 39.54 -21.30 -46.06
N ASP F 192 38.85 -20.36 -46.70
CA ASP F 192 37.78 -20.68 -47.65
C ASP F 192 38.51 -20.63 -48.99
N MET F 193 39.14 -21.73 -49.34
CA MET F 193 39.91 -21.84 -50.57
C MET F 193 39.24 -21.32 -51.82
N LYS F 194 37.93 -21.50 -51.92
CA LYS F 194 37.23 -21.05 -53.11
C LYS F 194 37.34 -19.54 -53.21
N LYS F 195 37.10 -18.84 -52.10
CA LYS F 195 37.20 -17.38 -52.08
C LYS F 195 38.63 -16.89 -52.28
N ALA F 196 39.59 -17.61 -51.73
CA ALA F 196 40.98 -17.21 -51.87
C ALA F 196 41.36 -17.27 -53.34
N ILE F 197 41.01 -18.37 -53.99
CA ILE F 197 41.31 -18.55 -55.42
C ILE F 197 40.66 -17.45 -56.24
N SER F 198 39.45 -17.06 -55.84
CA SER F 198 38.76 -16.01 -56.53
C SER F 198 39.61 -14.75 -56.48
N TYR F 199 40.10 -14.43 -55.28
CA TYR F 199 40.91 -13.24 -55.07
C TYR F 199 42.16 -13.27 -55.95
N ILE F 200 42.88 -14.39 -55.93
CA ILE F 200 44.09 -14.54 -56.72
C ILE F 200 43.80 -14.31 -58.21
N ARG F 201 42.68 -14.80 -58.70
CA ARG F 201 42.34 -14.61 -60.10
C ARG F 201 42.07 -13.14 -60.38
N ARG F 202 41.21 -12.54 -59.56
CA ARG F 202 40.85 -11.15 -59.73
C ARG F 202 42.03 -10.19 -59.69
N SER F 203 43.18 -10.66 -59.23
CA SER F 203 44.33 -9.80 -59.14
C SER F 203 45.20 -9.81 -60.39
N MET F 204 44.84 -10.62 -61.37
CA MET F 204 45.63 -10.66 -62.59
C MET F 204 45.40 -9.36 -63.34
N SER F 205 46.50 -8.75 -63.78
CA SER F 205 46.47 -7.48 -64.50
C SER F 205 46.28 -7.62 -66.00
N TYR F 206 46.07 -6.49 -66.67
CA TYR F 206 45.88 -6.48 -68.11
C TYR F 206 47.18 -6.88 -68.79
N ASP F 207 48.30 -6.67 -68.10
CA ASP F 207 49.61 -7.04 -68.64
C ASP F 207 49.94 -8.48 -68.25
N ASN F 208 48.98 -9.15 -67.64
CA ASN F 208 49.11 -10.55 -67.25
C ASN F 208 49.87 -10.93 -66.00
N GLY F 209 50.42 -9.98 -65.26
CA GLY F 209 51.12 -10.30 -64.03
C GLY F 209 50.08 -10.29 -62.93
N LEU F 210 50.46 -10.58 -61.68
CA LEU F 210 49.51 -10.56 -60.59
C LEU F 210 49.84 -9.39 -59.68
N ALA F 211 48.83 -8.67 -59.23
CA ALA F 211 49.06 -7.54 -58.33
C ALA F 211 48.65 -7.87 -56.90
N GLN F 212 48.86 -6.92 -55.99
CA GLN F 212 48.49 -7.12 -54.59
C GLN F 212 46.98 -7.32 -54.45
N GLY F 213 46.23 -6.79 -55.39
CA GLY F 213 44.80 -6.92 -55.37
C GLY F 213 44.26 -6.42 -56.69
N ALA F 214 42.97 -6.64 -56.94
CA ALA F 214 42.35 -6.22 -58.19
C ALA F 214 42.58 -4.76 -58.58
N GLY F 215 42.94 -4.54 -59.84
CA GLY F 215 43.15 -3.19 -60.34
C GLY F 215 44.52 -2.60 -60.10
N LEU F 216 45.22 -3.09 -59.09
CA LEU F 216 46.55 -2.58 -58.80
C LEU F 216 47.57 -3.04 -59.84
N GLU F 217 48.73 -2.41 -59.81
CA GLU F 217 49.81 -2.72 -60.73
C GLU F 217 50.39 -4.10 -60.42
N SER F 218 50.45 -4.96 -61.43
CA SER F 218 50.99 -6.30 -61.26
C SER F 218 52.40 -6.12 -60.70
N HIS F 219 52.83 -7.05 -59.86
CA HIS F 219 54.12 -6.96 -59.20
C HIS F 219 54.75 -8.33 -58.94
N GLY F 220 56.08 -8.40 -59.08
CA GLY F 220 56.78 -9.66 -58.88
C GLY F 220 56.50 -10.33 -57.54
N GLY F 221 56.39 -9.52 -56.49
CA GLY F 221 56.14 -10.04 -55.17
C GLY F 221 54.78 -10.70 -55.06
N SER F 222 53.75 -9.97 -55.48
CA SER F 222 52.39 -10.50 -55.42
C SER F 222 52.19 -11.65 -56.40
N THR F 223 52.91 -11.63 -57.52
CA THR F 223 52.81 -12.70 -58.51
C THR F 223 53.34 -14.01 -57.87
N PHE F 224 54.46 -13.91 -57.16
CA PHE F 224 55.00 -15.08 -56.48
C PHE F 224 53.96 -15.54 -55.46
N CYS F 225 53.50 -14.63 -54.61
CA CYS F 225 52.50 -14.98 -53.60
C CYS F 225 51.29 -15.67 -54.22
N GLY F 226 50.76 -15.11 -55.30
CA GLY F 226 49.61 -15.71 -55.97
C GLY F 226 49.90 -17.09 -56.55
N ILE F 227 50.90 -17.20 -57.41
CA ILE F 227 51.24 -18.49 -58.00
C ILE F 227 51.63 -19.52 -56.94
N ALA F 228 52.50 -19.15 -56.03
CA ALA F 228 52.94 -20.08 -54.98
C ALA F 228 51.75 -20.57 -54.16
N SER F 229 50.78 -19.69 -53.87
CA SER F 229 49.62 -20.10 -53.10
C SER F 229 48.85 -21.17 -53.85
N LEU F 230 48.63 -20.96 -55.14
CA LEU F 230 47.91 -21.93 -55.94
C LEU F 230 48.66 -23.25 -55.96
N CYS F 231 49.98 -23.20 -56.14
CA CYS F 231 50.77 -24.42 -56.14
C CYS F 231 50.65 -25.14 -54.81
N LEU F 232 50.71 -24.39 -53.71
CA LEU F 232 50.58 -25.01 -52.40
C LEU F 232 49.21 -25.69 -52.24
N MET F 233 48.19 -25.15 -52.92
CA MET F 233 46.85 -25.72 -52.86
C MET F 233 46.74 -26.80 -53.93
N GLY F 234 47.77 -26.90 -54.77
CA GLY F 234 47.77 -27.87 -55.85
C GLY F 234 46.65 -27.61 -56.84
N LYS F 235 46.47 -26.36 -57.23
CA LYS F 235 45.41 -25.99 -58.16
C LYS F 235 45.86 -25.01 -59.23
N LEU F 236 47.15 -24.97 -59.50
CA LEU F 236 47.66 -24.05 -60.51
C LEU F 236 46.94 -24.29 -61.84
N GLU F 237 47.11 -25.49 -62.40
CA GLU F 237 46.48 -25.85 -63.67
C GLU F 237 44.97 -25.73 -63.68
N GLU F 238 44.35 -25.93 -62.53
CA GLU F 238 42.91 -25.85 -62.44
C GLU F 238 42.37 -24.41 -62.47
N VAL F 239 43.13 -23.47 -61.93
CA VAL F 239 42.70 -22.07 -61.88
C VAL F 239 42.99 -21.24 -63.13
N PHE F 240 44.17 -21.42 -63.71
CA PHE F 240 44.54 -20.67 -64.90
C PHE F 240 44.60 -21.56 -66.12
N SER F 241 44.09 -21.07 -67.24
CA SER F 241 44.10 -21.84 -68.48
C SER F 241 45.52 -21.90 -69.01
N GLU F 242 45.75 -22.73 -70.01
CA GLU F 242 47.07 -22.82 -70.58
C GLU F 242 47.43 -21.48 -71.22
N LYS F 243 46.44 -20.82 -71.81
CA LYS F 243 46.70 -19.54 -72.44
C LYS F 243 47.06 -18.51 -71.37
N GLU F 244 46.34 -18.55 -70.26
CA GLU F 244 46.59 -17.63 -69.17
C GLU F 244 47.99 -17.89 -68.59
N LEU F 245 48.31 -19.16 -68.34
CA LEU F 245 49.61 -19.52 -67.81
C LEU F 245 50.73 -19.09 -68.75
N ASN F 246 50.47 -19.11 -70.04
CA ASN F 246 51.50 -18.70 -70.98
C ASN F 246 51.74 -17.21 -70.87
N ARG F 247 50.68 -16.46 -70.64
CA ARG F 247 50.78 -15.01 -70.53
C ARG F 247 51.48 -14.62 -69.25
N ILE F 248 51.19 -15.36 -68.17
CA ILE F 248 51.82 -15.11 -66.88
C ILE F 248 53.31 -15.42 -66.99
N LYS F 249 53.64 -16.53 -67.65
CA LYS F 249 55.04 -16.90 -67.84
C LYS F 249 55.77 -15.79 -68.58
N ARG F 250 55.13 -15.27 -69.62
CA ARG F 250 55.72 -14.20 -70.41
C ARG F 250 56.03 -12.99 -69.55
N TRP F 251 55.09 -12.63 -68.68
CA TRP F 251 55.27 -11.48 -67.80
C TRP F 251 56.44 -11.67 -66.87
N CYS F 252 56.56 -12.88 -66.31
CA CYS F 252 57.63 -13.20 -65.38
C CYS F 252 58.99 -13.21 -66.07
N ILE F 253 59.12 -14.00 -67.12
CA ILE F 253 60.38 -14.12 -67.84
C ILE F 253 60.88 -12.75 -68.33
N MET F 254 59.96 -11.80 -68.50
CA MET F 254 60.35 -10.47 -68.97
C MET F 254 60.94 -9.62 -67.87
N ARG F 255 60.94 -10.14 -66.64
CA ARG F 255 61.48 -9.40 -65.49
C ARG F 255 63.00 -9.48 -65.42
N GLN F 256 63.61 -10.40 -66.15
CA GLN F 256 65.06 -10.48 -66.09
C GLN F 256 65.75 -9.46 -67.00
N GLN F 257 66.61 -8.66 -66.38
CA GLN F 257 67.38 -7.63 -67.06
C GLN F 257 68.82 -8.11 -67.07
N ASN F 258 69.17 -8.76 -65.98
CA ASN F 258 70.47 -9.37 -65.71
C ASN F 258 70.09 -10.03 -64.39
N GLY F 259 69.76 -9.19 -63.42
CA GLY F 259 69.25 -9.66 -62.14
C GLY F 259 67.76 -9.55 -62.44
N TYR F 260 66.91 -9.46 -61.41
CA TYR F 260 65.47 -9.33 -61.67
C TYR F 260 64.86 -8.12 -60.99
N HIS F 261 63.92 -7.46 -61.67
CA HIS F 261 63.24 -6.31 -61.05
C HIS F 261 61.83 -6.78 -60.72
N GLY F 262 61.12 -6.05 -59.87
CA GLY F 262 59.78 -6.47 -59.52
C GLY F 262 58.66 -5.95 -60.41
N ARG F 263 58.95 -4.92 -61.22
CA ARG F 263 57.97 -4.31 -62.11
C ARG F 263 58.66 -3.74 -63.32
N PRO F 264 57.96 -3.69 -64.47
CA PRO F 264 58.58 -3.15 -65.69
C PRO F 264 59.15 -1.77 -65.43
N ASN F 265 60.28 -1.47 -66.07
CA ASN F 265 60.93 -0.16 -65.93
C ASN F 265 61.38 0.20 -64.51
N LYS F 266 61.63 -0.80 -63.69
CA LYS F 266 62.09 -0.59 -62.33
C LYS F 266 63.47 -1.25 -62.24
N PRO F 267 64.38 -0.68 -61.44
CA PRO F 267 65.72 -1.24 -61.29
C PRO F 267 65.73 -2.64 -60.65
N VAL F 268 66.68 -3.49 -61.04
CA VAL F 268 66.74 -4.83 -60.46
C VAL F 268 67.05 -4.78 -58.97
N ASP F 269 66.64 -5.82 -58.27
CA ASP F 269 66.81 -5.93 -56.83
C ASP F 269 67.10 -7.41 -56.53
N THR F 270 68.20 -7.68 -55.85
CA THR F 270 68.56 -9.05 -55.54
C THR F 270 67.41 -9.98 -55.11
N CYS F 271 66.56 -9.53 -54.19
CA CYS F 271 65.51 -10.40 -53.70
C CYS F 271 64.56 -10.92 -54.78
N TYR F 272 64.47 -10.23 -55.90
CA TYR F 272 63.58 -10.68 -56.97
C TYR F 272 64.10 -11.91 -57.71
N SER F 273 65.38 -12.23 -57.50
CA SER F 273 65.97 -13.42 -58.09
C SER F 273 65.28 -14.61 -57.43
N PHE F 274 64.64 -14.35 -56.30
CA PHE F 274 63.88 -15.42 -55.69
C PHE F 274 62.41 -15.23 -56.01
N TRP F 275 61.88 -14.05 -55.70
CA TRP F 275 60.46 -13.77 -55.95
C TRP F 275 60.04 -14.19 -57.37
N VAL F 276 60.72 -13.65 -58.37
CA VAL F 276 60.40 -13.98 -59.76
C VAL F 276 60.96 -15.35 -60.16
N GLY F 277 62.22 -15.59 -59.81
CA GLY F 277 62.85 -16.85 -60.13
C GLY F 277 62.07 -18.07 -59.63
N ALA F 278 61.57 -17.98 -58.41
CA ALA F 278 60.80 -19.07 -57.82
C ALA F 278 59.48 -19.23 -58.58
N THR F 279 58.93 -18.12 -59.07
CA THR F 279 57.68 -18.18 -59.82
C THR F 279 57.96 -18.89 -61.15
N LEU F 280 59.04 -18.50 -61.79
CA LEU F 280 59.42 -19.11 -63.05
C LEU F 280 59.65 -20.60 -62.86
N LYS F 281 60.22 -20.97 -61.70
CA LYS F 281 60.49 -22.37 -61.37
C LYS F 281 59.16 -23.11 -61.23
N LEU F 282 58.24 -22.55 -60.46
CA LEU F 282 56.94 -23.17 -60.28
C LEU F 282 56.23 -23.33 -61.64
N LEU F 283 56.50 -22.41 -62.56
CA LEU F 283 55.87 -22.45 -63.89
C LEU F 283 56.71 -23.29 -64.85
N LYS F 284 57.71 -23.96 -64.31
CA LYS F 284 58.60 -24.84 -65.06
C LYS F 284 59.33 -24.24 -66.25
N ILE F 285 59.73 -22.97 -66.16
CA ILE F 285 60.47 -22.37 -67.27
C ILE F 285 61.66 -21.57 -66.76
N PHE F 286 61.99 -21.71 -65.49
CA PHE F 286 63.15 -20.97 -64.97
C PHE F 286 64.39 -21.45 -65.73
N GLN F 287 64.33 -22.68 -66.20
CA GLN F 287 65.41 -23.30 -66.96
C GLN F 287 65.75 -22.54 -68.23
N TYR F 288 64.81 -21.76 -68.75
CA TYR F 288 65.04 -21.02 -69.96
C TYR F 288 65.56 -19.61 -69.73
N THR F 289 65.77 -19.25 -68.47
CA THR F 289 66.31 -17.93 -68.14
C THR F 289 67.81 -17.95 -68.32
N ASN F 290 68.43 -16.77 -68.29
CA ASN F 290 69.88 -16.68 -68.42
C ASN F 290 70.47 -16.78 -67.01
N PHE F 291 71.12 -17.90 -66.72
CA PHE F 291 71.71 -18.12 -65.38
C PHE F 291 72.91 -17.26 -65.02
N GLU F 292 73.87 -17.17 -65.94
CA GLU F 292 75.08 -16.43 -65.64
C GLU F 292 74.88 -14.97 -65.27
N LYS F 293 74.09 -14.24 -66.05
CA LYS F 293 73.85 -12.83 -65.76
C LYS F 293 73.15 -12.65 -64.44
N ASN F 294 72.25 -13.59 -64.11
CA ASN F 294 71.50 -13.54 -62.86
C ASN F 294 72.47 -13.78 -61.70
N ARG F 295 73.27 -14.85 -61.81
CA ARG F 295 74.24 -15.18 -60.76
C ARG F 295 75.23 -14.06 -60.59
N ASN F 296 75.71 -13.51 -61.70
CA ASN F 296 76.68 -12.43 -61.63
C ASN F 296 76.14 -11.24 -60.88
N TYR F 297 74.88 -10.88 -61.14
CA TYR F 297 74.26 -9.76 -60.45
C TYR F 297 74.16 -10.05 -58.96
N ILE F 298 73.54 -11.17 -58.59
CA ILE F 298 73.39 -11.53 -57.19
C ILE F 298 74.72 -11.41 -56.45
N LEU F 299 75.80 -11.89 -57.06
CA LEU F 299 77.10 -11.83 -56.44
C LEU F 299 77.62 -10.40 -56.33
N SER F 300 77.31 -9.57 -57.33
CA SER F 300 77.77 -8.19 -57.30
C SER F 300 77.22 -7.44 -56.09
N THR F 301 76.21 -8.01 -55.43
CA THR F 301 75.61 -7.36 -54.26
C THR F 301 76.06 -8.04 -52.96
N GLN F 302 77.02 -8.95 -53.08
CA GLN F 302 77.53 -9.68 -51.93
C GLN F 302 78.50 -8.78 -51.17
N ASP F 303 78.42 -8.77 -49.84
CA ASP F 303 79.34 -7.97 -49.04
C ASP F 303 80.48 -8.89 -48.61
N ARG F 304 81.61 -8.77 -49.31
CA ARG F 304 82.79 -9.62 -49.06
C ARG F 304 83.45 -9.42 -47.71
N LEU F 305 83.09 -8.33 -47.03
CA LEU F 305 83.65 -8.03 -45.73
C LEU F 305 82.80 -8.59 -44.59
N VAL F 306 81.56 -8.15 -44.49
CA VAL F 306 80.68 -8.59 -43.41
C VAL F 306 79.78 -9.79 -43.75
N GLY F 307 79.63 -10.07 -45.05
CA GLY F 307 78.78 -11.18 -45.46
C GLY F 307 77.39 -10.74 -45.84
N GLY F 308 76.54 -11.67 -46.24
CA GLY F 308 75.19 -11.32 -46.63
C GLY F 308 75.15 -10.61 -47.98
N PHE F 309 73.94 -10.24 -48.41
CA PHE F 309 73.77 -9.54 -49.68
C PHE F 309 72.90 -8.30 -49.50
N ALA F 310 73.00 -7.39 -50.46
CA ALA F 310 72.22 -6.16 -50.43
C ALA F 310 71.29 -6.18 -51.63
N LYS F 311 70.35 -5.23 -51.69
CA LYS F 311 69.44 -5.22 -52.84
C LYS F 311 70.22 -4.80 -54.08
N TRP F 312 71.12 -3.83 -53.92
CA TRP F 312 71.93 -3.36 -55.05
C TRP F 312 73.39 -3.47 -54.71
N PRO F 313 74.26 -3.47 -55.74
CA PRO F 313 75.70 -3.56 -55.50
C PRO F 313 76.17 -2.29 -54.79
N ASP F 314 77.22 -2.40 -53.98
CA ASP F 314 77.73 -1.24 -53.26
C ASP F 314 76.56 -0.65 -52.46
N SER F 315 75.99 -1.49 -51.59
CA SER F 315 74.87 -1.10 -50.76
C SER F 315 75.00 -1.98 -49.51
N HIS F 316 74.43 -1.58 -48.40
CA HIS F 316 74.57 -2.39 -47.19
C HIS F 316 73.72 -3.63 -47.18
N PRO F 317 74.29 -4.76 -46.73
CA PRO F 317 73.59 -6.03 -46.67
C PRO F 317 72.58 -6.09 -45.52
N ASP F 318 71.69 -7.08 -45.57
CA ASP F 318 70.68 -7.27 -44.55
C ASP F 318 70.18 -8.72 -44.59
N ALA F 319 69.52 -9.15 -43.50
CA ALA F 319 69.00 -10.50 -43.42
C ALA F 319 68.10 -10.91 -44.58
N LEU F 320 67.20 -10.02 -45.01
CA LEU F 320 66.30 -10.32 -46.09
C LEU F 320 67.02 -10.58 -47.40
N HIS F 321 67.84 -9.65 -47.84
CA HIS F 321 68.55 -9.85 -49.09
C HIS F 321 69.62 -10.94 -49.02
N ALA F 322 70.12 -11.18 -47.82
CA ALA F 322 71.12 -12.22 -47.66
C ALA F 322 70.41 -13.54 -47.91
N TYR F 323 69.25 -13.71 -47.27
CA TYR F 323 68.49 -14.94 -47.43
C TYR F 323 67.99 -15.15 -48.85
N PHE F 324 67.25 -14.17 -49.37
CA PHE F 324 66.72 -14.29 -50.72
C PHE F 324 67.79 -14.32 -51.77
N GLY F 325 68.91 -13.66 -51.51
CA GLY F 325 70.00 -13.71 -52.48
C GLY F 325 70.52 -15.15 -52.54
N ILE F 326 70.59 -15.79 -51.39
CA ILE F 326 71.07 -17.16 -51.32
C ILE F 326 70.04 -18.09 -51.97
N CYS F 327 68.75 -17.88 -51.69
CA CYS F 327 67.71 -18.71 -52.31
C CYS F 327 67.72 -18.52 -53.83
N GLY F 328 68.08 -17.31 -54.26
CA GLY F 328 68.15 -17.05 -55.68
C GLY F 328 69.22 -17.90 -56.30
N LEU F 329 70.39 -17.93 -55.66
CA LEU F 329 71.52 -18.73 -56.10
C LEU F 329 71.12 -20.21 -56.10
N SER F 330 70.40 -20.61 -55.06
CA SER F 330 69.92 -21.97 -54.90
C SER F 330 69.11 -22.46 -56.10
N LEU F 331 68.18 -21.64 -56.56
CA LEU F 331 67.35 -21.99 -57.70
C LEU F 331 68.20 -22.50 -58.86
N MET F 332 69.41 -21.96 -59.02
CA MET F 332 70.32 -22.38 -60.09
C MET F 332 71.31 -23.46 -59.64
N GLU F 333 71.03 -24.05 -58.48
CA GLU F 333 71.84 -25.10 -57.88
C GLU F 333 73.32 -24.76 -57.66
N GLU F 334 73.52 -23.69 -56.90
CA GLU F 334 74.83 -23.17 -56.51
C GLU F 334 75.57 -24.22 -55.71
N SER F 335 76.84 -24.43 -56.02
CA SER F 335 77.66 -25.40 -55.30
C SER F 335 77.79 -24.94 -53.86
N GLY F 336 77.16 -25.67 -52.94
CA GLY F 336 77.24 -25.31 -51.54
C GLY F 336 75.92 -24.87 -50.92
N ILE F 337 74.87 -24.77 -51.72
CA ILE F 337 73.58 -24.36 -51.17
C ILE F 337 72.50 -25.41 -51.43
N CYS F 338 71.74 -25.75 -50.38
CA CYS F 338 70.65 -26.71 -50.53
C CYS F 338 69.68 -26.11 -51.53
N LYS F 339 68.93 -26.96 -52.20
CA LYS F 339 67.94 -26.51 -53.18
C LYS F 339 66.67 -26.09 -52.44
N VAL F 340 66.29 -24.82 -52.61
CA VAL F 340 65.10 -24.30 -51.97
C VAL F 340 63.84 -24.84 -52.61
N HIS F 341 62.81 -24.95 -51.81
CA HIS F 341 61.52 -25.41 -52.29
C HIS F 341 60.83 -24.10 -52.66
N PRO F 342 60.69 -23.83 -53.97
CA PRO F 342 60.08 -22.64 -54.55
C PRO F 342 58.72 -22.18 -54.07
N ALA F 343 57.86 -23.08 -53.64
CA ALA F 343 56.55 -22.64 -53.20
C ALA F 343 56.50 -22.39 -51.73
N LEU F 344 57.09 -23.32 -50.97
CA LEU F 344 57.09 -23.26 -49.52
C LEU F 344 58.16 -22.36 -48.89
N ASN F 345 59.18 -21.98 -49.67
CA ASN F 345 60.26 -21.11 -49.21
C ASN F 345 61.09 -21.65 -48.04
N VAL F 346 61.53 -22.89 -48.17
CA VAL F 346 62.37 -23.58 -47.18
C VAL F 346 63.22 -24.59 -47.96
N SER F 347 64.35 -25.04 -47.41
CA SER F 347 65.18 -26.00 -48.14
C SER F 347 64.29 -27.21 -48.44
N THR F 348 64.49 -27.85 -49.60
CA THR F 348 63.63 -28.99 -49.93
C THR F 348 63.80 -30.10 -48.92
N ARG F 349 64.97 -30.19 -48.28
CA ARG F 349 65.15 -31.24 -47.30
C ARG F 349 64.17 -31.00 -46.16
N THR F 350 63.98 -29.73 -45.82
CA THR F 350 63.05 -29.39 -44.76
C THR F 350 61.64 -29.68 -45.23
N SER F 351 61.37 -29.46 -46.51
CA SER F 351 60.04 -29.72 -47.03
C SER F 351 59.76 -31.21 -46.86
N GLU F 352 60.80 -32.01 -47.08
CA GLU F 352 60.72 -33.46 -46.93
C GLU F 352 60.49 -33.79 -45.46
N ARG F 353 61.37 -33.29 -44.60
CA ARG F 353 61.27 -33.45 -43.15
C ARG F 353 59.82 -33.18 -42.75
N LEU F 354 59.21 -32.20 -43.39
CA LEU F 354 57.81 -31.82 -43.14
C LEU F 354 56.86 -32.87 -43.71
N ARG F 355 57.16 -33.36 -44.91
CA ARG F 355 56.32 -34.38 -45.53
C ARG F 355 56.14 -35.57 -44.57
N ASP F 356 57.25 -35.95 -43.93
CA ASP F 356 57.27 -37.07 -42.98
C ASP F 356 56.44 -36.76 -41.74
N LEU F 357 56.57 -35.55 -41.23
CA LEU F 357 55.80 -35.15 -40.07
C LEU F 357 54.32 -35.34 -40.34
N HIS F 358 53.92 -35.19 -41.60
CA HIS F 358 52.52 -35.35 -41.99
C HIS F 358 52.16 -36.81 -42.01
N GLN F 359 53.00 -37.62 -42.65
CA GLN F 359 52.79 -39.07 -42.74
C GLN F 359 52.58 -39.63 -41.34
N SER F 360 53.46 -39.26 -40.41
CA SER F 360 53.36 -39.74 -39.04
C SER F 360 52.03 -39.36 -38.40
N TRP F 361 51.60 -38.11 -38.59
CA TRP F 361 50.33 -37.66 -38.04
C TRP F 361 49.21 -38.55 -38.57
N LYS F 362 49.22 -38.81 -39.88
CA LYS F 362 48.21 -39.66 -40.52
C LYS F 362 48.29 -41.08 -39.91
N THR F 363 47.61 -41.24 -38.79
CA THR F 363 47.61 -42.52 -38.07
C THR F 363 46.25 -42.76 -37.41
N PHE G 55 -33.14 -2.67 83.00
CA PHE G 55 -33.10 -3.33 84.34
C PHE G 55 -34.22 -2.88 85.27
N LEU G 56 -33.98 -1.82 86.03
CA LEU G 56 -34.95 -1.30 86.98
C LEU G 56 -36.14 -0.64 86.30
N SER G 57 -37.27 -1.36 86.26
CA SER G 57 -38.50 -0.88 85.65
C SER G 57 -39.13 0.35 86.33
N LEU G 58 -39.91 1.12 85.58
CA LEU G 58 -40.54 2.33 86.11
C LEU G 58 -41.66 2.12 87.13
N ASP G 59 -42.13 0.88 87.26
CA ASP G 59 -43.18 0.57 88.21
C ASP G 59 -42.65 -0.35 89.32
N SER G 60 -41.38 -0.73 89.21
CA SER G 60 -40.76 -1.60 90.20
C SER G 60 -40.85 -1.00 91.59
N PRO G 61 -41.10 -1.84 92.60
CA PRO G 61 -41.19 -1.34 93.96
C PRO G 61 -39.87 -0.62 94.30
N THR G 62 -38.76 -1.22 93.84
CA THR G 62 -37.43 -0.69 94.07
C THR G 62 -36.93 0.38 93.11
N TYR G 63 -37.84 0.99 92.37
CA TYR G 63 -37.47 2.04 91.42
C TYR G 63 -36.96 3.26 92.18
N VAL G 64 -35.90 3.87 91.66
CA VAL G 64 -35.29 5.03 92.30
C VAL G 64 -35.17 6.17 91.30
N LEU G 65 -35.53 7.38 91.72
CA LEU G 65 -35.38 8.53 90.82
C LEU G 65 -33.92 8.69 90.41
N TYR G 66 -33.70 9.27 89.24
CA TYR G 66 -32.35 9.46 88.73
C TYR G 66 -31.55 10.43 89.57
N ARG G 67 -32.23 11.34 90.27
CA ARG G 67 -31.50 12.30 91.10
C ARG G 67 -30.99 11.65 92.38
N ASP G 68 -31.45 10.43 92.65
CA ASP G 68 -31.02 9.68 93.84
C ASP G 68 -30.15 8.51 93.42
N ARG G 69 -29.62 8.54 92.21
CA ARG G 69 -28.78 7.43 91.76
C ARG G 69 -27.31 7.84 91.72
N ALA G 70 -26.49 7.00 92.33
CA ALA G 70 -25.05 7.24 92.39
C ALA G 70 -24.50 7.43 90.99
N GLU G 71 -24.79 6.47 90.11
CA GLU G 71 -24.31 6.49 88.74
C GLU G 71 -24.59 7.81 88.02
N TRP G 72 -25.58 8.56 88.50
CA TRP G 72 -25.93 9.82 87.86
C TRP G 72 -25.53 11.06 88.67
N ALA G 73 -24.66 10.85 89.66
CA ALA G 73 -24.23 11.94 90.53
C ALA G 73 -23.50 13.09 89.82
N ASP G 74 -22.61 12.75 88.89
CA ASP G 74 -21.82 13.74 88.15
C ASP G 74 -22.63 14.60 87.18
N ILE G 75 -23.79 14.08 86.75
CA ILE G 75 -24.63 14.80 85.82
C ILE G 75 -25.63 15.75 86.48
N ASP G 76 -25.73 16.95 85.93
CA ASP G 76 -26.68 17.94 86.43
C ASP G 76 -27.92 17.93 85.56
N PRO G 77 -29.08 17.67 86.17
CA PRO G 77 -30.33 17.64 85.41
C PRO G 77 -30.64 18.98 84.74
N VAL G 78 -31.15 18.92 83.51
CA VAL G 78 -31.51 20.12 82.76
C VAL G 78 -33.03 20.19 82.73
N PRO G 79 -33.60 21.23 83.32
CA PRO G 79 -35.05 21.43 83.35
C PRO G 79 -35.64 22.08 82.11
N GLN G 80 -36.92 21.83 81.88
CA GLN G 80 -37.65 22.40 80.76
C GLN G 80 -38.26 23.72 81.22
N ASN G 81 -38.14 24.76 80.40
CA ASN G 81 -38.68 26.07 80.75
C ASN G 81 -39.45 26.74 79.62
N ASP G 82 -40.77 26.81 79.76
CA ASP G 82 -41.63 27.43 78.75
C ASP G 82 -41.77 28.93 78.97
N GLY G 83 -40.82 29.52 79.68
CA GLY G 83 -40.86 30.95 79.95
C GLY G 83 -41.96 31.44 80.88
N PRO G 84 -42.10 32.77 81.03
CA PRO G 84 -43.09 33.43 81.88
C PRO G 84 -44.51 32.90 81.76
N SER G 85 -45.06 32.93 80.54
CA SER G 85 -46.43 32.46 80.31
C SER G 85 -46.45 31.22 79.42
N PRO G 86 -46.49 30.03 80.03
CA PRO G 86 -46.52 28.76 79.29
C PRO G 86 -47.88 28.45 78.60
N VAL G 87 -47.79 27.91 77.38
CA VAL G 87 -48.97 27.57 76.57
C VAL G 87 -49.14 26.06 76.44
N VAL G 88 -50.38 25.57 76.58
CA VAL G 88 -50.67 24.14 76.45
C VAL G 88 -49.62 23.36 77.26
N GLN G 89 -49.52 23.70 78.53
CA GLN G 89 -48.57 23.09 79.44
C GLN G 89 -49.11 21.79 80.05
N ILE G 90 -48.30 20.75 79.98
CA ILE G 90 -48.67 19.44 80.53
C ILE G 90 -48.03 19.29 81.90
N ILE G 91 -48.82 18.89 82.91
CA ILE G 91 -48.29 18.71 84.25
C ILE G 91 -47.64 17.33 84.36
N TYR G 92 -46.41 17.30 84.86
CA TYR G 92 -45.68 16.05 84.99
C TYR G 92 -45.40 15.58 86.41
N SER G 93 -45.49 14.27 86.61
CA SER G 93 -45.23 13.68 87.91
C SER G 93 -43.74 13.82 88.21
N GLU G 94 -43.37 13.59 89.47
CA GLU G 94 -41.98 13.69 89.89
C GLU G 94 -41.11 12.75 89.06
N LYS G 95 -41.57 11.50 88.92
CA LYS G 95 -40.84 10.48 88.18
C LYS G 95 -40.62 10.93 86.74
N PHE G 96 -41.70 11.33 86.09
CA PHE G 96 -41.66 11.76 84.71
C PHE G 96 -40.65 12.88 84.52
N ARG G 97 -40.89 14.00 85.19
CA ARG G 97 -39.99 15.13 85.11
C ARG G 97 -38.54 14.73 85.40
N ASP G 98 -38.36 13.80 86.33
CA ASP G 98 -37.04 13.34 86.70
C ASP G 98 -36.34 12.70 85.50
N VAL G 99 -36.95 11.65 84.95
CA VAL G 99 -36.37 10.96 83.80
C VAL G 99 -35.97 11.92 82.69
N TYR G 100 -36.90 12.79 82.31
CA TYR G 100 -36.63 13.75 81.25
C TYR G 100 -35.66 14.86 81.57
N ASP G 101 -35.54 15.25 82.83
CA ASP G 101 -34.59 16.30 83.18
C ASP G 101 -33.18 15.75 82.97
N TYR G 102 -33.04 14.43 83.13
CA TYR G 102 -31.75 13.81 82.92
C TYR G 102 -31.54 13.51 81.45
N PHE G 103 -32.64 13.22 80.74
CA PHE G 103 -32.55 12.97 79.31
C PHE G 103 -32.03 14.25 78.65
N ARG G 104 -32.62 15.39 78.99
CA ARG G 104 -32.20 16.66 78.43
C ARG G 104 -30.71 16.87 78.67
N ALA G 105 -30.29 16.54 79.89
CA ALA G 105 -28.89 16.68 80.27
C ALA G 105 -27.98 15.87 79.35
N VAL G 106 -28.27 14.58 79.24
CA VAL G 106 -27.48 13.71 78.39
C VAL G 106 -27.50 14.17 76.92
N LEU G 107 -28.68 14.57 76.42
CA LEU G 107 -28.82 15.04 75.05
C LEU G 107 -27.92 16.24 74.81
N GLN G 108 -28.13 17.26 75.63
CA GLN G 108 -27.36 18.49 75.53
C GLN G 108 -25.85 18.25 75.41
N ARG G 109 -25.38 17.19 76.06
CA ARG G 109 -23.96 16.86 76.04
C ARG G 109 -23.63 15.79 75.02
N ASP G 110 -24.63 15.37 74.26
CA ASP G 110 -24.44 14.33 73.26
C ASP G 110 -23.60 13.19 73.84
N GLU G 111 -23.89 12.83 75.08
CA GLU G 111 -23.18 11.75 75.76
C GLU G 111 -23.53 10.37 75.20
N ARG G 112 -22.58 9.75 74.51
CA ARG G 112 -22.82 8.43 73.92
C ARG G 112 -22.52 7.33 74.93
N SER G 113 -23.04 7.46 76.14
CA SER G 113 -22.78 6.46 77.19
C SER G 113 -23.75 5.29 77.21
N GLU G 114 -23.39 4.28 77.99
CA GLU G 114 -24.22 3.10 78.15
C GLU G 114 -25.34 3.42 79.13
N ARG G 115 -25.11 4.36 80.02
CA ARG G 115 -26.14 4.72 80.98
C ARG G 115 -27.20 5.53 80.26
N ALA G 116 -26.78 6.30 79.24
CA ALA G 116 -27.70 7.12 78.45
C ALA G 116 -28.63 6.16 77.68
N PHE G 117 -28.03 5.15 77.08
CA PHE G 117 -28.82 4.18 76.33
C PHE G 117 -29.95 3.64 77.19
N LYS G 118 -29.65 3.34 78.45
CA LYS G 118 -30.66 2.79 79.34
C LYS G 118 -31.68 3.87 79.70
N LEU G 119 -31.21 5.11 79.83
CA LEU G 119 -32.09 6.21 80.16
C LEU G 119 -33.18 6.33 79.11
N THR G 120 -32.83 6.09 77.84
CA THR G 120 -33.80 6.21 76.76
C THR G 120 -34.94 5.21 76.91
N ARG G 121 -34.64 4.01 77.40
CA ARG G 121 -35.68 3.00 77.57
C ARG G 121 -36.76 3.51 78.49
N ASP G 122 -36.37 4.31 79.48
CA ASP G 122 -37.31 4.87 80.43
C ASP G 122 -38.06 6.04 79.83
N ALA G 123 -37.37 6.86 79.05
CA ALA G 123 -37.98 8.01 78.40
C ALA G 123 -39.02 7.50 77.40
N ILE G 124 -38.69 6.41 76.73
CA ILE G 124 -39.59 5.83 75.76
C ILE G 124 -40.79 5.23 76.46
N GLU G 125 -40.59 4.65 77.64
CA GLU G 125 -41.74 4.08 78.33
C GLU G 125 -42.67 5.20 78.76
N LEU G 126 -42.09 6.32 79.15
CA LEU G 126 -42.87 7.46 79.59
C LEU G 126 -43.60 8.15 78.43
N ASN G 127 -43.01 8.08 77.24
CA ASN G 127 -43.60 8.71 76.05
C ASN G 127 -42.95 8.25 74.75
N ALA G 128 -43.48 7.18 74.17
CA ALA G 128 -42.94 6.62 72.94
C ALA G 128 -43.17 7.50 71.71
N ALA G 129 -43.78 8.67 71.91
CA ALA G 129 -44.05 9.54 70.78
C ALA G 129 -42.97 10.58 70.61
N ASN G 130 -42.01 10.62 71.52
CA ASN G 130 -40.94 11.61 71.43
C ASN G 130 -39.92 11.14 70.40
N TYR G 131 -40.04 11.66 69.18
CA TYR G 131 -39.16 11.29 68.08
C TYR G 131 -37.68 11.58 68.34
N THR G 132 -37.38 12.59 69.15
CA THR G 132 -35.98 12.91 69.45
C THR G 132 -35.37 11.77 70.26
N VAL G 133 -36.13 11.25 71.22
CA VAL G 133 -35.66 10.18 72.05
C VAL G 133 -35.26 9.00 71.17
N TRP G 134 -36.15 8.61 70.27
CA TRP G 134 -35.86 7.50 69.37
C TRP G 134 -34.64 7.76 68.49
N HIS G 135 -34.48 9.01 68.06
CA HIS G 135 -33.35 9.35 67.22
C HIS G 135 -32.08 9.12 67.99
N PHE G 136 -32.00 9.74 69.17
CA PHE G 136 -30.83 9.60 70.04
C PHE G 136 -30.56 8.14 70.34
N ARG G 137 -31.61 7.38 70.59
CA ARG G 137 -31.44 5.98 70.89
C ARG G 137 -30.77 5.28 69.70
N ARG G 138 -31.14 5.68 68.48
CA ARG G 138 -30.53 5.07 67.30
C ARG G 138 -29.07 5.48 67.22
N VAL G 139 -28.78 6.72 67.61
CA VAL G 139 -27.40 7.21 67.59
C VAL G 139 -26.56 6.30 68.51
N LEU G 140 -27.10 6.05 69.70
CA LEU G 140 -26.43 5.21 70.69
C LEU G 140 -26.33 3.78 70.20
N LEU G 141 -27.37 3.30 69.53
CA LEU G 141 -27.33 1.94 69.02
C LEU G 141 -26.09 1.74 68.16
N ARG G 142 -25.73 2.76 67.38
CA ARG G 142 -24.56 2.71 66.52
C ARG G 142 -23.28 2.89 67.34
N SER G 143 -23.17 4.03 68.03
CA SER G 143 -21.99 4.32 68.85
C SER G 143 -21.58 3.12 69.70
N LEU G 144 -22.50 2.66 70.55
CA LEU G 144 -22.21 1.54 71.43
C LEU G 144 -22.25 0.20 70.72
N GLN G 145 -22.43 0.22 69.41
CA GLN G 145 -22.50 -1.01 68.62
C GLN G 145 -23.32 -2.09 69.30
N LYS G 146 -24.55 -1.74 69.67
CA LYS G 146 -25.46 -2.67 70.35
C LYS G 146 -25.96 -3.76 69.41
N ASP G 147 -26.41 -4.87 70.00
CA ASP G 147 -26.93 -5.99 69.22
C ASP G 147 -28.25 -5.57 68.62
N LEU G 148 -28.29 -5.40 67.30
CA LEU G 148 -29.52 -5.00 66.62
C LEU G 148 -30.62 -6.06 66.64
N GLN G 149 -30.23 -7.33 66.72
CA GLN G 149 -31.23 -8.39 66.74
C GLN G 149 -32.00 -8.30 68.05
N GLU G 150 -31.35 -7.76 69.07
CA GLU G 150 -31.97 -7.57 70.38
C GLU G 150 -32.98 -6.44 70.27
N GLU G 151 -32.55 -5.34 69.66
CA GLU G 151 -33.40 -4.17 69.47
C GLU G 151 -34.64 -4.55 68.68
N MET G 152 -34.51 -5.50 67.77
CA MET G 152 -35.65 -5.96 66.98
C MET G 152 -36.71 -6.53 67.89
N ASN G 153 -36.29 -7.19 68.97
CA ASN G 153 -37.24 -7.77 69.92
C ASN G 153 -37.90 -6.62 70.66
N TYR G 154 -37.07 -5.68 71.10
CA TYR G 154 -37.56 -4.52 71.84
C TYR G 154 -38.67 -3.81 71.09
N ILE G 155 -38.37 -3.40 69.86
CA ILE G 155 -39.32 -2.67 69.05
C ILE G 155 -40.54 -3.51 68.69
N ILE G 156 -40.36 -4.82 68.56
CA ILE G 156 -41.51 -5.66 68.25
C ILE G 156 -42.52 -5.59 69.41
N ALA G 157 -42.01 -5.59 70.63
CA ALA G 157 -42.87 -5.51 71.81
C ALA G 157 -43.56 -4.15 71.86
N ILE G 158 -42.76 -3.09 71.69
CA ILE G 158 -43.25 -1.72 71.73
C ILE G 158 -44.39 -1.47 70.75
N ILE G 159 -44.19 -1.89 69.51
CA ILE G 159 -45.20 -1.69 68.47
C ILE G 159 -46.48 -2.44 68.79
N GLU G 160 -46.38 -3.63 69.37
CA GLU G 160 -47.59 -4.38 69.70
C GLU G 160 -48.44 -3.59 70.66
N GLU G 161 -47.78 -2.88 71.56
CA GLU G 161 -48.46 -2.08 72.56
C GLU G 161 -48.97 -0.77 72.01
N GLN G 162 -48.32 -0.25 70.97
CA GLN G 162 -48.72 1.02 70.38
C GLN G 162 -48.65 0.96 68.87
N PRO G 163 -49.52 0.16 68.24
CA PRO G 163 -49.56 -0.02 66.79
C PRO G 163 -49.93 1.18 65.92
N LYS G 164 -50.28 2.31 66.53
CA LYS G 164 -50.65 3.48 65.75
C LYS G 164 -49.69 4.63 65.98
N ASN G 165 -48.50 4.32 66.48
CA ASN G 165 -47.48 5.31 66.77
C ASN G 165 -46.53 5.43 65.56
N TYR G 166 -46.45 6.63 64.99
CA TYR G 166 -45.58 6.85 63.84
C TYR G 166 -44.11 6.57 64.14
N GLN G 167 -43.60 7.10 65.25
CA GLN G 167 -42.20 6.94 65.61
C GLN G 167 -41.70 5.51 65.71
N VAL G 168 -42.53 4.62 66.25
CA VAL G 168 -42.10 3.23 66.42
C VAL G 168 -42.00 2.45 65.12
N TRP G 169 -42.88 2.74 64.17
CA TRP G 169 -42.84 2.03 62.89
C TRP G 169 -41.63 2.52 62.10
N HIS G 170 -41.27 3.78 62.31
CA HIS G 170 -40.13 4.35 61.62
C HIS G 170 -38.88 3.69 62.15
N HIS G 171 -38.81 3.57 63.47
CA HIS G 171 -37.68 2.95 64.13
C HIS G 171 -37.50 1.53 63.59
N ARG G 172 -38.58 0.77 63.51
CA ARG G 172 -38.47 -0.60 63.02
C ARG G 172 -37.96 -0.64 61.59
N ARG G 173 -38.45 0.28 60.77
CA ARG G 173 -38.01 0.32 59.38
C ARG G 173 -36.51 0.60 59.26
N VAL G 174 -36.02 1.53 60.07
CA VAL G 174 -34.61 1.85 60.06
C VAL G 174 -33.78 0.63 60.42
N LEU G 175 -34.23 -0.13 61.42
CA LEU G 175 -33.52 -1.33 61.86
C LEU G 175 -33.46 -2.37 60.76
N VAL G 176 -34.60 -2.61 60.11
CA VAL G 176 -34.64 -3.60 59.04
C VAL G 176 -33.70 -3.19 57.92
N GLU G 177 -33.57 -1.90 57.66
CA GLU G 177 -32.65 -1.41 56.63
C GLU G 177 -31.23 -1.72 57.08
N TRP G 178 -30.91 -1.41 58.32
CA TRP G 178 -29.59 -1.68 58.87
C TRP G 178 -29.22 -3.15 58.75
N LEU G 179 -30.06 -4.02 59.27
CA LEU G 179 -29.79 -5.45 59.21
C LEU G 179 -29.94 -6.05 57.82
N LYS G 180 -30.60 -5.35 56.91
CA LYS G 180 -30.86 -5.88 55.56
C LYS G 180 -31.49 -7.26 55.71
N ASP G 181 -32.23 -7.44 56.80
CA ASP G 181 -32.88 -8.70 57.10
C ASP G 181 -34.40 -8.53 57.20
N PRO G 182 -35.15 -9.05 56.22
CA PRO G 182 -36.60 -8.88 56.31
C PRO G 182 -37.26 -10.18 56.76
N SER G 183 -36.42 -11.17 57.07
CA SER G 183 -36.87 -12.50 57.47
C SER G 183 -38.08 -12.60 58.40
N GLN G 184 -38.25 -11.66 59.32
CA GLN G 184 -39.39 -11.79 60.22
C GLN G 184 -40.48 -10.73 60.04
N GLU G 185 -40.33 -9.88 59.03
CA GLU G 185 -41.29 -8.81 58.78
C GLU G 185 -42.70 -9.23 58.40
N LEU G 186 -42.86 -10.01 57.34
CA LEU G 186 -44.19 -10.41 56.92
C LEU G 186 -45.03 -11.08 58.02
N GLU G 187 -44.40 -11.92 58.84
CA GLU G 187 -45.11 -12.59 59.92
C GLU G 187 -45.52 -11.61 61.01
N PHE G 188 -44.61 -10.71 61.36
CA PHE G 188 -44.86 -9.71 62.39
C PHE G 188 -46.05 -8.84 62.01
N ILE G 189 -46.03 -8.33 60.79
CA ILE G 189 -47.08 -7.47 60.29
C ILE G 189 -48.42 -8.22 60.31
N ALA G 190 -48.38 -9.49 59.90
CA ALA G 190 -49.59 -10.29 59.88
C ALA G 190 -50.22 -10.36 61.27
N ASP G 191 -49.38 -10.39 62.30
CA ASP G 191 -49.89 -10.44 63.67
C ASP G 191 -50.52 -9.12 64.03
N ILE G 192 -49.84 -8.02 63.71
CA ILE G 192 -50.38 -6.71 64.00
C ILE G 192 -51.71 -6.54 63.24
N LEU G 193 -51.74 -7.02 62.00
CA LEU G 193 -52.95 -6.92 61.20
C LEU G 193 -54.05 -7.78 61.78
N ASN G 194 -53.74 -8.50 62.86
CA ASN G 194 -54.76 -9.34 63.46
C ASN G 194 -55.54 -8.59 64.51
N GLN G 195 -54.92 -7.58 65.11
CA GLN G 195 -55.64 -6.79 66.11
C GLN G 195 -56.26 -5.58 65.42
N ASP G 196 -56.04 -5.48 64.11
CA ASP G 196 -56.58 -4.40 63.28
C ASP G 196 -56.18 -4.63 61.84
N ALA G 197 -57.06 -5.24 61.06
CA ALA G 197 -56.76 -5.55 59.67
C ALA G 197 -56.71 -4.35 58.75
N LYS G 198 -56.90 -3.15 59.29
CA LYS G 198 -56.88 -1.95 58.46
C LYS G 198 -55.87 -0.92 58.92
N ASN G 199 -55.00 -1.32 59.84
CA ASN G 199 -53.96 -0.46 60.38
C ASN G 199 -53.11 0.09 59.22
N TYR G 200 -53.24 1.39 58.94
CA TYR G 200 -52.51 1.97 57.83
C TYR G 200 -51.00 1.82 58.00
N HIS G 201 -50.50 2.00 59.22
CA HIS G 201 -49.07 1.87 59.49
C HIS G 201 -48.56 0.49 59.11
N ALA G 202 -49.34 -0.53 59.45
CA ALA G 202 -48.98 -1.90 59.15
C ALA G 202 -48.90 -2.17 57.65
N TRP G 203 -49.94 -1.81 56.92
CA TRP G 203 -49.94 -2.03 55.49
C TRP G 203 -48.85 -1.24 54.79
N GLN G 204 -48.55 -0.06 55.31
CA GLN G 204 -47.51 0.76 54.71
C GLN G 204 -46.18 0.06 54.88
N HIS G 205 -45.90 -0.39 56.09
CA HIS G 205 -44.67 -1.10 56.38
C HIS G 205 -44.60 -2.38 55.56
N ARG G 206 -45.73 -3.05 55.41
CA ARG G 206 -45.74 -4.30 54.66
C ARG G 206 -45.33 -4.04 53.21
N GLN G 207 -45.91 -3.02 52.59
CA GLN G 207 -45.57 -2.72 51.20
C GLN G 207 -44.12 -2.35 51.02
N TRP G 208 -43.54 -1.67 52.02
CA TRP G 208 -42.14 -1.29 51.94
C TRP G 208 -41.26 -2.53 51.97
N VAL G 209 -41.48 -3.41 52.94
CA VAL G 209 -40.69 -4.63 53.03
C VAL G 209 -40.79 -5.42 51.73
N ILE G 210 -42.01 -5.72 51.31
CA ILE G 210 -42.21 -6.48 50.09
C ILE G 210 -41.48 -5.88 48.90
N GLN G 211 -41.58 -4.57 48.73
CA GLN G 211 -40.93 -3.90 47.61
C GLN G 211 -39.41 -3.87 47.73
N GLU G 212 -38.92 -3.44 48.90
CA GLU G 212 -37.50 -3.32 49.17
C GLU G 212 -36.70 -4.61 49.07
N PHE G 213 -37.29 -5.73 49.49
CA PHE G 213 -36.57 -7.00 49.43
C PHE G 213 -37.21 -7.96 48.44
N ARG G 214 -38.02 -7.42 47.55
CA ARG G 214 -38.70 -8.20 46.51
C ARG G 214 -39.27 -9.52 47.02
N LEU G 215 -40.25 -9.43 47.91
CA LEU G 215 -40.89 -10.61 48.50
C LEU G 215 -42.32 -10.74 48.01
N TRP G 216 -42.52 -10.82 46.70
CA TRP G 216 -43.87 -10.93 46.16
C TRP G 216 -44.44 -12.34 46.17
N ASP G 217 -43.56 -13.32 46.03
CA ASP G 217 -43.92 -14.74 45.98
C ASP G 217 -45.20 -15.22 46.69
N ASN G 218 -45.43 -14.81 47.92
CA ASN G 218 -46.61 -15.29 48.63
C ASN G 218 -47.68 -14.27 48.97
N GLU G 219 -47.48 -13.02 48.57
CA GLU G 219 -48.46 -12.00 48.92
C GLU G 219 -49.83 -12.20 48.31
N LEU G 220 -49.91 -12.50 47.02
CA LEU G 220 -51.22 -12.67 46.41
C LEU G 220 -52.04 -13.73 47.14
N GLN G 221 -51.35 -14.68 47.75
CA GLN G 221 -52.02 -15.74 48.48
C GLN G 221 -52.52 -15.21 49.82
N TYR G 222 -51.71 -14.36 50.45
CA TYR G 222 -52.06 -13.74 51.73
C TYR G 222 -53.32 -12.90 51.52
N VAL G 223 -53.34 -12.18 50.40
CA VAL G 223 -54.45 -11.34 50.03
C VAL G 223 -55.72 -12.19 49.92
N ASP G 224 -55.64 -13.26 49.14
CA ASP G 224 -56.77 -14.17 48.94
C ASP G 224 -57.35 -14.67 50.25
N GLN G 225 -56.47 -14.92 51.20
CA GLN G 225 -56.86 -15.42 52.52
C GLN G 225 -57.60 -14.35 53.31
N LEU G 226 -57.07 -13.12 53.31
CA LEU G 226 -57.70 -12.05 54.04
C LEU G 226 -59.03 -11.61 53.42
N LEU G 227 -59.14 -11.70 52.10
CA LEU G 227 -60.38 -11.32 51.46
C LEU G 227 -61.47 -12.32 51.82
N LYS G 228 -61.08 -13.49 52.29
CA LYS G 228 -62.04 -14.51 52.68
C LYS G 228 -62.52 -14.20 54.10
N GLU G 229 -61.63 -13.66 54.92
CA GLU G 229 -61.97 -13.30 56.29
C GLU G 229 -62.85 -12.07 56.37
N ASP G 230 -62.76 -11.22 55.34
CA ASP G 230 -63.53 -9.98 55.29
C ASP G 230 -63.40 -9.35 53.91
N VAL G 231 -64.30 -9.72 53.01
CA VAL G 231 -64.29 -9.22 51.64
C VAL G 231 -64.49 -7.69 51.56
N ARG G 232 -64.85 -7.07 52.67
CA ARG G 232 -65.07 -5.63 52.68
C ARG G 232 -63.85 -4.82 53.11
N ASN G 233 -62.73 -5.49 53.39
CA ASN G 233 -61.53 -4.78 53.83
C ASN G 233 -60.86 -4.09 52.63
N ASN G 234 -61.09 -2.78 52.53
CA ASN G 234 -60.54 -1.99 51.44
C ASN G 234 -59.02 -2.08 51.37
N SER G 235 -58.35 -2.22 52.52
CA SER G 235 -56.89 -2.30 52.55
C SER G 235 -56.36 -3.54 51.81
N VAL G 236 -57.07 -4.65 51.92
CA VAL G 236 -56.67 -5.88 51.26
C VAL G 236 -56.88 -5.76 49.75
N TRP G 237 -57.97 -5.14 49.32
CA TRP G 237 -58.19 -4.96 47.90
C TRP G 237 -57.06 -4.11 47.32
N ASN G 238 -56.59 -3.13 48.08
CA ASN G 238 -55.50 -2.29 47.60
C ASN G 238 -54.25 -3.14 47.54
N GLN G 239 -54.05 -4.00 48.54
CA GLN G 239 -52.87 -4.86 48.57
C GLN G 239 -52.87 -5.78 47.36
N ARG G 240 -54.06 -6.24 46.96
CA ARG G 240 -54.16 -7.12 45.81
C ARG G 240 -53.65 -6.40 44.58
N HIS G 241 -54.13 -5.19 44.34
CA HIS G 241 -53.70 -4.42 43.19
C HIS G 241 -52.20 -4.15 43.26
N PHE G 242 -51.72 -3.87 44.46
CA PHE G 242 -50.30 -3.61 44.69
C PHE G 242 -49.47 -4.78 44.18
N VAL G 243 -49.79 -5.98 44.63
CA VAL G 243 -49.06 -7.18 44.22
C VAL G 243 -49.09 -7.40 42.72
N ILE G 244 -50.30 -7.53 42.17
CA ILE G 244 -50.44 -7.77 40.75
C ILE G 244 -49.77 -6.75 39.85
N SER G 245 -50.02 -5.47 40.06
CA SER G 245 -49.40 -4.47 39.19
C SER G 245 -47.88 -4.40 39.33
N ASN G 246 -47.34 -5.00 40.40
CA ASN G 246 -45.90 -5.00 40.62
C ASN G 246 -45.25 -6.33 40.23
N THR G 247 -46.02 -7.20 39.61
CA THR G 247 -45.49 -8.48 39.18
C THR G 247 -45.93 -8.71 37.73
N THR G 248 -47.00 -9.47 37.54
CA THR G 248 -47.49 -9.75 36.20
C THR G 248 -48.05 -8.53 35.47
N GLY G 249 -48.63 -7.59 36.20
CA GLY G 249 -49.21 -6.43 35.57
C GLY G 249 -50.59 -6.84 35.09
N TYR G 250 -51.35 -5.92 34.52
CA TYR G 250 -52.68 -6.28 34.03
C TYR G 250 -52.79 -6.31 32.52
N SER G 251 -51.65 -6.20 31.83
CA SER G 251 -51.65 -6.22 30.38
C SER G 251 -51.87 -7.63 29.84
N ASP G 252 -51.50 -8.63 30.63
CA ASP G 252 -51.70 -10.00 30.22
C ASP G 252 -53.19 -10.28 30.26
N ARG G 253 -53.84 -10.26 29.10
CA ARG G 253 -55.28 -10.51 29.03
C ARG G 253 -55.71 -11.71 29.85
N ALA G 254 -54.78 -12.64 30.06
CA ALA G 254 -55.07 -13.83 30.83
C ALA G 254 -55.29 -13.43 32.28
N VAL G 255 -54.45 -12.53 32.76
CA VAL G 255 -54.52 -12.05 34.13
C VAL G 255 -55.72 -11.13 34.31
N LEU G 256 -55.88 -10.18 33.39
CA LEU G 256 -56.99 -9.24 33.46
C LEU G 256 -58.27 -10.02 33.59
N GLU G 257 -58.43 -11.04 32.75
CA GLU G 257 -59.62 -11.86 32.80
C GLU G 257 -59.75 -12.56 34.14
N ARG G 258 -58.69 -13.19 34.61
CA ARG G 258 -58.72 -13.89 35.89
C ARG G 258 -59.22 -12.96 36.99
N GLU G 259 -58.69 -11.73 36.99
CA GLU G 259 -59.05 -10.75 38.01
C GLU G 259 -60.47 -10.23 37.88
N VAL G 260 -60.90 -9.90 36.66
CA VAL G 260 -62.27 -9.42 36.48
C VAL G 260 -63.22 -10.51 36.94
N GLN G 261 -62.89 -11.76 36.64
CA GLN G 261 -63.74 -12.87 37.04
C GLN G 261 -63.72 -13.03 38.56
N TYR G 262 -62.55 -12.96 39.16
CA TYR G 262 -62.40 -13.08 40.60
C TYR G 262 -63.27 -12.07 41.33
N THR G 263 -63.23 -10.83 40.86
CA THR G 263 -63.97 -9.74 41.44
C THR G 263 -65.47 -9.94 41.30
N LEU G 264 -65.94 -10.27 40.09
CA LEU G 264 -67.37 -10.50 39.88
C LEU G 264 -67.87 -11.57 40.82
N GLU G 265 -67.02 -12.54 41.13
CA GLU G 265 -67.41 -13.61 42.06
C GLU G 265 -67.59 -13.07 43.46
N MET G 266 -66.70 -12.18 43.87
CA MET G 266 -66.76 -11.57 45.19
C MET G 266 -67.96 -10.64 45.26
N ILE G 267 -68.22 -9.95 44.15
CA ILE G 267 -69.35 -9.04 44.09
C ILE G 267 -70.63 -9.83 44.28
N LYS G 268 -70.72 -11.01 43.66
CA LYS G 268 -71.92 -11.82 43.80
C LYS G 268 -72.12 -12.30 45.24
N LEU G 269 -71.04 -12.48 45.99
CA LEU G 269 -71.16 -12.92 47.38
C LEU G 269 -71.65 -11.80 48.28
N VAL G 270 -71.20 -10.59 48.02
CA VAL G 270 -71.58 -9.43 48.80
C VAL G 270 -71.66 -8.27 47.82
N PRO G 271 -72.77 -8.17 47.08
CA PRO G 271 -73.05 -7.14 46.07
C PRO G 271 -72.86 -5.69 46.51
N HIS G 272 -73.08 -5.41 47.79
CA HIS G 272 -72.92 -4.06 48.31
C HIS G 272 -71.54 -3.91 48.95
N ASN G 273 -70.53 -3.73 48.11
CA ASN G 273 -69.15 -3.60 48.59
C ASN G 273 -68.39 -2.64 47.66
N GLU G 274 -68.26 -1.38 48.09
CA GLU G 274 -67.58 -0.38 47.30
C GLU G 274 -66.19 -0.82 46.88
N SER G 275 -65.47 -1.45 47.80
CA SER G 275 -64.12 -1.92 47.54
C SER G 275 -64.04 -2.79 46.30
N ALA G 276 -64.83 -3.86 46.28
CA ALA G 276 -64.84 -4.77 45.14
C ALA G 276 -65.15 -4.02 43.85
N TRP G 277 -66.17 -3.17 43.87
CA TRP G 277 -66.53 -2.43 42.68
C TRP G 277 -65.45 -1.45 42.23
N ASN G 278 -64.77 -0.83 43.19
CA ASN G 278 -63.72 0.13 42.87
C ASN G 278 -62.54 -0.56 42.20
N TYR G 279 -62.26 -1.79 42.64
CA TYR G 279 -61.16 -2.58 42.08
C TYR G 279 -61.53 -2.92 40.63
N LEU G 280 -62.73 -3.46 40.43
CA LEU G 280 -63.19 -3.80 39.10
C LEU G 280 -63.07 -2.61 38.16
N LYS G 281 -63.66 -1.48 38.53
CA LYS G 281 -63.60 -0.31 37.69
C LYS G 281 -62.15 0.15 37.56
N GLY G 282 -61.41 0.02 38.64
CA GLY G 282 -60.03 0.45 38.63
C GLY G 282 -59.18 -0.17 37.56
N ILE G 283 -59.19 -1.50 37.51
CA ILE G 283 -58.38 -2.22 36.55
C ILE G 283 -58.87 -2.19 35.12
N LEU G 284 -60.03 -1.58 34.89
CA LEU G 284 -60.59 -1.52 33.54
C LEU G 284 -60.77 -0.09 33.02
N GLN G 285 -60.96 0.86 33.92
CA GLN G 285 -61.19 2.25 33.54
C GLN G 285 -60.21 2.87 32.57
N ASP G 286 -58.94 2.51 32.65
CA ASP G 286 -57.96 3.10 31.75
C ASP G 286 -57.88 2.47 30.37
N ARG G 287 -58.27 1.20 30.24
CA ARG G 287 -58.27 0.59 28.93
C ARG G 287 -59.56 0.99 28.18
N GLY G 288 -60.55 1.45 28.94
CA GLY G 288 -61.81 1.86 28.33
C GLY G 288 -62.94 0.92 28.70
N LEU G 289 -63.79 1.33 29.64
CA LEU G 289 -64.92 0.49 30.06
C LEU G 289 -65.84 0.05 28.92
N SER G 290 -66.01 0.89 27.91
CA SER G 290 -66.88 0.55 26.80
C SER G 290 -66.32 -0.53 25.88
N ARG G 291 -65.04 -0.83 26.00
CA ARG G 291 -64.37 -1.84 25.17
C ARG G 291 -64.64 -3.30 25.61
N TYR G 292 -65.51 -3.50 26.60
CA TYR G 292 -65.80 -4.85 27.09
C TYR G 292 -67.30 -5.15 27.02
N PRO G 293 -67.82 -5.40 25.80
CA PRO G 293 -69.23 -5.69 25.56
C PRO G 293 -69.85 -6.75 26.44
N ASN G 294 -69.14 -7.83 26.69
CA ASN G 294 -69.69 -8.89 27.53
C ASN G 294 -69.86 -8.48 28.99
N LEU G 295 -69.08 -7.50 29.42
CA LEU G 295 -69.17 -7.03 30.80
C LEU G 295 -70.46 -6.25 31.00
N LEU G 296 -70.80 -5.40 30.02
CA LEU G 296 -72.00 -4.60 30.10
C LEU G 296 -73.22 -5.47 30.28
N ASN G 297 -73.31 -6.51 29.45
CA ASN G 297 -74.45 -7.42 29.53
C ASN G 297 -74.48 -8.17 30.84
N GLN G 298 -73.34 -8.72 31.24
CA GLN G 298 -73.33 -9.46 32.49
C GLN G 298 -73.82 -8.62 33.66
N LEU G 299 -73.51 -7.33 33.63
CA LEU G 299 -73.94 -6.44 34.70
C LEU G 299 -75.43 -6.17 34.56
N LEU G 300 -75.87 -5.88 33.33
CA LEU G 300 -77.29 -5.64 33.09
C LEU G 300 -78.10 -6.82 33.61
N ASP G 301 -77.51 -8.02 33.55
CA ASP G 301 -78.18 -9.22 34.03
C ASP G 301 -78.17 -9.31 35.55
N LEU G 302 -77.08 -8.91 36.16
CA LEU G 302 -76.98 -8.95 37.62
C LEU G 302 -77.99 -8.00 38.25
N GLN G 303 -78.20 -6.86 37.59
CA GLN G 303 -79.10 -5.80 38.06
C GLN G 303 -80.34 -6.28 38.81
N PRO G 304 -81.17 -7.14 38.17
CA PRO G 304 -82.37 -7.66 38.82
C PRO G 304 -82.17 -8.19 40.25
N SER G 305 -81.17 -9.05 40.44
CA SER G 305 -80.89 -9.65 41.75
C SER G 305 -79.80 -9.02 42.60
N HIS G 306 -78.66 -8.69 42.00
CA HIS G 306 -77.55 -8.10 42.75
C HIS G 306 -77.39 -6.59 42.59
N SER G 307 -78.50 -5.86 42.45
CA SER G 307 -78.43 -4.41 42.28
C SER G 307 -77.92 -3.69 43.52
N SER G 308 -77.34 -2.50 43.29
CA SER G 308 -76.79 -1.66 44.34
C SER G 308 -76.35 -0.39 43.64
N PRO G 309 -76.14 0.68 44.39
CA PRO G 309 -75.71 1.95 43.79
C PRO G 309 -74.39 1.83 43.03
N TYR G 310 -73.55 0.92 43.49
CA TYR G 310 -72.25 0.72 42.88
C TYR G 310 -72.39 0.16 41.46
N LEU G 311 -73.35 -0.74 41.28
CA LEU G 311 -73.58 -1.35 39.97
C LEU G 311 -74.17 -0.33 39.02
N ILE G 312 -75.20 0.38 39.48
CA ILE G 312 -75.85 1.39 38.67
C ILE G 312 -74.83 2.44 38.24
N ALA G 313 -73.93 2.75 39.18
CA ALA G 313 -72.87 3.72 38.96
C ALA G 313 -71.90 3.22 37.89
N PHE G 314 -71.59 1.94 37.93
CA PHE G 314 -70.68 1.34 36.97
C PHE G 314 -71.28 1.51 35.59
N LEU G 315 -72.56 1.16 35.46
CA LEU G 315 -73.25 1.28 34.18
C LEU G 315 -73.16 2.71 33.62
N VAL G 316 -73.42 3.70 34.47
CA VAL G 316 -73.35 5.10 34.06
C VAL G 316 -71.98 5.37 33.45
N ASP G 317 -70.95 4.90 34.15
CA ASP G 317 -69.57 5.11 33.73
C ASP G 317 -69.26 4.40 32.42
N ILE G 318 -69.91 3.26 32.20
CA ILE G 318 -69.72 2.51 30.95
C ILE G 318 -70.33 3.36 29.86
N TYR G 319 -71.58 3.75 30.05
CA TYR G 319 -72.26 4.57 29.06
C TYR G 319 -71.47 5.83 28.76
N GLU G 320 -70.93 6.45 29.79
CA GLU G 320 -70.17 7.67 29.57
C GLU G 320 -68.94 7.41 28.70
N ASP G 321 -68.28 6.28 28.92
CA ASP G 321 -67.10 5.97 28.14
C ASP G 321 -67.51 5.78 26.69
N MET G 322 -68.73 5.31 26.49
CA MET G 322 -69.24 5.10 25.14
C MET G 322 -69.43 6.47 24.48
N LEU G 323 -70.18 7.35 25.13
CA LEU G 323 -70.41 8.67 24.59
C LEU G 323 -69.07 9.32 24.26
N GLU G 324 -68.08 9.02 25.08
CA GLU G 324 -66.72 9.56 24.92
C GLU G 324 -66.07 9.12 23.62
N ASN G 325 -66.40 7.91 23.20
CA ASN G 325 -65.85 7.34 21.97
C ASN G 325 -66.91 7.29 20.88
N GLN G 326 -67.48 8.46 20.56
CA GLN G 326 -68.53 8.60 19.53
C GLN G 326 -69.16 7.27 19.09
N CYS G 327 -69.90 6.62 19.99
CA CYS G 327 -70.54 5.34 19.68
C CYS G 327 -71.76 5.47 18.79
N ASP G 328 -72.44 4.35 18.54
CA ASP G 328 -73.64 4.31 17.72
C ASP G 328 -74.84 4.61 18.63
N ASN G 329 -75.69 5.55 18.22
CA ASN G 329 -76.87 5.96 18.99
C ASN G 329 -76.48 6.87 20.14
N LYS G 330 -75.55 7.79 19.88
CA LYS G 330 -75.08 8.71 20.90
C LYS G 330 -76.25 9.25 21.72
N GLU G 331 -77.27 9.74 21.04
CA GLU G 331 -78.44 10.29 21.71
C GLU G 331 -79.20 9.24 22.52
N ASP G 332 -79.23 8.00 22.06
CA ASP G 332 -79.94 6.95 22.79
C ASP G 332 -79.17 6.49 24.03
N ILE G 333 -77.85 6.48 23.92
CA ILE G 333 -76.98 6.08 25.02
C ILE G 333 -77.12 7.10 26.14
N LEU G 334 -76.95 8.37 25.78
CA LEU G 334 -77.04 9.47 26.74
C LEU G 334 -78.28 9.35 27.61
N ASN G 335 -79.38 8.89 27.03
CA ASN G 335 -80.61 8.74 27.78
C ASN G 335 -80.56 7.57 28.75
N LYS G 336 -79.89 6.49 28.37
CA LYS G 336 -79.78 5.33 29.26
C LYS G 336 -78.99 5.77 30.48
N ALA G 337 -78.00 6.63 30.20
CA ALA G 337 -77.12 7.18 31.22
C ALA G 337 -77.96 8.02 32.19
N LEU G 338 -78.52 9.10 31.64
CA LEU G 338 -79.38 10.03 32.38
C LEU G 338 -80.44 9.28 33.15
N GLU G 339 -81.06 8.28 32.52
CA GLU G 339 -82.10 7.49 33.16
C GLU G 339 -81.56 6.92 34.47
N LEU G 340 -80.34 6.40 34.41
CA LEU G 340 -79.70 5.80 35.58
C LEU G 340 -79.31 6.83 36.64
N CYS G 341 -78.71 7.94 36.20
CA CYS G 341 -78.35 8.99 37.14
C CYS G 341 -79.55 9.34 38.02
N GLU G 342 -80.69 9.56 37.39
CA GLU G 342 -81.90 9.90 38.12
C GLU G 342 -82.33 8.76 39.04
N ILE G 343 -82.12 7.51 38.60
CA ILE G 343 -82.49 6.38 39.43
C ILE G 343 -81.65 6.44 40.69
N LEU G 344 -80.40 6.84 40.53
CA LEU G 344 -79.49 6.97 41.65
C LEU G 344 -80.00 8.08 42.57
N ALA G 345 -80.12 9.29 42.03
CA ALA G 345 -80.59 10.46 42.77
C ALA G 345 -81.92 10.27 43.49
N LYS G 346 -82.92 9.74 42.78
CA LYS G 346 -84.27 9.54 43.31
C LYS G 346 -84.50 8.36 44.26
N GLU G 347 -83.78 7.27 44.10
CA GLU G 347 -84.02 6.13 44.99
C GLU G 347 -82.86 5.25 45.44
N LYS G 348 -81.87 5.04 44.56
CA LYS G 348 -80.74 4.17 44.87
C LYS G 348 -79.61 4.73 45.73
N ASP G 349 -79.18 5.96 45.44
CA ASP G 349 -78.10 6.61 46.17
C ASP G 349 -78.55 8.05 46.48
N THR G 350 -79.65 8.16 47.20
CA THR G 350 -80.24 9.45 47.53
C THR G 350 -79.35 10.48 48.24
N ILE G 351 -78.52 10.03 49.18
CA ILE G 351 -77.67 10.95 49.91
C ILE G 351 -76.79 11.79 49.00
N ARG G 352 -76.61 11.33 47.76
CA ARG G 352 -75.80 12.05 46.79
C ARG G 352 -76.68 12.57 45.69
N LYS G 353 -77.98 12.68 46.00
CA LYS G 353 -79.00 13.16 45.09
C LYS G 353 -78.54 14.33 44.21
N GLU G 354 -78.08 15.39 44.84
CA GLU G 354 -77.62 16.57 44.11
C GLU G 354 -76.38 16.30 43.26
N TYR G 355 -75.53 15.37 43.70
CA TYR G 355 -74.31 15.04 42.94
C TYR G 355 -74.67 14.35 41.62
N TRP G 356 -75.54 13.35 41.70
CA TRP G 356 -75.96 12.61 40.51
C TRP G 356 -76.68 13.51 39.52
N ARG G 357 -77.60 14.34 40.02
CA ARG G 357 -78.32 15.28 39.17
C ARG G 357 -77.29 16.14 38.43
N TYR G 358 -76.24 16.50 39.17
CA TYR G 358 -75.14 17.31 38.63
C TYR G 358 -74.40 16.53 37.54
N ILE G 359 -74.24 15.22 37.76
CA ILE G 359 -73.57 14.37 36.80
C ILE G 359 -74.45 14.31 35.55
N GLY G 360 -75.75 14.14 35.76
CA GLY G 360 -76.68 14.10 34.65
C GLY G 360 -76.51 15.35 33.81
N ARG G 361 -76.67 16.51 34.45
CA ARG G 361 -76.54 17.79 33.75
C ARG G 361 -75.22 17.84 32.98
N SER G 362 -74.16 17.37 33.63
CA SER G 362 -72.84 17.38 33.02
C SER G 362 -72.85 16.61 31.72
N LEU G 363 -73.48 15.44 31.74
CA LEU G 363 -73.56 14.59 30.56
C LEU G 363 -74.40 15.25 29.46
N GLN G 364 -75.62 15.68 29.81
CA GLN G 364 -76.51 16.31 28.84
C GLN G 364 -75.81 17.44 28.10
N SER G 365 -75.15 18.33 28.82
CA SER G 365 -74.47 19.46 28.19
C SER G 365 -73.18 19.10 27.48
N LYS G 366 -72.78 17.84 27.55
CA LYS G 366 -71.54 17.44 26.90
C LYS G 366 -71.80 16.58 25.69
N HIS G 367 -73.00 15.99 25.62
CA HIS G 367 -73.34 15.11 24.51
C HIS G 367 -74.77 15.33 23.97
N SER G 368 -75.02 16.51 23.40
CA SER G 368 -76.34 16.82 22.82
C SER G 368 -76.25 17.73 21.60
N LEU H 18 -80.52 19.04 68.45
CA LEU H 18 -79.33 19.53 69.20
C LEU H 18 -78.66 20.66 68.43
N ASP H 19 -78.09 21.63 69.14
CA ASP H 19 -77.45 22.78 68.48
C ASP H 19 -76.00 23.02 68.82
N PHE H 20 -75.46 24.12 68.32
CA PHE H 20 -74.06 24.47 68.50
C PHE H 20 -73.79 25.37 69.70
N LEU H 21 -73.38 24.75 70.80
CA LEU H 21 -73.05 25.43 72.06
C LEU H 21 -71.74 26.23 71.93
N ARG H 22 -71.76 27.23 71.05
CA ARG H 22 -70.59 28.08 70.77
C ARG H 22 -69.72 28.56 71.93
N ASP H 23 -70.34 29.02 73.00
CA ASP H 23 -69.57 29.49 74.15
C ASP H 23 -68.79 28.36 74.78
N ARG H 24 -69.46 27.24 75.02
CA ARG H 24 -68.82 26.07 75.61
C ARG H 24 -67.52 25.72 74.89
N HIS H 25 -67.54 25.83 73.57
CA HIS H 25 -66.36 25.53 72.77
C HIS H 25 -65.28 26.59 72.94
N VAL H 26 -65.68 27.82 73.24
CA VAL H 26 -64.68 28.87 73.42
C VAL H 26 -63.94 28.54 74.72
N ARG H 27 -64.70 28.19 75.75
CA ARG H 27 -64.15 27.81 77.06
C ARG H 27 -63.17 26.66 76.86
N PHE H 28 -63.65 25.63 76.17
CA PHE H 28 -62.85 24.45 75.87
C PHE H 28 -61.49 24.82 75.26
N PHE H 29 -61.49 25.63 74.21
CA PHE H 29 -60.23 26.04 73.59
C PHE H 29 -59.36 26.83 74.56
N GLN H 30 -59.99 27.63 75.41
CA GLN H 30 -59.25 28.43 76.39
C GLN H 30 -58.46 27.52 77.32
N ARG H 31 -59.14 26.51 77.85
CA ARG H 31 -58.53 25.55 78.74
C ARG H 31 -57.32 24.87 78.12
N CYS H 32 -57.43 24.50 76.85
CA CYS H 32 -56.33 23.84 76.17
C CYS H 32 -55.08 24.72 76.10
N LEU H 33 -55.26 26.03 75.99
CA LEU H 33 -54.09 26.91 75.94
C LEU H 33 -53.45 27.04 77.31
N GLN H 34 -54.19 26.64 78.34
CA GLN H 34 -53.71 26.74 79.71
C GLN H 34 -52.88 25.56 80.21
N VAL H 35 -53.53 24.59 80.83
CA VAL H 35 -52.82 23.44 81.35
C VAL H 35 -53.53 22.13 81.00
N LEU H 36 -52.73 21.11 80.69
CA LEU H 36 -53.26 19.80 80.34
C LEU H 36 -52.79 18.75 81.34
N PRO H 37 -53.56 17.66 81.52
CA PRO H 37 -53.26 16.56 82.44
C PRO H 37 -52.07 15.73 81.93
N GLU H 38 -51.31 15.13 82.84
CA GLU H 38 -50.16 14.33 82.43
C GLU H 38 -50.59 13.23 81.45
N ARG H 39 -51.91 13.06 81.31
CA ARG H 39 -52.45 12.06 80.41
C ARG H 39 -52.20 12.44 78.95
N TYR H 40 -51.76 13.66 78.70
CA TYR H 40 -51.50 14.11 77.34
C TYR H 40 -50.02 14.34 77.10
N SER H 41 -49.20 13.63 77.88
CA SER H 41 -47.75 13.73 77.80
C SER H 41 -47.24 13.34 76.42
N SER H 42 -48.02 12.54 75.72
CA SER H 42 -47.63 12.08 74.39
C SER H 42 -47.64 13.19 73.36
N LEU H 43 -48.26 14.33 73.71
CA LEU H 43 -48.33 15.44 72.78
C LEU H 43 -47.26 16.48 73.03
N GLU H 44 -46.36 16.21 73.97
CA GLU H 44 -45.31 17.16 74.31
C GLU H 44 -44.60 17.73 73.09
N THR H 45 -44.04 16.88 72.23
CA THR H 45 -43.32 17.38 71.07
C THR H 45 -44.22 17.93 69.97
N SER H 46 -45.52 18.00 70.24
CA SER H 46 -46.50 18.52 69.28
C SER H 46 -47.43 19.53 69.93
N ARG H 47 -46.97 20.16 71.02
CA ARG H 47 -47.78 21.14 71.74
C ARG H 47 -48.16 22.34 70.88
N LEU H 48 -47.24 22.77 70.02
CA LEU H 48 -47.48 23.91 69.15
C LEU H 48 -48.70 23.69 68.25
N THR H 49 -48.92 22.45 67.80
CA THR H 49 -50.06 22.15 66.95
C THR H 49 -51.35 22.09 67.79
N ILE H 50 -51.20 21.83 69.09
CA ILE H 50 -52.37 21.81 69.96
C ILE H 50 -52.74 23.25 70.20
N ALA H 51 -51.73 24.11 70.19
CA ALA H 51 -51.93 25.54 70.36
C ALA H 51 -52.75 26.00 69.16
N PHE H 52 -52.29 25.57 67.98
CA PHE H 52 -52.93 25.88 66.70
C PHE H 52 -54.41 25.49 66.67
N PHE H 53 -54.72 24.28 67.11
CA PHE H 53 -56.13 23.84 67.12
C PHE H 53 -56.95 24.76 68.01
N ALA H 54 -56.36 25.17 69.13
CA ALA H 54 -57.01 26.03 70.11
C ALA H 54 -57.17 27.47 69.65
N LEU H 55 -56.07 28.07 69.20
CA LEU H 55 -56.06 29.44 68.70
C LEU H 55 -56.93 29.59 67.45
N SER H 56 -56.55 28.87 66.39
CA SER H 56 -57.27 28.90 65.11
C SER H 56 -58.74 28.53 65.36
N GLY H 57 -58.97 27.69 66.36
CA GLY H 57 -60.33 27.30 66.68
C GLY H 57 -61.06 28.46 67.30
N LEU H 58 -60.35 29.25 68.10
CA LEU H 58 -60.95 30.41 68.74
C LEU H 58 -61.20 31.46 67.67
N ASP H 59 -60.20 31.66 66.82
CA ASP H 59 -60.29 32.61 65.72
C ASP H 59 -61.53 32.29 64.88
N MET H 60 -61.71 31.00 64.58
CA MET H 60 -62.83 30.53 63.80
C MET H 60 -64.14 30.86 64.51
N LEU H 61 -64.10 30.95 65.84
CA LEU H 61 -65.29 31.29 66.59
C LEU H 61 -65.32 32.79 66.86
N ASP H 62 -64.28 33.47 66.40
CA ASP H 62 -64.14 34.91 66.59
C ASP H 62 -64.15 35.21 68.11
N SER H 63 -63.10 34.74 68.78
CA SER H 63 -62.95 34.92 70.23
C SER H 63 -61.49 35.05 70.63
N LEU H 64 -60.63 35.42 69.68
CA LEU H 64 -59.19 35.56 69.97
C LEU H 64 -58.88 36.56 71.09
N ASP H 65 -59.86 37.40 71.42
CA ASP H 65 -59.67 38.39 72.47
C ASP H 65 -59.41 37.72 73.83
N VAL H 66 -60.13 36.63 74.11
CA VAL H 66 -60.02 35.91 75.39
C VAL H 66 -58.63 35.35 75.71
N VAL H 67 -57.61 35.83 74.98
CA VAL H 67 -56.24 35.38 75.20
C VAL H 67 -55.24 36.50 74.97
N ASN H 68 -54.11 36.43 75.67
CA ASN H 68 -53.09 37.45 75.51
C ASN H 68 -52.29 37.14 74.26
N LYS H 69 -52.68 37.77 73.15
CA LYS H 69 -51.98 37.55 71.89
C LYS H 69 -50.47 37.77 72.02
N ASP H 70 -50.08 38.69 72.89
CA ASP H 70 -48.67 39.01 73.08
C ASP H 70 -47.84 37.94 73.80
N ASP H 71 -48.41 37.39 74.87
CA ASP H 71 -47.71 36.36 75.63
C ASP H 71 -47.48 35.16 74.72
N ILE H 72 -48.55 34.75 74.04
CA ILE H 72 -48.49 33.61 73.14
C ILE H 72 -47.52 33.82 72.00
N ILE H 73 -47.51 35.02 71.42
CA ILE H 73 -46.59 35.29 70.32
C ILE H 73 -45.13 35.15 70.75
N GLU H 74 -44.85 35.47 72.01
CA GLU H 74 -43.50 35.37 72.53
C GLU H 74 -43.13 33.89 72.71
N TRP H 75 -44.08 33.15 73.26
CA TRP H 75 -43.91 31.72 73.48
C TRP H 75 -43.59 31.06 72.15
N ILE H 76 -44.41 31.35 71.14
CA ILE H 76 -44.21 30.79 69.81
C ILE H 76 -42.81 31.10 69.30
N TYR H 77 -42.42 32.37 69.38
CA TYR H 77 -41.11 32.76 68.89
C TYR H 77 -39.97 32.11 69.63
N SER H 78 -40.24 31.68 70.86
CA SER H 78 -39.20 31.03 71.67
C SER H 78 -38.97 29.64 71.12
N LEU H 79 -39.90 29.19 70.27
CA LEU H 79 -39.82 27.87 69.66
C LEU H 79 -39.08 27.86 68.32
N GLN H 80 -38.68 29.03 67.83
CA GLN H 80 -37.97 29.06 66.55
C GLN H 80 -36.50 28.69 66.65
N VAL H 81 -36.08 27.79 65.78
CA VAL H 81 -34.70 27.39 65.73
C VAL H 81 -34.01 28.35 64.78
N LEU H 82 -33.32 29.34 65.35
CA LEU H 82 -32.63 30.35 64.56
C LEU H 82 -31.22 29.90 64.20
N PRO H 83 -30.65 30.48 63.14
CA PRO H 83 -29.31 30.07 62.76
C PRO H 83 -28.29 30.58 63.80
N THR H 84 -27.25 29.79 64.04
CA THR H 84 -26.21 30.16 64.99
C THR H 84 -25.33 31.24 64.37
N GLU H 85 -24.35 31.71 65.15
CA GLU H 85 -23.42 32.74 64.68
C GLU H 85 -22.83 32.32 63.33
N ASP H 86 -22.13 31.19 63.30
CA ASP H 86 -21.50 30.68 62.08
C ASP H 86 -22.49 30.22 61.00
N ARG H 87 -23.78 30.19 61.35
CA ARG H 87 -24.83 29.78 60.42
C ARG H 87 -24.57 28.40 59.82
N SER H 88 -24.00 27.51 60.63
CA SER H 88 -23.69 26.16 60.19
C SER H 88 -24.88 25.21 60.37
N ASN H 89 -25.96 25.73 60.94
CA ASN H 89 -27.15 24.93 61.19
C ASN H 89 -28.34 25.40 60.36
N LEU H 90 -28.09 25.94 59.17
CA LEU H 90 -29.20 26.41 58.34
C LEU H 90 -30.16 25.29 57.95
N ASP H 91 -29.60 24.13 57.61
CA ASP H 91 -30.38 22.97 57.22
C ASP H 91 -31.29 22.45 58.33
N ARG H 92 -31.22 23.06 59.50
CA ARG H 92 -32.03 22.61 60.64
C ARG H 92 -32.97 23.65 61.23
N CYS H 93 -33.09 24.79 60.58
CA CYS H 93 -33.94 25.84 61.11
C CYS H 93 -35.43 25.67 60.80
N GLY H 94 -36.26 26.25 61.66
CA GLY H 94 -37.70 26.17 61.52
C GLY H 94 -38.23 26.34 62.93
N PHE H 95 -39.24 25.55 63.32
CA PHE H 95 -39.78 25.64 64.68
C PHE H 95 -39.80 24.30 65.41
N ARG H 96 -39.85 24.36 66.74
CA ARG H 96 -39.89 23.17 67.58
C ARG H 96 -41.33 23.02 68.00
N GLY H 97 -41.69 21.82 68.46
CA GLY H 97 -43.05 21.57 68.91
C GLY H 97 -43.27 22.12 70.30
N SER H 98 -42.20 22.15 71.07
CA SER H 98 -42.22 22.66 72.44
C SER H 98 -40.77 22.86 72.91
N SER H 99 -40.61 23.08 74.20
CA SER H 99 -39.30 23.31 74.80
C SER H 99 -38.70 22.07 75.45
N TYR H 100 -39.22 20.90 75.11
CA TYR H 100 -38.75 19.65 75.70
C TYR H 100 -37.24 19.38 75.67
N LEU H 101 -36.48 20.08 74.82
CA LEU H 101 -35.03 19.87 74.77
C LEU H 101 -34.29 20.58 75.88
N GLY H 102 -34.96 21.54 76.51
CA GLY H 102 -34.35 22.29 77.60
C GLY H 102 -33.50 23.48 77.19
N ILE H 103 -33.79 24.05 76.03
CA ILE H 103 -33.02 25.21 75.60
C ILE H 103 -33.57 26.44 76.31
N PRO H 104 -32.67 27.31 76.79
CA PRO H 104 -33.05 28.55 77.50
C PRO H 104 -34.01 29.46 76.73
N PHE H 105 -35.16 29.72 77.32
CA PHE H 105 -36.20 30.56 76.73
C PHE H 105 -35.66 31.81 76.03
N ASN H 106 -35.89 31.93 74.73
CA ASN H 106 -35.42 33.09 73.96
C ASN H 106 -36.39 33.37 72.82
N PRO H 107 -37.28 34.36 72.99
CA PRO H 107 -38.26 34.74 71.96
C PRO H 107 -37.66 35.33 70.68
N SER H 108 -36.84 34.53 70.01
CA SER H 108 -36.18 34.94 68.77
C SER H 108 -35.55 36.32 68.92
N LYS H 109 -34.98 36.56 70.10
CA LYS H 109 -34.35 37.84 70.41
C LYS H 109 -32.84 37.76 70.12
N ASN H 110 -32.18 36.75 70.66
CA ASN H 110 -30.74 36.58 70.46
C ASN H 110 -30.44 35.51 69.42
N PRO H 111 -29.17 35.39 69.01
CA PRO H 111 -28.79 34.37 68.01
C PRO H 111 -29.01 32.94 68.51
N GLY H 112 -28.96 31.99 67.58
CA GLY H 112 -29.18 30.60 67.96
C GLY H 112 -28.07 29.93 68.75
N THR H 113 -28.45 29.31 69.86
CA THR H 113 -27.50 28.60 70.72
C THR H 113 -27.33 27.15 70.25
N ALA H 114 -26.12 26.83 69.78
CA ALA H 114 -25.80 25.49 69.28
C ALA H 114 -26.27 24.38 70.22
N HIS H 115 -26.67 23.26 69.63
CA HIS H 115 -27.15 22.10 70.37
C HIS H 115 -27.17 20.94 69.38
N PRO H 116 -26.42 19.88 69.68
CA PRO H 116 -26.32 18.70 68.81
C PRO H 116 -27.61 18.08 68.28
N TYR H 117 -28.73 18.28 68.98
CA TYR H 117 -29.99 17.68 68.55
C TYR H 117 -31.16 18.62 68.41
N ASP H 118 -30.91 19.92 68.43
CA ASP H 118 -31.99 20.88 68.27
C ASP H 118 -32.19 21.29 66.81
N SER H 119 -33.41 21.11 66.32
CA SER H 119 -33.76 21.46 64.96
C SER H 119 -35.27 21.46 64.81
N GLY H 120 -35.78 22.11 63.77
CA GLY H 120 -37.21 22.20 63.58
C GLY H 120 -37.94 20.95 63.10
N HIS H 121 -39.26 21.03 63.13
CA HIS H 121 -40.12 19.95 62.67
C HIS H 121 -41.10 20.60 61.70
N ILE H 122 -41.10 20.11 60.47
CA ILE H 122 -41.95 20.66 59.42
C ILE H 122 -43.41 20.94 59.79
N ALA H 123 -44.00 20.10 60.63
CA ALA H 123 -45.39 20.30 61.03
C ALA H 123 -45.47 21.46 62.01
N MET H 124 -44.38 21.68 62.74
CA MET H 124 -44.30 22.74 63.73
C MET H 124 -44.04 24.08 63.07
N THR H 125 -43.16 24.09 62.06
CA THR H 125 -42.87 25.31 61.32
C THR H 125 -44.22 25.76 60.73
N TYR H 126 -44.94 24.81 60.13
CA TYR H 126 -46.24 25.08 59.55
C TYR H 126 -47.21 25.66 60.59
N THR H 127 -47.59 24.87 61.59
CA THR H 127 -48.51 25.36 62.62
C THR H 127 -47.98 26.58 63.35
N GLY H 128 -46.66 26.71 63.39
CA GLY H 128 -46.06 27.86 64.06
C GLY H 128 -46.41 29.15 63.32
N LEU H 129 -45.95 29.25 62.07
CA LEU H 129 -46.23 30.41 61.23
C LEU H 129 -47.72 30.64 61.17
N SER H 130 -48.46 29.55 61.03
CA SER H 130 -49.91 29.60 60.98
C SER H 130 -50.45 30.32 62.23
N CYS H 131 -49.91 29.95 63.40
CA CYS H 131 -50.33 30.56 64.66
C CYS H 131 -49.97 32.04 64.74
N LEU H 132 -48.73 32.36 64.36
CA LEU H 132 -48.28 33.75 64.39
C LEU H 132 -49.22 34.66 63.59
N ILE H 133 -49.55 34.26 62.37
CA ILE H 133 -50.46 35.02 61.52
C ILE H 133 -51.85 35.16 62.18
N ILE H 134 -52.35 34.06 62.73
CA ILE H 134 -53.64 34.09 63.39
C ILE H 134 -53.65 35.09 64.54
N LEU H 135 -52.50 35.22 65.20
CA LEU H 135 -52.38 36.14 66.35
C LEU H 135 -52.11 37.61 65.97
N GLY H 136 -51.94 37.87 64.68
CA GLY H 136 -51.72 39.23 64.24
C GLY H 136 -50.27 39.57 63.98
N ASP H 137 -49.35 38.73 64.44
CA ASP H 137 -47.94 39.00 64.23
C ASP H 137 -47.65 39.20 62.73
N ASP H 138 -46.59 39.93 62.41
CA ASP H 138 -46.25 40.20 61.02
C ASP H 138 -45.08 39.37 60.49
N LEU H 139 -44.66 38.37 61.26
CA LEU H 139 -43.56 37.48 60.86
C LEU H 139 -42.21 38.15 60.64
N SER H 140 -42.04 39.35 61.19
CA SER H 140 -40.79 40.09 61.03
C SER H 140 -39.62 39.38 61.72
N ARG H 141 -39.92 38.69 62.82
CA ARG H 141 -38.90 37.99 63.59
C ARG H 141 -38.64 36.56 63.10
N VAL H 142 -39.28 36.20 62.00
CA VAL H 142 -39.11 34.87 61.41
C VAL H 142 -37.97 34.93 60.39
N ASP H 143 -36.91 34.16 60.60
CA ASP H 143 -35.80 34.15 59.66
C ASP H 143 -36.25 33.35 58.44
N LYS H 144 -37.07 33.99 57.60
CA LYS H 144 -37.61 33.36 56.40
C LYS H 144 -36.59 32.55 55.61
N GLU H 145 -35.42 33.12 55.33
CA GLU H 145 -34.43 32.39 54.55
C GLU H 145 -33.98 31.10 55.23
N ALA H 146 -33.83 31.16 56.55
CA ALA H 146 -33.40 29.99 57.30
C ALA H 146 -34.46 28.91 57.23
N CYS H 147 -35.72 29.28 57.44
CA CYS H 147 -36.81 28.32 57.38
C CYS H 147 -36.83 27.64 56.02
N LEU H 148 -36.84 28.43 54.96
CA LEU H 148 -36.85 27.92 53.60
C LEU H 148 -35.65 27.01 53.34
N ALA H 149 -34.52 27.34 53.95
CA ALA H 149 -33.30 26.55 53.80
C ALA H 149 -33.51 25.19 54.46
N GLY H 150 -34.15 25.22 55.63
CA GLY H 150 -34.42 23.99 56.36
C GLY H 150 -35.43 23.15 55.60
N LEU H 151 -36.47 23.80 55.07
CA LEU H 151 -37.49 23.12 54.30
C LEU H 151 -36.85 22.34 53.17
N ARG H 152 -36.08 23.03 52.32
CA ARG H 152 -35.41 22.37 51.19
C ARG H 152 -34.66 21.11 51.61
N ALA H 153 -34.02 21.18 52.77
CA ALA H 153 -33.24 20.05 53.28
C ALA H 153 -34.10 18.81 53.54
N LEU H 154 -35.38 19.02 53.82
CA LEU H 154 -36.30 17.93 54.12
C LEU H 154 -36.84 17.14 52.91
N GLN H 155 -36.91 17.77 51.73
CA GLN H 155 -37.45 17.09 50.56
C GLN H 155 -36.54 15.98 50.07
N LEU H 156 -37.14 14.85 49.71
CA LEU H 156 -36.42 13.68 49.23
C LEU H 156 -36.39 13.64 47.72
N GLU H 157 -35.62 12.72 47.16
CA GLU H 157 -35.51 12.62 45.70
C GLU H 157 -36.87 12.38 45.03
N ASP H 158 -37.77 11.62 45.68
CA ASP H 158 -39.07 11.33 45.09
C ASP H 158 -40.06 12.49 45.19
N GLY H 159 -39.64 13.60 45.77
CA GLY H 159 -40.53 14.74 45.88
C GLY H 159 -41.21 14.96 47.21
N SER H 160 -41.36 13.91 48.02
CA SER H 160 -42.00 14.06 49.33
C SER H 160 -41.03 14.67 50.36
N PHE H 161 -41.51 14.85 51.58
CA PHE H 161 -40.69 15.44 52.65
C PHE H 161 -40.67 14.63 53.95
N CYS H 162 -39.66 14.90 54.76
CA CYS H 162 -39.50 14.28 56.07
C CYS H 162 -39.92 15.39 57.02
N ALA H 163 -40.09 15.07 58.30
CA ALA H 163 -40.49 16.09 59.25
C ALA H 163 -39.28 16.80 59.89
N VAL H 164 -38.20 16.05 60.08
CA VAL H 164 -36.98 16.59 60.69
C VAL H 164 -35.73 16.17 59.94
N PRO H 165 -34.72 17.04 59.94
CA PRO H 165 -33.48 16.73 59.23
C PRO H 165 -32.78 15.45 59.71
N GLU H 166 -32.97 15.09 60.98
CA GLU H 166 -32.34 13.89 61.51
C GLU H 166 -32.94 12.63 60.91
N GLY H 167 -34.06 12.79 60.21
CA GLY H 167 -34.71 11.64 59.59
C GLY H 167 -36.05 11.27 60.21
N SER H 168 -36.95 10.77 59.37
CA SER H 168 -38.28 10.38 59.83
C SER H 168 -38.98 9.74 58.65
N GLU H 169 -40.22 9.31 58.86
CA GLU H 169 -40.98 8.72 57.75
C GLU H 169 -41.31 9.87 56.81
N ASN H 170 -41.64 9.56 55.56
CA ASN H 170 -41.97 10.61 54.59
C ASN H 170 -43.28 10.27 53.89
N ASP H 171 -44.13 11.27 53.73
CA ASP H 171 -45.41 11.06 53.07
C ASP H 171 -46.15 12.35 52.78
N MET H 172 -47.35 12.20 52.21
CA MET H 172 -48.18 13.33 51.83
C MET H 172 -48.43 14.34 52.95
N ARG H 173 -48.49 13.89 54.19
CA ARG H 173 -48.71 14.81 55.31
C ARG H 173 -47.72 15.96 55.29
N PHE H 174 -46.45 15.62 55.09
CA PHE H 174 -45.38 16.62 55.08
C PHE H 174 -45.26 17.40 53.78
N VAL H 175 -45.84 16.88 52.71
CA VAL H 175 -45.83 17.59 51.43
C VAL H 175 -46.80 18.76 51.61
N TYR H 176 -47.87 18.53 52.36
CA TYR H 176 -48.85 19.58 52.62
C TYR H 176 -48.27 20.63 53.54
N CYS H 177 -47.40 20.19 54.44
CA CYS H 177 -46.76 21.11 55.38
C CYS H 177 -45.82 22.03 54.62
N ALA H 178 -45.00 21.44 53.75
CA ALA H 178 -44.06 22.21 52.97
C ALA H 178 -44.85 23.24 52.15
N SER H 179 -45.95 22.78 51.54
CA SER H 179 -46.79 23.65 50.73
C SER H 179 -47.30 24.83 51.54
N CYS H 180 -47.86 24.57 52.71
CA CYS H 180 -48.38 25.66 53.55
C CYS H 180 -47.28 26.65 53.95
N ILE H 181 -46.09 26.13 54.22
CA ILE H 181 -44.99 26.98 54.60
C ILE H 181 -44.62 27.88 53.42
N CYS H 182 -44.32 27.28 52.27
CA CYS H 182 -43.96 28.05 51.09
C CYS H 182 -45.00 29.10 50.75
N TYR H 183 -46.26 28.75 50.97
CA TYR H 183 -47.35 29.68 50.67
C TYR H 183 -47.38 30.86 51.63
N MET H 184 -47.30 30.57 52.93
CA MET H 184 -47.33 31.62 53.95
C MET H 184 -46.12 32.55 53.88
N LEU H 185 -44.95 31.99 53.62
CA LEU H 185 -43.75 32.81 53.50
C LEU H 185 -43.74 33.38 52.09
N ASN H 186 -44.81 33.09 51.35
CA ASN H 186 -44.97 33.59 50.00
C ASN H 186 -43.68 33.43 49.17
N ASN H 187 -43.05 32.27 49.28
CA ASN H 187 -41.81 31.99 48.56
C ASN H 187 -41.70 30.48 48.34
N TRP H 188 -41.73 30.03 47.08
CA TRP H 188 -41.65 28.60 46.82
C TRP H 188 -40.26 28.07 46.56
N SER H 189 -39.25 28.79 47.02
CA SER H 189 -37.87 28.33 46.84
C SER H 189 -37.66 27.24 47.89
N GLY H 190 -38.64 27.13 48.78
CA GLY H 190 -38.56 26.14 49.84
C GLY H 190 -38.66 24.69 49.36
N MET H 191 -39.12 24.47 48.14
CA MET H 191 -39.26 23.11 47.61
C MET H 191 -39.05 23.06 46.11
N ASP H 192 -38.84 21.84 45.61
CA ASP H 192 -38.69 21.60 44.19
C ASP H 192 -40.08 21.20 43.75
N MET H 193 -40.92 22.20 43.50
CA MET H 193 -42.31 22.00 43.11
C MET H 193 -42.57 20.94 42.03
N LYS H 194 -41.65 20.82 41.08
CA LYS H 194 -41.83 19.83 40.02
C LYS H 194 -41.83 18.44 40.61
N LYS H 195 -40.87 18.15 41.48
CA LYS H 195 -40.78 16.85 42.12
C LYS H 195 -41.94 16.60 43.09
N ALA H 196 -42.38 17.66 43.77
CA ALA H 196 -43.48 17.53 44.71
C ALA H 196 -44.73 17.11 43.95
N ILE H 197 -44.99 17.80 42.83
CA ILE H 197 -46.16 17.51 42.00
C ILE H 197 -46.08 16.08 41.49
N SER H 198 -44.88 15.66 41.14
CA SER H 198 -44.70 14.30 40.66
C SER H 198 -45.17 13.32 41.74
N TYR H 199 -44.75 13.57 42.98
CA TYR H 199 -45.11 12.71 44.10
C TYR H 199 -46.63 12.64 44.26
N ILE H 200 -47.27 13.81 44.28
CA ILE H 200 -48.71 13.88 44.43
C ILE H 200 -49.43 13.08 43.34
N ARG H 201 -48.95 13.16 42.11
CA ARG H 201 -49.60 12.42 41.04
C ARG H 201 -49.43 10.93 41.27
N ARG H 202 -48.20 10.51 41.50
CA ARG H 202 -47.89 9.10 41.70
C ARG H 202 -48.64 8.44 42.86
N SER H 203 -49.25 9.26 43.71
CA SER H 203 -49.97 8.73 44.85
C SER H 203 -51.43 8.43 44.55
N MET H 204 -51.90 8.79 43.36
CA MET H 204 -53.29 8.51 43.01
C MET H 204 -53.47 7.01 42.89
N SER H 205 -54.53 6.49 43.51
CA SER H 205 -54.82 5.07 43.51
C SER H 205 -55.66 4.61 42.32
N TYR H 206 -55.81 3.30 42.18
CA TYR H 206 -56.60 2.73 41.09
C TYR H 206 -58.06 3.11 41.29
N ASP H 207 -58.44 3.36 42.54
CA ASP H 207 -59.81 3.75 42.86
C ASP H 207 -59.98 5.27 42.78
N ASN H 208 -58.93 5.93 42.30
CA ASN H 208 -58.92 7.37 42.09
C ASN H 208 -58.74 8.33 43.27
N GLY H 209 -58.54 7.80 44.47
CA GLY H 209 -58.30 8.67 45.61
C GLY H 209 -56.80 8.87 45.70
N LEU H 210 -56.34 9.67 46.66
CA LEU H 210 -54.90 9.88 46.82
C LEU H 210 -54.45 9.20 48.10
N ALA H 211 -53.31 8.53 48.07
CA ALA H 211 -52.82 7.84 49.25
C ALA H 211 -51.64 8.58 49.83
N GLN H 212 -51.09 8.06 50.92
CA GLN H 212 -49.94 8.69 51.55
C GLN H 212 -48.72 8.65 50.63
N GLY H 213 -48.71 7.69 49.73
CA GLY H 213 -47.62 7.54 48.79
C GLY H 213 -48.02 6.52 47.76
N ALA H 214 -47.24 6.40 46.69
CA ALA H 214 -47.52 5.45 45.62
C ALA H 214 -47.80 4.03 46.09
N GLY H 215 -48.88 3.45 45.55
CA GLY H 215 -49.24 2.08 45.88
C GLY H 215 -50.06 1.86 47.13
N LEU H 216 -49.97 2.80 48.07
CA LEU H 216 -50.71 2.68 49.31
C LEU H 216 -52.19 2.91 49.08
N GLU H 217 -52.99 2.54 50.07
CA GLU H 217 -54.44 2.70 50.00
C GLU H 217 -54.81 4.18 50.03
N SER H 218 -55.60 4.62 49.05
CA SER H 218 -56.03 6.01 49.00
C SER H 218 -56.73 6.31 50.32
N HIS H 219 -56.62 7.56 50.77
CA HIS H 219 -57.18 7.93 52.07
C HIS H 219 -57.63 9.40 52.12
N GLY H 220 -58.74 9.65 52.82
CA GLY H 220 -59.25 11.00 52.92
C GLY H 220 -58.23 12.05 53.36
N GLY H 221 -57.39 11.66 54.31
CA GLY H 221 -56.38 12.57 54.82
C GLY H 221 -55.33 12.95 53.80
N SER H 222 -54.76 11.93 53.15
CA SER H 222 -53.74 12.18 52.13
C SER H 222 -54.36 12.86 50.91
N THR H 223 -55.62 12.57 50.61
CA THR H 223 -56.29 13.19 49.47
C THR H 223 -56.38 14.69 49.72
N PHE H 224 -56.81 15.08 50.92
CA PHE H 224 -56.89 16.49 51.26
C PHE H 224 -55.48 17.08 51.09
N CYS H 225 -54.48 16.45 51.70
CA CYS H 225 -53.12 16.95 51.62
C CYS H 225 -52.66 17.17 50.19
N GLY H 226 -52.90 16.16 49.35
CA GLY H 226 -52.50 16.28 47.95
C GLY H 226 -53.22 17.39 47.21
N ILE H 227 -54.55 17.36 47.24
CA ILE H 227 -55.36 18.36 46.55
C ILE H 227 -55.04 19.76 47.07
N ALA H 228 -55.11 19.93 48.39
CA ALA H 228 -54.82 21.23 49.01
C ALA H 228 -53.44 21.75 48.62
N SER H 229 -52.45 20.88 48.55
CA SER H 229 -51.11 21.31 48.18
C SER H 229 -51.09 21.88 46.77
N LEU H 230 -51.75 21.18 45.85
CA LEU H 230 -51.83 21.63 44.46
C LEU H 230 -52.55 22.98 44.40
N CYS H 231 -53.66 23.12 45.13
CA CYS H 231 -54.40 24.39 45.14
C CYS H 231 -53.49 25.50 45.66
N LEU H 232 -52.77 25.23 46.74
CA LEU H 232 -51.88 26.23 47.30
C LEU H 232 -50.82 26.65 46.29
N MET H 233 -50.42 25.73 45.41
CA MET H 233 -49.42 26.04 44.39
C MET H 233 -50.14 26.59 43.16
N GLY H 234 -51.48 26.61 43.22
CA GLY H 234 -52.29 27.07 42.10
C GLY H 234 -52.03 26.26 40.83
N LYS H 235 -52.02 24.94 40.95
CA LYS H 235 -51.76 24.06 39.80
C LYS H 235 -52.72 22.88 39.74
N LEU H 236 -53.87 22.99 40.40
CA LEU H 236 -54.82 21.88 40.40
C LEU H 236 -55.15 21.45 38.98
N GLU H 237 -55.74 22.38 38.23
CA GLU H 237 -56.15 22.17 36.83
C GLU H 237 -55.01 21.76 35.92
N GLU H 238 -53.82 22.24 36.23
CA GLU H 238 -52.64 21.94 35.43
C GLU H 238 -52.11 20.53 35.65
N VAL H 239 -52.26 20.01 36.87
CA VAL H 239 -51.74 18.67 37.18
C VAL H 239 -52.69 17.52 36.84
N PHE H 240 -53.97 17.69 37.14
CA PHE H 240 -54.96 16.67 36.86
C PHE H 240 -55.91 17.04 35.70
N SER H 241 -56.14 16.10 34.80
CA SER H 241 -57.04 16.33 33.67
C SER H 241 -58.47 16.43 34.20
N GLU H 242 -59.38 16.87 33.33
CA GLU H 242 -60.77 16.99 33.76
C GLU H 242 -61.32 15.61 34.09
N LYS H 243 -60.90 14.61 33.31
CA LYS H 243 -61.35 13.24 33.52
C LYS H 243 -60.85 12.79 34.89
N GLU H 244 -59.57 13.08 35.16
CA GLU H 244 -58.97 12.71 36.43
C GLU H 244 -59.68 13.40 37.59
N LEU H 245 -59.88 14.70 37.46
CA LEU H 245 -60.55 15.46 38.50
C LEU H 245 -61.95 14.94 38.76
N ASN H 246 -62.59 14.42 37.72
CA ASN H 246 -63.94 13.88 37.88
C ASN H 246 -63.92 12.63 38.70
N ARG H 247 -62.89 11.82 38.47
CA ARG H 247 -62.74 10.56 39.19
C ARG H 247 -62.42 10.83 40.64
N ILE H 248 -61.57 11.82 40.89
CA ILE H 248 -61.18 12.19 42.26
C ILE H 248 -62.40 12.71 43.00
N LYS H 249 -63.20 13.53 42.32
CA LYS H 249 -64.41 14.07 42.92
C LYS H 249 -65.33 12.92 43.30
N ARG H 250 -65.48 11.96 42.40
CA ARG H 250 -66.33 10.81 42.67
C ARG H 250 -65.86 10.07 43.91
N TRP H 251 -64.55 9.90 44.05
CA TRP H 251 -64.02 9.18 45.19
C TRP H 251 -64.33 9.92 46.48
N CYS H 252 -64.16 11.24 46.47
CA CYS H 252 -64.41 12.06 47.64
C CYS H 252 -65.89 12.06 48.03
N ILE H 253 -66.75 12.46 47.10
CA ILE H 253 -68.19 12.52 47.35
C ILE H 253 -68.74 11.19 47.86
N MET H 254 -68.05 10.09 47.57
CA MET H 254 -68.52 8.78 48.01
C MET H 254 -68.18 8.53 49.47
N ARG H 255 -67.42 9.43 50.07
CA ARG H 255 -67.04 9.28 51.47
C ARG H 255 -68.15 9.64 52.44
N GLN H 256 -69.17 10.35 51.98
CA GLN H 256 -70.24 10.72 52.91
C GLN H 256 -71.23 9.59 53.15
N GLN H 257 -71.41 9.24 54.42
CA GLN H 257 -72.33 8.18 54.83
C GLN H 257 -73.47 8.88 55.55
N ASN H 258 -73.09 9.95 56.23
CA ASN H 258 -73.95 10.84 57.00
C ASN H 258 -72.88 11.85 57.35
N GLY H 259 -71.91 11.38 58.13
CA GLY H 259 -70.75 12.18 58.45
C GLY H 259 -69.79 11.66 57.38
N TYR H 260 -68.49 11.79 57.58
CA TYR H 260 -67.56 11.31 56.56
C TYR H 260 -66.55 10.34 57.15
N HIS H 261 -66.18 9.31 56.38
CA HIS H 261 -65.16 8.37 56.81
C HIS H 261 -63.94 8.66 55.95
N GLY H 262 -62.78 8.15 56.34
CA GLY H 262 -61.57 8.42 55.57
C GLY H 262 -61.22 7.41 54.50
N ARG H 263 -61.91 6.27 54.51
CA ARG H 263 -61.68 5.20 53.55
C ARG H 263 -62.94 4.36 53.39
N PRO H 264 -63.14 3.78 52.21
CA PRO H 264 -64.32 2.94 51.98
C PRO H 264 -64.45 1.87 53.06
N ASN H 265 -65.68 1.57 53.45
CA ASN H 265 -65.93 0.56 54.48
C ASN H 265 -65.28 0.84 55.85
N LYS H 266 -65.09 2.10 56.17
CA LYS H 266 -64.54 2.50 57.46
C LYS H 266 -65.60 3.40 58.13
N PRO H 267 -65.72 3.30 59.46
CA PRO H 267 -66.69 4.12 60.20
C PRO H 267 -66.44 5.62 60.07
N VAL H 268 -67.50 6.43 60.09
CA VAL H 268 -67.30 7.89 59.97
C VAL H 268 -66.57 8.45 61.18
N ASP H 269 -65.92 9.57 60.98
CA ASP H 269 -65.14 10.23 62.01
C ASP H 269 -65.30 11.74 61.80
N THR H 270 -65.69 12.44 62.85
CA THR H 270 -65.90 13.87 62.76
C THR H 270 -64.84 14.64 61.97
N CYS H 271 -63.57 14.43 62.25
CA CYS H 271 -62.55 15.22 61.55
C CYS H 271 -62.58 15.12 60.04
N TYR H 272 -63.18 14.07 59.49
CA TYR H 272 -63.24 13.92 58.03
C TYR H 272 -64.25 14.86 57.37
N SER H 273 -65.10 15.47 58.18
CA SER H 273 -66.06 16.43 57.67
C SER H 273 -65.25 17.61 57.20
N PHE H 274 -63.99 17.71 57.66
CA PHE H 274 -63.14 18.78 57.19
C PHE H 274 -62.21 18.21 56.13
N TRP H 275 -61.45 17.17 56.49
CA TRP H 275 -60.51 16.53 55.55
C TRP H 275 -61.13 16.32 54.17
N VAL H 276 -62.27 15.63 54.14
CA VAL H 276 -62.95 15.34 52.88
C VAL H 276 -63.77 16.54 52.41
N GLY H 277 -64.54 17.12 53.32
CA GLY H 277 -65.37 18.27 52.99
C GLY H 277 -64.56 19.39 52.35
N ALA H 278 -63.40 19.70 52.93
CA ALA H 278 -62.53 20.73 52.41
C ALA H 278 -62.03 20.37 51.01
N THR H 279 -61.83 19.09 50.76
CA THR H 279 -61.36 18.66 49.45
C THR H 279 -62.50 18.87 48.45
N LEU H 280 -63.70 18.47 48.85
CA LEU H 280 -64.87 18.64 47.99
C LEU H 280 -65.05 20.12 47.69
N LYS H 281 -64.78 20.96 48.68
CA LYS H 281 -64.91 22.41 48.51
C LYS H 281 -63.90 22.87 47.49
N LEU H 282 -62.65 22.46 47.64
CA LEU H 282 -61.62 22.87 46.71
C LEU H 282 -61.97 22.39 45.29
N LEU H 283 -62.69 21.29 45.20
CA LEU H 283 -63.09 20.73 43.91
C LEU H 283 -64.42 21.30 43.47
N LYS H 284 -64.88 22.32 44.19
CA LYS H 284 -66.12 23.02 43.88
C LYS H 284 -67.39 22.17 43.77
N ILE H 285 -67.50 21.12 44.57
CA ILE H 285 -68.72 20.30 44.53
C ILE H 285 -69.22 19.96 45.92
N PHE H 286 -68.66 20.60 46.95
CA PHE H 286 -69.11 20.34 48.32
C PHE H 286 -70.59 20.71 48.40
N GLN H 287 -70.96 21.67 47.56
CA GLN H 287 -72.32 22.17 47.47
C GLN H 287 -73.35 21.09 47.14
N TYR H 288 -72.89 20.02 46.50
CA TYR H 288 -73.80 18.95 46.12
C TYR H 288 -73.90 17.84 47.17
N THR H 289 -73.20 17.99 48.29
CA THR H 289 -73.26 16.99 49.36
C THR H 289 -74.51 17.25 50.18
N ASN H 290 -74.87 16.28 51.03
CA ASN H 290 -76.04 16.44 51.89
C ASN H 290 -75.58 17.15 53.16
N PHE H 291 -76.01 18.40 53.35
CA PHE H 291 -75.61 19.19 54.51
C PHE H 291 -76.20 18.73 55.84
N GLU H 292 -77.50 18.50 55.88
CA GLU H 292 -78.17 18.12 57.12
C GLU H 292 -77.60 16.90 57.84
N LYS H 293 -77.45 15.79 57.13
CA LYS H 293 -76.91 14.59 57.73
C LYS H 293 -75.50 14.78 58.26
N ASN H 294 -74.72 15.59 57.55
CA ASN H 294 -73.34 15.87 57.96
C ASN H 294 -73.34 16.68 59.23
N ARG H 295 -74.11 17.78 59.21
CA ARG H 295 -74.23 18.65 60.38
C ARG H 295 -74.78 17.87 61.56
N ASN H 296 -75.81 17.05 61.32
CA ASN H 296 -76.40 16.24 62.38
C ASN H 296 -75.34 15.34 63.03
N TYR H 297 -74.52 14.69 62.21
CA TYR H 297 -73.49 13.81 62.74
C TYR H 297 -72.45 14.58 63.56
N ILE H 298 -71.88 15.63 62.98
CA ILE H 298 -70.89 16.43 63.69
C ILE H 298 -71.39 16.82 65.07
N LEU H 299 -72.64 17.27 65.14
CA LEU H 299 -73.21 17.68 66.42
C LEU H 299 -73.38 16.49 67.37
N SER H 300 -73.74 15.32 66.83
CA SER H 300 -73.93 14.15 67.69
C SER H 300 -72.64 13.79 68.45
N THR H 301 -71.53 14.39 68.05
CA THR H 301 -70.24 14.12 68.69
C THR H 301 -69.80 15.29 69.55
N GLN H 302 -70.70 16.24 69.74
CA GLN H 302 -70.42 17.43 70.55
C GLN H 302 -70.57 17.08 72.03
N ASP H 303 -69.65 17.55 72.87
CA ASP H 303 -69.75 17.27 74.30
C ASP H 303 -70.43 18.47 74.93
N ARG H 304 -71.73 18.32 75.20
CA ARG H 304 -72.54 19.40 75.78
C ARG H 304 -72.12 19.83 77.19
N LEU H 305 -71.33 19.00 77.85
CA LEU H 305 -70.88 19.29 79.21
C LEU H 305 -69.55 20.06 79.24
N VAL H 306 -68.50 19.46 78.68
CA VAL H 306 -67.17 20.09 78.68
C VAL H 306 -66.85 20.89 77.41
N GLY H 307 -67.60 20.67 76.34
CA GLY H 307 -67.35 21.38 75.09
C GLY H 307 -66.49 20.56 74.13
N GLY H 308 -66.21 21.13 72.97
CA GLY H 308 -65.41 20.44 71.97
C GLY H 308 -66.17 19.29 71.33
N PHE H 309 -65.49 18.57 70.43
CA PHE H 309 -66.10 17.43 69.76
C PHE H 309 -65.20 16.19 69.84
N ALA H 310 -65.79 15.02 69.60
CA ALA H 310 -65.06 13.75 69.62
C ALA H 310 -65.13 13.16 68.21
N LYS H 311 -64.37 12.11 67.93
CA LYS H 311 -64.44 11.52 66.60
C LYS H 311 -65.79 10.83 66.42
N TRP H 312 -66.26 10.17 67.48
CA TRP H 312 -67.56 9.48 67.43
C TRP H 312 -68.48 9.98 68.54
N PRO H 313 -69.79 9.77 68.37
CA PRO H 313 -70.73 10.20 69.40
C PRO H 313 -70.50 9.39 70.68
N ASP H 314 -70.78 9.97 71.84
CA ASP H 314 -70.59 9.28 73.10
C ASP H 314 -69.13 8.81 73.14
N SER H 315 -68.23 9.78 73.04
CA SER H 315 -66.80 9.52 73.04
C SER H 315 -66.19 10.80 73.60
N HIS H 316 -64.99 10.72 74.18
CA HIS H 316 -64.39 11.92 74.76
C HIS H 316 -63.85 12.91 73.74
N PRO H 317 -64.14 14.20 73.96
CA PRO H 317 -63.68 15.27 73.04
C PRO H 317 -62.17 15.54 73.14
N ASP H 318 -61.66 16.28 72.17
CA ASP H 318 -60.23 16.62 72.16
C ASP H 318 -60.02 17.82 71.24
N ALA H 319 -58.87 18.47 71.37
CA ALA H 319 -58.55 19.64 70.57
C ALA H 319 -58.65 19.45 69.06
N LEU H 320 -58.19 18.31 68.58
CA LEU H 320 -58.24 18.04 67.15
C LEU H 320 -59.65 17.95 66.62
N HIS H 321 -60.47 17.08 67.20
CA HIS H 321 -61.84 16.93 66.73
C HIS H 321 -62.71 18.13 67.04
N ALA H 322 -62.32 18.90 68.05
CA ALA H 322 -63.07 20.10 68.40
C ALA H 322 -62.84 21.08 67.25
N TYR H 323 -61.57 21.28 66.90
CA TYR H 323 -61.23 22.20 65.83
C TYR H 323 -61.77 21.77 64.47
N PHE H 324 -61.46 20.55 64.06
CA PHE H 324 -61.93 20.07 62.77
C PHE H 324 -63.44 19.92 62.73
N GLY H 325 -64.06 19.60 63.87
CA GLY H 325 -65.50 19.49 63.88
C GLY H 325 -66.09 20.87 63.59
N ILE H 326 -65.45 21.90 64.14
CA ILE H 326 -65.90 23.27 63.94
C ILE H 326 -65.65 23.68 62.49
N CYS H 327 -64.45 23.41 61.98
CA CYS H 327 -64.15 23.74 60.60
C CYS H 327 -65.13 23.02 59.67
N GLY H 328 -65.57 21.83 60.08
CA GLY H 328 -66.51 21.07 59.28
C GLY H 328 -67.81 21.83 59.18
N LEU H 329 -68.28 22.31 60.34
CA LEU H 329 -69.52 23.09 60.41
C LEU H 329 -69.35 24.35 59.56
N SER H 330 -68.17 24.97 59.67
CA SER H 330 -67.84 26.18 58.93
C SER H 330 -68.08 26.04 57.43
N LEU H 331 -67.71 24.89 56.87
CA LEU H 331 -67.86 24.63 55.44
C LEU H 331 -69.32 24.75 54.96
N MET H 332 -70.26 24.34 55.82
CA MET H 332 -71.67 24.41 55.49
C MET H 332 -72.24 25.75 55.93
N GLU H 333 -71.38 26.59 56.46
CA GLU H 333 -71.78 27.90 56.96
C GLU H 333 -72.81 27.72 58.05
N GLU H 334 -72.31 27.70 59.28
CA GLU H 334 -73.15 27.56 60.45
C GLU H 334 -73.08 28.91 61.11
N SER H 335 -74.23 29.43 61.52
CA SER H 335 -74.26 30.73 62.17
C SER H 335 -73.32 30.73 63.38
N GLY H 336 -72.49 31.76 63.46
CA GLY H 336 -71.57 31.87 64.57
C GLY H 336 -70.18 31.36 64.29
N ILE H 337 -69.93 30.87 63.07
CA ILE H 337 -68.61 30.34 62.75
C ILE H 337 -68.04 30.92 61.47
N CYS H 338 -66.95 31.67 61.59
CA CYS H 338 -66.30 32.27 60.43
C CYS H 338 -66.08 31.22 59.34
N LYS H 339 -66.04 31.68 58.10
CA LYS H 339 -65.82 30.79 56.97
C LYS H 339 -64.32 30.47 56.98
N VAL H 340 -63.97 29.20 56.79
CA VAL H 340 -62.57 28.81 56.77
C VAL H 340 -62.04 28.65 55.35
N HIS H 341 -60.81 29.09 55.15
CA HIS H 341 -60.14 28.99 53.85
C HIS H 341 -59.73 27.51 53.79
N PRO H 342 -60.47 26.69 53.01
CA PRO H 342 -60.26 25.25 52.83
C PRO H 342 -58.89 24.72 52.45
N ALA H 343 -58.01 25.54 51.90
CA ALA H 343 -56.71 25.01 51.52
C ALA H 343 -55.55 25.46 52.38
N LEU H 344 -55.82 26.33 53.35
CA LEU H 344 -54.78 26.84 54.23
C LEU H 344 -55.07 26.42 55.67
N ASN H 345 -56.31 26.05 55.89
CA ASN H 345 -56.74 25.58 57.19
C ASN H 345 -56.67 26.68 58.26
N VAL H 346 -56.97 27.92 57.85
CA VAL H 346 -56.97 29.10 58.71
C VAL H 346 -58.18 29.92 58.29
N SER H 347 -58.92 30.50 59.22
CA SER H 347 -60.10 31.31 58.85
C SER H 347 -59.74 32.26 57.70
N THR H 348 -60.74 32.60 56.88
CA THR H 348 -60.50 33.49 55.73
C THR H 348 -59.94 34.82 56.19
N ARG H 349 -60.50 35.36 57.27
CA ARG H 349 -60.03 36.61 57.85
C ARG H 349 -58.51 36.55 57.93
N THR H 350 -58.02 35.46 58.52
CA THR H 350 -56.59 35.25 58.71
C THR H 350 -55.85 35.15 57.37
N SER H 351 -56.49 34.54 56.38
CA SER H 351 -55.88 34.40 55.06
C SER H 351 -55.78 35.78 54.42
N GLU H 352 -56.77 36.62 54.71
CA GLU H 352 -56.83 37.99 54.21
C GLU H 352 -55.55 38.71 54.61
N ARG H 353 -55.29 38.69 55.92
CA ARG H 353 -54.12 39.32 56.49
C ARG H 353 -52.85 38.85 55.79
N LEU H 354 -52.71 37.54 55.62
CA LEU H 354 -51.52 37.01 54.96
C LEU H 354 -51.38 37.67 53.60
N ARG H 355 -52.51 38.01 52.98
CA ARG H 355 -52.53 38.66 51.68
C ARG H 355 -51.87 40.03 51.81
N ASP H 356 -52.42 40.84 52.72
CA ASP H 356 -51.87 42.17 52.97
C ASP H 356 -50.39 42.00 53.24
N LEU H 357 -50.11 41.34 54.35
CA LEU H 357 -48.76 41.08 54.80
C LEU H 357 -47.83 40.77 53.63
N HIS H 358 -48.30 39.98 52.68
CA HIS H 358 -47.51 39.61 51.49
C HIS H 358 -47.16 40.81 50.61
N GLN H 359 -48.18 41.59 50.23
CA GLN H 359 -48.00 42.76 49.38
C GLN H 359 -47.01 43.74 50.00
N SER H 360 -47.07 43.84 51.33
CA SER H 360 -46.20 44.71 52.09
C SER H 360 -44.73 44.40 51.88
N TRP H 361 -44.41 43.13 51.66
CA TRP H 361 -43.02 42.74 51.44
C TRP H 361 -42.62 43.07 50.01
N LYS H 362 -43.61 43.25 49.14
CA LYS H 362 -43.35 43.57 47.75
C LYS H 362 -42.93 45.04 47.61
N THR H 363 -43.08 45.79 48.70
CA THR H 363 -42.73 47.21 48.73
C THR H 363 -41.67 47.49 49.81
N PHE I 55 30.99 19.83 -12.50
CA PHE I 55 30.21 18.99 -13.47
C PHE I 55 28.85 18.53 -12.94
N LEU I 56 28.80 17.31 -12.40
CA LEU I 56 27.55 16.74 -11.89
C LEU I 56 27.00 17.43 -10.64
N SER I 57 26.00 18.29 -10.83
CA SER I 57 25.37 19.03 -9.75
C SER I 57 24.78 18.16 -8.64
N LEU I 58 24.78 18.66 -7.42
CA LEU I 58 24.26 17.89 -6.30
C LEU I 58 22.76 17.70 -6.35
N ASP I 59 22.07 18.53 -7.12
CA ASP I 59 20.62 18.41 -7.23
C ASP I 59 20.22 17.91 -8.61
N SER I 60 21.19 17.43 -9.38
CA SER I 60 20.93 16.91 -10.71
C SER I 60 20.12 15.61 -10.61
N PRO I 61 19.29 15.31 -11.62
CA PRO I 61 18.49 14.08 -11.58
C PRO I 61 19.41 12.87 -11.65
N THR I 62 20.48 13.02 -12.42
CA THR I 62 21.46 11.95 -12.61
C THR I 62 22.62 11.97 -11.61
N TYR I 63 22.47 12.70 -10.52
CA TYR I 63 23.54 12.75 -9.52
C TYR I 63 23.74 11.35 -8.96
N VAL I 64 24.98 11.01 -8.64
CA VAL I 64 25.30 9.69 -8.11
C VAL I 64 26.20 9.76 -6.89
N LEU I 65 25.81 9.06 -5.83
CA LEU I 65 26.62 9.06 -4.61
C LEU I 65 28.06 8.71 -4.94
N TYR I 66 29.01 9.24 -4.18
CA TYR I 66 30.42 8.94 -4.42
C TYR I 66 30.70 7.46 -4.21
N ARG I 67 29.95 6.82 -3.31
CA ARG I 67 30.18 5.41 -3.07
C ARG I 67 29.79 4.50 -4.24
N ASP I 68 29.03 5.06 -5.18
CA ASP I 68 28.60 4.30 -6.36
C ASP I 68 29.27 4.80 -7.62
N ARG I 69 30.31 5.61 -7.47
CA ARG I 69 31.01 6.12 -8.64
C ARG I 69 32.24 5.27 -8.90
N ALA I 70 32.42 4.90 -10.15
CA ALA I 70 33.56 4.07 -10.55
C ALA I 70 34.87 4.74 -10.19
N GLU I 71 35.02 6.01 -10.60
CA GLU I 71 36.24 6.78 -10.35
C GLU I 71 36.67 6.79 -8.89
N TRP I 72 35.75 6.48 -7.98
CA TRP I 72 36.07 6.49 -6.56
C TRP I 72 36.03 5.11 -5.92
N ALA I 73 36.06 4.08 -6.76
CA ALA I 73 36.00 2.70 -6.29
C ALA I 73 37.20 2.28 -5.44
N ASP I 74 38.37 2.83 -5.77
CA ASP I 74 39.61 2.52 -5.05
C ASP I 74 39.76 3.18 -3.70
N ILE I 75 38.95 4.20 -3.42
CA ILE I 75 39.05 4.91 -2.16
C ILE I 75 38.06 4.41 -1.11
N ASP I 76 38.55 4.23 0.11
CA ASP I 76 37.74 3.77 1.24
C ASP I 76 37.24 4.98 2.04
N PRO I 77 35.93 5.29 1.96
CA PRO I 77 35.42 6.44 2.70
C PRO I 77 35.75 6.41 4.20
N VAL I 78 36.06 7.58 4.76
CA VAL I 78 36.40 7.72 6.18
C VAL I 78 35.25 8.39 6.91
N PRO I 79 34.61 7.67 7.83
CA PRO I 79 33.49 8.21 8.59
C PRO I 79 33.91 9.09 9.76
N GLN I 80 32.98 9.93 10.18
CA GLN I 80 33.21 10.83 11.31
C GLN I 80 32.70 10.11 12.54
N ASN I 81 33.39 10.23 13.67
CA ASN I 81 32.92 9.55 14.87
C ASN I 81 33.09 10.37 16.14
N ASP I 82 31.97 10.77 16.73
CA ASP I 82 31.94 11.56 17.96
C ASP I 82 31.94 10.68 19.20
N GLY I 83 32.39 9.43 19.04
CA GLY I 83 32.45 8.50 20.15
C GLY I 83 31.12 8.09 20.76
N PRO I 84 31.16 7.47 21.95
CA PRO I 84 29.97 7.00 22.68
C PRO I 84 28.84 8.00 22.83
N SER I 85 29.11 9.10 23.53
CA SER I 85 28.08 10.12 23.76
C SER I 85 28.40 11.44 23.08
N PRO I 86 27.84 11.65 21.87
CA PRO I 86 28.07 12.88 21.10
C PRO I 86 27.34 14.11 21.66
N VAL I 87 27.99 15.27 21.52
CA VAL I 87 27.46 16.55 21.98
C VAL I 87 27.25 17.49 20.77
N VAL I 88 26.13 18.19 20.77
CA VAL I 88 25.80 19.11 19.68
C VAL I 88 26.04 18.46 18.33
N GLN I 89 25.49 17.26 18.19
CA GLN I 89 25.59 16.45 16.99
C GLN I 89 24.59 16.88 15.91
N ILE I 90 25.11 17.10 14.72
CA ILE I 90 24.28 17.51 13.59
C ILE I 90 23.93 16.29 12.76
N ILE I 91 22.66 16.10 12.45
CA ILE I 91 22.23 14.95 11.64
C ILE I 91 22.42 15.26 10.17
N TYR I 92 23.08 14.35 9.45
CA TYR I 92 23.36 14.55 8.04
C TYR I 92 22.65 13.60 7.09
N SER I 93 22.19 14.15 5.96
CA SER I 93 21.52 13.38 4.94
C SER I 93 22.51 12.40 4.32
N GLU I 94 22.01 11.44 3.57
CA GLU I 94 22.86 10.44 2.94
C GLU I 94 23.87 11.14 2.02
N LYS I 95 23.38 12.06 1.19
CA LYS I 95 24.24 12.79 0.27
C LYS I 95 25.35 13.54 0.97
N PHE I 96 24.97 14.32 1.98
CA PHE I 96 25.92 15.10 2.75
C PHE I 96 27.01 14.20 3.33
N ARG I 97 26.61 13.24 4.14
CA ARG I 97 27.54 12.31 4.77
C ARG I 97 28.42 11.65 3.72
N ASP I 98 27.84 11.36 2.57
CA ASP I 98 28.58 10.72 1.50
C ASP I 98 29.73 11.59 1.02
N VAL I 99 29.42 12.80 0.55
CA VAL I 99 30.45 13.72 0.08
C VAL I 99 31.57 13.87 1.09
N TYR I 100 31.22 14.11 2.34
CA TYR I 100 32.24 14.31 3.35
C TYR I 100 33.00 13.07 3.77
N ASP I 101 32.40 11.90 3.66
CA ASP I 101 33.12 10.68 4.02
C ASP I 101 34.26 10.48 3.03
N TYR I 102 34.06 10.95 1.81
CA TYR I 102 35.10 10.84 0.79
C TYR I 102 36.07 11.99 0.93
N PHE I 103 35.58 13.15 1.37
CA PHE I 103 36.46 14.28 1.57
C PHE I 103 37.49 13.88 2.63
N ARG I 104 37.01 13.33 3.75
CA ARG I 104 37.90 12.90 4.82
C ARG I 104 38.95 11.95 4.28
N ALA I 105 38.50 11.03 3.42
CA ALA I 105 39.38 10.05 2.81
C ALA I 105 40.51 10.74 2.05
N VAL I 106 40.13 11.60 1.11
CA VAL I 106 41.11 12.30 0.30
C VAL I 106 42.05 13.16 1.17
N LEU I 107 41.50 13.84 2.17
CA LEU I 107 42.31 14.68 3.05
C LEU I 107 43.36 13.85 3.77
N GLN I 108 42.90 12.81 4.45
CA GLN I 108 43.76 11.90 5.20
C GLN I 108 44.97 11.43 4.37
N ARG I 109 44.77 11.26 3.07
CA ARG I 109 45.82 10.79 2.18
C ARG I 109 46.51 11.95 1.45
N ASP I 110 46.11 13.17 1.77
CA ASP I 110 46.69 14.34 1.12
C ASP I 110 46.79 14.11 -0.40
N GLU I 111 45.76 13.52 -0.96
CA GLU I 111 45.71 13.23 -2.39
C GLU I 111 45.56 14.50 -3.23
N ARG I 112 46.60 14.89 -3.94
CA ARG I 112 46.51 16.09 -4.77
C ARG I 112 45.96 15.77 -6.15
N SER I 113 44.85 15.03 -6.21
CA SER I 113 44.25 14.65 -7.48
C SER I 113 43.27 15.66 -8.07
N GLU I 114 42.90 15.43 -9.32
CA GLU I 114 41.97 16.30 -10.00
C GLU I 114 40.56 15.93 -9.56
N ARG I 115 40.39 14.68 -9.12
CA ARG I 115 39.09 14.26 -8.67
C ARG I 115 38.82 14.87 -7.29
N ALA I 116 39.88 15.06 -6.51
CA ALA I 116 39.75 15.65 -5.19
C ALA I 116 39.33 17.11 -5.37
N PHE I 117 39.99 17.79 -6.29
CA PHE I 117 39.67 19.18 -6.55
C PHE I 117 38.17 19.34 -6.78
N LYS I 118 37.60 18.45 -7.60
CA LYS I 118 36.18 18.51 -7.89
C LYS I 118 35.36 18.17 -6.65
N LEU I 119 35.87 17.24 -5.84
CA LEU I 119 35.17 16.85 -4.63
C LEU I 119 34.98 18.06 -3.73
N THR I 120 35.98 18.93 -3.68
CA THR I 120 35.89 20.12 -2.82
C THR I 120 34.71 21.01 -3.24
N ARG I 121 34.46 21.13 -4.54
CA ARG I 121 33.37 21.97 -5.02
C ARG I 121 32.05 21.54 -4.38
N ASP I 122 31.89 20.24 -4.20
CA ASP I 122 30.69 19.69 -3.61
C ASP I 122 30.67 19.91 -2.10
N ALA I 123 31.82 19.74 -1.46
CA ALA I 123 31.93 19.93 -0.03
C ALA I 123 31.64 21.38 0.29
N ILE I 124 32.12 22.27 -0.58
CA ILE I 124 31.89 23.70 -0.37
C ILE I 124 30.42 24.04 -0.58
N GLU I 125 29.76 23.37 -1.52
CA GLU I 125 28.35 23.66 -1.73
C GLU I 125 27.56 23.20 -0.53
N LEU I 126 28.00 22.10 0.08
CA LEU I 126 27.32 21.58 1.25
C LEU I 126 27.58 22.40 2.50
N ASN I 127 28.74 23.07 2.55
CA ASN I 127 29.09 23.87 3.72
C ASN I 127 30.31 24.76 3.47
N ALA I 128 30.06 25.96 2.95
CA ALA I 128 31.15 26.89 2.66
C ALA I 128 31.84 27.46 3.90
N ALA I 129 31.44 27.02 5.07
CA ALA I 129 32.05 27.52 6.30
C ALA I 129 33.17 26.62 6.80
N ASN I 130 33.39 25.51 6.11
CA ASN I 130 34.44 24.57 6.48
C ASN I 130 35.79 25.09 5.99
N TYR I 131 36.50 25.79 6.87
CA TYR I 131 37.80 26.36 6.52
C TYR I 131 38.84 25.38 6.05
N THR I 132 38.77 24.14 6.51
CA THR I 132 39.73 23.13 6.08
C THR I 132 39.52 22.80 4.62
N VAL I 133 38.27 22.72 4.20
CA VAL I 133 37.94 22.43 2.81
C VAL I 133 38.56 23.49 1.91
N TRP I 134 38.37 24.75 2.26
CA TRP I 134 38.94 25.84 1.48
C TRP I 134 40.46 25.80 1.46
N HIS I 135 41.07 25.42 2.58
CA HIS I 135 42.52 25.35 2.64
C HIS I 135 43.00 24.31 1.64
N PHE I 136 42.46 23.10 1.76
CA PHE I 136 42.81 22.01 0.89
C PHE I 136 42.59 22.41 -0.56
N ARG I 137 41.47 23.08 -0.83
CA ARG I 137 41.20 23.49 -2.19
C ARG I 137 42.31 24.41 -2.71
N ARG I 138 42.85 25.24 -1.82
CA ARG I 138 43.93 26.15 -2.21
C ARG I 138 45.18 25.35 -2.48
N VAL I 139 45.40 24.30 -1.67
CA VAL I 139 46.55 23.42 -1.84
C VAL I 139 46.49 22.82 -3.24
N LEU I 140 45.32 22.34 -3.61
CA LEU I 140 45.11 21.74 -4.92
C LEU I 140 45.23 22.78 -6.02
N LEU I 141 44.74 23.98 -5.78
CA LEU I 141 44.83 25.03 -6.79
C LEU I 141 46.28 25.18 -7.24
N ARG I 142 47.20 25.07 -6.28
CA ARG I 142 48.62 25.19 -6.58
C ARG I 142 49.17 23.92 -7.22
N SER I 143 49.06 22.79 -6.51
CA SER I 143 49.51 21.50 -7.04
C SER I 143 49.10 21.28 -8.47
N LEU I 144 47.80 21.32 -8.73
CA LEU I 144 47.30 21.11 -10.08
C LEU I 144 47.46 22.33 -10.97
N GLN I 145 48.14 23.35 -10.48
CA GLN I 145 48.34 24.58 -11.24
C GLN I 145 47.09 25.00 -12.00
N LYS I 146 45.96 25.11 -11.30
CA LYS I 146 44.69 25.49 -11.91
C LYS I 146 44.68 26.95 -12.32
N ASP I 147 43.80 27.29 -13.26
CA ASP I 147 43.67 28.66 -13.74
C ASP I 147 43.07 29.51 -12.62
N LEU I 148 43.87 30.41 -12.05
CA LEU I 148 43.38 31.25 -10.98
C LEU I 148 42.34 32.27 -11.42
N GLN I 149 42.36 32.67 -12.68
CA GLN I 149 41.39 33.64 -13.15
C GLN I 149 40.01 32.99 -13.15
N GLU I 150 40.00 31.68 -13.29
CA GLU I 150 38.76 30.94 -13.28
C GLU I 150 38.24 30.88 -11.84
N GLU I 151 39.15 30.58 -10.92
CA GLU I 151 38.79 30.51 -9.51
C GLU I 151 38.20 31.85 -9.05
N MET I 152 38.71 32.95 -9.60
CA MET I 152 38.19 34.26 -9.23
C MET I 152 36.71 34.37 -9.56
N ASN I 153 36.29 33.71 -10.64
CA ASN I 153 34.88 33.76 -11.02
C ASN I 153 34.12 32.93 -10.01
N TYR I 154 34.65 31.75 -9.71
CA TYR I 154 34.03 30.85 -8.75
C TYR I 154 33.75 31.55 -7.43
N ILE I 155 34.80 32.08 -6.81
CA ILE I 155 34.67 32.75 -5.54
C ILE I 155 33.77 33.99 -5.62
N ILE I 156 33.76 34.66 -6.77
CA ILE I 156 32.91 35.84 -6.90
C ILE I 156 31.46 35.43 -6.76
N ALA I 157 31.11 34.29 -7.35
CA ALA I 157 29.74 33.80 -7.28
C ALA I 157 29.40 33.37 -5.85
N ILE I 158 30.30 32.60 -5.24
CA ILE I 158 30.14 32.11 -3.89
C ILE I 158 29.91 33.23 -2.89
N ILE I 159 30.75 34.26 -2.94
CA ILE I 159 30.62 35.38 -2.02
C ILE I 159 29.31 36.14 -2.18
N GLU I 160 28.80 36.22 -3.40
CA GLU I 160 27.55 36.93 -3.63
C GLU I 160 26.43 36.20 -2.92
N GLU I 161 26.55 34.87 -2.86
CA GLU I 161 25.55 34.04 -2.20
C GLU I 161 25.71 34.05 -0.69
N GLN I 162 26.93 34.24 -0.21
CA GLN I 162 27.21 34.24 1.22
C GLN I 162 28.17 35.37 1.58
N PRO I 163 27.71 36.62 1.50
CA PRO I 163 28.54 37.78 1.80
C PRO I 163 28.99 37.97 3.24
N LYS I 164 28.54 37.12 4.14
CA LYS I 164 28.92 37.25 5.54
C LYS I 164 29.71 36.06 6.05
N ASN I 165 30.30 35.32 5.12
CA ASN I 165 31.09 34.15 5.43
C ASN I 165 32.57 34.53 5.51
N TYR I 166 33.20 34.32 6.67
CA TYR I 166 34.62 34.65 6.84
C TYR I 166 35.55 33.90 5.89
N GLN I 167 35.36 32.60 5.76
CA GLN I 167 36.20 31.78 4.90
C GLN I 167 36.26 32.21 3.44
N VAL I 168 35.13 32.62 2.87
CA VAL I 168 35.11 33.00 1.47
C VAL I 168 35.86 34.30 1.17
N TRP I 169 35.78 35.26 2.09
CA TRP I 169 36.47 36.52 1.88
C TRP I 169 37.96 36.31 2.03
N HIS I 170 38.34 35.37 2.87
CA HIS I 170 39.75 35.08 3.08
C HIS I 170 40.30 34.45 1.81
N HIS I 171 39.56 33.50 1.27
CA HIS I 171 39.95 32.82 0.05
C HIS I 171 40.16 33.84 -1.07
N ARG I 172 39.22 34.77 -1.23
CA ARG I 172 39.35 35.77 -2.27
C ARG I 172 40.59 36.61 -2.06
N ARG I 173 40.88 36.96 -0.82
CA ARG I 173 42.06 37.77 -0.56
C ARG I 173 43.35 37.03 -0.91
N VAL I 174 43.38 35.74 -0.63
CA VAL I 174 44.57 34.95 -0.94
C VAL I 174 44.78 34.92 -2.45
N LEU I 175 43.70 34.74 -3.22
CA LEU I 175 43.79 34.71 -4.68
C LEU I 175 44.29 36.03 -5.23
N VAL I 176 43.74 37.14 -4.76
CA VAL I 176 44.19 38.43 -5.25
C VAL I 176 45.69 38.60 -4.97
N GLU I 177 46.16 38.10 -3.84
CA GLU I 177 47.57 38.22 -3.53
C GLU I 177 48.36 37.40 -4.53
N TRP I 178 47.91 36.16 -4.77
CA TRP I 178 48.57 35.28 -5.73
C TRP I 178 48.68 35.94 -7.10
N LEU I 179 47.56 36.39 -7.64
CA LEU I 179 47.55 37.03 -8.96
C LEU I 179 48.17 38.42 -8.98
N LYS I 180 48.38 39.03 -7.82
CA LYS I 180 48.91 40.39 -7.76
C LYS I 180 48.05 41.26 -8.69
N ASP I 181 46.78 40.90 -8.83
CA ASP I 181 45.84 41.59 -9.69
C ASP I 181 44.63 42.15 -8.92
N PRO I 182 44.56 43.47 -8.71
CA PRO I 182 43.42 44.02 -7.98
C PRO I 182 42.40 44.64 -8.93
N SER I 183 42.68 44.54 -10.22
CA SER I 183 41.85 45.12 -11.29
C SER I 183 40.34 45.02 -11.15
N GLN I 184 39.83 43.93 -10.58
CA GLN I 184 38.38 43.82 -10.45
C GLN I 184 37.82 43.94 -9.02
N GLU I 185 38.69 44.20 -8.05
CA GLU I 185 38.26 44.30 -6.66
C GLU I 185 37.31 45.42 -6.31
N LEU I 186 37.70 46.66 -6.55
CA LEU I 186 36.85 47.79 -6.20
C LEU I 186 35.42 47.70 -6.75
N GLU I 187 35.26 47.21 -7.98
CA GLU I 187 33.94 47.12 -8.59
C GLU I 187 33.14 46.00 -7.94
N PHE I 188 33.81 44.88 -7.67
CA PHE I 188 33.16 43.74 -7.04
C PHE I 188 32.61 44.13 -5.66
N ILE I 189 33.47 44.75 -4.86
CA ILE I 189 33.07 45.17 -3.52
C ILE I 189 31.91 46.14 -3.59
N ALA I 190 31.95 47.05 -4.54
CA ALA I 190 30.89 48.03 -4.69
C ALA I 190 29.56 47.32 -4.90
N ASP I 191 29.57 46.21 -5.63
CA ASP I 191 28.35 45.46 -5.88
C ASP I 191 27.86 44.81 -4.61
N ILE I 192 28.77 44.18 -3.87
CA ILE I 192 28.41 43.55 -2.62
C ILE I 192 27.87 44.61 -1.67
N LEU I 193 28.48 45.79 -1.69
CA LEU I 193 28.05 46.90 -0.84
C LEU I 193 26.69 47.43 -1.28
N ASN I 194 26.15 46.87 -2.35
CA ASN I 194 24.84 47.29 -2.82
C ASN I 194 23.76 46.50 -2.16
N GLN I 195 24.05 45.27 -1.75
CA GLN I 195 23.05 44.47 -1.09
C GLN I 195 23.18 44.65 0.43
N ASP I 196 24.16 45.45 0.84
CA ASP I 196 24.41 45.78 2.24
C ASP I 196 25.56 46.76 2.31
N ALA I 197 25.25 48.04 2.41
CA ALA I 197 26.27 49.07 2.44
C ALA I 197 27.10 49.10 3.73
N LYS I 198 26.81 48.20 4.66
CA LYS I 198 27.55 48.19 5.93
C LYS I 198 28.22 46.87 6.22
N ASN I 199 28.27 45.99 5.22
CA ASN I 199 28.90 44.68 5.35
C ASN I 199 30.35 44.88 5.80
N TYR I 200 30.65 44.51 7.04
CA TYR I 200 32.00 44.72 7.56
C TYR I 200 33.06 43.98 6.75
N HIS I 201 32.72 42.78 6.30
CA HIS I 201 33.63 41.96 5.51
C HIS I 201 34.03 42.70 4.23
N ALA I 202 33.05 43.33 3.60
CA ALA I 202 33.26 44.06 2.37
C ALA I 202 34.18 45.26 2.57
N TRP I 203 33.89 46.06 3.58
CA TRP I 203 34.70 47.24 3.83
C TRP I 203 36.10 46.86 4.23
N GLN I 204 36.24 45.76 4.95
CA GLN I 204 37.56 45.33 5.36
C GLN I 204 38.38 44.94 4.15
N HIS I 205 37.76 44.17 3.27
CA HIS I 205 38.43 43.73 2.06
C HIS I 205 38.77 44.95 1.21
N ARG I 206 37.85 45.90 1.15
CA ARG I 206 38.08 47.09 0.33
C ARG I 206 39.29 47.86 0.82
N GLN I 207 39.41 48.02 2.14
CA GLN I 207 40.55 48.75 2.68
C GLN I 207 41.85 48.00 2.42
N TRP I 208 41.79 46.68 2.44
CA TRP I 208 42.99 45.90 2.21
C TRP I 208 43.47 46.12 0.78
N VAL I 209 42.57 45.95 -0.19
CA VAL I 209 42.93 46.15 -1.58
C VAL I 209 43.50 47.54 -1.81
N ILE I 210 42.75 48.56 -1.40
CA ILE I 210 43.20 49.93 -1.58
C ILE I 210 44.59 50.17 -1.02
N GLN I 211 44.85 49.69 0.18
CA GLN I 211 46.15 49.87 0.83
C GLN I 211 47.25 49.06 0.16
N GLU I 212 47.00 47.78 -0.05
CA GLU I 212 47.98 46.88 -0.64
C GLU I 212 48.42 47.25 -2.06
N PHE I 213 47.51 47.77 -2.88
CA PHE I 213 47.86 48.11 -4.25
C PHE I 213 47.81 49.62 -4.50
N ARG I 214 47.85 50.37 -3.42
CA ARG I 214 47.81 51.83 -3.47
C ARG I 214 46.80 52.35 -4.51
N LEU I 215 45.52 52.08 -4.27
CA LEU I 215 44.47 52.52 -5.17
C LEU I 215 43.62 53.62 -4.55
N TRP I 216 44.26 54.71 -4.10
CA TRP I 216 43.52 55.78 -3.46
C TRP I 216 42.82 56.75 -4.41
N ASP I 217 43.41 56.94 -5.56
CA ASP I 217 42.91 57.85 -6.57
C ASP I 217 41.42 58.16 -6.65
N ASN I 218 40.56 57.15 -6.57
CA ASN I 218 39.15 57.42 -6.69
C ASN I 218 38.26 57.13 -5.49
N GLU I 219 38.87 56.74 -4.37
CA GLU I 219 38.09 56.40 -3.21
C GLU I 219 37.35 57.58 -2.59
N LEU I 220 38.02 58.72 -2.42
CA LEU I 220 37.34 59.87 -1.83
C LEU I 220 36.08 60.24 -2.60
N GLN I 221 36.07 59.93 -3.89
CA GLN I 221 34.93 60.24 -4.73
C GLN I 221 33.84 59.22 -4.47
N TYR I 222 34.23 57.96 -4.31
CA TYR I 222 33.30 56.87 -4.02
C TYR I 222 32.60 57.18 -2.70
N VAL I 223 33.39 57.63 -1.73
CA VAL I 223 32.88 58.01 -0.43
C VAL I 223 31.81 59.09 -0.56
N ASP I 224 32.16 60.18 -1.24
CA ASP I 224 31.23 61.29 -1.45
C ASP I 224 29.91 60.83 -2.05
N GLN I 225 29.99 59.87 -2.96
CA GLN I 225 28.81 59.36 -3.61
C GLN I 225 27.93 58.56 -2.65
N LEU I 226 28.54 57.72 -1.82
CA LEU I 226 27.81 56.90 -0.86
C LEU I 226 27.21 57.74 0.27
N LEU I 227 27.89 58.82 0.65
CA LEU I 227 27.38 59.67 1.71
C LEU I 227 26.16 60.43 1.21
N LYS I 228 25.96 60.45 -0.09
CA LYS I 228 24.81 61.12 -0.67
C LYS I 228 23.65 60.14 -0.66
N GLU I 229 23.94 58.85 -0.83
CA GLU I 229 22.90 57.84 -0.83
C GLU I 229 22.39 57.58 0.59
N ASP I 230 23.22 57.84 1.59
CA ASP I 230 22.86 57.62 2.98
C ASP I 230 23.91 58.23 3.89
N VAL I 231 23.70 59.50 4.24
CA VAL I 231 24.61 60.24 5.10
C VAL I 231 24.76 59.62 6.49
N ARG I 232 23.90 58.65 6.82
CA ARG I 232 23.97 58.02 8.13
C ARG I 232 24.82 56.77 8.17
N ASN I 233 25.38 56.38 7.02
CA ASN I 233 26.20 55.17 6.98
C ASN I 233 27.56 55.38 7.64
N ASN I 234 27.67 54.92 8.87
CA ASN I 234 28.89 55.06 9.66
C ASN I 234 30.11 54.47 8.95
N SER I 235 29.91 53.40 8.20
CA SER I 235 31.01 52.74 7.50
C SER I 235 31.66 53.66 6.48
N VAL I 236 30.84 54.46 5.80
CA VAL I 236 31.34 55.38 4.79
C VAL I 236 32.12 56.51 5.43
N TRP I 237 31.64 57.01 6.57
CA TRP I 237 32.37 58.06 7.25
C TRP I 237 33.74 57.55 7.68
N ASN I 238 33.83 56.28 8.06
CA ASN I 238 35.12 55.73 8.46
C ASN I 238 35.98 55.64 7.21
N GLN I 239 35.36 55.22 6.11
CA GLN I 239 36.10 55.11 4.86
C GLN I 239 36.66 56.47 4.46
N ARG I 240 35.88 57.51 4.70
CA ARG I 240 36.34 58.85 4.34
C ARG I 240 37.63 59.14 5.11
N HIS I 241 37.60 58.95 6.42
CA HIS I 241 38.77 59.21 7.24
C HIS I 241 39.94 58.35 6.81
N PHE I 242 39.64 57.10 6.47
CA PHE I 242 40.65 56.15 6.02
C PHE I 242 41.41 56.74 4.84
N VAL I 243 40.68 57.15 3.81
CA VAL I 243 41.28 57.72 2.61
C VAL I 243 42.12 58.97 2.89
N ILE I 244 41.49 59.97 3.48
CA ILE I 244 42.20 61.19 3.76
C ILE I 244 43.45 61.03 4.59
N SER I 245 43.35 60.37 5.74
CA SER I 245 44.53 60.21 6.60
C SER I 245 45.65 59.39 5.95
N ASN I 246 45.33 58.68 4.88
CA ASN I 246 46.32 57.86 4.21
C ASN I 246 46.82 58.49 2.92
N THR I 247 46.42 59.73 2.69
CA THR I 247 46.88 60.44 1.51
C THR I 247 47.37 61.83 1.93
N THR I 248 46.51 62.83 1.85
CA THR I 248 46.88 64.18 2.23
C THR I 248 47.09 64.37 3.73
N GLY I 249 46.36 63.63 4.54
CA GLY I 249 46.48 63.78 5.97
C GLY I 249 45.64 64.98 6.38
N TYR I 250 45.56 65.27 7.67
CA TYR I 250 44.75 66.41 8.09
C TYR I 250 45.60 67.59 8.56
N SER I 251 46.91 67.51 8.41
CA SER I 251 47.80 68.58 8.84
C SER I 251 47.73 69.79 7.92
N ASP I 252 47.36 69.54 6.67
CA ASP I 252 47.22 70.63 5.72
C ASP I 252 45.97 71.41 6.14
N ARG I 253 46.17 72.57 6.76
CA ARG I 253 45.05 73.41 7.21
C ARG I 253 44.01 73.60 6.13
N ALA I 254 44.44 73.52 4.88
CA ALA I 254 43.53 73.66 3.76
C ALA I 254 42.56 72.50 3.75
N VAL I 255 43.09 71.29 3.96
CA VAL I 255 42.29 70.08 3.98
C VAL I 255 41.41 70.04 5.22
N LEU I 256 42.01 70.28 6.39
CA LEU I 256 41.25 70.27 7.65
C LEU I 256 40.03 71.14 7.51
N GLU I 257 40.24 72.33 6.97
CA GLU I 257 39.15 73.27 6.77
C GLU I 257 38.11 72.70 5.82
N ARG I 258 38.55 72.20 4.67
CA ARG I 258 37.60 71.65 3.71
C ARG I 258 36.73 70.58 4.36
N GLU I 259 37.37 69.73 5.17
CA GLU I 259 36.67 68.65 5.84
C GLU I 259 35.72 69.14 6.91
N VAL I 260 36.18 70.05 7.78
CA VAL I 260 35.31 70.57 8.82
C VAL I 260 34.09 71.21 8.17
N GLN I 261 34.32 71.88 7.05
CA GLN I 261 33.23 72.53 6.34
C GLN I 261 32.28 71.50 5.77
N TYR I 262 32.85 70.49 5.12
CA TYR I 262 32.06 69.42 4.51
C TYR I 262 31.12 68.78 5.51
N THR I 263 31.66 68.50 6.70
CA THR I 263 30.92 67.86 7.76
C THR I 263 29.78 68.75 8.27
N LEU I 264 30.08 70.01 8.56
CA LEU I 264 29.05 70.92 9.04
C LEU I 264 27.91 71.00 8.04
N GLU I 265 28.21 70.91 6.75
CA GLU I 265 27.17 70.95 5.74
C GLU I 265 26.29 69.70 5.84
N MET I 266 26.91 68.54 6.06
CA MET I 266 26.17 67.29 6.19
C MET I 266 25.37 67.32 7.48
N ILE I 267 25.94 67.91 8.52
CA ILE I 267 25.24 68.01 9.80
C ILE I 267 23.98 68.87 9.64
N LYS I 268 24.09 69.96 8.89
CA LYS I 268 22.93 70.83 8.67
C LYS I 268 21.82 70.09 7.90
N LEU I 269 22.18 69.15 7.03
CA LEU I 269 21.17 68.40 6.28
C LEU I 269 20.44 67.39 7.15
N VAL I 270 21.18 66.76 8.07
CA VAL I 270 20.61 65.77 8.97
C VAL I 270 21.33 65.94 10.30
N PRO I 271 20.93 66.94 11.10
CA PRO I 271 21.50 67.27 12.40
C PRO I 271 21.63 66.14 13.41
N HIS I 272 20.75 65.15 13.33
CA HIS I 272 20.79 64.03 14.25
C HIS I 272 21.50 62.85 13.57
N ASN I 273 22.82 62.89 13.57
CA ASN I 273 23.63 61.86 12.92
C ASN I 273 24.93 61.70 13.68
N GLU I 274 24.99 60.72 14.58
CA GLU I 274 26.17 60.50 15.39
C GLU I 274 27.44 60.37 14.54
N SER I 275 27.34 59.73 13.38
CA SER I 275 28.48 59.53 12.50
C SER I 275 29.15 60.83 12.11
N ALA I 276 28.38 61.75 11.56
CA ALA I 276 28.89 63.05 11.14
C ALA I 276 29.55 63.76 12.33
N TRP I 277 28.88 63.78 13.47
CA TRP I 277 29.45 64.43 14.64
C TRP I 277 30.73 63.78 15.12
N ASN I 278 30.77 62.44 15.10
CA ASN I 278 31.97 61.73 15.54
C ASN I 278 33.17 62.02 14.64
N TYR I 279 32.91 62.22 13.35
CA TYR I 279 33.96 62.52 12.38
C TYR I 279 34.50 63.91 12.68
N LEU I 280 33.58 64.86 12.85
CA LEU I 280 33.96 66.22 13.16
C LEU I 280 34.84 66.25 14.41
N LYS I 281 34.34 65.70 15.51
CA LYS I 281 35.12 65.69 16.75
C LYS I 281 36.39 64.89 16.55
N GLY I 282 36.29 63.82 15.78
CA GLY I 282 37.44 62.98 15.55
C GLY I 282 38.64 63.69 14.96
N ILE I 283 38.44 64.40 13.86
CA ILE I 283 39.54 65.10 13.20
C ILE I 283 40.02 66.37 13.89
N LEU I 284 39.37 66.74 14.99
CA LEU I 284 39.76 67.94 15.71
C LEU I 284 40.16 67.69 17.15
N GLN I 285 39.64 66.63 17.74
CA GLN I 285 39.91 66.34 19.14
C GLN I 285 41.37 66.29 19.55
N ASP I 286 42.24 65.85 18.66
CA ASP I 286 43.63 65.77 19.03
C ASP I 286 44.41 67.07 18.92
N ARG I 287 43.99 67.96 18.04
CA ARG I 287 44.69 69.23 17.93
C ARG I 287 44.19 70.15 19.03
N GLY I 288 43.05 69.81 19.62
CA GLY I 288 42.48 70.62 20.69
C GLY I 288 41.22 71.35 20.29
N LEU I 289 40.07 70.85 20.73
CA LEU I 289 38.78 71.47 20.38
C LEU I 289 38.65 72.94 20.75
N SER I 290 39.27 73.34 21.87
CA SER I 290 39.19 74.73 22.30
C SER I 290 40.00 75.69 21.43
N ARG I 291 40.90 75.16 20.62
CA ARG I 291 41.70 76.01 19.77
C ARG I 291 40.97 76.52 18.52
N TYR I 292 39.65 76.28 18.45
CA TYR I 292 38.86 76.72 17.29
C TYR I 292 37.64 77.56 17.69
N PRO I 293 37.89 78.81 18.12
CA PRO I 293 36.89 79.79 18.57
C PRO I 293 35.67 79.95 17.68
N ASN I 294 35.86 80.01 16.37
CA ASN I 294 34.73 80.17 15.46
C ASN I 294 33.82 78.94 15.41
N LEU I 295 34.37 77.79 15.80
CA LEU I 295 33.59 76.57 15.80
C LEU I 295 32.60 76.62 16.95
N LEU I 296 33.07 77.02 18.13
CA LEU I 296 32.20 77.12 19.30
C LEU I 296 31.02 78.04 19.05
N ASN I 297 31.28 79.18 18.41
CA ASN I 297 30.21 80.13 18.12
C ASN I 297 29.30 79.57 17.05
N GLN I 298 29.87 79.11 15.94
CA GLN I 298 29.06 78.55 14.86
C GLN I 298 28.12 77.47 15.41
N LEU I 299 28.56 76.76 16.45
CA LEU I 299 27.72 75.70 17.03
C LEU I 299 26.68 76.29 17.96
N LEU I 300 27.08 77.24 18.78
CA LEU I 300 26.16 77.88 19.70
C LEU I 300 25.01 78.53 18.92
N ASP I 301 25.27 78.91 17.67
CA ASP I 301 24.24 79.51 16.83
C ASP I 301 23.33 78.44 16.24
N LEU I 302 23.90 77.29 15.91
CA LEU I 302 23.11 76.19 15.35
C LEU I 302 22.09 75.70 16.37
N GLN I 303 22.52 75.65 17.64
CA GLN I 303 21.70 75.18 18.75
C GLN I 303 20.20 75.46 18.61
N PRO I 304 19.80 76.73 18.45
CA PRO I 304 18.37 77.04 18.29
C PRO I 304 17.61 76.13 17.35
N SER I 305 18.06 76.04 16.10
CA SER I 305 17.39 75.21 15.09
C SER I 305 17.85 73.76 14.92
N HIS I 306 19.15 73.53 14.81
CA HIS I 306 19.67 72.18 14.62
C HIS I 306 20.18 71.50 15.90
N SER I 307 19.50 71.69 17.02
CA SER I 307 19.94 71.06 18.27
C SER I 307 19.78 69.53 18.22
N SER I 308 20.58 68.84 19.03
CA SER I 308 20.57 67.39 19.13
C SER I 308 21.50 67.04 20.27
N PRO I 309 21.33 65.88 20.89
CA PRO I 309 22.20 65.53 22.00
C PRO I 309 23.68 65.53 21.61
N TYR I 310 23.94 65.30 20.33
CA TYR I 310 25.29 65.26 19.80
C TYR I 310 25.94 66.64 19.84
N LEU I 311 25.16 67.65 19.47
CA LEU I 311 25.63 69.04 19.48
C LEU I 311 25.95 69.49 20.90
N ILE I 312 25.01 69.27 21.81
CA ILE I 312 25.19 69.66 23.21
C ILE I 312 26.45 69.00 23.79
N ALA I 313 26.63 67.72 23.47
CA ALA I 313 27.78 66.96 23.96
C ALA I 313 29.08 67.52 23.39
N PHE I 314 29.03 67.95 22.12
CA PHE I 314 30.20 68.52 21.49
C PHE I 314 30.62 69.75 22.30
N LEU I 315 29.63 70.58 22.67
CA LEU I 315 29.87 71.77 23.46
C LEU I 315 30.53 71.39 24.78
N VAL I 316 29.94 70.44 25.49
CA VAL I 316 30.52 69.99 26.76
C VAL I 316 31.99 69.64 26.58
N ASP I 317 32.29 68.91 25.51
CA ASP I 317 33.65 68.51 25.22
C ASP I 317 34.54 69.70 24.90
N ILE I 318 33.99 70.73 24.25
CA ILE I 318 34.77 71.93 23.94
C ILE I 318 35.13 72.60 25.26
N TYR I 319 34.12 72.83 26.10
CA TYR I 319 34.33 73.47 27.39
C TYR I 319 35.36 72.70 28.21
N GLU I 320 35.27 71.38 28.20
CA GLU I 320 36.21 70.60 28.99
C GLU I 320 37.63 70.78 28.48
N ASP I 321 37.78 71.00 27.17
CA ASP I 321 39.11 71.18 26.61
C ASP I 321 39.67 72.50 27.13
N MET I 322 38.79 73.49 27.27
CA MET I 322 39.20 74.80 27.78
C MET I 322 39.67 74.64 29.22
N LEU I 323 38.83 74.06 30.06
CA LEU I 323 39.19 73.85 31.46
C LEU I 323 40.53 73.14 31.53
N GLU I 324 40.76 72.26 30.57
CA GLU I 324 41.99 71.49 30.51
C GLU I 324 43.18 72.40 30.25
N ASN I 325 42.96 73.45 29.46
CA ASN I 325 44.01 74.42 29.13
C ASN I 325 43.85 75.72 29.90
N GLN I 326 43.81 75.62 31.23
CA GLN I 326 43.66 76.76 32.13
C GLN I 326 43.22 78.04 31.41
N CYS I 327 41.97 78.06 30.95
CA CYS I 327 41.43 79.22 30.24
C CYS I 327 41.02 80.33 31.20
N ASP I 328 40.47 81.42 30.64
CA ASP I 328 40.00 82.56 31.45
C ASP I 328 38.58 82.27 31.91
N ASN I 329 38.28 82.57 33.18
CA ASN I 329 36.95 82.34 33.76
C ASN I 329 36.77 80.85 34.01
N LYS I 330 37.80 80.20 34.54
CA LYS I 330 37.72 78.77 34.79
C LYS I 330 36.42 78.40 35.50
N GLU I 331 36.04 79.17 36.51
CA GLU I 331 34.80 78.89 37.24
C GLU I 331 33.56 79.19 36.42
N ASP I 332 33.66 80.12 35.47
CA ASP I 332 32.52 80.45 34.62
C ASP I 332 32.28 79.38 33.55
N ILE I 333 33.38 78.85 33.01
CA ILE I 333 33.32 77.80 31.99
C ILE I 333 32.72 76.53 32.57
N LEU I 334 33.28 76.10 33.70
CA LEU I 334 32.82 74.91 34.40
C LEU I 334 31.32 74.88 34.55
N ASN I 335 30.72 76.03 34.79
CA ASN I 335 29.28 76.10 34.94
C ASN I 335 28.57 75.99 33.60
N LYS I 336 29.16 76.54 32.55
CA LYS I 336 28.56 76.46 31.21
C LYS I 336 28.48 74.98 30.85
N ALA I 337 29.52 74.25 31.23
CA ALA I 337 29.60 72.82 30.98
C ALA I 337 28.53 72.14 31.82
N LEU I 338 28.67 72.22 33.14
CA LEU I 338 27.72 71.61 34.06
C LEU I 338 26.27 71.92 33.69
N GLU I 339 26.01 73.13 33.21
CA GLU I 339 24.66 73.49 32.83
C GLU I 339 24.18 72.61 31.68
N LEU I 340 25.07 72.35 30.72
CA LEU I 340 24.76 71.51 29.57
C LEU I 340 24.63 70.05 29.98
N CYS I 341 25.54 69.57 30.84
CA CYS I 341 25.47 68.20 31.33
C CYS I 341 24.08 67.95 31.89
N GLU I 342 23.57 68.92 32.65
CA GLU I 342 22.25 68.75 33.23
C GLU I 342 21.18 68.82 32.14
N ILE I 343 21.38 69.64 31.13
CA ILE I 343 20.41 69.72 30.04
C ILE I 343 20.28 68.37 29.35
N LEU I 344 21.40 67.67 29.21
CA LEU I 344 21.41 66.35 28.58
C LEU I 344 20.65 65.37 29.46
N ALA I 345 21.13 65.19 30.69
CA ALA I 345 20.54 64.27 31.65
C ALA I 345 19.06 64.49 31.91
N LYS I 346 18.61 65.73 31.87
CA LYS I 346 17.21 66.02 32.15
C LYS I 346 16.30 66.09 30.94
N GLU I 347 16.79 66.54 29.80
CA GLU I 347 15.89 66.66 28.66
C GLU I 347 16.37 66.22 27.28
N LYS I 348 17.66 66.38 27.00
CA LYS I 348 18.19 66.05 25.68
C LYS I 348 18.69 64.61 25.41
N ASP I 349 19.33 64.00 26.40
CA ASP I 349 19.85 62.65 26.23
C ASP I 349 19.51 61.88 27.49
N THR I 350 18.22 61.88 27.82
CA THR I 350 17.71 61.23 29.02
C THR I 350 18.12 59.78 29.27
N ILE I 351 18.28 58.99 28.20
CA ILE I 351 18.66 57.60 28.38
C ILE I 351 20.06 57.47 28.98
N ARG I 352 20.83 58.55 28.93
CA ARG I 352 22.16 58.52 29.50
C ARG I 352 22.26 59.44 30.72
N LYS I 353 21.09 59.79 31.24
CA LYS I 353 20.95 60.65 32.42
C LYS I 353 21.99 60.39 33.52
N GLU I 354 22.07 59.16 34.02
CA GLU I 354 23.03 58.85 35.05
C GLU I 354 24.47 59.07 34.61
N TYR I 355 24.74 58.83 33.32
CA TYR I 355 26.10 59.00 32.78
C TYR I 355 26.50 60.48 32.75
N TRP I 356 25.61 61.31 32.21
CA TRP I 356 25.86 62.75 32.11
C TRP I 356 26.03 63.41 33.48
N ARG I 357 25.26 62.95 34.47
CA ARG I 357 25.39 63.49 35.81
C ARG I 357 26.72 63.04 36.40
N TYR I 358 27.16 61.86 35.97
CA TYR I 358 28.44 61.32 36.40
C TYR I 358 29.54 62.17 35.77
N ILE I 359 29.32 62.61 34.53
CA ILE I 359 30.30 63.45 33.84
C ILE I 359 30.35 64.79 34.56
N GLY I 360 29.18 65.34 34.82
CA GLY I 360 29.10 66.61 35.54
C GLY I 360 29.90 66.53 36.83
N ARG I 361 29.57 65.57 37.68
CA ARG I 361 30.30 65.39 38.92
C ARG I 361 31.81 65.31 38.68
N SER I 362 32.21 64.61 37.62
CA SER I 362 33.62 64.45 37.31
C SER I 362 34.29 65.78 37.00
N LEU I 363 33.61 66.63 36.23
CA LEU I 363 34.13 67.94 35.89
C LEU I 363 34.25 68.80 37.14
N GLN I 364 33.15 68.86 37.91
CA GLN I 364 33.09 69.63 39.15
C GLN I 364 34.24 69.32 40.09
N SER I 365 34.49 68.04 40.36
CA SER I 365 35.57 67.68 41.28
C SER I 365 36.96 67.73 40.64
N LYS I 366 37.04 68.23 39.42
CA LYS I 366 38.32 68.32 38.74
C LYS I 366 38.68 69.78 38.48
N HIS I 367 37.69 70.66 38.47
CA HIS I 367 37.96 72.08 38.22
C HIS I 367 37.27 73.04 39.19
N SER I 368 37.53 72.90 40.49
CA SER I 368 36.91 73.78 41.49
C SER I 368 37.87 74.13 42.63
N LEU J 18 8.47 42.36 30.53
CA LEU J 18 7.92 41.03 30.91
C LEU J 18 8.78 40.28 31.93
N ASP J 19 8.69 38.95 31.92
CA ASP J 19 9.43 38.12 32.85
C ASP J 19 10.43 37.17 32.19
N PHE J 20 11.40 36.74 32.96
CA PHE J 20 12.45 35.85 32.47
C PHE J 20 12.08 34.38 32.62
N LEU J 21 11.60 33.76 31.54
CA LEU J 21 11.20 32.34 31.53
C LEU J 21 12.38 31.39 31.69
N ARG J 22 13.04 31.50 32.85
CA ARG J 22 14.21 30.72 33.22
C ARG J 22 14.23 29.22 32.88
N ASP J 23 13.19 28.46 33.25
CA ASP J 23 13.17 27.02 32.98
C ASP J 23 13.16 26.73 31.48
N ARG J 24 12.38 27.53 30.76
CA ARG J 24 12.27 27.41 29.32
C ARG J 24 13.67 27.48 28.69
N HIS J 25 14.49 28.42 29.15
CA HIS J 25 15.83 28.57 28.62
C HIS J 25 16.72 27.40 29.02
N VAL J 26 16.37 26.74 30.12
CA VAL J 26 17.17 25.61 30.56
C VAL J 26 16.89 24.49 29.57
N ARG J 27 15.61 24.38 29.20
CA ARG J 27 15.19 23.36 28.25
C ARG J 27 15.91 23.62 26.91
N PHE J 28 15.92 24.89 26.50
CA PHE J 28 16.55 25.32 25.26
C PHE J 28 18.03 24.92 25.17
N PHE J 29 18.84 25.34 26.14
CA PHE J 29 20.26 24.97 26.12
C PHE J 29 20.44 23.47 26.08
N GLN J 30 19.58 22.76 26.81
CA GLN J 30 19.63 21.30 26.88
C GLN J 30 19.44 20.69 25.51
N ARG J 31 18.52 21.29 24.75
CA ARG J 31 18.20 20.83 23.41
C ARG J 31 19.42 21.00 22.50
N CYS J 32 20.12 22.13 22.66
CA CYS J 32 21.30 22.43 21.85
C CYS J 32 22.42 21.43 22.05
N LEU J 33 22.52 20.85 23.25
CA LEU J 33 23.58 19.88 23.51
C LEU J 33 23.28 18.54 22.85
N GLN J 34 22.01 18.31 22.56
CA GLN J 34 21.57 17.06 21.96
C GLN J 34 21.77 16.88 20.46
N VAL J 35 20.72 17.16 19.69
CA VAL J 35 20.82 16.99 18.25
C VAL J 35 20.26 18.19 17.50
N LEU J 36 20.94 18.56 16.41
CA LEU J 36 20.53 19.69 15.59
C LEU J 36 20.16 19.25 14.16
N PRO J 37 19.22 19.95 13.53
CA PRO J 37 18.74 19.68 12.16
C PRO J 37 19.89 19.94 11.18
N GLU J 38 19.83 19.33 10.01
CA GLU J 38 20.91 19.56 9.05
C GLU J 38 21.06 21.02 8.67
N ARG J 39 20.04 21.83 8.96
CA ARG J 39 20.07 23.24 8.66
C ARG J 39 21.28 23.92 9.31
N TYR J 40 21.81 23.31 10.37
CA TYR J 40 22.94 23.92 11.06
C TYR J 40 24.27 23.33 10.68
N SER J 41 24.31 22.68 9.52
CA SER J 41 25.52 22.05 9.02
C SER J 41 26.71 22.99 9.00
N SER J 42 26.45 24.27 8.76
CA SER J 42 27.49 25.28 8.71
C SER J 42 28.24 25.49 10.02
N LEU J 43 27.69 24.97 11.11
CA LEU J 43 28.32 25.12 12.42
C LEU J 43 29.16 23.89 12.79
N GLU J 44 29.26 22.93 11.89
CA GLU J 44 30.02 21.71 12.15
C GLU J 44 31.42 21.99 12.71
N THR J 45 32.23 22.75 12.00
CA THR J 45 33.58 23.01 12.49
C THR J 45 33.63 23.93 13.70
N SER J 46 32.46 24.33 14.19
CA SER J 46 32.38 25.21 15.35
C SER J 46 31.44 24.68 16.41
N ARG J 47 31.23 23.37 16.40
CA ARG J 47 30.31 22.75 17.36
C ARG J 47 30.75 22.97 18.79
N LEU J 48 32.05 22.98 19.01
CA LEU J 48 32.55 23.17 20.36
C LEU J 48 32.08 24.50 20.96
N THR J 49 32.05 25.56 20.15
CA THR J 49 31.62 26.84 20.68
C THR J 49 30.11 26.89 20.86
N ILE J 50 29.38 25.98 20.21
CA ILE J 50 27.92 25.93 20.40
C ILE J 50 27.74 25.23 21.75
N ALA J 51 28.62 24.26 21.99
CA ALA J 51 28.63 23.51 23.24
C ALA J 51 28.82 24.53 24.35
N PHE J 52 29.81 25.39 24.15
CA PHE J 52 30.13 26.44 25.10
C PHE J 52 28.92 27.34 25.40
N PHE J 53 28.20 27.80 24.39
CA PHE J 53 27.04 28.66 24.63
C PHE J 53 26.00 27.95 25.50
N ALA J 54 25.79 26.67 25.22
CA ALA J 54 24.83 25.87 25.96
C ALA J 54 25.29 25.57 27.39
N LEU J 55 26.50 25.05 27.53
CA LEU J 55 27.05 24.72 28.85
C LEU J 55 27.25 25.95 29.75
N SER J 56 27.91 26.98 29.24
CA SER J 56 28.11 28.19 30.01
C SER J 56 26.74 28.79 30.28
N GLY J 57 25.86 28.63 29.30
CA GLY J 57 24.50 29.16 29.44
C GLY J 57 23.78 28.50 30.60
N LEU J 58 23.90 27.17 30.68
CA LEU J 58 23.29 26.41 31.77
C LEU J 58 23.94 26.81 33.09
N ASP J 59 25.28 26.80 33.10
CA ASP J 59 26.00 27.18 34.30
C ASP J 59 25.54 28.54 34.80
N MET J 60 25.29 29.45 33.87
CA MET J 60 24.85 30.80 34.20
C MET J 60 23.44 30.75 34.82
N LEU J 61 22.69 29.72 34.48
CA LEU J 61 21.34 29.53 35.01
C LEU J 61 21.39 28.53 36.15
N ASP J 62 22.60 28.06 36.44
CA ASP J 62 22.83 27.09 37.50
C ASP J 62 21.94 25.87 37.29
N SER J 63 22.19 25.14 36.22
CA SER J 63 21.44 23.95 35.88
C SER J 63 22.35 22.96 35.20
N LEU J 64 23.64 23.02 35.52
CA LEU J 64 24.60 22.12 34.90
C LEU J 64 24.30 20.64 35.18
N ASP J 65 23.57 20.39 36.27
CA ASP J 65 23.24 19.01 36.65
C ASP J 65 22.40 18.28 35.61
N VAL J 66 21.64 19.02 34.79
CA VAL J 66 20.80 18.39 33.78
C VAL J 66 21.56 17.82 32.60
N VAL J 67 22.86 17.62 32.77
CA VAL J 67 23.72 17.05 31.71
C VAL J 67 24.79 16.18 32.34
N ASN J 68 25.26 15.20 31.59
CA ASN J 68 26.29 14.29 32.10
C ASN J 68 27.68 14.90 31.96
N LYS J 69 28.11 15.66 32.97
CA LYS J 69 29.42 16.29 32.93
C LYS J 69 30.56 15.39 32.45
N ASP J 70 30.57 14.15 32.90
CA ASP J 70 31.63 13.20 32.53
C ASP J 70 31.66 12.85 31.06
N ASP J 71 30.49 12.60 30.49
CA ASP J 71 30.42 12.26 29.07
C ASP J 71 30.93 13.43 28.24
N ILE J 72 30.46 14.63 28.57
CA ILE J 72 30.87 15.83 27.85
C ILE J 72 32.36 16.10 27.98
N ILE J 73 32.91 15.96 29.19
CA ILE J 73 34.34 16.17 29.38
C ILE J 73 35.17 15.24 28.50
N GLU J 74 34.68 14.03 28.25
CA GLU J 74 35.41 13.09 27.43
C GLU J 74 35.34 13.52 25.96
N TRP J 75 34.16 13.97 25.57
CA TRP J 75 33.94 14.42 24.21
C TRP J 75 34.90 15.57 23.93
N ILE J 76 34.93 16.52 24.85
CA ILE J 76 35.80 17.68 24.72
C ILE J 76 37.25 17.24 24.56
N TYR J 77 37.69 16.36 25.44
CA TYR J 77 39.08 15.90 25.37
C TYR J 77 39.40 15.14 24.10
N SER J 78 38.37 14.61 23.45
CA SER J 78 38.58 13.88 22.20
C SER J 78 38.88 14.88 21.09
N LEU J 79 38.62 16.15 21.37
CA LEU J 79 38.83 17.22 20.41
C LEU J 79 40.21 17.87 20.50
N GLN J 80 41.01 17.47 21.49
CA GLN J 80 42.34 18.05 21.63
C GLN J 80 43.35 17.47 20.66
N VAL J 81 44.09 18.35 20.00
CA VAL J 81 45.13 17.93 19.07
C VAL J 81 46.39 17.84 19.93
N LEU J 82 46.76 16.61 20.27
CA LEU J 82 47.93 16.35 21.10
C LEU J 82 49.16 16.18 20.24
N PRO J 83 50.35 16.40 20.83
CA PRO J 83 51.56 16.24 20.04
C PRO J 83 51.82 14.78 19.72
N THR J 84 52.33 14.51 18.52
CA THR J 84 52.62 13.15 18.10
C THR J 84 53.85 12.63 18.84
N GLU J 85 54.23 11.39 18.56
CA GLU J 85 55.39 10.77 19.19
C GLU J 85 56.62 11.68 19.02
N ASP J 86 56.99 11.94 17.78
CA ASP J 86 58.14 12.79 17.47
C ASP J 86 57.95 14.26 17.85
N ARG J 87 56.73 14.61 18.27
CA ARG J 87 56.41 15.99 18.66
C ARG J 87 56.74 16.99 17.56
N SER J 88 56.57 16.58 16.31
CA SER J 88 56.86 17.45 15.17
C SER J 88 55.68 18.35 14.82
N ASN J 89 54.57 18.18 15.53
CA ASN J 89 53.37 18.96 15.28
C ASN J 89 53.03 19.88 16.43
N LEU J 90 54.03 20.35 17.17
CA LEU J 90 53.74 21.24 18.30
C LEU J 90 53.09 22.55 17.88
N ASP J 91 53.50 23.10 16.74
CA ASP J 91 52.95 24.35 16.24
C ASP J 91 51.48 24.23 15.83
N ARG J 92 50.92 23.04 15.95
CA ARG J 92 49.54 22.81 15.55
C ARG J 92 48.63 22.29 16.63
N CYS J 93 49.11 22.29 17.87
CA CYS J 93 48.29 21.78 18.95
C CYS J 93 47.29 22.77 19.52
N GLY J 94 46.21 22.23 20.07
CA GLY J 94 45.15 23.03 20.65
C GLY J 94 43.91 22.17 20.57
N PHE J 95 42.76 22.75 20.23
CA PHE J 95 41.54 21.96 20.11
C PHE J 95 40.85 22.11 18.76
N ARG J 96 40.06 21.11 18.39
CA ARG J 96 39.31 21.12 17.15
C ARG J 96 37.89 21.56 17.46
N GLY J 97 37.16 22.02 16.46
CA GLY J 97 35.80 22.45 16.70
C GLY J 97 34.86 21.27 16.82
N SER J 98 35.25 20.18 16.16
CA SER J 98 34.47 18.95 16.14
C SER J 98 35.33 17.84 15.54
N SER J 99 34.72 16.69 15.28
CA SER J 99 35.41 15.54 14.73
C SER J 99 35.30 15.42 13.20
N TYR J 100 34.90 16.50 12.55
CA TYR J 100 34.71 16.48 11.10
C TYR J 100 35.85 15.93 10.24
N LEU J 101 37.08 15.84 10.77
CA LEU J 101 38.18 15.31 9.96
C LEU J 101 38.20 13.80 9.90
N GLY J 102 37.48 13.16 10.81
CA GLY J 102 37.43 11.71 10.80
C GLY J 102 38.52 11.02 11.59
N ILE J 103 39.08 11.70 12.59
CA ILE J 103 40.12 11.08 13.38
C ILE J 103 39.44 10.21 14.44
N PRO J 104 39.96 8.99 14.66
CA PRO J 104 39.43 8.04 15.64
C PRO J 104 39.31 8.59 17.06
N PHE J 105 38.10 8.54 17.59
CA PHE J 105 37.79 9.04 18.93
C PHE J 105 38.83 8.65 19.98
N ASN J 106 39.45 9.65 20.59
CA ASN J 106 40.46 9.41 21.62
C ASN J 106 40.47 10.56 22.64
N PRO J 107 39.82 10.34 23.80
CA PRO J 107 39.74 11.35 24.87
C PRO J 107 41.08 11.70 25.52
N SER J 108 42.01 12.21 24.71
CA SER J 108 43.33 12.60 25.18
C SER J 108 43.93 11.50 26.03
N LYS J 109 43.72 10.25 25.61
CA LYS J 109 44.23 9.10 26.34
C LYS J 109 45.57 8.63 25.74
N ASN J 110 45.60 8.44 24.42
CA ASN J 110 46.81 8.01 23.74
C ASN J 110 47.50 9.17 23.02
N PRO J 111 48.72 8.95 22.51
CA PRO J 111 49.47 10.01 21.81
C PRO J 111 48.75 10.46 20.53
N GLY J 112 49.19 11.60 19.99
CA GLY J 112 48.57 12.12 18.79
C GLY J 112 48.84 11.35 17.52
N THR J 113 47.78 11.07 16.77
CA THR J 113 47.89 10.34 15.51
C THR J 113 48.08 11.34 14.35
N ALA J 114 49.25 11.28 13.72
CA ALA J 114 49.59 12.17 12.61
C ALA J 114 48.47 12.28 11.57
N HIS J 115 48.34 13.48 10.98
CA HIS J 115 47.33 13.74 9.96
C HIS J 115 47.73 15.04 9.30
N PRO J 116 47.97 15.01 7.98
CA PRO J 116 48.38 16.19 7.20
C PRO J 116 47.60 17.49 7.40
N TYR J 117 46.35 17.41 7.83
CA TYR J 117 45.55 18.62 7.98
C TYR J 117 44.87 18.79 9.32
N ASP J 118 45.28 18.02 10.32
CA ASP J 118 44.67 18.13 11.63
C ASP J 118 45.45 19.09 12.51
N SER J 119 44.77 20.08 13.05
CA SER J 119 45.38 21.06 13.93
C SER J 119 44.29 21.88 14.63
N GLY J 120 44.64 22.54 15.71
CA GLY J 120 43.65 23.29 16.46
C GLY J 120 43.18 24.61 15.87
N HIS J 121 42.14 25.17 16.48
CA HIS J 121 41.58 26.45 16.06
C HIS J 121 41.52 27.28 17.32
N ILE J 122 42.18 28.43 17.29
CA ILE J 122 42.26 29.29 18.45
C ILE J 122 40.93 29.55 19.18
N ALA J 123 39.83 29.63 18.44
CA ALA J 123 38.54 29.88 19.07
C ALA J 123 38.07 28.63 19.78
N MET J 124 38.51 27.49 19.27
CA MET J 124 38.14 26.20 19.82
C MET J 124 38.95 25.90 21.07
N THR J 125 40.25 26.22 21.04
CA THR J 125 41.08 26.00 22.21
C THR J 125 40.49 26.85 23.32
N TYR J 126 40.13 28.09 23.00
CA TYR J 126 39.55 28.99 23.98
C TYR J 126 38.26 28.39 24.57
N THR J 127 37.24 28.19 23.73
CA THR J 127 35.97 27.64 24.19
C THR J 127 36.13 26.25 24.79
N GLY J 128 37.13 25.49 24.31
CA GLY J 128 37.37 24.16 24.83
C GLY J 128 37.77 24.21 26.30
N LEU J 129 38.88 24.89 26.59
CA LEU J 129 39.37 25.05 27.95
C LEU J 129 38.28 25.68 28.81
N SER J 130 37.60 26.66 28.23
CA SER J 130 36.53 27.35 28.91
C SER J 130 35.48 26.33 29.36
N CYS J 131 35.10 25.43 28.45
CA CYS J 131 34.11 24.39 28.75
C CYS J 131 34.58 23.45 29.85
N LEU J 132 35.82 22.95 29.71
CA LEU J 132 36.39 22.03 30.70
C LEU J 132 36.29 22.59 32.11
N ILE J 133 36.71 23.84 32.29
CA ILE J 133 36.66 24.47 33.60
C ILE J 133 35.22 24.54 34.09
N ILE J 134 34.30 24.94 33.20
CA ILE J 134 32.89 25.06 33.54
C ILE J 134 32.35 23.72 34.03
N LEU J 135 32.83 22.64 33.44
CA LEU J 135 32.38 21.30 33.81
C LEU J 135 33.07 20.73 35.05
N GLY J 136 34.01 21.47 35.62
CA GLY J 136 34.69 21.00 36.81
C GLY J 136 36.01 20.30 36.59
N ASP J 137 36.34 19.99 35.34
CA ASP J 137 37.60 19.32 35.04
C ASP J 137 38.75 20.19 35.56
N ASP J 138 39.90 19.57 35.84
CA ASP J 138 41.06 20.28 36.36
C ASP J 138 42.15 20.57 35.32
N LEU J 139 41.87 20.30 34.05
CA LEU J 139 42.81 20.54 32.96
C LEU J 139 44.09 19.72 33.02
N SER J 140 44.10 18.66 33.82
CA SER J 140 45.27 17.81 33.95
C SER J 140 45.63 17.11 32.63
N ARG J 141 44.62 16.79 31.83
CA ARG J 141 44.83 16.10 30.56
C ARG J 141 45.12 17.06 29.40
N VAL J 142 45.25 18.35 29.70
CA VAL J 142 45.53 19.35 28.68
C VAL J 142 47.04 19.53 28.59
N ASP J 143 47.60 19.29 27.41
CA ASP J 143 49.04 19.46 27.23
C ASP J 143 49.30 20.96 27.14
N LYS J 144 49.29 21.63 28.28
CA LYS J 144 49.49 23.07 28.35
C LYS J 144 50.64 23.60 27.50
N GLU J 145 51.80 22.96 27.56
CA GLU J 145 52.93 23.44 26.77
C GLU J 145 52.67 23.36 25.28
N ALA J 146 52.00 22.30 24.85
CA ALA J 146 51.69 22.13 23.44
C ALA J 146 50.71 23.22 22.97
N CYS J 147 49.69 23.49 23.79
CA CYS J 147 48.72 24.53 23.46
C CYS J 147 49.41 25.87 23.32
N LEU J 148 50.21 26.23 24.32
CA LEU J 148 50.92 27.50 24.31
C LEU J 148 51.86 27.59 23.12
N ALA J 149 52.44 26.46 22.74
CA ALA J 149 53.34 26.39 21.60
C ALA J 149 52.56 26.70 20.34
N GLY J 150 51.37 26.12 20.25
CA GLY J 150 50.51 26.33 19.10
C GLY J 150 50.03 27.76 19.04
N LEU J 151 49.70 28.33 20.21
CA LEU J 151 49.24 29.71 20.28
C LEU J 151 50.30 30.65 19.73
N ARG J 152 51.52 30.55 20.25
CA ARG J 152 52.61 31.41 19.78
C ARG J 152 52.72 31.38 18.26
N ALA J 153 52.54 30.20 17.68
CA ALA J 153 52.65 30.04 16.24
C ALA J 153 51.63 30.84 15.46
N LEU J 154 50.53 31.19 16.10
CA LEU J 154 49.45 31.93 15.45
C LEU J 154 49.61 33.44 15.41
N GLN J 155 50.39 34.01 16.32
CA GLN J 155 50.57 35.46 16.36
C GLN J 155 51.42 35.96 15.19
N LEU J 156 50.97 37.06 14.60
CA LEU J 156 51.63 37.68 13.46
C LEU J 156 52.55 38.80 13.90
N GLU J 157 53.35 39.32 12.96
CA GLU J 157 54.29 40.38 13.26
C GLU J 157 53.61 41.61 13.85
N ASP J 158 52.41 41.91 13.39
CA ASP J 158 51.69 43.07 13.89
C ASP J 158 51.04 42.90 15.26
N GLY J 159 51.19 41.72 15.84
CA GLY J 159 50.61 41.50 17.15
C GLY J 159 49.32 40.72 17.19
N SER J 160 48.55 40.73 16.11
CA SER J 160 47.29 39.99 16.08
C SER J 160 47.51 38.50 15.86
N PHE J 161 46.42 37.74 15.83
CA PHE J 161 46.49 36.29 15.65
C PHE J 161 45.60 35.75 14.53
N CYS J 162 45.94 34.55 14.08
CA CYS J 162 45.16 33.82 13.09
C CYS J 162 44.44 32.76 13.89
N ALA J 163 43.51 32.04 13.27
CA ALA J 163 42.76 31.04 14.00
C ALA J 163 43.42 29.67 13.88
N VAL J 164 44.05 29.41 12.74
CA VAL J 164 44.69 28.13 12.50
C VAL J 164 46.06 28.29 11.86
N PRO J 165 47.00 27.38 12.17
CA PRO J 165 48.34 27.46 11.60
C PRO J 165 48.38 27.42 10.07
N GLU J 166 47.39 26.78 9.45
CA GLU J 166 47.37 26.71 7.98
C GLU J 166 47.07 28.08 7.37
N GLY J 167 46.67 29.04 8.20
CA GLY J 167 46.36 30.36 7.69
C GLY J 167 44.88 30.71 7.74
N SER J 168 44.60 31.99 7.97
CA SER J 168 43.22 32.48 8.04
C SER J 168 43.30 33.99 8.17
N GLU J 169 42.14 34.64 8.25
CA GLU J 169 42.12 36.08 8.43
C GLU J 169 42.63 36.32 9.85
N ASN J 170 43.05 37.56 10.13
CA ASN J 170 43.55 37.89 11.46
C ASN J 170 42.94 39.18 11.96
N ASP J 171 42.54 39.20 13.22
CA ASP J 171 41.93 40.40 13.79
C ASP J 171 41.71 40.30 15.30
N MET J 172 41.09 41.35 15.85
CA MET J 172 40.84 41.44 17.28
C MET J 172 40.14 40.22 17.87
N ARG J 173 39.27 39.57 17.10
CA ARG J 173 38.57 38.41 17.62
C ARG J 173 39.55 37.40 18.22
N PHE J 174 40.58 37.08 17.45
CA PHE J 174 41.56 36.10 17.86
C PHE J 174 42.58 36.60 18.89
N VAL J 175 42.70 37.91 19.01
CA VAL J 175 43.60 38.47 20.02
C VAL J 175 42.94 38.19 21.37
N TYR J 176 41.61 38.25 21.39
CA TYR J 176 40.86 38.00 22.61
C TYR J 176 40.91 36.52 22.97
N CYS J 177 40.93 35.67 21.95
CA CYS J 177 40.99 34.24 22.17
C CYS J 177 42.33 33.89 22.80
N ALA J 178 43.41 34.44 22.25
CA ALA J 178 44.75 34.20 22.77
C ALA J 178 44.81 34.65 24.23
N SER J 179 44.29 35.84 24.50
CA SER J 179 44.29 36.38 25.84
C SER J 179 43.59 35.43 26.80
N CYS J 180 42.40 34.96 26.43
CA CYS J 180 41.66 34.04 27.29
C CYS J 180 42.42 32.74 27.54
N ILE J 181 43.08 32.22 26.51
CA ILE J 181 43.83 30.99 26.66
C ILE J 181 44.98 31.22 27.64
N CYS J 182 45.80 32.25 27.38
CA CYS J 182 46.92 32.57 28.26
C CYS J 182 46.48 32.77 29.69
N TYR J 183 45.33 33.40 29.86
CA TYR J 183 44.82 33.65 31.20
C TYR J 183 44.41 32.37 31.90
N MET J 184 43.62 31.53 31.22
CA MET J 184 43.16 30.27 31.79
C MET J 184 44.29 29.30 32.09
N LEU J 185 45.25 29.20 31.19
CA LEU J 185 46.39 28.32 31.43
C LEU J 185 47.35 29.05 32.36
N ASN J 186 46.93 30.24 32.81
CA ASN J 186 47.72 31.06 33.71
C ASN J 186 49.20 31.14 33.31
N ASN J 187 49.45 31.34 32.03
CA ASN J 187 50.80 31.43 31.50
C ASN J 187 50.78 32.29 30.23
N TRP J 188 51.43 33.45 30.27
CA TRP J 188 51.41 34.32 29.10
C TRP J 188 52.56 34.11 28.13
N SER J 189 53.18 32.94 28.17
CA SER J 189 54.28 32.67 27.27
C SER J 189 53.64 32.35 25.93
N GLY J 190 52.31 32.26 25.94
CA GLY J 190 51.57 31.94 24.74
C GLY J 190 51.55 33.05 23.70
N MET J 191 51.92 34.27 24.09
CA MET J 191 51.91 35.39 23.17
C MET J 191 52.96 36.42 23.51
N ASP J 192 53.23 37.30 22.55
CA ASP J 192 54.19 38.39 22.71
C ASP J 192 53.29 39.56 23.10
N MET J 193 52.98 39.64 24.39
CA MET J 193 52.09 40.67 24.92
C MET J 193 52.39 42.09 24.49
N LYS J 194 53.66 42.42 24.29
CA LYS J 194 54.03 43.76 23.88
C LYS J 194 53.42 44.04 22.50
N LYS J 195 53.61 43.11 21.57
CA LYS J 195 53.07 43.25 20.23
C LYS J 195 51.55 43.23 20.21
N ALA J 196 50.94 42.40 21.05
CA ALA J 196 49.49 42.31 21.13
C ALA J 196 48.90 43.66 21.55
N ILE J 197 49.49 44.24 22.61
CA ILE J 197 49.05 45.52 23.12
C ILE J 197 49.21 46.58 22.03
N SER J 198 50.28 46.48 21.27
CA SER J 198 50.50 47.43 20.19
C SER J 198 49.33 47.35 19.22
N TYR J 199 48.95 46.13 18.87
CA TYR J 199 47.84 45.92 17.94
C TYR J 199 46.55 46.54 18.48
N ILE J 200 46.24 46.23 19.73
CA ILE J 200 45.03 46.75 20.34
C ILE J 200 44.98 48.27 20.29
N ARG J 201 46.11 48.92 20.56
CA ARG J 201 46.16 50.38 20.53
C ARG J 201 45.93 50.90 19.12
N ARG J 202 46.66 50.34 18.17
CA ARG J 202 46.55 50.76 16.78
C ARG J 202 45.17 50.61 16.18
N SER J 203 44.31 49.87 16.86
CA SER J 203 42.96 49.65 16.36
C SER J 203 41.97 50.71 16.82
N MET J 204 42.41 51.62 17.68
CA MET J 204 41.49 52.64 18.14
C MET J 204 41.17 53.57 16.99
N SER J 205 39.90 53.87 16.80
CA SER J 205 39.43 54.72 15.72
C SER J 205 39.44 56.20 16.08
N TYR J 206 39.18 57.05 15.08
CA TYR J 206 39.14 58.48 15.27
C TYR J 206 37.93 58.81 16.15
N ASP J 207 36.92 57.95 16.13
CA ASP J 207 35.73 58.16 16.94
C ASP J 207 35.89 57.52 18.33
N ASN J 208 37.10 57.05 18.58
CA ASN J 208 37.47 56.49 19.87
C ASN J 208 37.04 55.08 20.22
N GLY J 209 36.36 54.40 19.32
CA GLY J 209 36.00 53.02 19.58
C GLY J 209 37.17 52.14 19.10
N LEU J 210 37.08 50.83 19.27
CA LEU J 210 38.13 49.94 18.80
C LEU J 210 37.58 49.14 17.63
N ALA J 211 38.38 48.97 16.58
CA ALA J 211 37.93 48.22 15.42
C ALA J 211 38.62 46.86 15.38
N GLN J 212 38.32 46.09 14.33
CA GLN J 212 38.92 44.77 14.16
C GLN J 212 40.43 44.88 13.90
N GLY J 213 40.82 46.03 13.39
CA GLY J 213 42.22 46.29 13.09
C GLY J 213 42.37 47.76 12.73
N ALA J 214 43.61 48.22 12.63
CA ALA J 214 43.88 49.62 12.30
C ALA J 214 43.14 50.11 11.06
N GLY J 215 42.57 51.31 11.17
CA GLY J 215 41.87 51.91 10.05
C GLY J 215 40.43 51.47 9.81
N LEU J 216 40.08 50.28 10.27
CA LEU J 216 38.72 49.79 10.10
C LEU J 216 37.75 50.55 11.01
N GLU J 217 36.47 50.38 10.74
CA GLU J 217 35.41 51.01 11.49
C GLU J 217 35.34 50.41 12.89
N SER J 218 35.38 51.28 13.91
CA SER J 218 35.30 50.82 15.29
C SER J 218 34.01 50.02 15.43
N HIS J 219 34.03 49.03 16.31
CA HIS J 219 32.88 48.16 16.46
C HIS J 219 32.73 47.60 17.88
N GLY J 220 31.48 47.45 18.32
CA GLY J 220 31.24 46.95 19.67
C GLY J 220 31.92 45.62 19.98
N GLY J 221 31.92 44.72 19.01
CA GLY J 221 32.55 43.41 19.20
C GLY J 221 34.05 43.51 19.40
N SER J 222 34.73 44.22 18.49
CA SER J 222 36.17 44.38 18.59
C SER J 222 36.57 45.23 19.81
N THR J 223 35.70 46.16 20.20
CA THR J 223 36.00 46.99 21.36
C THR J 223 35.99 46.10 22.59
N PHE J 224 35.01 45.20 22.69
CA PHE J 224 34.96 44.29 23.82
C PHE J 224 36.24 43.45 23.80
N CYS J 225 36.52 42.84 22.66
CA CYS J 225 37.71 42.01 22.54
C CYS J 225 38.97 42.73 22.97
N GLY J 226 39.13 43.97 22.51
CA GLY J 226 40.30 44.77 22.85
C GLY J 226 40.39 45.08 24.34
N ILE J 227 39.34 45.71 24.85
CA ILE J 227 39.29 46.06 26.27
C ILE J 227 39.42 44.83 27.16
N ALA J 228 38.61 43.82 26.92
CA ALA J 228 38.66 42.61 27.70
C ALA J 228 40.05 41.98 27.68
N SER J 229 40.72 42.02 26.55
CA SER J 229 42.06 41.42 26.47
C SER J 229 43.01 42.16 27.39
N LEU J 230 42.95 43.48 27.38
CA LEU J 230 43.83 44.27 28.22
C LEU J 230 43.53 43.96 29.69
N CYS J 231 42.25 43.89 30.04
CA CYS J 231 41.87 43.59 31.42
C CYS J 231 42.42 42.22 31.82
N LEU J 232 42.30 41.24 30.93
CA LEU J 232 42.81 39.92 31.24
C LEU J 232 44.32 39.95 31.47
N MET J 233 45.01 40.88 30.81
CA MET J 233 46.47 41.00 30.96
C MET J 233 46.74 41.94 32.13
N GLY J 234 45.68 42.53 32.67
CA GLY J 234 45.79 43.47 33.77
C GLY J 234 46.60 44.70 33.39
N LYS J 235 46.33 45.28 32.23
CA LYS J 235 47.08 46.44 31.77
C LYS J 235 46.20 47.52 31.18
N LEU J 236 44.93 47.51 31.51
CA LEU J 236 44.01 48.51 30.96
C LEU J 236 44.56 49.91 31.21
N GLU J 237 44.69 50.27 32.48
CA GLU J 237 45.17 51.57 32.88
C GLU J 237 46.56 51.91 32.35
N GLU J 238 47.38 50.89 32.19
CA GLU J 238 48.73 51.10 31.71
C GLU J 238 48.79 51.41 30.21
N VAL J 239 47.87 50.86 29.43
CA VAL J 239 47.87 51.07 27.99
C VAL J 239 47.15 52.32 27.52
N PHE J 240 46.01 52.63 28.13
CA PHE J 240 45.25 53.80 27.75
C PHE J 240 45.27 54.88 28.84
N SER J 241 45.45 56.13 28.42
CA SER J 241 45.49 57.24 29.36
C SER J 241 44.09 57.47 29.89
N GLU J 242 43.97 58.29 30.92
CA GLU J 242 42.66 58.59 31.49
C GLU J 242 41.81 59.28 30.44
N LYS J 243 42.44 60.17 29.67
CA LYS J 243 41.72 60.90 28.63
C LYS J 243 41.22 59.90 27.58
N GLU J 244 42.09 58.97 27.21
CA GLU J 244 41.73 57.95 26.22
C GLU J 244 40.59 57.09 26.74
N LEU J 245 40.73 56.60 27.97
CA LEU J 245 39.69 55.77 28.56
C LEU J 245 38.36 56.51 28.63
N ASN J 246 38.42 57.82 28.80
CA ASN J 246 37.18 58.60 28.87
C ASN J 246 36.51 58.65 27.51
N ARG J 247 37.32 58.71 26.46
CA ARG J 247 36.80 58.77 25.10
C ARG J 247 36.19 57.43 24.72
N ILE J 248 36.85 56.35 25.14
CA ILE J 248 36.39 54.99 24.89
C ILE J 248 35.07 54.77 25.60
N LYS J 249 35.00 55.19 26.85
CA LYS J 249 33.78 55.07 27.63
C LYS J 249 32.64 55.80 26.92
N ARG J 250 32.92 57.01 26.45
CA ARG J 250 31.90 57.77 25.77
C ARG J 250 31.39 57.04 24.54
N TRP J 251 32.31 56.41 23.81
CA TRP J 251 31.93 55.69 22.59
C TRP J 251 30.99 54.53 22.93
N CYS J 252 31.35 53.80 23.98
CA CYS J 252 30.56 52.66 24.41
C CYS J 252 29.19 53.04 24.93
N ILE J 253 29.16 53.92 25.91
CA ILE J 253 27.90 54.37 26.52
C ILE J 253 26.94 54.93 25.45
N MET J 254 27.48 55.41 24.33
CA MET J 254 26.63 55.95 23.27
C MET J 254 25.96 54.88 22.43
N ARG J 255 26.34 53.62 22.67
CA ARG J 255 25.78 52.49 21.93
C ARG J 255 24.37 52.13 22.37
N GLN J 256 23.98 52.55 23.57
CA GLN J 256 22.65 52.22 24.05
C GLN J 256 21.55 53.08 23.44
N GLN J 257 20.57 52.40 22.82
CA GLN J 257 19.45 53.07 22.18
C GLN J 257 18.25 52.72 23.04
N ASN J 258 18.28 51.50 23.56
CA ASN J 258 17.29 50.90 24.46
C ASN J 258 18.06 49.64 24.74
N GLY J 259 18.27 48.87 23.68
CA GLY J 259 19.09 47.69 23.78
C GLY J 259 20.39 48.29 23.26
N TYR J 260 21.32 47.49 22.78
CA TYR J 260 22.56 48.04 22.28
C TYR J 260 22.85 47.64 20.85
N HIS J 261 23.43 48.55 20.08
CA HIS J 261 23.82 48.24 18.71
C HIS J 261 25.35 48.14 18.70
N GLY J 262 25.94 47.55 17.66
CA GLY J 262 27.39 47.41 17.63
C GLY J 262 28.15 48.54 16.96
N ARG J 263 27.43 49.43 16.27
CA ARG J 263 28.03 50.55 15.55
C ARG J 263 27.02 51.67 15.42
N PRO J 264 27.49 52.92 15.37
CA PRO J 264 26.57 54.04 15.24
C PRO J 264 25.64 53.86 14.04
N ASN J 265 24.40 54.30 14.20
CA ASN J 265 23.39 54.20 13.13
C ASN J 265 23.08 52.78 12.66
N LYS J 266 23.27 51.80 13.55
CA LYS J 266 22.96 50.40 13.23
C LYS J 266 21.90 49.95 14.23
N PRO J 267 20.97 49.09 13.80
CA PRO J 267 19.90 48.58 14.66
C PRO J 267 20.43 47.79 15.86
N VAL J 268 19.72 47.85 17.00
CA VAL J 268 20.16 47.12 18.19
C VAL J 268 20.08 45.62 17.95
N ASP J 269 20.87 44.88 18.70
CA ASP J 269 20.97 43.42 18.58
C ASP J 269 21.20 42.91 20.00
N THR J 270 20.39 41.96 20.43
CA THR J 270 20.52 41.42 21.78
C THR J 270 21.95 41.11 22.25
N CYS J 271 22.75 40.45 21.43
CA CYS J 271 24.09 40.09 21.88
C CYS J 271 24.99 41.24 22.28
N TYR J 272 24.68 42.45 21.82
CA TYR J 272 25.48 43.62 22.18
C TYR J 272 25.26 44.08 23.61
N SER J 273 24.19 43.58 24.24
CA SER J 273 23.92 43.91 25.63
C SER J 273 25.04 43.28 26.43
N PHE J 274 25.72 42.30 25.84
CA PHE J 274 26.85 41.72 26.52
C PHE J 274 28.13 42.34 26.01
N TRP J 275 28.32 42.29 24.69
CA TRP J 275 29.53 42.84 24.06
C TRP J 275 29.85 44.24 24.57
N VAL J 276 28.89 45.15 24.45
CA VAL J 276 29.07 46.52 24.90
C VAL J 276 28.92 46.64 26.42
N GLY J 277 27.86 46.02 26.95
CA GLY J 277 27.62 46.06 28.38
C GLY J 277 28.81 45.59 29.18
N ALA J 278 29.41 44.48 28.76
CA ALA J 278 30.56 43.94 29.46
C ALA J 278 31.73 44.90 29.40
N THR J 279 31.83 45.65 28.29
CA THR J 279 32.93 46.59 28.16
C THR J 279 32.67 47.73 29.14
N LEU J 280 31.43 48.23 29.16
CA LEU J 280 31.08 49.30 30.08
C LEU J 280 31.34 48.84 31.52
N LYS J 281 31.08 47.57 31.79
CA LYS J 281 31.32 47.01 33.11
C LYS J 281 32.81 47.05 33.41
N LEU J 282 33.63 46.55 32.49
CA LEU J 282 35.06 46.57 32.70
C LEU J 282 35.57 48.01 32.90
N LEU J 283 34.90 48.97 32.28
CA LEU J 283 35.29 50.38 32.41
C LEU J 283 34.59 51.04 33.60
N LYS J 284 33.99 50.21 34.44
CA LYS J 284 33.30 50.65 35.64
C LYS J 284 32.24 51.73 35.48
N ILE J 285 31.51 51.73 34.38
CA ILE J 285 30.46 52.74 34.22
C ILE J 285 29.17 52.13 33.69
N PHE J 286 29.07 50.80 33.70
CA PHE J 286 27.85 50.16 33.23
C PHE J 286 26.70 50.62 34.13
N GLN J 287 27.06 50.90 35.38
CA GLN J 287 26.13 51.36 36.39
C GLN J 287 25.35 52.61 35.98
N TYR J 288 25.95 53.43 35.12
CA TYR J 288 25.30 54.68 34.69
C TYR J 288 24.42 54.53 33.47
N THR J 289 24.28 53.30 32.98
CA THR J 289 23.44 53.03 31.81
C THR J 289 22.01 52.87 32.28
N ASN J 290 21.06 52.90 31.35
CA ASN J 290 19.65 52.74 31.68
C ASN J 290 19.33 51.24 31.68
N PHE J 291 19.13 50.66 32.86
CA PHE J 291 18.84 49.22 32.98
C PHE J 291 17.49 48.76 32.44
N GLU J 292 16.44 49.48 32.80
CA GLU J 292 15.09 49.11 32.38
C GLU J 292 14.92 48.95 30.87
N LYS J 293 15.31 49.96 30.11
CA LYS J 293 15.17 49.89 28.67
C LYS J 293 15.96 48.73 28.06
N ASN J 294 17.15 48.47 28.61
CA ASN J 294 18.00 47.39 28.13
C ASN J 294 17.34 46.06 28.43
N ARG J 295 16.91 45.88 29.69
CA ARG J 295 16.25 44.65 30.10
C ARG J 295 14.97 44.43 29.29
N ASN J 296 14.20 45.50 29.12
CA ASN J 296 12.98 45.41 28.35
C ASN J 296 13.25 44.90 26.93
N TYR J 297 14.32 45.42 26.32
CA TYR J 297 14.65 45.00 24.96
C TYR J 297 15.06 43.54 24.91
N ILE J 298 16.04 43.16 25.74
CA ILE J 298 16.49 41.78 25.76
C ILE J 298 15.32 40.80 25.89
N LEU J 299 14.35 41.16 26.73
CA LEU J 299 13.21 40.30 26.93
C LEU J 299 12.29 40.29 25.71
N SER J 300 12.17 41.42 25.03
CA SER J 300 11.33 41.47 23.86
C SER J 300 11.80 40.50 22.78
N THR J 301 13.03 39.98 22.91
CA THR J 301 13.57 39.05 21.93
C THR J 301 13.58 37.61 22.46
N GLN J 302 12.92 37.40 23.60
CA GLN J 302 12.84 36.09 24.23
C GLN J 302 11.75 35.28 23.53
N ASP J 303 12.04 34.00 23.28
CA ASP J 303 11.04 33.13 22.63
C ASP J 303 10.32 32.37 23.73
N ARG J 304 9.12 32.85 24.06
CA ARG J 304 8.31 32.27 25.12
C ARG J 304 7.86 30.84 24.87
N LEU J 305 7.96 30.40 23.61
CA LEU J 305 7.53 29.07 23.25
C LEU J 305 8.68 28.06 23.30
N VAL J 306 9.74 28.31 22.54
CA VAL J 306 10.86 27.37 22.48
C VAL J 306 12.01 27.70 23.43
N GLY J 307 12.03 28.94 23.94
CA GLY J 307 13.10 29.34 24.84
C GLY J 307 14.21 30.06 24.09
N GLY J 308 15.24 30.48 24.83
CA GLY J 308 16.35 31.21 24.22
C GLY J 308 15.97 32.61 23.77
N PHE J 309 16.91 33.32 23.15
CA PHE J 309 16.66 34.68 22.66
C PHE J 309 17.13 34.81 21.21
N ALA J 310 16.64 35.85 20.55
CA ALA J 310 16.99 36.13 19.17
C ALA J 310 17.69 37.48 19.13
N LYS J 311 18.26 37.86 18.00
CA LYS J 311 18.92 39.15 17.95
C LYS J 311 17.88 40.25 17.98
N TRP J 312 16.76 40.03 17.30
CA TRP J 312 15.69 41.02 17.28
C TRP J 312 14.38 40.40 17.71
N PRO J 313 13.43 41.22 18.17
CA PRO J 313 12.14 40.69 18.59
C PRO J 313 11.42 40.07 17.40
N ASP J 314 10.58 39.06 17.65
CA ASP J 314 9.85 38.40 16.58
C ASP J 314 10.88 37.94 15.54
N SER J 315 11.81 37.12 16.01
CA SER J 315 12.89 36.59 15.19
C SER J 315 13.24 35.25 15.84
N HIS J 316 13.80 34.30 15.10
CA HIS J 316 14.10 32.99 15.68
C HIS J 316 15.29 33.00 16.61
N PRO J 317 15.17 32.30 17.75
CA PRO J 317 16.24 32.21 18.75
C PRO J 317 17.35 31.29 18.33
N ASP J 318 18.48 31.39 19.01
CA ASP J 318 19.64 30.55 18.72
C ASP J 318 20.56 30.54 19.93
N ALA J 319 21.48 29.57 19.96
CA ALA J 319 22.39 29.42 21.09
C ALA J 319 23.18 30.68 21.43
N LEU J 320 23.69 31.37 20.42
CA LEU J 320 24.48 32.57 20.67
C LEU J 320 23.68 33.66 21.35
N HIS J 321 22.57 34.07 20.76
CA HIS J 321 21.78 35.12 21.38
C HIS J 321 21.09 34.68 22.68
N ALA J 322 20.86 33.38 22.83
CA ALA J 322 20.26 32.89 24.05
C ALA J 322 21.30 33.11 25.14
N TYR J 323 22.54 32.68 24.89
CA TYR J 323 23.62 32.84 25.87
C TYR J 323 23.94 34.28 26.17
N PHE J 324 24.27 35.06 25.14
CA PHE J 324 24.61 36.45 25.34
C PHE J 324 23.46 37.27 25.87
N GLY J 325 22.23 36.89 25.52
CA GLY J 325 21.09 37.63 26.04
C GLY J 325 21.00 37.39 27.55
N ILE J 326 21.30 36.17 27.96
CA ILE J 326 21.27 35.83 29.38
C ILE J 326 22.42 36.57 30.07
N CYS J 327 23.62 36.51 29.52
CA CYS J 327 24.75 37.23 30.13
C CYS J 327 24.47 38.74 30.21
N GLY J 328 23.69 39.23 29.26
CA GLY J 328 23.34 40.65 29.25
C GLY J 328 22.48 40.94 30.45
N LEU J 329 21.53 40.05 30.71
CA LEU J 329 20.62 40.17 31.85
C LEU J 329 21.45 40.07 33.14
N SER J 330 22.42 39.16 33.14
CA SER J 330 23.30 38.93 34.28
C SER J 330 24.01 40.21 34.73
N LEU J 331 24.45 41.03 33.79
CA LEU J 331 25.15 42.28 34.10
C LEU J 331 24.32 43.25 34.95
N MET J 332 23.00 43.21 34.79
CA MET J 332 22.12 44.08 35.55
C MET J 332 21.56 43.31 36.73
N GLU J 333 22.23 42.21 37.06
CA GLU J 333 21.82 41.33 38.14
C GLU J 333 20.34 40.96 38.08
N GLU J 334 20.01 40.15 37.07
CA GLU J 334 18.65 39.69 36.87
C GLU J 334 18.44 38.58 37.88
N SER J 335 17.30 38.64 38.55
CA SER J 335 16.98 37.63 39.53
C SER J 335 16.96 36.24 38.90
N GLY J 336 17.81 35.35 39.42
CA GLY J 336 17.84 33.99 38.91
C GLY J 336 18.98 33.64 37.97
N ILE J 337 19.90 34.59 37.73
CA ILE J 337 21.02 34.34 36.84
C ILE J 337 22.34 34.67 37.55
N CYS J 338 23.25 33.70 37.63
CA CYS J 338 24.54 33.91 38.28
C CYS J 338 25.25 35.13 37.70
N LYS J 339 26.17 35.70 38.48
CA LYS J 339 26.92 36.87 38.04
C LYS J 339 28.00 36.40 37.06
N VAL J 340 28.21 37.16 36.00
CA VAL J 340 29.20 36.77 35.01
C VAL J 340 30.49 37.58 35.12
N HIS J 341 31.59 36.93 34.83
CA HIS J 341 32.90 37.57 34.85
C HIS J 341 33.06 38.21 33.47
N PRO J 342 32.72 39.51 33.36
CA PRO J 342 32.79 40.29 32.13
C PRO J 342 34.00 40.13 31.20
N ALA J 343 35.17 39.91 31.77
CA ALA J 343 36.34 39.77 30.92
C ALA J 343 36.58 38.36 30.39
N LEU J 344 36.30 37.36 31.21
CA LEU J 344 36.54 35.97 30.82
C LEU J 344 35.34 35.25 30.16
N ASN J 345 34.16 35.85 30.27
CA ASN J 345 32.96 35.31 29.67
C ASN J 345 32.51 33.96 30.25
N VAL J 346 32.63 33.82 31.57
CA VAL J 346 32.23 32.62 32.29
C VAL J 346 31.58 33.15 33.56
N SER J 347 30.86 32.31 34.29
CA SER J 347 30.22 32.74 35.52
C SER J 347 31.28 32.94 36.60
N THR J 348 31.07 33.92 37.48
CA THR J 348 32.03 34.20 38.55
C THR J 348 32.29 32.90 39.31
N ARG J 349 31.25 32.09 39.42
CA ARG J 349 31.36 30.79 40.08
C ARG J 349 32.52 30.06 39.40
N THR J 350 32.45 29.97 38.07
CA THR J 350 33.47 29.30 37.28
C THR J 350 34.81 30.04 37.28
N SER J 351 34.76 31.37 37.26
CA SER J 351 35.99 32.14 37.25
C SER J 351 36.78 31.81 38.51
N GLU J 352 36.08 31.83 39.65
CA GLU J 352 36.68 31.53 40.95
C GLU J 352 37.18 30.09 41.04
N ARG J 353 36.39 29.19 40.48
CA ARG J 353 36.76 27.78 40.47
C ARG J 353 38.09 27.68 39.71
N LEU J 354 38.30 28.61 38.78
CA LEU J 354 39.53 28.66 37.98
C LEU J 354 40.68 29.18 38.84
N ARG J 355 40.36 30.14 39.71
CA ARG J 355 41.36 30.73 40.60
C ARG J 355 41.99 29.62 41.44
N ASP J 356 41.14 28.75 41.98
CA ASP J 356 41.59 27.62 42.79
C ASP J 356 42.52 26.77 41.95
N LEU J 357 42.03 26.33 40.80
CA LEU J 357 42.84 25.52 39.91
C LEU J 357 44.24 26.13 39.79
N HIS J 358 44.30 27.45 39.68
CA HIS J 358 45.56 28.15 39.56
C HIS J 358 46.43 28.00 40.81
N GLN J 359 45.81 28.17 41.97
CA GLN J 359 46.50 28.02 43.25
C GLN J 359 47.04 26.59 43.31
N SER J 360 46.13 25.64 43.14
CA SER J 360 46.45 24.22 43.18
C SER J 360 47.66 23.90 42.30
N TRP J 361 48.05 24.85 41.45
CA TRP J 361 49.19 24.65 40.57
C TRP J 361 50.40 25.38 41.15
N LYS J 362 50.13 26.50 41.83
CA LYS J 362 51.18 27.31 42.44
C LYS J 362 51.97 26.52 43.48
N THR J 363 51.54 25.27 43.71
CA THR J 363 52.18 24.38 44.67
C THR J 363 52.62 23.08 44.00
N PHE K 55 -41.60 -76.06 -5.59
CA PHE K 55 -41.25 -77.49 -5.31
C PHE K 55 -40.11 -78.07 -6.15
N LEU K 56 -40.46 -78.66 -7.30
CA LEU K 56 -39.51 -79.30 -8.20
C LEU K 56 -38.55 -78.37 -8.92
N SER K 57 -37.34 -78.23 -8.37
CA SER K 57 -36.33 -77.34 -8.93
C SER K 57 -36.01 -77.58 -10.40
N LEU K 58 -35.77 -76.49 -11.13
CA LEU K 58 -35.46 -76.59 -12.54
C LEU K 58 -34.11 -77.27 -12.76
N ASP K 59 -33.29 -77.27 -11.73
CA ASP K 59 -31.97 -77.88 -11.79
C ASP K 59 -31.90 -79.21 -11.09
N SER K 60 -33.05 -79.69 -10.65
CA SER K 60 -33.16 -80.98 -9.95
C SER K 60 -32.87 -82.20 -10.83
N PRO K 61 -32.28 -83.25 -10.25
CA PRO K 61 -31.97 -84.45 -11.03
C PRO K 61 -33.23 -85.10 -11.58
N THR K 62 -34.31 -85.03 -10.81
CA THR K 62 -35.56 -85.62 -11.24
C THR K 62 -36.52 -84.63 -11.88
N TYR K 63 -36.01 -83.48 -12.31
CA TYR K 63 -36.88 -82.49 -12.95
C TYR K 63 -37.54 -83.11 -14.16
N VAL K 64 -38.79 -82.78 -14.39
CA VAL K 64 -39.54 -83.33 -15.52
C VAL K 64 -40.21 -82.24 -16.33
N LEU K 65 -39.99 -82.26 -17.65
CA LEU K 65 -40.61 -81.26 -18.49
C LEU K 65 -42.10 -81.25 -18.22
N TYR K 66 -42.73 -80.10 -18.40
CA TYR K 66 -44.17 -79.98 -18.15
C TYR K 66 -44.95 -80.83 -19.13
N ARG K 67 -44.42 -81.00 -20.33
CA ARG K 67 -45.12 -81.79 -21.33
C ARG K 67 -45.23 -83.25 -20.90
N ASP K 68 -44.35 -83.67 -20.00
CA ASP K 68 -44.36 -85.05 -19.53
C ASP K 68 -44.96 -85.16 -18.14
N ARG K 69 -45.61 -84.12 -17.67
CA ARG K 69 -46.21 -84.18 -16.34
C ARG K 69 -47.69 -84.52 -16.44
N ALA K 70 -48.10 -85.44 -15.57
CA ALA K 70 -49.48 -85.90 -15.53
C ALA K 70 -50.44 -84.76 -15.22
N GLU K 71 -50.15 -84.00 -14.15
CA GLU K 71 -50.99 -82.89 -13.72
C GLU K 71 -51.27 -81.92 -14.85
N TRP K 72 -50.40 -81.85 -15.84
CA TRP K 72 -50.58 -80.93 -16.95
C TRP K 72 -51.08 -81.60 -18.23
N ALA K 73 -51.39 -82.89 -18.15
CA ALA K 73 -51.85 -83.64 -19.31
C ALA K 73 -53.01 -83.02 -20.08
N ASP K 74 -53.92 -82.38 -19.37
CA ASP K 74 -55.11 -81.80 -19.99
C ASP K 74 -54.93 -80.49 -20.72
N ILE K 75 -53.81 -79.82 -20.49
CA ILE K 75 -53.54 -78.52 -21.12
C ILE K 75 -52.68 -78.64 -22.35
N ASP K 76 -53.06 -77.95 -23.42
CA ASP K 76 -52.26 -77.96 -24.65
C ASP K 76 -51.26 -76.80 -24.67
N PRO K 77 -49.96 -77.10 -24.68
CA PRO K 77 -48.97 -76.00 -24.71
C PRO K 77 -49.15 -75.08 -25.92
N VAL K 78 -48.98 -73.78 -25.68
CA VAL K 78 -49.11 -72.78 -26.74
C VAL K 78 -47.71 -72.30 -27.13
N PRO K 79 -47.31 -72.55 -28.37
CA PRO K 79 -45.99 -72.13 -28.85
C PRO K 79 -46.00 -70.68 -29.27
N GLN K 80 -44.82 -70.09 -29.33
CA GLN K 80 -44.70 -68.71 -29.75
C GLN K 80 -44.26 -68.70 -31.22
N ASN K 81 -44.85 -67.83 -32.04
CA ASN K 81 -44.43 -67.78 -33.44
C ASN K 81 -44.18 -66.37 -34.00
N ASP K 82 -42.94 -66.15 -34.42
CA ASP K 82 -42.51 -64.87 -34.96
C ASP K 82 -42.70 -64.82 -36.49
N GLY K 83 -43.56 -65.69 -36.99
CA GLY K 83 -43.83 -65.71 -38.41
C GLY K 83 -42.68 -66.17 -39.28
N PRO K 84 -42.83 -66.03 -40.61
CA PRO K 84 -41.86 -66.42 -41.63
C PRO K 84 -40.43 -66.01 -41.35
N SER K 85 -40.21 -64.71 -41.23
CA SER K 85 -38.87 -64.16 -41.00
C SER K 85 -38.75 -63.47 -39.66
N PRO K 86 -38.31 -64.19 -38.62
CA PRO K 86 -38.16 -63.58 -37.29
C PRO K 86 -36.98 -62.59 -37.18
N VAL K 87 -37.16 -61.58 -36.34
CA VAL K 87 -36.15 -60.55 -36.11
C VAL K 87 -35.70 -60.57 -34.66
N VAL K 88 -34.39 -60.42 -34.43
CA VAL K 88 -33.81 -60.41 -33.09
C VAL K 88 -34.35 -61.59 -32.28
N GLN K 89 -34.35 -62.74 -32.91
CA GLN K 89 -34.84 -63.94 -32.28
C GLN K 89 -33.86 -64.55 -31.29
N ILE K 90 -34.41 -64.91 -30.14
CA ILE K 90 -33.61 -65.52 -29.08
C ILE K 90 -33.82 -67.02 -29.12
N ILE K 91 -32.73 -67.77 -29.14
CA ILE K 91 -32.82 -69.23 -29.16
C ILE K 91 -33.02 -69.76 -27.74
N TYR K 92 -34.02 -70.62 -27.58
CA TYR K 92 -34.33 -71.16 -26.26
C TYR K 92 -34.10 -72.65 -26.10
N SER K 93 -33.60 -73.02 -24.93
CA SER K 93 -33.34 -74.41 -24.59
C SER K 93 -34.67 -75.15 -24.48
N GLU K 94 -34.62 -76.47 -24.45
CA GLU K 94 -35.83 -77.27 -24.34
C GLU K 94 -36.61 -76.93 -23.08
N LYS K 95 -35.89 -76.85 -21.96
CA LYS K 95 -36.49 -76.54 -20.67
C LYS K 95 -37.16 -75.18 -20.68
N PHE K 96 -36.43 -74.17 -21.16
CA PHE K 96 -36.96 -72.82 -21.22
C PHE K 96 -38.26 -72.79 -22.03
N ARG K 97 -38.17 -73.18 -23.30
CA ARG K 97 -39.31 -73.20 -24.19
C ARG K 97 -40.48 -73.97 -23.59
N ASP K 98 -40.17 -75.05 -22.89
CA ASP K 98 -41.18 -75.88 -22.26
C ASP K 98 -41.98 -75.08 -21.21
N VAL K 99 -41.29 -74.53 -20.20
CA VAL K 99 -41.93 -73.75 -19.17
C VAL K 99 -42.83 -72.68 -19.78
N TYR K 100 -42.29 -71.91 -20.71
CA TYR K 100 -43.07 -70.85 -21.31
C TYR K 100 -44.20 -71.29 -22.22
N ASP K 101 -44.07 -72.45 -22.85
CA ASP K 101 -45.15 -72.89 -23.74
C ASP K 101 -46.37 -73.19 -22.86
N TYR K 102 -46.12 -73.61 -21.64
CA TYR K 102 -47.21 -73.90 -20.72
C TYR K 102 -47.70 -72.61 -20.05
N PHE K 103 -46.78 -71.67 -19.85
CA PHE K 103 -47.16 -70.39 -19.27
C PHE K 103 -48.16 -69.73 -20.22
N ARG K 104 -47.83 -69.69 -21.50
CA ARG K 104 -48.72 -69.10 -22.50
C ARG K 104 -50.08 -69.76 -22.45
N ALA K 105 -50.07 -71.09 -22.32
CA ALA K 105 -51.29 -71.87 -22.24
C ALA K 105 -52.16 -71.39 -21.07
N VAL K 106 -51.59 -71.41 -19.87
CA VAL K 106 -52.30 -70.97 -18.69
C VAL K 106 -52.78 -69.51 -18.80
N LEU K 107 -51.93 -68.64 -19.33
CA LEU K 107 -52.30 -67.22 -19.50
C LEU K 107 -53.51 -67.09 -20.40
N GLN K 108 -53.40 -67.66 -21.59
CA GLN K 108 -54.47 -67.61 -22.58
C GLN K 108 -55.82 -67.99 -22.00
N ARG K 109 -55.82 -68.94 -21.06
CA ARG K 109 -57.04 -69.40 -20.43
C ARG K 109 -57.33 -68.69 -19.12
N ASP K 110 -56.49 -67.73 -18.75
CA ASP K 110 -56.64 -67.00 -17.51
C ASP K 110 -56.94 -67.98 -16.37
N GLU K 111 -56.26 -69.12 -16.38
CA GLU K 111 -56.46 -70.14 -15.36
C GLU K 111 -55.92 -69.72 -13.99
N ARG K 112 -56.82 -69.48 -13.04
CA ARG K 112 -56.41 -69.08 -11.70
C ARG K 112 -56.13 -70.29 -10.81
N SER K 113 -55.36 -71.24 -11.30
CA SER K 113 -55.06 -72.44 -10.53
C SER K 113 -53.84 -72.35 -9.64
N GLU K 114 -53.69 -73.35 -8.78
CA GLU K 114 -52.56 -73.41 -7.87
C GLU K 114 -51.35 -73.93 -8.65
N ARG K 115 -51.60 -74.71 -9.70
CA ARG K 115 -50.50 -75.22 -10.49
C ARG K 115 -49.92 -74.08 -11.32
N ALA K 116 -50.77 -73.13 -11.70
CA ALA K 116 -50.35 -71.98 -12.49
C ALA K 116 -49.44 -71.14 -11.61
N PHE K 117 -49.87 -70.90 -10.38
CA PHE K 117 -49.07 -70.13 -9.45
C PHE K 117 -47.65 -70.66 -9.37
N LYS K 118 -47.52 -71.99 -9.27
CA LYS K 118 -46.20 -72.61 -9.19
C LYS K 118 -45.45 -72.46 -10.52
N LEU K 119 -46.18 -72.53 -11.62
CA LEU K 119 -45.57 -72.39 -12.93
C LEU K 119 -44.88 -71.02 -13.06
N THR K 120 -45.48 -69.99 -12.46
CA THR K 120 -44.89 -68.66 -12.53
C THR K 120 -43.52 -68.63 -11.87
N ARG K 121 -43.37 -69.37 -10.77
CA ARG K 121 -42.09 -69.39 -10.06
C ARG K 121 -40.97 -69.83 -10.99
N ASP K 122 -41.30 -70.76 -11.89
CA ASP K 122 -40.33 -71.27 -12.84
C ASP K 122 -40.07 -70.27 -13.96
N ALA K 123 -41.14 -69.61 -14.41
CA ALA K 123 -41.04 -68.62 -15.47
C ALA K 123 -40.21 -67.45 -14.98
N ILE K 124 -40.40 -67.09 -13.72
CA ILE K 124 -39.66 -65.99 -13.14
C ILE K 124 -38.20 -66.37 -12.99
N GLU K 125 -37.92 -67.61 -12.63
CA GLU K 125 -36.53 -68.05 -12.49
C GLU K 125 -35.83 -67.99 -13.84
N LEU K 126 -36.56 -68.35 -14.89
CA LEU K 126 -36.03 -68.32 -16.25
C LEU K 126 -35.88 -66.89 -16.79
N ASN K 127 -36.73 -65.97 -16.34
CA ASN K 127 -36.65 -64.59 -16.79
C ASN K 127 -37.48 -63.63 -15.93
N ALA K 128 -36.86 -63.08 -14.89
CA ALA K 128 -37.57 -62.18 -14.00
C ALA K 128 -37.90 -60.81 -14.62
N ALA K 129 -37.58 -60.63 -15.89
CA ALA K 129 -37.86 -59.36 -16.53
C ALA K 129 -39.18 -59.37 -17.27
N ASN K 130 -39.83 -60.53 -17.32
CA ASN K 130 -41.10 -60.62 -18.00
C ASN K 130 -42.20 -60.03 -17.11
N TYR K 131 -42.53 -58.77 -17.35
CA TYR K 131 -43.54 -58.07 -16.57
C TYR K 131 -44.91 -58.73 -16.58
N THR K 132 -45.24 -59.44 -17.66
CA THR K 132 -46.55 -60.11 -17.74
C THR K 132 -46.61 -61.23 -16.73
N VAL K 133 -45.50 -61.96 -16.60
CA VAL K 133 -45.45 -63.05 -15.64
C VAL K 133 -45.74 -62.52 -14.24
N TRP K 134 -45.07 -61.45 -13.86
CA TRP K 134 -45.27 -60.87 -12.53
C TRP K 134 -46.70 -60.39 -12.33
N HIS K 135 -47.30 -59.83 -13.38
CA HIS K 135 -48.67 -59.35 -13.27
C HIS K 135 -49.58 -60.52 -12.97
N PHE K 136 -49.50 -61.55 -13.80
CA PHE K 136 -50.31 -62.74 -13.64
C PHE K 136 -50.09 -63.34 -12.25
N ARG K 137 -48.84 -63.37 -11.81
CA ARG K 137 -48.54 -63.90 -10.50
C ARG K 137 -49.28 -63.10 -9.42
N ARG K 138 -49.40 -61.79 -9.62
CA ARG K 138 -50.10 -60.95 -8.65
C ARG K 138 -51.58 -61.28 -8.69
N VAL K 139 -52.09 -61.52 -9.90
CA VAL K 139 -53.49 -61.87 -10.07
C VAL K 139 -53.77 -63.13 -9.25
N LEU K 140 -52.91 -64.12 -9.39
CA LEU K 140 -53.05 -65.38 -8.67
C LEU K 140 -52.90 -65.17 -7.17
N LEU K 141 -51.97 -64.31 -6.78
CA LEU K 141 -51.77 -64.05 -5.36
C LEU K 141 -53.09 -63.67 -4.72
N ARG K 142 -53.89 -62.89 -5.44
CA ARG K 142 -55.19 -62.45 -4.93
C ARG K 142 -56.21 -63.60 -5.03
N SER K 143 -56.44 -64.10 -6.25
CA SER K 143 -57.39 -65.19 -6.45
C SER K 143 -57.21 -66.31 -5.43
N LEU K 144 -56.02 -66.90 -5.39
CA LEU K 144 -55.75 -67.97 -4.46
C LEU K 144 -55.55 -67.50 -3.03
N GLN K 145 -55.73 -66.21 -2.79
CA GLN K 145 -55.55 -65.64 -1.46
C GLN K 145 -54.32 -66.20 -0.76
N LYS K 146 -53.16 -66.09 -1.43
CA LYS K 146 -51.91 -66.59 -0.90
C LYS K 146 -51.40 -65.72 0.24
N ASP K 147 -50.56 -66.30 1.09
CA ASP K 147 -49.97 -65.58 2.21
C ASP K 147 -49.00 -64.54 1.69
N LEU K 148 -49.35 -63.27 1.80
CA LEU K 148 -48.49 -62.20 1.30
C LEU K 148 -47.20 -62.05 2.08
N GLN K 149 -47.20 -62.44 3.34
CA GLN K 149 -45.98 -62.31 4.13
C GLN K 149 -44.93 -63.26 3.58
N GLU K 150 -45.41 -64.35 3.00
CA GLU K 150 -44.54 -65.34 2.40
C GLU K 150 -43.95 -64.77 1.12
N GLU K 151 -44.81 -64.14 0.32
CA GLU K 151 -44.40 -63.52 -0.93
C GLU K 151 -43.33 -62.47 -0.66
N MET K 152 -43.45 -61.75 0.45
CA MET K 152 -42.45 -60.75 0.80
C MET K 152 -41.08 -61.39 0.95
N ASN K 153 -41.02 -62.62 1.43
CA ASN K 153 -39.74 -63.28 1.57
C ASN K 153 -39.24 -63.59 0.17
N TYR K 154 -40.13 -64.16 -0.63
CA TYR K 154 -39.81 -64.52 -2.00
C TYR K 154 -39.19 -63.35 -2.75
N ILE K 155 -39.90 -62.24 -2.81
CA ILE K 155 -39.42 -61.06 -3.52
C ILE K 155 -38.14 -60.49 -2.89
N ILE K 156 -37.99 -60.62 -1.59
CA ILE K 156 -36.78 -60.11 -0.95
C ILE K 156 -35.57 -60.86 -1.48
N ALA K 157 -35.71 -62.16 -1.68
CA ALA K 157 -34.62 -62.99 -2.19
C ALA K 157 -34.34 -62.63 -3.63
N ILE K 158 -35.39 -62.54 -4.44
CA ILE K 158 -35.29 -62.22 -5.85
C ILE K 158 -34.55 -60.90 -6.07
N ILE K 159 -35.00 -59.85 -5.39
CA ILE K 159 -34.39 -58.54 -5.55
C ILE K 159 -32.91 -58.54 -5.17
N GLU K 160 -32.53 -59.32 -4.18
CA GLU K 160 -31.13 -59.36 -3.78
C GLU K 160 -30.29 -59.89 -4.93
N GLU K 161 -30.84 -60.83 -5.67
CA GLU K 161 -30.15 -61.42 -6.81
C GLU K 161 -30.18 -60.51 -8.03
N GLN K 162 -31.22 -59.67 -8.14
CA GLN K 162 -31.35 -58.78 -9.28
C GLN K 162 -31.81 -57.41 -8.84
N PRO K 163 -30.94 -56.68 -8.16
CA PRO K 163 -31.24 -55.33 -7.66
C PRO K 163 -31.46 -54.23 -8.69
N LYS K 164 -31.27 -54.54 -9.97
CA LYS K 164 -31.45 -53.51 -10.99
C LYS K 164 -32.58 -53.84 -11.96
N ASN K 165 -33.47 -54.73 -11.52
CA ASN K 165 -34.61 -55.15 -12.32
C ASN K 165 -35.84 -54.31 -11.97
N TYR K 166 -36.38 -53.59 -12.94
CA TYR K 166 -37.56 -52.76 -12.72
C TYR K 166 -38.78 -53.54 -12.20
N GLN K 167 -39.10 -54.65 -12.85
CA GLN K 167 -40.25 -55.46 -12.47
C GLN K 167 -40.29 -55.97 -11.03
N VAL K 168 -39.14 -56.34 -10.49
CA VAL K 168 -39.09 -56.84 -9.12
C VAL K 168 -39.33 -55.75 -8.06
N TRP K 169 -38.84 -54.54 -8.30
CA TRP K 169 -39.05 -53.48 -7.33
C TRP K 169 -40.50 -53.03 -7.36
N HIS K 170 -41.12 -53.15 -8.52
CA HIS K 170 -42.51 -52.77 -8.69
C HIS K 170 -43.37 -53.75 -7.92
N HIS K 171 -43.06 -55.03 -8.08
CA HIS K 171 -43.78 -56.09 -7.39
C HIS K 171 -43.69 -55.86 -5.88
N ARG K 172 -42.50 -55.58 -5.37
CA ARG K 172 -42.35 -55.35 -3.93
C ARG K 172 -43.17 -54.16 -3.47
N ARG K 173 -43.21 -53.10 -4.28
CA ARG K 173 -43.98 -51.93 -3.92
C ARG K 173 -45.47 -52.23 -3.85
N VAL K 174 -45.97 -53.01 -4.79
CA VAL K 174 -47.36 -53.39 -4.79
C VAL K 174 -47.70 -54.19 -3.53
N LEU K 175 -46.84 -55.11 -3.15
CA LEU K 175 -47.05 -55.91 -1.95
C LEU K 175 -47.10 -55.06 -0.70
N VAL K 176 -46.16 -54.13 -0.58
CA VAL K 176 -46.14 -53.27 0.59
C VAL K 176 -47.42 -52.47 0.67
N GLU K 177 -47.95 -52.03 -0.48
CA GLU K 177 -49.20 -51.29 -0.51
C GLU K 177 -50.32 -52.20 -0.02
N TRP K 178 -50.36 -53.43 -0.53
CA TRP K 178 -51.37 -54.40 -0.12
C TRP K 178 -51.36 -54.63 1.39
N LEU K 179 -50.20 -54.95 1.95
CA LEU K 179 -50.09 -55.22 3.36
C LEU K 179 -50.17 -53.97 4.23
N LYS K 180 -49.99 -52.79 3.61
CA LYS K 180 -49.97 -51.54 4.37
C LYS K 180 -48.98 -51.69 5.52
N ASP K 181 -47.96 -52.51 5.29
CA ASP K 181 -46.91 -52.80 6.27
C ASP K 181 -45.53 -52.38 5.78
N PRO K 182 -44.96 -51.30 6.34
CA PRO K 182 -43.64 -50.89 5.87
C PRO K 182 -42.56 -51.30 6.85
N SER K 183 -42.97 -52.02 7.89
CA SER K 183 -42.10 -52.45 8.96
C SER K 183 -40.72 -52.97 8.60
N GLN K 184 -40.58 -53.64 7.46
CA GLN K 184 -39.26 -54.16 7.11
C GLN K 184 -38.58 -53.48 5.93
N GLU K 185 -39.20 -52.45 5.37
CA GLU K 185 -38.64 -51.76 4.23
C GLU K 185 -37.33 -51.03 4.43
N LEU K 186 -37.26 -50.11 5.37
CA LEU K 186 -36.02 -49.35 5.56
C LEU K 186 -34.79 -50.22 5.76
N GLU K 187 -34.92 -51.32 6.50
CA GLU K 187 -33.79 -52.19 6.75
C GLU K 187 -33.39 -52.97 5.50
N PHE K 188 -34.37 -53.42 4.75
CA PHE K 188 -34.13 -54.17 3.52
C PHE K 188 -33.36 -53.30 2.54
N ILE K 189 -33.87 -52.10 2.31
CA ILE K 189 -33.24 -51.16 1.39
C ILE K 189 -31.82 -50.86 1.82
N ALA K 190 -31.62 -50.70 3.12
CA ALA K 190 -30.29 -50.41 3.63
C ALA K 190 -29.32 -51.54 3.25
N ASP K 191 -29.79 -52.77 3.23
CA ASP K 191 -28.95 -53.90 2.85
C ASP K 191 -28.62 -53.83 1.38
N ILE K 192 -29.63 -53.59 0.56
CA ILE K 192 -29.41 -53.49 -0.88
C ILE K 192 -28.43 -52.34 -1.15
N LEU K 193 -28.58 -51.24 -0.41
CA LEU K 193 -27.69 -50.10 -0.58
C LEU K 193 -26.29 -50.43 -0.09
N ASN K 194 -26.10 -51.64 0.40
CA ASN K 194 -24.78 -52.04 0.86
C ASN K 194 -24.01 -52.64 -0.28
N GLN K 195 -24.69 -53.25 -1.24
CA GLN K 195 -24.00 -53.82 -2.36
C GLN K 195 -23.90 -52.78 -3.49
N ASP K 196 -24.49 -51.61 -3.25
CA ASP K 196 -24.47 -50.49 -4.21
C ASP K 196 -25.17 -49.32 -3.58
N ALA K 197 -24.39 -48.41 -2.99
CA ALA K 197 -24.94 -47.24 -2.33
C ALA K 197 -25.57 -46.21 -3.24
N LYS K 198 -25.60 -46.47 -4.54
CA LYS K 198 -26.19 -45.50 -5.48
C LYS K 198 -27.27 -46.11 -6.35
N ASN K 199 -27.71 -47.31 -5.99
CA ASN K 199 -28.75 -48.00 -6.76
C ASN K 199 -29.98 -47.09 -6.83
N TYR K 200 -30.29 -46.59 -8.01
CA TYR K 200 -31.43 -45.70 -8.16
C TYR K 200 -32.76 -46.35 -7.74
N HIS K 201 -32.92 -47.62 -8.09
CA HIS K 201 -34.14 -48.36 -7.75
C HIS K 201 -34.33 -48.37 -6.24
N ALA K 202 -33.25 -48.60 -5.50
CA ALA K 202 -33.29 -48.64 -4.05
C ALA K 202 -33.69 -47.30 -3.44
N TRP K 203 -33.02 -46.23 -3.87
CA TRP K 203 -33.32 -44.92 -3.32
C TRP K 203 -34.73 -44.48 -3.67
N GLN K 204 -35.21 -44.88 -4.85
CA GLN K 204 -36.54 -44.52 -5.26
C GLN K 204 -37.55 -45.20 -4.34
N HIS K 205 -37.34 -46.49 -4.11
CA HIS K 205 -38.23 -47.26 -3.26
C HIS K 205 -38.16 -46.72 -1.85
N ARG K 206 -36.97 -46.34 -1.40
CA ARG K 206 -36.82 -45.80 -0.05
C ARG K 206 -37.64 -44.54 0.14
N GLN K 207 -37.57 -43.63 -0.83
CA GLN K 207 -38.33 -42.39 -0.73
C GLN K 207 -39.82 -42.66 -0.75
N TRP K 208 -40.25 -43.65 -1.51
CA TRP K 208 -41.66 -43.96 -1.58
C TRP K 208 -42.16 -44.41 -0.21
N VAL K 209 -41.47 -45.39 0.36
CA VAL K 209 -41.85 -45.90 1.67
C VAL K 209 -41.89 -44.78 2.69
N ILE K 210 -40.79 -44.04 2.80
CA ILE K 210 -40.73 -42.96 3.77
C ILE K 210 -41.88 -41.97 3.61
N GLN K 211 -42.20 -41.60 2.39
CA GLN K 211 -43.27 -40.65 2.16
C GLN K 211 -44.64 -41.23 2.41
N GLU K 212 -44.90 -42.41 1.86
CA GLU K 212 -46.17 -43.10 1.99
C GLU K 212 -46.59 -43.44 3.42
N PHE K 213 -45.64 -43.84 4.24
CA PHE K 213 -45.96 -44.20 5.61
C PHE K 213 -45.41 -43.22 6.63
N ARG K 214 -45.05 -42.03 6.16
CA ARG K 214 -44.50 -40.96 6.99
C ARG K 214 -43.45 -41.47 8.01
N LEU K 215 -42.35 -42.00 7.50
CA LEU K 215 -41.28 -42.54 8.33
C LEU K 215 -40.03 -41.65 8.30
N TRP K 216 -40.17 -40.36 8.59
CA TRP K 216 -39.03 -39.45 8.54
C TRP K 216 -38.13 -39.49 9.77
N ASP K 217 -38.73 -39.76 10.93
CA ASP K 217 -38.01 -39.83 12.19
C ASP K 217 -36.53 -40.15 12.22
N ASN K 218 -36.10 -41.17 11.49
CA ASN K 218 -34.68 -41.55 11.55
C ASN K 218 -33.87 -41.41 10.28
N GLU K 219 -34.48 -40.88 9.22
CA GLU K 219 -33.77 -40.77 7.97
C GLU K 219 -32.60 -39.78 8.00
N LEU K 220 -32.80 -38.60 8.56
CA LEU K 220 -31.69 -37.63 8.61
C LEU K 220 -30.46 -38.23 9.28
N GLN K 221 -30.68 -39.17 10.18
CA GLN K 221 -29.59 -39.81 10.89
C GLN K 221 -28.91 -40.82 9.96
N TYR K 222 -29.72 -41.54 9.20
CA TYR K 222 -29.22 -42.53 8.24
C TYR K 222 -28.34 -41.80 7.23
N VAL K 223 -28.82 -40.63 6.80
CA VAL K 223 -28.12 -39.81 5.86
C VAL K 223 -26.76 -39.43 6.43
N ASP K 224 -26.74 -38.89 7.64
CA ASP K 224 -25.48 -38.49 8.28
C ASP K 224 -24.47 -39.62 8.34
N GLN K 225 -24.97 -40.83 8.56
CA GLN K 225 -24.13 -42.01 8.65
C GLN K 225 -23.51 -42.37 7.29
N LEU K 226 -24.32 -42.35 6.23
CA LEU K 226 -23.84 -42.69 4.91
C LEU K 226 -22.89 -41.63 4.36
N LEU K 227 -23.11 -40.37 4.71
CA LEU K 227 -22.24 -39.31 4.24
C LEU K 227 -20.87 -39.43 4.88
N LYS K 228 -20.79 -40.20 5.97
CA LYS K 228 -19.52 -40.42 6.65
C LYS K 228 -18.81 -41.54 5.93
N GLU K 229 -19.57 -42.51 5.43
CA GLU K 229 -19.00 -43.65 4.71
C GLU K 229 -18.46 -43.23 3.34
N ASP K 230 -19.06 -42.19 2.77
CA ASP K 230 -18.67 -41.70 1.45
C ASP K 230 -19.33 -40.36 1.18
N VAL K 231 -18.64 -39.29 1.53
CA VAL K 231 -19.13 -37.94 1.35
C VAL K 231 -19.37 -37.56 -0.10
N ARG K 232 -18.92 -38.39 -1.03
CA ARG K 232 -19.11 -38.11 -2.44
C ARG K 232 -20.34 -38.77 -3.04
N ASN K 233 -21.11 -39.49 -2.23
CA ASN K 233 -22.30 -40.15 -2.73
C ASN K 233 -23.43 -39.14 -2.97
N ASN K 234 -23.60 -38.78 -4.23
CA ASN K 234 -24.61 -37.81 -4.62
C ASN K 234 -26.02 -38.22 -4.20
N SER K 235 -26.30 -39.53 -4.20
CA SER K 235 -27.62 -40.02 -3.82
C SER K 235 -27.99 -39.69 -2.38
N VAL K 236 -26.99 -39.72 -1.50
CA VAL K 236 -27.20 -39.42 -0.10
C VAL K 236 -27.44 -37.92 0.11
N TRP K 237 -26.72 -37.09 -0.63
CA TRP K 237 -26.95 -35.65 -0.51
C TRP K 237 -28.38 -35.34 -0.96
N ASN K 238 -28.88 -36.07 -1.96
CA ASN K 238 -30.23 -35.83 -2.42
C ASN K 238 -31.16 -36.29 -1.33
N GLN K 239 -30.86 -37.43 -0.73
CA GLN K 239 -31.71 -37.93 0.34
C GLN K 239 -31.78 -36.93 1.48
N ARG K 240 -30.66 -36.29 1.76
CA ARG K 240 -30.65 -35.32 2.84
C ARG K 240 -31.64 -34.20 2.55
N HIS K 241 -31.57 -33.64 1.35
CA HIS K 241 -32.48 -32.56 0.98
C HIS K 241 -33.93 -33.05 1.01
N PHE K 242 -34.12 -34.31 0.59
CA PHE K 242 -35.44 -34.93 0.57
C PHE K 242 -36.03 -34.88 1.96
N VAL K 243 -35.28 -35.36 2.95
CA VAL K 243 -35.74 -35.39 4.33
C VAL K 243 -36.05 -34.03 4.90
N ILE K 244 -35.07 -33.14 4.85
CA ILE K 244 -35.24 -31.82 5.39
C ILE K 244 -36.39 -31.04 4.78
N SER K 245 -36.44 -30.96 3.46
CA SER K 245 -37.51 -30.18 2.83
C SER K 245 -38.88 -30.78 3.05
N ASN K 246 -38.95 -32.02 3.49
CA ASN K 246 -40.23 -32.66 3.73
C ASN K 246 -40.57 -32.71 5.21
N THR K 247 -39.78 -32.03 6.03
CA THR K 247 -40.05 -32.00 7.45
C THR K 247 -39.96 -30.56 7.93
N THR K 248 -38.82 -30.16 8.46
CA THR K 248 -38.65 -28.79 8.94
C THR K 248 -38.64 -27.75 7.82
N GLY K 249 -38.15 -28.12 6.65
CA GLY K 249 -38.10 -27.16 5.56
C GLY K 249 -36.85 -26.33 5.77
N TYR K 250 -36.56 -25.41 4.85
CA TYR K 250 -35.35 -24.61 5.01
C TYR K 250 -35.65 -23.16 5.41
N SER K 251 -36.92 -22.85 5.64
CA SER K 251 -37.29 -21.49 6.00
C SER K 251 -36.84 -21.14 7.40
N ASP K 252 -36.75 -22.15 8.26
CA ASP K 252 -36.28 -21.89 9.62
C ASP K 252 -34.81 -21.50 9.56
N ARG K 253 -34.52 -20.21 9.68
CA ARG K 253 -33.14 -19.73 9.63
C ARG K 253 -32.20 -20.56 10.50
N ALA K 254 -32.75 -21.18 11.53
CA ALA K 254 -31.94 -21.99 12.41
C ALA K 254 -31.48 -23.21 11.63
N VAL K 255 -32.40 -23.81 10.88
CA VAL K 255 -32.09 -24.99 10.10
C VAL K 255 -31.17 -24.64 8.94
N LEU K 256 -31.54 -23.59 8.19
CA LEU K 256 -30.74 -23.16 7.06
C LEU K 256 -29.29 -23.00 7.49
N GLU K 257 -29.09 -22.34 8.62
CA GLU K 257 -27.74 -22.14 9.14
C GLU K 257 -27.07 -23.47 9.47
N ARG K 258 -27.78 -24.34 10.20
CA ARG K 258 -27.22 -25.63 10.55
C ARG K 258 -26.73 -26.36 9.30
N GLU K 259 -27.56 -26.34 8.27
CA GLU K 259 -27.23 -27.01 7.03
C GLU K 259 -26.08 -26.36 6.27
N VAL K 260 -26.10 -25.04 6.12
CA VAL K 260 -25.01 -24.37 5.43
C VAL K 260 -23.71 -24.68 6.16
N GLN K 261 -23.77 -24.70 7.49
CA GLN K 261 -22.59 -24.98 8.30
C GLN K 261 -22.13 -26.41 8.09
N TYR K 262 -23.08 -27.34 8.13
CA TYR K 262 -22.80 -28.76 7.94
C TYR K 262 -22.07 -29.00 6.62
N THR K 263 -22.58 -28.38 5.56
CA THR K 263 -22.02 -28.52 4.25
C THR K 263 -20.61 -27.97 4.16
N LEU K 264 -20.40 -26.75 4.64
CA LEU K 264 -19.07 -26.14 4.60
C LEU K 264 -18.06 -27.02 5.31
N GLU K 265 -18.50 -27.74 6.34
CA GLU K 265 -17.60 -28.62 7.06
C GLU K 265 -17.22 -29.80 6.18
N MET K 266 -18.19 -30.33 5.45
CA MET K 266 -17.94 -31.46 4.56
C MET K 266 -17.06 -31.01 3.40
N ILE K 267 -17.28 -29.78 2.95
CA ILE K 267 -16.50 -29.23 1.86
C ILE K 267 -15.04 -29.13 2.29
N LYS K 268 -14.79 -28.69 3.52
CA LYS K 268 -13.43 -28.59 4.01
C LYS K 268 -12.74 -29.96 4.08
N LEU K 269 -13.51 -31.01 4.32
CA LEU K 269 -12.92 -32.34 4.40
C LEU K 269 -12.52 -32.87 3.04
N VAL K 270 -13.33 -32.58 2.04
CA VAL K 270 -13.08 -33.02 0.66
C VAL K 270 -13.57 -31.88 -0.22
N PRO K 271 -12.74 -30.84 -0.40
CA PRO K 271 -13.06 -29.64 -1.21
C PRO K 271 -13.52 -29.88 -2.64
N HIS K 272 -13.06 -30.98 -3.24
CA HIS K 272 -13.43 -31.30 -4.60
C HIS K 272 -14.57 -32.31 -4.60
N ASN K 273 -15.79 -31.81 -4.37
CA ASN K 273 -16.97 -32.67 -4.30
C ASN K 273 -18.18 -31.92 -4.83
N GLU K 274 -18.50 -32.14 -6.09
CA GLU K 274 -19.60 -31.45 -6.74
C GLU K 274 -20.87 -31.55 -5.93
N SER K 275 -21.14 -32.73 -5.38
CA SER K 275 -22.35 -32.98 -4.61
C SER K 275 -22.53 -31.98 -3.47
N ALA K 276 -21.52 -31.89 -2.61
CA ALA K 276 -21.56 -30.98 -1.49
C ALA K 276 -21.81 -29.54 -1.97
N TRP K 277 -21.09 -29.11 -3.01
CA TRP K 277 -21.27 -27.76 -3.52
C TRP K 277 -22.65 -27.53 -4.12
N ASN K 278 -23.20 -28.55 -4.78
CA ASN K 278 -24.52 -28.44 -5.39
C ASN K 278 -25.60 -28.27 -4.35
N TYR K 279 -25.41 -28.97 -3.22
CA TYR K 279 -26.36 -28.90 -2.11
C TYR K 279 -26.32 -27.50 -1.52
N LEU K 280 -25.11 -27.02 -1.25
CA LEU K 280 -24.94 -25.68 -0.70
C LEU K 280 -25.63 -24.66 -1.60
N LYS K 281 -25.28 -24.65 -2.88
CA LYS K 281 -25.92 -23.69 -3.79
C LYS K 281 -27.40 -23.96 -3.92
N GLY K 282 -27.77 -25.23 -3.89
CA GLY K 282 -29.17 -25.61 -4.02
C GLY K 282 -30.08 -24.97 -2.98
N ILE K 283 -29.72 -25.12 -1.71
CA ILE K 283 -30.53 -24.57 -0.61
C ILE K 283 -30.44 -23.06 -0.41
N LEU K 284 -29.61 -22.37 -1.19
CA LEU K 284 -29.47 -20.93 -1.06
C LEU K 284 -29.82 -20.19 -2.33
N GLN K 285 -29.67 -20.84 -3.48
CA GLN K 285 -29.89 -20.19 -4.76
C GLN K 285 -31.21 -19.47 -4.93
N ASP K 286 -32.27 -19.99 -4.34
CA ASP K 286 -33.57 -19.36 -4.49
C ASP K 286 -33.84 -18.20 -3.56
N ARG K 287 -33.19 -18.15 -2.40
CA ARG K 287 -33.38 -17.01 -1.52
C ARG K 287 -32.47 -15.87 -1.98
N GLY K 288 -31.49 -16.19 -2.82
CA GLY K 288 -30.58 -15.18 -3.35
C GLY K 288 -29.18 -15.29 -2.81
N LEU K 289 -28.26 -15.86 -3.59
CA LEU K 289 -26.89 -16.02 -3.13
C LEU K 289 -26.21 -14.74 -2.64
N SER K 290 -26.54 -13.61 -3.25
CA SER K 290 -25.92 -12.35 -2.86
C SER K 290 -26.43 -11.83 -1.53
N ARG K 291 -27.51 -12.41 -1.02
CA ARG K 291 -28.08 -11.98 0.25
C ARG K 291 -27.37 -12.49 1.49
N TYR K 292 -26.27 -13.20 1.33
CA TYR K 292 -25.53 -13.77 2.46
C TYR K 292 -24.08 -13.32 2.44
N PRO K 293 -23.82 -12.04 2.76
CA PRO K 293 -22.50 -11.41 2.79
C PRO K 293 -21.39 -12.19 3.46
N ASN K 294 -21.68 -12.82 4.58
CA ASN K 294 -20.62 -13.57 5.25
C ASN K 294 -20.19 -14.81 4.49
N LEU K 295 -21.07 -15.31 3.62
CA LEU K 295 -20.77 -16.53 2.83
C LEU K 295 -19.74 -16.20 1.77
N LEU K 296 -19.93 -15.06 1.11
CA LEU K 296 -19.02 -14.61 0.07
C LEU K 296 -17.63 -14.51 0.66
N ASN K 297 -17.52 -13.88 1.82
CA ASN K 297 -16.22 -13.73 2.45
C ASN K 297 -15.63 -15.03 2.95
N GLN K 298 -16.43 -15.87 3.59
CA GLN K 298 -15.88 -17.14 4.04
C GLN K 298 -15.33 -17.91 2.85
N LEU K 299 -16.05 -17.85 1.72
CA LEU K 299 -15.61 -18.56 0.54
C LEU K 299 -14.33 -17.96 -0.02
N LEU K 300 -14.26 -16.63 -0.09
CA LEU K 300 -13.06 -15.97 -0.61
C LEU K 300 -11.83 -16.34 0.22
N ASP K 301 -12.05 -16.68 1.50
CA ASP K 301 -10.96 -17.07 2.38
C ASP K 301 -10.57 -18.51 2.13
N LEU K 302 -11.55 -19.38 1.92
CA LEU K 302 -11.27 -20.79 1.67
C LEU K 302 -10.42 -20.94 0.40
N GLN K 303 -10.68 -20.07 -0.57
CA GLN K 303 -10.01 -20.09 -1.86
C GLN K 303 -8.54 -20.51 -1.81
N PRO K 304 -7.70 -19.75 -1.10
CA PRO K 304 -6.28 -20.11 -1.03
C PRO K 304 -5.98 -21.60 -0.77
N SER K 305 -6.61 -22.18 0.25
CA SER K 305 -6.39 -23.59 0.60
C SER K 305 -7.31 -24.65 0.00
N HIS K 306 -8.63 -24.42 0.05
CA HIS K 306 -9.59 -25.39 -0.47
C HIS K 306 -10.18 -25.03 -1.83
N SER K 307 -9.40 -24.39 -2.70
CA SER K 307 -9.92 -24.02 -4.01
C SER K 307 -10.27 -25.22 -4.88
N SER K 308 -11.21 -25.01 -5.79
CA SER K 308 -11.68 -26.04 -6.73
C SER K 308 -12.54 -25.31 -7.73
N PRO K 309 -12.81 -25.92 -8.88
CA PRO K 309 -13.65 -25.26 -9.88
C PRO K 309 -15.07 -24.99 -9.35
N TYR K 310 -15.50 -25.83 -8.42
CA TYR K 310 -16.82 -25.72 -7.82
C TYR K 310 -16.91 -24.45 -6.97
N LEU K 311 -15.83 -24.16 -6.25
CA LEU K 311 -15.79 -22.97 -5.42
C LEU K 311 -15.79 -21.73 -6.31
N ILE K 312 -14.91 -21.71 -7.32
CA ILE K 312 -14.83 -20.55 -8.21
C ILE K 312 -16.18 -20.28 -8.86
N ALA K 313 -16.83 -21.34 -9.34
CA ALA K 313 -18.12 -21.20 -9.99
C ALA K 313 -19.16 -20.62 -9.04
N PHE K 314 -19.09 -21.03 -7.77
CA PHE K 314 -20.03 -20.56 -6.78
C PHE K 314 -19.88 -19.05 -6.66
N LEU K 315 -18.62 -18.58 -6.69
CA LEU K 315 -18.36 -17.14 -6.60
C LEU K 315 -18.98 -16.45 -7.80
N VAL K 316 -18.78 -17.00 -8.99
CA VAL K 316 -19.34 -16.41 -10.20
C VAL K 316 -20.84 -16.27 -10.05
N ASP K 317 -21.48 -17.32 -9.53
CA ASP K 317 -22.94 -17.32 -9.33
C ASP K 317 -23.37 -16.28 -8.28
N ILE K 318 -22.49 -16.02 -7.31
CA ILE K 318 -22.78 -15.02 -6.28
C ILE K 318 -22.73 -13.64 -6.95
N TYR K 319 -21.63 -13.36 -7.64
CA TYR K 319 -21.51 -12.08 -8.34
C TYR K 319 -22.67 -11.89 -9.31
N GLU K 320 -23.08 -12.98 -9.96
CA GLU K 320 -24.18 -12.94 -10.91
C GLU K 320 -25.44 -12.49 -10.21
N ASP K 321 -25.71 -13.06 -9.04
CA ASP K 321 -26.91 -12.67 -8.31
C ASP K 321 -26.85 -11.20 -7.92
N MET K 322 -25.65 -10.71 -7.62
CA MET K 322 -25.47 -9.31 -7.27
C MET K 322 -25.85 -8.45 -8.46
N LEU K 323 -25.21 -8.69 -9.60
CA LEU K 323 -25.50 -7.93 -10.81
C LEU K 323 -27.01 -7.97 -11.06
N GLU K 324 -27.60 -9.11 -10.73
CA GLU K 324 -29.03 -9.32 -10.91
C GLU K 324 -29.83 -8.31 -10.11
N ASN K 325 -29.40 -8.09 -8.87
CA ASN K 325 -30.07 -7.17 -7.96
C ASN K 325 -29.41 -5.78 -7.88
N GLN K 326 -29.23 -5.16 -9.04
CA GLN K 326 -28.62 -3.83 -9.16
C GLN K 326 -27.79 -3.42 -7.94
N CYS K 327 -26.69 -4.12 -7.69
CA CYS K 327 -25.82 -3.84 -6.57
C CYS K 327 -24.99 -2.58 -6.80
N ASP K 328 -24.12 -2.28 -5.84
CA ASP K 328 -23.23 -1.13 -5.91
C ASP K 328 -21.91 -1.53 -6.58
N ASN K 329 -21.53 -0.77 -7.59
CA ASN K 329 -20.31 -1.01 -8.37
C ASN K 329 -20.61 -2.05 -9.44
N LYS K 330 -21.76 -1.90 -10.09
CA LYS K 330 -22.16 -2.84 -11.12
C LYS K 330 -21.00 -3.21 -12.03
N GLU K 331 -20.28 -2.21 -12.54
CA GLU K 331 -19.17 -2.50 -13.44
C GLU K 331 -17.98 -3.15 -12.73
N ASP K 332 -17.84 -2.90 -11.44
CA ASP K 332 -16.74 -3.47 -10.68
C ASP K 332 -17.00 -4.97 -10.40
N ILE K 333 -18.24 -5.31 -10.07
CA ILE K 333 -18.62 -6.69 -9.80
C ILE K 333 -18.48 -7.53 -11.06
N LEU K 334 -19.04 -7.01 -12.16
CA LEU K 334 -18.97 -7.68 -13.46
C LEU K 334 -17.54 -8.06 -13.79
N ASN K 335 -16.59 -7.22 -13.41
CA ASN K 335 -15.21 -7.53 -13.69
C ASN K 335 -14.71 -8.67 -12.82
N LYS K 336 -15.13 -8.69 -11.55
CA LYS K 336 -14.71 -9.78 -10.65
C LYS K 336 -15.28 -11.09 -11.22
N ALA K 337 -16.48 -10.99 -11.77
CA ALA K 337 -17.13 -12.13 -12.37
C ALA K 337 -16.31 -12.62 -13.56
N LEU K 338 -16.20 -11.76 -14.56
CA LEU K 338 -15.45 -12.07 -15.77
C LEU K 338 -14.06 -12.59 -15.48
N GLU K 339 -13.41 -12.01 -14.48
CA GLU K 339 -12.07 -12.43 -14.10
C GLU K 339 -12.09 -13.90 -13.74
N LEU K 340 -13.11 -14.31 -12.99
CA LEU K 340 -13.24 -15.70 -12.56
C LEU K 340 -13.59 -16.60 -13.71
N CYS K 341 -14.49 -16.15 -14.59
CA CYS K 341 -14.85 -16.97 -15.74
C CYS K 341 -13.59 -17.34 -16.51
N GLU K 342 -12.74 -16.35 -16.78
CA GLU K 342 -11.50 -16.59 -17.50
C GLU K 342 -10.56 -17.50 -16.71
N ILE K 343 -10.54 -17.38 -15.38
CA ILE K 343 -9.67 -18.25 -14.57
C ILE K 343 -10.14 -19.70 -14.76
N LEU K 344 -11.46 -19.89 -14.73
CA LEU K 344 -12.04 -21.22 -14.91
C LEU K 344 -11.61 -21.75 -16.27
N ALA K 345 -12.01 -21.05 -17.32
CA ALA K 345 -11.72 -21.44 -18.69
C ALA K 345 -10.26 -21.69 -19.03
N LYS K 346 -9.38 -20.87 -18.45
CA LYS K 346 -7.96 -20.95 -18.72
C LYS K 346 -7.16 -21.89 -17.81
N GLU K 347 -7.56 -22.02 -16.55
CA GLU K 347 -6.80 -22.87 -15.64
C GLU K 347 -7.54 -23.89 -14.79
N LYS K 348 -8.63 -23.46 -14.17
CA LYS K 348 -9.37 -24.32 -13.26
C LYS K 348 -10.37 -25.36 -13.75
N ASP K 349 -11.09 -25.05 -14.82
CA ASP K 349 -12.09 -25.97 -15.34
C ASP K 349 -11.96 -25.93 -16.86
N THR K 350 -10.77 -26.28 -17.34
CA THR K 350 -10.45 -26.24 -18.76
C THR K 350 -11.34 -27.06 -19.69
N ILE K 351 -11.83 -28.21 -19.24
CA ILE K 351 -12.68 -29.02 -20.11
C ILE K 351 -13.95 -28.26 -20.51
N ARG K 352 -14.34 -27.27 -19.71
CA ARG K 352 -15.53 -26.46 -19.99
C ARG K 352 -15.13 -25.03 -20.43
N LYS K 353 -13.90 -24.95 -20.94
CA LYS K 353 -13.28 -23.74 -21.44
C LYS K 353 -14.21 -22.91 -22.31
N GLU K 354 -14.72 -23.52 -23.36
CA GLU K 354 -15.63 -22.82 -24.24
C GLU K 354 -16.89 -22.35 -23.51
N TYR K 355 -17.39 -23.18 -22.60
CA TYR K 355 -18.60 -22.86 -21.84
C TYR K 355 -18.41 -21.66 -20.93
N TRP K 356 -17.34 -21.66 -20.14
CA TRP K 356 -17.06 -20.54 -19.23
C TRP K 356 -16.87 -19.23 -20.00
N ARG K 357 -16.28 -19.34 -21.19
CA ARG K 357 -16.04 -18.19 -22.06
C ARG K 357 -17.41 -17.67 -22.47
N TYR K 358 -18.30 -18.62 -22.77
CA TYR K 358 -19.68 -18.33 -23.17
C TYR K 358 -20.44 -17.64 -22.03
N ILE K 359 -20.25 -18.12 -20.79
CA ILE K 359 -20.91 -17.51 -19.65
C ILE K 359 -20.39 -16.09 -19.50
N GLY K 360 -19.07 -15.92 -19.67
CA GLY K 360 -18.46 -14.61 -19.57
C GLY K 360 -19.14 -13.67 -20.55
N ARG K 361 -19.08 -14.03 -21.84
CA ARG K 361 -19.69 -13.24 -22.89
C ARG K 361 -21.15 -12.92 -22.56
N SER K 362 -21.83 -13.87 -21.94
CA SER K 362 -23.23 -13.69 -21.57
C SER K 362 -23.40 -12.61 -20.48
N LEU K 363 -22.54 -12.64 -19.46
CA LEU K 363 -22.61 -11.66 -18.38
C LEU K 363 -22.30 -10.28 -18.91
N GLN K 364 -21.29 -10.24 -19.77
CA GLN K 364 -20.83 -9.01 -20.38
C GLN K 364 -21.95 -8.30 -21.12
N SER K 365 -22.55 -8.99 -22.08
CA SER K 365 -23.62 -8.39 -22.86
C SER K 365 -24.91 -8.21 -22.10
N LYS K 366 -24.89 -8.46 -20.80
CA LYS K 366 -26.12 -8.30 -20.04
C LYS K 366 -25.98 -7.27 -18.94
N HIS K 367 -24.75 -6.89 -18.61
CA HIS K 367 -24.52 -5.90 -17.56
C HIS K 367 -23.44 -4.84 -17.86
N SER K 368 -23.52 -4.20 -19.02
CA SER K 368 -22.53 -3.19 -19.39
C SER K 368 -23.12 -1.90 -19.96
N LEU L 18 -8.28 -42.60 -31.84
CA LEU L 18 -8.49 -43.77 -32.75
C LEU L 18 -9.49 -43.52 -33.88
N ASP L 19 -9.66 -44.53 -34.72
CA ASP L 19 -10.57 -44.45 -35.86
C ASP L 19 -11.85 -45.24 -35.63
N PHE L 20 -12.89 -44.79 -36.29
CA PHE L 20 -14.19 -45.37 -36.17
C PHE L 20 -14.36 -46.56 -37.11
N LEU L 21 -14.37 -47.77 -36.56
CA LEU L 21 -14.52 -48.99 -37.37
C LEU L 21 -15.93 -49.19 -37.89
N ARG L 22 -16.38 -48.27 -38.73
CA ARG L 22 -17.72 -48.31 -39.34
C ARG L 22 -18.20 -49.64 -39.93
N ASP L 23 -17.39 -50.28 -40.75
CA ASP L 23 -17.83 -51.55 -41.33
C ASP L 23 -18.12 -52.58 -40.24
N ARG L 24 -17.24 -52.65 -39.26
CA ARG L 24 -17.41 -53.62 -38.19
C ARG L 24 -18.70 -53.37 -37.41
N HIS L 25 -19.09 -52.10 -37.28
CA HIS L 25 -20.30 -51.80 -36.56
C HIS L 25 -21.51 -52.13 -37.40
N VAL L 26 -21.33 -52.26 -38.71
CA VAL L 26 -22.45 -52.62 -39.56
C VAL L 26 -22.70 -54.10 -39.35
N ARG L 27 -21.62 -54.88 -39.39
CA ARG L 27 -21.71 -56.32 -39.16
C ARG L 27 -22.28 -56.61 -37.78
N PHE L 28 -21.91 -55.77 -36.80
CA PHE L 28 -22.38 -55.91 -35.43
C PHE L 28 -23.91 -55.78 -35.41
N PHE L 29 -24.45 -54.64 -35.85
CA PHE L 29 -25.89 -54.43 -35.86
C PHE L 29 -26.62 -55.52 -36.64
N GLN L 30 -26.02 -55.94 -37.75
CA GLN L 30 -26.58 -56.96 -38.61
C GLN L 30 -26.78 -58.25 -37.82
N ARG L 31 -25.77 -58.57 -37.03
CA ARG L 31 -25.77 -59.75 -36.18
C ARG L 31 -26.89 -59.71 -35.13
N CYS L 32 -27.15 -58.52 -34.57
CA CYS L 32 -28.19 -58.34 -33.57
C CYS L 32 -29.59 -58.61 -34.13
N LEU L 33 -29.82 -58.31 -35.40
CA LEU L 33 -31.13 -58.53 -35.97
C LEU L 33 -31.36 -60.01 -36.24
N GLN L 34 -30.29 -60.80 -36.22
CA GLN L 34 -30.41 -62.21 -36.51
C GLN L 34 -30.78 -63.09 -35.34
N VAL L 35 -29.79 -63.69 -34.69
CA VAL L 35 -30.08 -64.57 -33.56
C VAL L 35 -29.17 -64.30 -32.39
N LEU L 36 -29.75 -64.32 -31.19
CA LEU L 36 -28.98 -64.08 -29.99
C LEU L 36 -29.00 -65.36 -29.16
N PRO L 37 -27.91 -65.62 -28.41
CA PRO L 37 -27.83 -66.82 -27.57
C PRO L 37 -28.84 -66.70 -26.43
N GLU L 38 -29.17 -67.82 -25.80
CA GLU L 38 -30.14 -67.79 -24.72
C GLU L 38 -29.76 -66.89 -23.55
N ARG L 39 -28.52 -66.43 -23.48
CA ARG L 39 -28.14 -65.59 -22.36
C ARG L 39 -28.76 -64.20 -22.44
N TYR L 40 -29.50 -63.92 -23.50
CA TYR L 40 -30.15 -62.62 -23.63
C TYR L 40 -31.65 -62.77 -23.45
N SER L 41 -32.05 -63.91 -22.90
CA SER L 41 -33.45 -64.24 -22.67
C SER L 41 -34.23 -63.16 -21.89
N SER L 42 -33.51 -62.35 -21.12
CA SER L 42 -34.15 -61.32 -20.32
C SER L 42 -34.61 -60.17 -21.21
N LEU L 43 -34.23 -60.22 -22.48
CA LEU L 43 -34.59 -59.18 -23.43
C LEU L 43 -35.82 -59.53 -24.24
N GLU L 44 -36.30 -60.78 -24.09
CA GLU L 44 -37.47 -61.26 -24.83
C GLU L 44 -38.59 -60.23 -24.99
N THR L 45 -39.09 -59.71 -23.88
CA THR L 45 -40.20 -58.76 -23.94
C THR L 45 -39.79 -57.36 -24.37
N SER L 46 -38.57 -57.21 -24.84
CA SER L 46 -38.09 -55.90 -25.26
C SER L 46 -37.31 -56.03 -26.54
N ARG L 47 -37.59 -57.10 -27.27
CA ARG L 47 -36.90 -57.38 -28.51
C ARG L 47 -37.05 -56.31 -29.57
N LEU L 48 -38.22 -55.66 -29.60
CA LEU L 48 -38.47 -54.60 -30.56
C LEU L 48 -37.52 -53.42 -30.37
N THR L 49 -37.21 -53.08 -29.12
CA THR L 49 -36.29 -51.97 -28.91
C THR L 49 -34.87 -52.40 -29.28
N ILE L 50 -34.58 -53.70 -29.20
CA ILE L 50 -33.24 -54.16 -29.60
C ILE L 50 -33.20 -53.99 -31.12
N ALA L 51 -34.32 -54.30 -31.78
CA ALA L 51 -34.44 -54.17 -33.23
C ALA L 51 -34.19 -52.72 -33.59
N PHE L 52 -34.75 -51.82 -32.78
CA PHE L 52 -34.60 -50.37 -32.97
C PHE L 52 -33.14 -49.94 -32.88
N PHE L 53 -32.43 -50.39 -31.86
CA PHE L 53 -31.03 -50.02 -31.71
C PHE L 53 -30.27 -50.45 -32.96
N ALA L 54 -30.58 -51.64 -33.45
CA ALA L 54 -29.88 -52.15 -34.63
C ALA L 54 -30.28 -51.46 -35.93
N LEU L 55 -31.58 -51.34 -36.17
CA LEU L 55 -32.07 -50.70 -37.40
C LEU L 55 -31.74 -49.22 -37.49
N SER L 56 -32.00 -48.49 -36.41
CA SER L 56 -31.71 -47.06 -36.37
C SER L 56 -30.20 -46.90 -36.43
N GLY L 57 -29.50 -47.88 -35.86
CA GLY L 57 -28.05 -47.87 -35.86
C GLY L 57 -27.52 -48.04 -37.27
N LEU L 58 -28.13 -48.95 -38.02
CA LEU L 58 -27.74 -49.21 -39.40
C LEU L 58 -28.04 -47.96 -40.21
N ASP L 59 -29.25 -47.41 -40.01
CA ASP L 59 -29.69 -46.21 -40.68
C ASP L 59 -28.65 -45.12 -40.48
N MET L 60 -28.31 -44.88 -39.22
CA MET L 60 -27.33 -43.86 -38.83
C MET L 60 -25.99 -44.09 -39.55
N LEU L 61 -25.72 -45.33 -39.93
CA LEU L 61 -24.49 -45.66 -40.64
C LEU L 61 -24.77 -45.76 -42.14
N ASP L 62 -26.03 -45.51 -42.49
CA ASP L 62 -26.48 -45.56 -43.86
C ASP L 62 -26.17 -46.93 -44.47
N SER L 63 -26.73 -47.98 -43.89
CA SER L 63 -26.52 -49.34 -44.34
C SER L 63 -27.76 -50.19 -44.18
N LEU L 64 -28.93 -49.56 -44.23
CA LEU L 64 -30.16 -50.31 -44.10
C LEU L 64 -30.32 -51.35 -45.20
N ASP L 65 -29.60 -51.13 -46.29
CA ASP L 65 -29.65 -52.05 -47.42
C ASP L 65 -29.29 -53.48 -47.05
N VAL L 66 -28.42 -53.66 -46.05
CA VAL L 66 -28.02 -55.02 -45.67
C VAL L 66 -29.12 -55.84 -45.01
N VAL L 67 -30.35 -55.33 -44.97
CA VAL L 67 -31.47 -56.06 -44.37
C VAL L 67 -32.68 -56.03 -45.29
N ASN L 68 -33.59 -56.97 -45.09
CA ASN L 68 -34.79 -57.02 -45.90
C ASN L 68 -35.88 -56.16 -45.25
N LYS L 69 -35.92 -54.89 -45.62
CA LYS L 69 -36.90 -53.99 -45.03
C LYS L 69 -38.33 -54.53 -44.96
N ASP L 70 -38.80 -55.13 -46.05
CA ASP L 70 -40.16 -55.66 -46.12
C ASP L 70 -40.45 -56.72 -45.07
N ASP L 71 -39.52 -57.65 -44.89
CA ASP L 71 -39.68 -58.72 -43.91
C ASP L 71 -39.82 -58.15 -42.51
N ILE L 72 -38.94 -57.21 -42.19
CA ILE L 72 -38.95 -56.57 -40.89
C ILE L 72 -40.22 -55.77 -40.66
N ILE L 73 -40.69 -55.07 -41.70
CA ILE L 73 -41.90 -54.28 -41.55
C ILE L 73 -43.09 -55.17 -41.22
N GLU L 74 -43.08 -56.39 -41.74
CA GLU L 74 -44.17 -57.31 -41.46
C GLU L 74 -44.08 -57.83 -40.03
N TRP L 75 -42.86 -58.10 -39.60
CA TRP L 75 -42.61 -58.59 -38.24
C TRP L 75 -43.10 -57.53 -37.25
N ILE L 76 -42.74 -56.28 -37.51
CA ILE L 76 -43.15 -55.20 -36.64
C ILE L 76 -44.67 -55.12 -36.56
N TYR L 77 -45.33 -55.13 -37.72
CA TYR L 77 -46.78 -55.04 -37.74
C TYR L 77 -47.46 -56.21 -37.05
N SER L 78 -46.76 -57.33 -36.95
CA SER L 78 -47.33 -58.51 -36.28
C SER L 78 -47.33 -58.26 -34.79
N LEU L 79 -46.60 -57.22 -34.37
CA LEU L 79 -46.52 -56.89 -32.96
C LEU L 79 -47.55 -55.86 -32.50
N GLN L 80 -48.36 -55.35 -33.43
CA GLN L 80 -49.38 -54.37 -33.07
C GLN L 80 -50.62 -54.99 -32.43
N VAL L 81 -51.04 -54.44 -31.30
CA VAL L 81 -52.23 -54.90 -30.63
C VAL L 81 -53.36 -54.08 -31.22
N LEU L 82 -54.10 -54.69 -32.15
CA LEU L 82 -55.22 -54.04 -32.81
C LEU L 82 -56.51 -54.21 -32.03
N PRO L 83 -57.47 -53.31 -32.25
CA PRO L 83 -58.74 -53.42 -31.51
C PRO L 83 -59.52 -54.65 -32.01
N THR L 84 -60.20 -55.32 -31.10
CA THR L 84 -61.00 -56.49 -31.46
C THR L 84 -62.25 -56.04 -32.19
N GLU L 85 -63.08 -57.01 -32.61
CA GLU L 85 -64.33 -56.71 -33.33
C GLU L 85 -65.15 -55.68 -32.55
N ASP L 86 -65.51 -56.04 -31.31
CA ASP L 86 -66.30 -55.19 -30.44
C ASP L 86 -65.56 -53.94 -29.96
N ARG L 87 -64.26 -53.86 -30.24
CA ARG L 87 -63.44 -52.72 -29.86
C ARG L 87 -63.50 -52.44 -28.36
N SER L 88 -63.60 -53.51 -27.58
CA SER L 88 -63.66 -53.39 -26.13
C SER L 88 -62.26 -53.31 -25.51
N ASN L 89 -61.24 -53.42 -26.35
CA ASN L 89 -59.87 -53.40 -25.86
C ASN L 89 -59.11 -52.18 -26.35
N LEU L 90 -59.81 -51.07 -26.59
CA LEU L 90 -59.11 -49.88 -27.06
C LEU L 90 -58.06 -49.36 -26.08
N ASP L 91 -58.39 -49.39 -24.79
CA ASP L 91 -57.47 -48.94 -23.75
C ASP L 91 -56.20 -49.76 -23.65
N ARG L 92 -56.07 -50.79 -24.49
CA ARG L 92 -54.91 -51.66 -24.45
C ARG L 92 -54.14 -51.76 -25.75
N CYS L 93 -54.49 -50.94 -26.73
CA CYS L 93 -53.81 -51.00 -28.02
C CYS L 93 -52.46 -50.27 -28.07
N GLY L 94 -51.62 -50.74 -28.98
CA GLY L 94 -50.29 -50.18 -29.15
C GLY L 94 -49.46 -51.31 -29.71
N PHE L 95 -48.22 -51.46 -29.26
CA PHE L 95 -47.36 -52.55 -29.75
C PHE L 95 -46.77 -53.42 -28.63
N ARG L 96 -46.44 -54.65 -28.96
CA ARG L 96 -45.86 -55.59 -28.01
C ARG L 96 -44.35 -55.57 -28.24
N GLY L 97 -43.60 -56.04 -27.26
CA GLY L 97 -42.16 -56.06 -27.40
C GLY L 97 -41.72 -57.22 -28.28
N SER L 98 -42.52 -58.28 -28.27
CA SER L 98 -42.25 -59.49 -29.04
C SER L 98 -43.50 -60.35 -29.05
N SER L 99 -43.35 -61.59 -29.53
CA SER L 99 -44.47 -62.51 -29.61
C SER L 99 -44.53 -63.49 -28.44
N TYR L 100 -43.84 -63.17 -27.35
CA TYR L 100 -43.81 -64.06 -26.19
C TYR L 100 -45.15 -64.55 -25.64
N LEU L 101 -46.26 -63.90 -25.96
CA LEU L 101 -47.55 -64.37 -25.45
C LEU L 101 -48.13 -65.54 -26.23
N GLY L 102 -47.62 -65.76 -27.43
CA GLY L 102 -48.10 -66.87 -28.23
C GLY L 102 -49.29 -66.57 -29.12
N ILE L 103 -49.46 -65.32 -29.49
CA ILE L 103 -50.57 -64.98 -30.36
C ILE L 103 -50.17 -65.29 -31.79
N PRO L 104 -51.09 -65.89 -32.56
CA PRO L 104 -50.84 -66.26 -33.96
C PRO L 104 -50.37 -65.10 -34.84
N PHE L 105 -49.21 -65.28 -35.48
CA PHE L 105 -48.61 -64.25 -36.35
C PHE L 105 -49.63 -63.60 -37.28
N ASN L 106 -49.78 -62.28 -37.18
CA ASN L 106 -50.74 -61.55 -38.00
C ASN L 106 -50.24 -60.13 -38.22
N PRO L 107 -49.60 -59.86 -39.38
CA PRO L 107 -49.06 -58.54 -39.73
C PRO L 107 -50.11 -57.43 -39.91
N SER L 108 -50.87 -57.18 -38.83
CA SER L 108 -51.93 -56.16 -38.81
C SER L 108 -52.81 -56.32 -40.06
N LYS L 109 -53.09 -57.56 -40.42
CA LYS L 109 -53.91 -57.85 -41.59
C LYS L 109 -55.36 -58.09 -41.17
N ASN L 110 -55.58 -58.92 -40.16
CA ASN L 110 -56.92 -59.22 -39.68
C ASN L 110 -57.21 -58.49 -38.38
N PRO L 111 -58.46 -58.53 -37.91
CA PRO L 111 -58.84 -57.86 -36.65
C PRO L 111 -58.15 -58.48 -35.45
N GLY L 112 -58.19 -57.77 -34.33
CA GLY L 112 -57.54 -58.26 -33.12
C GLY L 112 -58.18 -59.46 -32.45
N THR L 113 -57.37 -60.47 -32.14
CA THR L 113 -57.87 -61.67 -31.47
C THR L 113 -57.78 -61.49 -29.94
N ALA L 114 -58.94 -61.47 -29.30
CA ALA L 114 -59.03 -61.30 -27.85
C ALA L 114 -58.06 -62.18 -27.07
N HIS L 115 -57.56 -61.66 -25.97
CA HIS L 115 -56.64 -62.39 -25.11
C HIS L 115 -56.61 -61.64 -23.79
N PRO L 116 -56.98 -62.30 -22.69
CA PRO L 116 -57.01 -61.69 -21.36
C PRO L 116 -55.80 -60.88 -20.92
N TYR L 117 -54.61 -61.14 -21.47
CA TYR L 117 -53.43 -60.42 -21.03
C TYR L 117 -52.61 -59.77 -22.14
N ASP L 118 -53.17 -59.69 -23.34
CA ASP L 118 -52.43 -59.09 -24.45
C ASP L 118 -52.75 -57.61 -24.56
N SER L 119 -51.70 -56.79 -24.53
CA SER L 119 -51.82 -55.34 -24.64
C SER L 119 -50.45 -54.72 -24.89
N GLY L 120 -50.45 -53.48 -25.39
CA GLY L 120 -49.20 -52.81 -25.70
C GLY L 120 -48.33 -52.33 -24.54
N HIS L 121 -47.11 -51.93 -24.89
CA HIS L 121 -46.15 -51.40 -23.93
C HIS L 121 -45.68 -50.08 -24.53
N ILE L 122 -45.87 -49.01 -23.78
CA ILE L 122 -45.52 -47.67 -24.25
C ILE L 122 -44.14 -47.52 -24.90
N ALA L 123 -43.15 -48.23 -24.38
CA ALA L 123 -41.81 -48.13 -24.94
C ALA L 123 -41.74 -48.85 -26.27
N MET L 124 -42.59 -49.87 -26.43
CA MET L 124 -42.66 -50.65 -27.66
C MET L 124 -43.45 -49.93 -28.75
N THR L 125 -44.52 -49.25 -28.35
CA THR L 125 -45.31 -48.48 -29.30
C THR L 125 -44.33 -47.43 -29.86
N TYR L 126 -43.61 -46.79 -28.95
CA TYR L 126 -42.63 -45.79 -29.34
C TYR L 126 -41.61 -46.37 -30.32
N THR L 127 -40.80 -47.33 -29.87
CA THR L 127 -39.78 -47.90 -30.76
C THR L 127 -40.38 -48.59 -31.96
N GLY L 128 -41.62 -49.03 -31.84
CA GLY L 128 -42.30 -49.68 -32.95
C GLY L 128 -42.49 -48.70 -34.09
N LEU L 129 -43.26 -47.64 -33.82
CA LEU L 129 -43.53 -46.61 -34.81
C LEU L 129 -42.21 -46.06 -35.34
N SER L 130 -41.30 -45.82 -34.40
CA SER L 130 -39.98 -45.30 -34.72
C SER L 130 -39.32 -46.20 -35.78
N CYS L 131 -39.40 -47.51 -35.58
CA CYS L 131 -38.81 -48.46 -36.51
C CYS L 131 -39.49 -48.43 -37.86
N LEU L 132 -40.82 -48.41 -37.85
CA LEU L 132 -41.58 -48.38 -39.10
C LEU L 132 -41.15 -47.21 -39.97
N ILE L 133 -41.06 -46.01 -39.38
CA ILE L 133 -40.66 -44.83 -40.11
C ILE L 133 -39.26 -44.99 -40.67
N ILE L 134 -38.36 -45.52 -39.85
CA ILE L 134 -36.98 -45.73 -40.27
C ILE L 134 -36.90 -46.66 -41.46
N LEU L 135 -37.81 -47.62 -41.51
CA LEU L 135 -37.84 -48.59 -42.60
C LEU L 135 -38.55 -48.11 -43.86
N GLY L 136 -39.14 -46.92 -43.80
CA GLY L 136 -39.81 -46.39 -44.97
C GLY L 136 -41.32 -46.57 -44.99
N ASP L 137 -41.85 -47.38 -44.09
CA ASP L 137 -43.28 -47.60 -44.04
C ASP L 137 -44.00 -46.25 -43.83
N ASP L 138 -45.26 -46.17 -44.25
CA ASP L 138 -46.03 -44.94 -44.12
C ASP L 138 -47.04 -44.93 -42.97
N LEU L 139 -46.97 -45.94 -42.12
CA LEU L 139 -47.87 -46.04 -40.95
C LEU L 139 -49.36 -46.20 -41.30
N SER L 140 -49.65 -46.55 -42.53
CA SER L 140 -51.04 -46.73 -42.96
C SER L 140 -51.74 -47.85 -42.21
N ARG L 141 -50.98 -48.89 -41.86
CA ARG L 141 -51.54 -50.04 -41.13
C ARG L 141 -51.56 -49.84 -39.59
N VAL L 142 -51.20 -48.65 -39.15
CA VAL L 142 -51.21 -48.36 -37.72
C VAL L 142 -52.57 -47.76 -37.35
N ASP L 143 -53.29 -48.40 -36.45
CA ASP L 143 -54.58 -47.87 -36.01
C ASP L 143 -54.27 -46.69 -35.09
N LYS L 144 -53.93 -45.55 -35.68
CA LYS L 144 -53.60 -44.36 -34.90
C LYS L 144 -54.56 -44.04 -33.75
N GLU L 145 -55.84 -44.06 -34.01
CA GLU L 145 -56.78 -43.74 -32.94
C GLU L 145 -56.70 -44.73 -31.78
N ALA L 146 -56.51 -46.00 -32.10
CA ALA L 146 -56.41 -47.03 -31.07
C ALA L 146 -55.16 -46.79 -30.22
N CYS L 147 -54.03 -46.51 -30.87
CA CYS L 147 -52.80 -46.24 -30.15
C CYS L 147 -52.97 -45.07 -29.21
N LEU L 148 -53.47 -43.96 -29.73
CA LEU L 148 -53.69 -42.77 -28.93
C LEU L 148 -54.66 -43.05 -27.77
N ALA L 149 -55.62 -43.93 -28.00
CA ALA L 149 -56.59 -44.29 -26.98
C ALA L 149 -55.85 -45.03 -25.88
N GLY L 150 -54.97 -45.94 -26.31
CA GLY L 150 -54.18 -46.71 -25.37
C GLY L 150 -53.24 -45.82 -24.58
N LEU L 151 -52.61 -44.87 -25.28
CA LEU L 151 -51.70 -43.95 -24.63
C LEU L 151 -52.40 -43.19 -23.51
N ARG L 152 -53.51 -42.53 -23.83
CA ARG L 152 -54.27 -41.78 -22.84
C ARG L 152 -54.55 -42.60 -21.58
N ALA L 153 -54.88 -43.87 -21.78
CA ALA L 153 -55.17 -44.78 -20.68
C ALA L 153 -53.99 -44.94 -19.70
N LEU L 154 -52.77 -44.74 -20.20
CA LEU L 154 -51.57 -44.90 -19.39
C LEU L 154 -51.18 -43.72 -18.49
N GLN L 155 -51.63 -42.51 -18.84
CA GLN L 155 -51.27 -41.34 -18.04
C GLN L 155 -51.97 -41.31 -16.68
N LEU L 156 -51.20 -40.97 -15.64
CA LEU L 156 -51.70 -40.91 -14.27
C LEU L 156 -52.14 -39.51 -13.91
N GLU L 157 -52.77 -39.36 -12.74
CA GLU L 157 -53.24 -38.05 -12.31
C GLU L 157 -52.13 -37.03 -12.20
N ASP L 158 -50.93 -37.47 -11.82
CA ASP L 158 -49.80 -36.55 -11.67
C ASP L 158 -49.15 -36.14 -12.98
N GLY L 159 -49.65 -36.64 -14.10
CA GLY L 159 -49.08 -36.29 -15.38
C GLY L 159 -48.13 -37.30 -16.00
N SER L 160 -47.52 -38.17 -15.20
CA SER L 160 -46.61 -39.18 -15.75
C SER L 160 -47.38 -40.37 -16.36
N PHE L 161 -46.64 -41.34 -16.90
CA PHE L 161 -47.26 -42.50 -17.53
C PHE L 161 -46.71 -43.83 -17.02
N CYS L 162 -47.49 -44.89 -17.29
CA CYS L 162 -47.12 -46.25 -16.95
C CYS L 162 -46.75 -46.85 -18.29
N ALA L 163 -46.20 -48.05 -18.30
CA ALA L 163 -45.81 -48.65 -19.56
C ALA L 163 -46.92 -49.52 -20.12
N VAL L 164 -47.69 -50.14 -19.23
CA VAL L 164 -48.77 -51.04 -19.63
C VAL L 164 -50.05 -50.79 -18.85
N PRO L 165 -51.20 -50.99 -19.51
CA PRO L 165 -52.47 -50.77 -18.82
C PRO L 165 -52.65 -51.62 -17.56
N GLU L 166 -52.04 -52.80 -17.53
CA GLU L 166 -52.17 -53.68 -16.36
C GLU L 166 -51.46 -53.10 -15.14
N GLY L 167 -50.67 -52.05 -15.36
CA GLY L 167 -49.95 -51.43 -14.25
C GLY L 167 -48.46 -51.65 -14.31
N SER L 168 -47.71 -50.66 -13.83
CA SER L 168 -46.25 -50.72 -13.80
C SER L 168 -45.76 -49.49 -13.07
N GLU L 169 -44.46 -49.37 -12.93
CA GLU L 169 -43.88 -48.21 -12.29
C GLU L 169 -44.16 -47.04 -13.24
N ASN L 170 -44.09 -45.81 -12.74
CA ASN L 170 -44.32 -44.64 -13.58
C ASN L 170 -43.23 -43.61 -13.37
N ASP L 171 -42.72 -43.04 -14.45
CA ASP L 171 -41.68 -42.03 -14.37
C ASP L 171 -41.37 -41.34 -15.69
N MET L 172 -40.39 -40.43 -15.65
CA MET L 172 -40.00 -39.65 -16.82
C MET L 172 -39.72 -40.47 -18.06
N ARG L 173 -39.23 -41.70 -17.90
CA ARG L 173 -38.94 -42.54 -19.05
C ARG L 173 -40.15 -42.64 -19.97
N PHE L 174 -41.30 -42.94 -19.37
CA PHE L 174 -42.52 -43.13 -20.12
C PHE L 174 -43.17 -41.84 -20.57
N VAL L 175 -42.82 -40.73 -19.94
CA VAL L 175 -43.35 -39.42 -20.34
C VAL L 175 -42.72 -39.10 -21.69
N TYR L 176 -41.46 -39.49 -21.84
CA TYR L 176 -40.74 -39.26 -23.08
C TYR L 176 -41.30 -40.15 -24.18
N CYS L 177 -41.71 -41.36 -23.81
CA CYS L 177 -42.28 -42.30 -24.76
C CYS L 177 -43.60 -41.76 -25.29
N ALA L 178 -44.43 -41.25 -24.38
CA ALA L 178 -45.72 -40.72 -24.75
C ALA L 178 -45.49 -39.56 -25.71
N SER L 179 -44.52 -38.70 -25.36
CA SER L 179 -44.21 -37.55 -26.18
C SER L 179 -43.81 -37.97 -27.58
N CYS L 180 -42.90 -38.93 -27.68
CA CYS L 180 -42.48 -39.39 -28.99
C CYS L 180 -43.63 -39.95 -29.82
N ILE L 181 -44.52 -40.70 -29.17
CA ILE L 181 -45.64 -41.28 -29.88
C ILE L 181 -46.53 -40.16 -30.39
N CYS L 182 -46.95 -39.25 -29.52
CA CYS L 182 -47.80 -38.15 -29.93
C CYS L 182 -47.19 -37.36 -31.07
N TYR L 183 -45.89 -37.19 -31.03
CA TYR L 183 -45.20 -36.43 -32.05
C TYR L 183 -45.22 -37.16 -33.39
N MET L 184 -44.84 -38.43 -33.37
CA MET L 184 -44.80 -39.22 -34.58
C MET L 184 -46.18 -39.39 -35.23
N LEU L 185 -47.21 -39.62 -34.42
CA LEU L 185 -48.55 -39.77 -34.96
C LEU L 185 -49.10 -38.37 -35.21
N ASN L 186 -48.25 -37.38 -34.97
CA ASN L 186 -48.61 -35.98 -35.19
C ASN L 186 -49.99 -35.62 -34.60
N ASN L 187 -50.24 -36.09 -33.39
CA ASN L 187 -51.52 -35.87 -32.72
C ASN L 187 -51.31 -35.92 -31.19
N TRP L 188 -51.49 -34.80 -30.51
CA TRP L 188 -51.28 -34.78 -29.08
C TRP L 188 -52.50 -35.08 -28.23
N SER L 189 -53.50 -35.71 -28.83
CA SER L 189 -54.71 -36.04 -28.06
C SER L 189 -54.36 -37.26 -27.21
N GLY L 190 -53.17 -37.80 -27.48
CA GLY L 190 -52.69 -38.96 -26.75
C GLY L 190 -52.37 -38.71 -25.30
N MET L 191 -52.25 -37.45 -24.90
CA MET L 191 -51.92 -37.12 -23.52
C MET L 191 -52.51 -35.80 -23.09
N ASP L 192 -52.51 -35.58 -21.79
CA ASP L 192 -52.97 -34.32 -21.20
C ASP L 192 -51.68 -33.53 -20.98
N MET L 193 -51.23 -32.88 -22.05
CA MET L 193 -50.00 -32.10 -22.04
C MET L 193 -49.81 -31.15 -20.86
N LYS L 194 -50.89 -30.56 -20.37
CA LYS L 194 -50.79 -29.65 -19.24
C LYS L 194 -50.26 -30.41 -18.04
N LYS L 195 -50.84 -31.57 -17.75
CA LYS L 195 -50.40 -32.38 -16.62
C LYS L 195 -49.01 -32.96 -16.82
N ALA L 196 -48.68 -33.33 -18.05
CA ALA L 196 -47.37 -33.88 -18.35
C ALA L 196 -46.31 -32.81 -18.04
N ILE L 197 -46.55 -31.60 -18.51
CA ILE L 197 -45.62 -30.50 -18.29
C ILE L 197 -45.47 -30.25 -16.79
N SER L 198 -46.58 -30.35 -16.07
CA SER L 198 -46.54 -30.17 -14.65
C SER L 198 -45.57 -31.18 -14.02
N TYR L 199 -45.68 -32.43 -14.46
CA TYR L 199 -44.81 -33.48 -13.94
C TYR L 199 -43.35 -33.17 -14.20
N ILE L 200 -43.03 -32.83 -15.44
CA ILE L 200 -41.68 -32.50 -15.84
C ILE L 200 -41.11 -31.38 -14.98
N ARG L 201 -41.90 -30.36 -14.70
CA ARG L 201 -41.41 -29.27 -13.87
C ARG L 201 -41.14 -29.75 -12.46
N ARG L 202 -42.12 -30.43 -11.88
CA ARG L 202 -41.98 -30.92 -10.52
C ARG L 202 -40.81 -31.86 -10.29
N SER L 203 -40.21 -32.34 -11.37
CA SER L 203 -39.10 -33.27 -11.23
C SER L 203 -37.76 -32.55 -11.17
N MET L 204 -37.75 -31.23 -11.34
CA MET L 204 -36.49 -30.51 -11.27
C MET L 204 -35.96 -30.55 -9.84
N SER L 205 -34.68 -30.87 -9.71
CA SER L 205 -34.04 -30.97 -8.40
C SER L 205 -33.46 -29.66 -7.89
N TYR L 206 -33.03 -29.69 -6.63
CA TYR L 206 -32.46 -28.52 -6.00
C TYR L 206 -31.14 -28.19 -6.68
N ASP L 207 -30.52 -29.20 -7.30
CA ASP L 207 -29.25 -29.00 -8.00
C ASP L 207 -29.50 -28.63 -9.46
N ASN L 208 -30.79 -28.45 -9.79
CA ASN L 208 -31.24 -28.04 -11.11
C ASN L 208 -31.30 -29.03 -12.25
N GLY L 209 -31.00 -30.30 -11.96
CA GLY L 209 -31.13 -31.32 -12.99
C GLY L 209 -32.55 -31.86 -12.90
N LEU L 210 -32.93 -32.77 -13.79
CA LEU L 210 -34.28 -33.34 -13.73
C LEU L 210 -34.16 -34.80 -13.28
N ALA L 211 -35.03 -35.21 -12.38
CA ALA L 211 -35.02 -36.58 -11.90
C ALA L 211 -36.17 -37.39 -12.50
N GLN L 212 -36.25 -38.66 -12.15
CA GLN L 212 -37.30 -39.52 -12.66
C GLN L 212 -38.67 -39.07 -12.19
N GLY L 213 -38.69 -38.37 -11.07
CA GLY L 213 -39.92 -37.87 -10.49
C GLY L 213 -39.58 -36.94 -9.36
N ALA L 214 -40.56 -36.20 -8.87
CA ALA L 214 -40.34 -35.25 -7.78
C ALA L 214 -39.57 -35.80 -6.60
N GLY L 215 -38.60 -35.04 -6.14
CA GLY L 215 -37.83 -35.44 -4.96
C GLY L 215 -36.67 -36.39 -5.16
N LEU L 216 -36.72 -37.15 -6.26
CA LEU L 216 -35.66 -38.09 -6.56
C LEU L 216 -34.40 -37.36 -7.02
N GLU L 217 -33.31 -38.10 -7.06
CA GLU L 217 -32.01 -37.57 -7.48
C GLU L 217 -32.04 -37.25 -8.97
N SER L 218 -31.66 -36.02 -9.33
CA SER L 218 -31.63 -35.62 -10.73
C SER L 218 -30.69 -36.58 -11.45
N HIS L 219 -30.98 -36.83 -12.71
CA HIS L 219 -30.21 -37.82 -13.46
C HIS L 219 -30.16 -37.48 -14.94
N GLY L 220 -29.03 -37.78 -15.58
CA GLY L 220 -28.88 -37.48 -16.99
C GLY L 220 -29.93 -38.07 -17.90
N GLY L 221 -30.37 -39.29 -17.59
CA GLY L 221 -31.38 -39.95 -18.38
C GLY L 221 -32.73 -39.27 -18.29
N SER L 222 -33.19 -39.02 -17.07
CA SER L 222 -34.47 -38.36 -16.89
C SER L 222 -34.42 -36.91 -17.38
N THR L 223 -33.26 -36.27 -17.26
CA THR L 223 -33.12 -34.90 -17.74
C THR L 223 -33.33 -34.89 -19.25
N PHE L 224 -32.70 -35.84 -19.95
CA PHE L 224 -32.89 -35.91 -21.39
C PHE L 224 -34.40 -36.11 -21.67
N CYS L 225 -34.98 -37.10 -21.01
CA CYS L 225 -36.39 -37.37 -21.21
C CYS L 225 -37.25 -36.15 -21.00
N GLY L 226 -36.98 -35.42 -19.92
CA GLY L 226 -37.76 -34.24 -19.62
C GLY L 226 -37.61 -33.14 -20.67
N ILE L 227 -36.37 -32.75 -20.92
CA ILE L 227 -36.08 -31.70 -21.89
C ILE L 227 -36.56 -32.09 -23.28
N ALA L 228 -36.19 -33.29 -23.72
CA ALA L 228 -36.60 -33.75 -25.04
C ALA L 228 -38.12 -33.76 -25.19
N SER L 229 -38.84 -34.13 -24.14
CA SER L 229 -40.31 -34.13 -24.21
C SER L 229 -40.84 -32.74 -24.47
N LEU L 230 -40.32 -31.77 -23.72
CA LEU L 230 -40.75 -30.39 -23.89
C LEU L 230 -40.44 -29.91 -25.29
N CYS L 231 -39.25 -30.25 -25.81
CA CYS L 231 -38.88 -29.84 -27.16
C CYS L 231 -39.82 -30.45 -28.17
N LEU L 232 -40.17 -31.71 -27.97
CA LEU L 232 -41.08 -32.38 -28.88
C LEU L 232 -42.46 -31.70 -28.85
N MET L 233 -42.84 -31.13 -27.71
CA MET L 233 -44.11 -30.44 -27.59
C MET L 233 -43.93 -28.99 -28.01
N GLY L 234 -42.67 -28.61 -28.27
CA GLY L 234 -42.36 -27.24 -28.64
C GLY L 234 -42.72 -26.25 -27.54
N LYS L 235 -42.35 -26.56 -26.31
CA LYS L 235 -42.66 -25.69 -25.19
C LYS L 235 -41.52 -25.49 -24.21
N LEU L 236 -40.30 -25.75 -24.67
CA LEU L 236 -39.15 -25.61 -23.78
C LEU L 236 -39.13 -24.22 -23.15
N GLU L 237 -39.01 -23.20 -24.00
CA GLU L 237 -38.96 -21.80 -23.58
C GLU L 237 -40.16 -21.36 -22.75
N GLU L 238 -41.31 -21.96 -23.05
CA GLU L 238 -42.52 -21.61 -22.34
C GLU L 238 -42.61 -22.18 -20.94
N VAL L 239 -42.00 -23.35 -20.73
CA VAL L 239 -42.06 -24.00 -19.42
C VAL L 239 -40.99 -23.57 -18.44
N PHE L 240 -39.78 -23.39 -18.92
CA PHE L 240 -38.67 -22.99 -18.07
C PHE L 240 -38.20 -21.57 -18.37
N SER L 241 -37.97 -20.79 -17.32
CA SER L 241 -37.52 -19.42 -17.47
C SER L 241 -36.08 -19.42 -17.97
N GLU L 242 -35.60 -18.26 -18.39
CA GLU L 242 -34.23 -18.16 -18.87
C GLU L 242 -33.28 -18.51 -17.73
N LYS L 243 -33.62 -18.07 -16.53
CA LYS L 243 -32.80 -18.35 -15.36
C LYS L 243 -32.79 -19.85 -15.10
N GLU L 244 -33.96 -20.47 -15.18
CA GLU L 244 -34.07 -21.92 -14.98
C GLU L 244 -33.29 -22.69 -16.05
N LEU L 245 -33.47 -22.30 -17.31
CA LEU L 245 -32.74 -22.96 -18.39
C LEU L 245 -31.24 -22.81 -18.21
N ASN L 246 -30.80 -21.70 -17.61
CA ASN L 246 -29.38 -21.50 -17.41
C ASN L 246 -28.86 -22.46 -16.36
N ARG L 247 -29.68 -22.70 -15.34
CA ARG L 247 -29.29 -23.61 -14.28
C ARG L 247 -29.25 -25.05 -14.78
N ILE L 248 -30.22 -25.40 -15.62
CA ILE L 248 -30.29 -26.75 -16.17
C ILE L 248 -29.08 -26.99 -17.07
N LYS L 249 -28.72 -25.98 -17.86
CA LYS L 249 -27.57 -26.07 -18.76
C LYS L 249 -26.32 -26.30 -17.95
N ARG L 250 -26.18 -25.55 -16.85
CA ARG L 250 -25.02 -25.71 -16.00
C ARG L 250 -24.95 -27.13 -15.47
N TRP L 251 -26.08 -27.68 -15.03
CA TRP L 251 -26.09 -29.03 -14.50
C TRP L 251 -25.63 -30.03 -15.53
N CYS L 252 -26.09 -29.87 -16.77
CA CYS L 252 -25.75 -30.76 -17.85
C CYS L 252 -24.28 -30.66 -18.26
N ILE L 253 -23.85 -29.45 -18.57
CA ILE L 253 -22.48 -29.23 -18.98
C ILE L 253 -21.49 -29.74 -17.93
N MET L 254 -21.92 -29.82 -16.67
CA MET L 254 -21.05 -30.30 -15.60
C MET L 254 -20.90 -31.81 -15.60
N ARG L 255 -21.67 -32.50 -16.46
CA ARG L 255 -21.61 -33.95 -16.54
C ARG L 255 -20.39 -34.45 -17.31
N GLN L 256 -19.75 -33.58 -18.08
CA GLN L 256 -18.59 -34.06 -18.84
C GLN L 256 -17.33 -34.13 -18.01
N GLN L 257 -16.72 -35.30 -18.00
CA GLN L 257 -15.48 -35.56 -17.27
C GLN L 257 -14.41 -35.78 -18.33
N ASN L 258 -14.84 -36.38 -19.43
CA ASN L 258 -14.05 -36.68 -20.62
C ASN L 258 -15.20 -37.22 -21.45
N GLY L 259 -15.76 -38.31 -20.98
CA GLY L 259 -16.95 -38.86 -21.61
C GLY L 259 -18.00 -38.25 -20.68
N TYR L 260 -19.20 -38.82 -20.61
CA TYR L 260 -20.20 -38.24 -19.73
C TYR L 260 -20.74 -39.24 -18.72
N HIS L 261 -21.03 -38.78 -17.51
CA HIS L 261 -21.62 -39.64 -16.50
C HIS L 261 -23.09 -39.18 -16.35
N GLY L 262 -23.93 -40.00 -15.72
CA GLY L 262 -25.32 -39.64 -15.56
C GLY L 262 -25.68 -38.88 -14.30
N ARG L 263 -24.77 -38.86 -13.33
CA ARG L 263 -24.98 -38.19 -12.05
C ARG L 263 -23.63 -37.75 -11.46
N PRO L 264 -23.62 -36.67 -10.69
CA PRO L 264 -22.37 -36.20 -10.09
C PRO L 264 -21.68 -37.34 -9.35
N ASN L 265 -20.36 -37.36 -9.39
CA ASN L 265 -19.57 -38.38 -8.70
C ASN L 265 -19.85 -39.81 -9.11
N LYS L 266 -20.30 -39.99 -10.35
CA LYS L 266 -20.57 -41.33 -10.87
C LYS L 266 -19.64 -41.50 -12.08
N PRO L 267 -19.12 -42.72 -12.32
CA PRO L 267 -18.23 -42.96 -13.45
C PRO L 267 -18.88 -42.71 -14.82
N VAL L 268 -18.11 -42.26 -15.82
CA VAL L 268 -18.69 -42.01 -17.13
C VAL L 268 -19.15 -43.32 -17.78
N ASP L 269 -20.09 -43.18 -18.69
CA ASP L 269 -20.70 -44.30 -19.39
C ASP L 269 -21.00 -43.81 -20.81
N THR L 270 -20.51 -44.55 -21.81
CA THR L 270 -20.70 -44.16 -23.20
C THR L 270 -22.11 -43.67 -23.56
N CYS L 271 -23.15 -44.36 -23.14
CA CYS L 271 -24.48 -43.93 -23.54
C CYS L 271 -24.84 -42.49 -23.12
N TYR L 272 -24.18 -41.97 -22.10
CA TYR L 272 -24.48 -40.61 -21.67
C TYR L 272 -23.96 -39.55 -22.62
N SER L 273 -23.11 -39.96 -23.56
CA SER L 273 -22.61 -39.04 -24.56
C SER L 273 -23.81 -38.66 -25.41
N PHE L 274 -24.84 -39.49 -25.37
CA PHE L 274 -26.04 -39.14 -26.11
C PHE L 274 -27.06 -38.54 -25.16
N TRP L 275 -27.38 -39.25 -24.08
CA TRP L 275 -28.36 -38.76 -23.12
C TRP L 275 -28.10 -37.29 -22.74
N VAL L 276 -26.87 -37.02 -22.25
CA VAL L 276 -26.52 -35.66 -21.84
C VAL L 276 -26.19 -34.77 -23.04
N GLY L 277 -25.40 -35.32 -23.97
CA GLY L 277 -25.01 -34.57 -25.16
C GLY L 277 -26.21 -34.05 -25.93
N ALA L 278 -27.19 -34.91 -26.12
CA ALA L 278 -28.41 -34.54 -26.84
C ALA L 278 -29.17 -33.45 -26.08
N THR L 279 -29.10 -33.46 -24.75
CA THR L 279 -29.80 -32.46 -23.96
C THR L 279 -29.06 -31.15 -24.19
N LEU L 280 -27.73 -31.19 -24.11
CA LEU L 280 -26.94 -30.00 -24.32
C LEU L 280 -27.23 -29.44 -25.71
N LYS L 281 -27.38 -30.31 -26.70
CA LYS L 281 -27.68 -29.88 -28.05
C LYS L 281 -29.05 -29.20 -28.08
N LEU L 282 -30.05 -29.82 -27.48
CA LEU L 282 -31.37 -29.21 -27.44
C LEU L 282 -31.31 -27.85 -26.75
N LEU L 283 -30.38 -27.69 -25.82
CA LEU L 283 -30.27 -26.42 -25.10
C LEU L 283 -29.27 -25.49 -25.82
N LYS L 284 -28.90 -25.87 -27.03
CA LYS L 284 -28.00 -25.09 -27.88
C LYS L 284 -26.64 -24.72 -27.27
N ILE L 285 -26.05 -25.60 -26.48
CA ILE L 285 -24.75 -25.30 -25.92
C ILE L 285 -23.80 -26.49 -26.00
N PHE L 286 -24.20 -27.53 -26.74
CA PHE L 286 -23.33 -28.69 -26.87
C PHE L 286 -22.01 -28.25 -27.53
N GLN L 287 -22.12 -27.19 -28.33
CA GLN L 287 -21.01 -26.59 -29.05
C GLN L 287 -19.89 -26.12 -28.13
N TYR L 288 -20.24 -25.83 -26.88
CA TYR L 288 -19.25 -25.36 -25.92
C TYR L 288 -18.60 -26.48 -25.11
N THR L 289 -18.95 -27.72 -25.41
CA THR L 289 -18.38 -28.86 -24.71
C THR L 289 -17.04 -29.21 -25.37
N ASN L 290 -16.25 -30.03 -24.70
CA ASN L 290 -14.96 -30.44 -25.24
C ASN L 290 -15.20 -31.69 -26.11
N PHE L 291 -15.10 -31.54 -27.43
CA PHE L 291 -15.33 -32.64 -28.36
C PHE L 291 -14.28 -33.75 -28.35
N GLU L 292 -13.02 -33.38 -28.37
CA GLU L 292 -11.96 -34.36 -28.42
C GLU L 292 -11.97 -35.39 -27.31
N LYS L 293 -12.06 -34.93 -26.07
CA LYS L 293 -12.06 -35.84 -24.93
C LYS L 293 -13.27 -36.77 -24.94
N ASN L 294 -14.41 -36.25 -25.39
CA ASN L 294 -15.63 -37.04 -25.47
C ASN L 294 -15.47 -38.11 -26.55
N ARG L 295 -15.04 -37.68 -27.73
CA ARG L 295 -14.81 -38.59 -28.85
C ARG L 295 -13.78 -39.66 -28.47
N ASN L 296 -12.69 -39.24 -27.83
CA ASN L 296 -11.66 -40.20 -27.41
C ASN L 296 -12.24 -41.26 -26.47
N TYR L 297 -13.09 -40.83 -25.53
CA TYR L 297 -13.67 -41.77 -24.61
C TYR L 297 -14.58 -42.76 -25.32
N ILE L 298 -15.53 -42.25 -26.10
CA ILE L 298 -16.46 -43.10 -26.83
C ILE L 298 -15.71 -44.18 -27.59
N LEU L 299 -14.64 -43.77 -28.28
CA LEU L 299 -13.85 -44.73 -29.04
C LEU L 299 -13.13 -45.73 -28.15
N SER L 300 -12.68 -45.29 -26.97
CA SER L 300 -11.99 -46.20 -26.06
C SER L 300 -12.87 -47.38 -25.64
N THR L 301 -14.17 -47.27 -25.89
CA THR L 301 -15.10 -48.34 -25.53
C THR L 301 -15.56 -49.13 -26.75
N GLN L 302 -14.93 -48.85 -27.89
CA GLN L 302 -15.25 -49.53 -29.14
C GLN L 302 -14.61 -50.89 -29.17
N ASP L 303 -15.35 -51.92 -29.59
CA ASP L 303 -14.81 -53.28 -29.65
C ASP L 303 -14.29 -53.49 -31.07
N ARG L 304 -12.97 -53.38 -31.22
CA ARG L 304 -12.32 -53.52 -32.52
C ARG L 304 -12.42 -54.91 -33.13
N LEU L 305 -12.82 -55.88 -32.34
CA LEU L 305 -12.94 -57.25 -32.82
C LEU L 305 -14.36 -57.59 -33.27
N VAL L 306 -15.33 -57.44 -32.38
CA VAL L 306 -16.72 -57.75 -32.70
C VAL L 306 -17.57 -56.56 -33.12
N GLY L 307 -17.08 -55.35 -32.89
CA GLY L 307 -17.84 -54.18 -33.27
C GLY L 307 -18.72 -53.67 -32.14
N GLY L 308 -19.45 -52.58 -32.38
CA GLY L 308 -20.29 -52.01 -31.35
C GLY L 308 -19.47 -51.32 -30.27
N PHE L 309 -20.15 -50.80 -29.24
CA PHE L 309 -19.47 -50.13 -28.11
C PHE L 309 -19.99 -50.67 -26.77
N ALA L 310 -19.20 -50.44 -25.72
CA ALA L 310 -19.56 -50.88 -24.38
C ALA L 310 -19.72 -49.64 -23.52
N LYS L 311 -20.24 -49.78 -22.31
CA LYS L 311 -20.40 -48.60 -21.47
C LYS L 311 -19.01 -48.11 -21.05
N TRP L 312 -18.11 -49.04 -20.74
CA TRP L 312 -16.76 -48.69 -20.31
C TRP L 312 -15.74 -49.37 -21.19
N PRO L 313 -14.52 -48.83 -21.25
CA PRO L 313 -13.47 -49.45 -22.08
C PRO L 313 -13.13 -50.82 -21.52
N ASP L 314 -12.70 -51.73 -22.39
CA ASP L 314 -12.36 -53.09 -21.94
C ASP L 314 -13.56 -53.65 -21.20
N SER L 315 -14.69 -53.67 -21.92
CA SER L 315 -15.96 -54.16 -21.40
C SER L 315 -16.69 -54.71 -22.62
N HIS L 316 -17.64 -55.63 -22.44
CA HIS L 316 -18.33 -56.20 -23.60
C HIS L 316 -19.35 -55.26 -24.22
N PRO L 317 -19.37 -55.21 -25.57
CA PRO L 317 -20.30 -54.34 -26.29
C PRO L 317 -21.72 -54.86 -26.26
N ASP L 318 -22.66 -54.01 -26.64
CA ASP L 318 -24.06 -54.39 -26.71
C ASP L 318 -24.82 -53.42 -27.62
N ALA L 319 -26.02 -53.81 -28.05
CA ALA L 319 -26.82 -52.99 -28.95
C ALA L 319 -27.08 -51.58 -28.46
N LEU L 320 -27.38 -51.44 -27.16
CA LEU L 320 -27.66 -50.14 -26.61
C LEU L 320 -26.46 -49.19 -26.67
N HIS L 321 -25.34 -49.61 -26.12
CA HIS L 321 -24.17 -48.75 -26.15
C HIS L 321 -23.60 -48.57 -27.55
N ALA L 322 -23.81 -49.56 -28.41
CA ALA L 322 -23.32 -49.46 -29.78
C ALA L 322 -24.11 -48.32 -30.43
N TYR L 323 -25.44 -48.36 -30.30
CA TYR L 323 -26.28 -47.33 -30.89
C TYR L 323 -26.04 -45.94 -30.29
N PHE L 324 -26.16 -45.83 -28.97
CA PHE L 324 -25.97 -44.54 -28.32
C PHE L 324 -24.54 -44.04 -28.48
N GLY L 325 -23.59 -44.95 -28.56
CA GLY L 325 -22.21 -44.53 -28.73
C GLY L 325 -22.08 -43.87 -30.11
N ILE L 326 -22.74 -44.47 -31.09
CA ILE L 326 -22.71 -43.93 -32.44
C ILE L 326 -23.45 -42.60 -32.48
N CYS L 327 -24.62 -42.53 -31.85
CA CYS L 327 -25.36 -41.28 -31.82
C CYS L 327 -24.56 -40.19 -31.09
N GLY L 328 -23.74 -40.61 -30.13
CA GLY L 328 -22.92 -39.66 -29.41
C GLY L 328 -21.94 -39.06 -30.39
N LEU L 329 -21.29 -39.91 -31.17
CA LEU L 329 -20.32 -39.49 -32.18
C LEU L 329 -21.02 -38.57 -33.20
N SER L 330 -22.24 -38.95 -33.55
CA SER L 330 -23.04 -38.18 -34.50
C SER L 330 -23.21 -36.73 -34.07
N LEU L 331 -23.51 -36.51 -32.81
CA LEU L 331 -23.71 -35.16 -32.27
C LEU L 331 -22.55 -34.22 -32.57
N MET L 332 -21.34 -34.77 -32.68
CA MET L 332 -20.16 -33.97 -32.97
C MET L 332 -19.80 -34.09 -34.45
N GLU L 333 -20.75 -34.59 -35.24
CA GLU L 333 -20.59 -34.77 -36.68
C GLU L 333 -19.37 -35.59 -37.07
N GLU L 334 -19.43 -36.88 -36.77
CA GLU L 334 -18.37 -37.82 -37.09
C GLU L 334 -18.55 -38.18 -38.56
N SER L 335 -17.44 -38.46 -39.24
CA SER L 335 -17.52 -38.82 -40.65
C SER L 335 -18.06 -40.22 -40.89
N GLY L 336 -19.07 -40.30 -41.76
CA GLY L 336 -19.65 -41.59 -42.07
C GLY L 336 -20.89 -41.88 -41.27
N ILE L 337 -21.24 -40.96 -40.37
CA ILE L 337 -22.39 -41.10 -39.51
C ILE L 337 -23.37 -39.96 -39.75
N CYS L 338 -24.62 -40.29 -40.04
CA CYS L 338 -25.64 -39.28 -40.30
C CYS L 338 -25.93 -38.44 -39.08
N LYS L 339 -26.46 -37.25 -39.33
CA LYS L 339 -26.81 -36.31 -38.28
C LYS L 339 -28.01 -36.91 -37.57
N VAL L 340 -28.02 -36.84 -36.25
CA VAL L 340 -29.14 -37.38 -35.50
C VAL L 340 -30.05 -36.26 -35.06
N HIS L 341 -31.32 -36.60 -34.88
CA HIS L 341 -32.32 -35.64 -34.43
C HIS L 341 -32.38 -35.83 -32.92
N PRO L 342 -31.71 -34.93 -32.17
CA PRO L 342 -31.62 -34.96 -30.71
C PRO L 342 -32.84 -35.34 -29.90
N ALA L 343 -33.97 -34.74 -30.19
CA ALA L 343 -35.17 -35.02 -29.42
C ALA L 343 -35.95 -36.26 -29.79
N LEU L 344 -35.93 -36.63 -31.07
CA LEU L 344 -36.69 -37.79 -31.53
C LEU L 344 -35.91 -39.10 -31.54
N ASN L 345 -34.58 -38.98 -31.47
CA ASN L 345 -33.69 -40.14 -31.43
C ASN L 345 -33.76 -41.04 -32.68
N VAL L 346 -33.77 -40.39 -33.85
CA VAL L 346 -33.77 -41.04 -35.18
C VAL L 346 -32.82 -40.19 -36.00
N SER L 347 -32.40 -40.69 -37.17
CA SER L 347 -31.50 -39.92 -38.01
C SER L 347 -32.36 -38.79 -38.57
N THR L 348 -31.73 -37.68 -38.94
CA THR L 348 -32.49 -36.55 -39.50
C THR L 348 -33.15 -36.97 -40.81
N ARG L 349 -32.48 -37.86 -41.55
CA ARG L 349 -33.06 -38.39 -42.78
C ARG L 349 -34.46 -38.88 -42.41
N THR L 350 -34.51 -39.78 -41.43
CA THR L 350 -35.77 -40.34 -40.95
C THR L 350 -36.72 -39.27 -40.41
N SER L 351 -36.17 -38.29 -39.68
CA SER L 351 -37.00 -37.24 -39.12
C SER L 351 -37.72 -36.51 -40.24
N GLU L 352 -36.99 -36.26 -41.32
CA GLU L 352 -37.55 -35.57 -42.45
C GLU L 352 -38.55 -36.46 -43.18
N ARG L 353 -38.22 -37.74 -43.28
CA ARG L 353 -39.11 -38.69 -43.91
C ARG L 353 -40.45 -38.54 -43.18
N LEU L 354 -40.37 -38.43 -41.84
CA LEU L 354 -41.59 -38.28 -41.03
C LEU L 354 -42.29 -36.97 -41.30
N ARG L 355 -41.50 -35.93 -41.57
CA ARG L 355 -42.04 -34.60 -41.87
C ARG L 355 -42.97 -34.72 -43.07
N ASP L 356 -42.51 -35.46 -44.08
CA ASP L 356 -43.30 -35.67 -45.28
C ASP L 356 -44.56 -36.43 -44.92
N LEU L 357 -44.39 -37.62 -44.36
CA LEU L 357 -45.52 -38.43 -43.95
C LEU L 357 -46.62 -37.59 -43.29
N HIS L 358 -46.23 -36.60 -42.51
CA HIS L 358 -47.19 -35.72 -41.81
C HIS L 358 -47.92 -34.78 -42.76
N GLN L 359 -47.14 -34.05 -43.56
CA GLN L 359 -47.69 -33.08 -44.52
C GLN L 359 -48.67 -33.78 -45.48
N SER L 360 -48.38 -35.04 -45.78
CA SER L 360 -49.24 -35.80 -46.67
C SER L 360 -50.58 -36.05 -46.00
N TRP L 361 -50.57 -36.52 -44.76
CA TRP L 361 -51.83 -36.78 -44.05
C TRP L 361 -52.61 -35.47 -43.93
N LYS L 362 -51.88 -34.35 -43.97
CA LYS L 362 -52.47 -33.02 -43.89
C LYS L 362 -52.93 -32.56 -45.27
N THR L 363 -53.80 -33.36 -45.89
CA THR L 363 -54.36 -33.05 -47.21
C THR L 363 -55.82 -33.48 -47.23
N ARG M 2 -3.96 0.50 26.35
CA ARG M 2 -5.09 1.42 26.22
C ARG M 2 -5.69 1.84 27.59
N CYS M 3 -6.28 3.04 27.64
CA CYS M 3 -6.87 3.57 28.88
C CYS M 3 -8.28 4.07 28.67
N VAL M 4 -9.28 3.25 29.00
CA VAL M 4 -10.66 3.67 28.84
C VAL M 4 -11.09 4.66 29.93
N LEU M 5 -11.43 5.88 29.54
CA LEU M 5 -11.84 6.91 30.48
C LEU M 5 -13.35 7.05 30.59
N LEU M 6 -14.07 6.63 29.56
CA LEU M 6 -15.52 6.72 29.55
C LEU M 6 -16.17 5.38 29.19
N ARG N 2 -3.37 -3.31 -45.04
CA ARG N 2 -2.64 -4.34 -45.78
C ARG N 2 -1.19 -4.46 -45.29
N CYS N 3 -0.75 -5.67 -45.00
CA CYS N 3 0.61 -5.90 -44.49
C CYS N 3 1.56 -6.60 -45.46
N VAL N 4 2.38 -5.81 -46.13
CA VAL N 4 3.35 -6.34 -47.08
C VAL N 4 4.56 -6.90 -46.34
N LEU N 5 4.76 -8.22 -46.43
CA LEU N 5 5.88 -8.84 -45.75
C LEU N 5 7.11 -9.00 -46.64
N LEU N 6 6.91 -8.97 -47.96
CA LEU N 6 8.03 -9.12 -48.89
C LEU N 6 8.01 -8.04 -49.97
N ARG O 2 66.75 -0.90 -48.78
CA ARG O 2 65.96 -1.67 -47.81
C ARG O 2 64.59 -2.02 -48.41
N CYS O 3 64.07 -3.21 -48.10
CA CYS O 3 62.76 -3.66 -48.60
C CYS O 3 61.83 -4.00 -47.44
N VAL O 4 60.79 -3.19 -47.26
CA VAL O 4 59.85 -3.43 -46.16
C VAL O 4 58.72 -4.37 -46.56
N LEU O 5 58.71 -5.57 -46.02
CA LEU O 5 57.67 -6.51 -46.36
C LEU O 5 56.44 -6.42 -45.46
N LEU O 6 56.64 -5.90 -44.25
CA LEU O 6 55.55 -5.79 -43.30
C LEU O 6 55.43 -4.38 -42.69
N ARG P 2 -59.43 8.42 69.31
CA ARG P 2 -58.33 9.37 69.20
C ARG P 2 -57.64 9.26 67.82
N CYS P 3 -57.24 10.41 67.26
CA CYS P 3 -56.60 10.42 65.94
C CYS P 3 -55.19 10.99 65.92
N VAL P 4 -54.20 10.12 65.92
CA VAL P 4 -52.81 10.57 65.90
C VAL P 4 -52.41 11.01 64.50
N LEU P 5 -51.97 12.26 64.37
CA LEU P 5 -51.55 12.80 63.07
C LEU P 5 -50.04 12.89 62.94
N LEU P 6 -49.35 12.95 64.06
CA LEU P 6 -47.89 13.06 64.06
C LEU P 6 -47.22 11.97 64.88
N ARG Q 2 20.77 36.24 12.38
CA ARG Q 2 21.90 35.35 12.67
C ARG Q 2 23.24 36.12 12.73
N CYS Q 3 24.02 35.89 13.79
CA CYS Q 3 25.32 36.55 13.95
C CYS Q 3 26.47 35.56 13.86
N VAL Q 4 27.11 35.49 12.70
CA VAL Q 4 28.23 34.57 12.49
C VAL Q 4 29.54 35.17 13.02
N LEU Q 5 30.20 34.51 13.97
CA LEU Q 5 31.44 35.09 14.48
C LEU Q 5 32.66 34.31 14.08
N LEU Q 6 32.48 33.31 13.22
CA LEU Q 6 33.61 32.50 12.75
C LEU Q 6 33.38 32.01 11.32
N ARG R 2 -23.54 -53.17 -18.25
CA ARG R 2 -24.83 -53.22 -18.94
C ARG R 2 -25.85 -52.23 -18.34
N CYS R 3 -26.61 -51.55 -19.19
CA CYS R 3 -27.60 -50.57 -18.74
C CYS R 3 -29.00 -51.04 -19.06
N VAL R 4 -29.76 -51.43 -18.04
CA VAL R 4 -31.13 -51.90 -18.24
C VAL R 4 -32.10 -50.70 -18.15
N LEU R 5 -32.75 -50.39 -19.26
CA LEU R 5 -33.66 -49.25 -19.35
C LEU R 5 -35.11 -49.57 -19.09
N LEU R 6 -35.47 -50.84 -19.27
CA LEU R 6 -36.84 -51.29 -19.07
C LEU R 6 -36.88 -52.48 -18.12
ZN ZN S . -2.97 6.03 30.52
C20 MGM T . -11.83 13.69 28.42
C19 MGM T . -10.30 15.16 29.79
C18 MGM T . -11.47 14.20 29.78
C17 MGM T . -12.12 13.79 30.89
C16 MGM T . -11.80 14.22 32.30
C14 MGM T . -13.19 11.11 32.82
C13 MGM T . -12.24 12.09 33.49
C15 MGM T . -12.66 13.53 33.32
C12 MGM T . -11.09 11.72 34.15
C11 MGM T . -10.64 10.27 34.29
C9 MGM T . -9.34 10.09 35.08
C8 MGM T . -8.87 8.64 35.16
C10 MGM T . -7.48 8.46 34.59
C7 MGM T . -9.63 7.61 35.68
C6 MGM T . -9.20 6.14 35.77
C5 MGM T . -9.57 5.33 34.50
N3 MGM T . -9.46 3.86 34.59
C4 MGM T . -8.60 3.30 33.55
C2 MGM T . -10.19 3.06 35.64
C1 MGM T . -10.23 1.53 35.90
O1 MGM T . -9.40 0.75 35.04
PA MGM T . -7.91 0.32 35.52
O1A MGM T . -7.90 -0.45 36.82
O3A MGM T . -7.10 1.69 35.58
O2A MGM T . -7.28 -0.50 34.34
PB MGM T . -5.62 2.02 35.92
O1B MGM T . -4.80 0.81 36.22
O2B MGM T . -5.71 3.01 37.10
O3B MGM T . -5.14 2.78 34.65
ZN ZN U . -1.10 -7.28 -40.19
CL CL V . 2.47 -19.24 -21.92
C20 MGM W . 5.68 -15.87 -45.38
C19 MGM W . 5.42 -16.57 -42.98
C18 MGM W . 6.23 -15.80 -43.99
C17 MGM W . 7.36 -15.12 -43.71
C16 MGM W . 8.01 -15.01 -42.36
C14 MGM W . 8.91 -12.01 -43.81
C13 MGM W . 8.78 -12.64 -42.43
C15 MGM W . 9.21 -14.10 -42.39
C12 MGM W . 8.31 -11.96 -41.32
C11 MGM W . 7.87 -10.50 -41.34
C9 MGM W . 7.41 -9.96 -39.98
C8 MGM W . 6.94 -8.51 -40.02
C10 MGM W . 5.55 -8.33 -39.47
C7 MGM W . 7.73 -7.47 -40.51
C6 MGM W . 7.31 -6.00 -40.59
C5 MGM W . 6.64 -5.66 -41.95
N3 MGM W . 6.30 -4.24 -42.18
C4 MGM W . 4.86 -4.05 -42.38
C2 MGM W . 7.33 -3.17 -42.24
C1 MGM W . 7.18 -1.65 -42.48
O1 MGM W . 5.87 -1.23 -42.86
PA MGM W . 4.94 -0.52 -41.74
O1A MGM W . 5.58 0.71 -41.15
O3A MGM W . 4.66 -1.68 -40.69
O2A MGM W . 3.57 -0.20 -42.44
PB MGM W . 3.83 -1.80 -39.38
O1B MGM W . 3.10 -0.55 -39.04
O2B MGM W . 4.86 -2.22 -38.32
O3B MGM W . 2.89 -3.02 -39.67
ZN ZN X . 64.69 -6.34 -52.21
CL CL Y . 62.43 -24.93 -64.57
O1 MES Z . 73.15 -32.71 -46.89
C2 MES Z . 73.15 -31.50 -47.71
C3 MES Z . 71.84 -31.22 -48.05
N4 MES Z . 71.26 -32.32 -48.78
C5 MES Z . 71.22 -33.48 -47.97
C6 MES Z . 72.51 -33.84 -47.56
C7 MES Z . 69.92 -32.04 -49.16
C8 MES Z . 69.70 -30.95 -49.99
S MES Z . 68.43 -30.48 -50.46
O1S MES Z . 68.55 -29.70 -52.07
O2S MES Z . 67.28 -31.86 -50.68
O3S MES Z . 67.58 -29.34 -49.36
C20 MGM AA . 58.25 -13.06 -43.94
C19 MGM AA . 58.88 -14.46 -45.95
C18 MGM AA . 57.85 -13.57 -45.30
C17 MGM AA . 56.69 -13.21 -45.86
C16 MGM AA . 56.22 -13.66 -47.22
C14 MGM AA . 54.91 -10.51 -47.05
C13 MGM AA . 55.22 -11.58 -48.08
C15 MGM AA . 54.94 -12.99 -47.58
C12 MGM AA . 55.72 -11.28 -49.32
C11 MGM AA . 56.02 -9.87 -49.82
C9 MGM AA . 56.54 -9.81 -51.26
C8 MGM AA . 56.84 -8.44 -51.81
C10 MGM AA . 58.15 -8.40 -52.53
C7 MGM AA . 55.99 -7.35 -51.65
C6 MGM AA . 56.19 -5.91 -52.18
C5 MGM AA . 57.34 -5.10 -51.48
N3 MGM AA . 57.17 -3.63 -51.27
C4 MGM AA . 58.14 -3.10 -50.32
C2 MGM AA . 56.14 -2.79 -51.97
C1 MGM AA . 55.90 -1.26 -51.82
O1 MGM AA . 57.11 -0.47 -51.76
PA MGM AA . 57.95 -0.15 -53.12
O1A MGM AA . 57.12 0.56 -54.18
O3A MGM AA . 58.46 -1.59 -53.56
O2A MGM AA . 59.20 0.68 -52.71
PB MGM AA . 59.34 -2.14 -54.71
O1B MGM AA . 59.88 -1.08 -55.61
O2B MGM AA . 58.40 -3.12 -55.40
O3B MGM AA . 60.46 -2.93 -53.97
ZN ZN BA . -60.54 11.83 63.56
CL CL CA . -68.50 23.84 46.51
C20 MGM DA . -51.77 20.00 62.66
C19 MGM DA . -53.41 20.48 60.84
C18 MGM DA . -52.15 19.77 61.24
C17 MGM DA . -51.43 18.98 60.41
C16 MGM DA . -51.79 18.73 58.96
C14 MGM DA . -50.23 15.63 59.49
C13 MGM DA . -51.25 16.33 58.61
C15 MGM DA . -50.85 17.76 58.29
C12 MGM DA . -52.40 15.72 58.16
C11 MGM DA . -52.83 14.31 58.48
C9 MGM DA . -54.16 13.89 57.84
C8 MGM DA . -54.63 12.47 58.16
C10 MGM DA . -56.10 12.43 58.44
C7 MGM DA . -53.79 11.38 58.19
C6 MGM DA . -54.20 9.94 58.52
C5 MGM DA . -54.34 9.69 60.05
N3 MGM DA . -54.20 8.30 60.56
C4 MGM DA . -54.71 8.19 61.92
C2 MGM DA . -53.59 7.19 59.78
C1 MGM DA . -53.37 5.71 60.20
O1 MGM DA . -54.09 5.31 61.37
PA MGM DA . -55.57 4.67 61.21
O1A MGM DA . -55.59 3.44 60.35
O3A MGM DA . -56.43 5.88 60.63
O2A MGM DA . -56.11 4.37 62.65
PB MGM DA . -57.94 6.04 60.26
O1B MGM DA . -58.74 4.80 60.54
O2B MGM DA . -57.92 6.42 58.76
O3B MGM DA . -58.39 7.26 61.10
ZN ZN EA . 23.95 39.29 17.73
C20 MGM FA . 33.24 31.79 20.64
C19 MGM FA . 32.74 33.47 22.46
C18 MGM FA . 33.54 33.14 21.22
C17 MGM FA . 34.43 33.97 20.65
C16 MGM FA . 34.79 35.34 21.15
C14 MGM FA . 35.19 35.69 17.77
C13 MGM FA . 35.00 36.56 19.01
C15 MGM FA . 35.76 36.02 20.23
C12 MGM FA . 34.22 37.68 19.04
C11 MGM FA . 33.44 38.24 17.87
C9 MGM FA . 32.68 39.51 18.24
C8 MGM FA . 31.85 40.17 17.14
C10 MGM FA . 30.45 40.50 17.63
C7 MGM FA . 32.32 40.43 15.86
C6 MGM FA . 31.58 41.11 14.68
C5 MGM FA . 30.28 40.42 14.18
N3 MGM FA . 30.05 40.40 12.71
C4 MGM FA . 29.05 39.40 12.32
C2 MGM FA . 30.76 41.29 11.74
C1 MGM FA . 30.58 41.31 10.20
O1 MGM FA . 29.22 41.15 9.77
PA MGM FA . 28.14 42.36 9.95
O1A MGM FA . 28.59 43.64 9.28
O3A MGM FA . 27.94 42.47 11.52
O2A MGM FA . 26.80 41.84 9.37
PB MGM FA . 27.08 43.38 12.45
O1B MGM FA . 26.25 44.41 11.73
O2B MGM FA . 28.12 44.00 13.40
O3B MGM FA . 26.21 42.37 13.22
ZN ZN GA . -24.96 -46.92 -20.46
C20 MGM HA . -36.09 -47.80 -25.73
C19 MGM HA . -35.00 -45.68 -26.53
C18 MGM HA . -35.90 -46.33 -25.51
C17 MGM HA . -36.45 -45.72 -24.47
C16 MGM HA . -36.29 -44.26 -24.14
C14 MGM HA . -36.58 -45.82 -21.14
C13 MGM HA . -36.12 -44.48 -21.67
C15 MGM HA . -36.97 -43.95 -22.84
C12 MGM HA . -35.04 -43.81 -21.16
C11 MGM HA . -34.18 -44.31 -20.01
C9 MGM HA . -33.06 -43.35 -19.63
C8 MGM HA . -32.16 -43.80 -18.49
C10 MGM HA . -30.70 -43.78 -18.90
C7 MGM HA . -32.65 -44.15 -17.23
C6 MGM HA . -31.83 -44.62 -15.99
C5 MGM HA . -31.05 -45.95 -16.19
N3 MGM HA . -30.81 -46.81 -15.00
C4 MGM HA . -30.12 -48.05 -15.37
C2 MGM HA . -31.24 -46.47 -13.61
C1 MGM HA . -31.05 -47.30 -12.30
O1 MGM HA . -29.85 -48.12 -12.23
PA MGM HA . -28.43 -47.45 -11.88
O1A MGM HA . -28.43 -46.70 -10.58
O3A MGM HA . -28.12 -46.57 -13.18
O2A MGM HA . -27.39 -48.59 -11.90
PB MGM HA . -26.98 -45.62 -13.64
O1B MGM HA . -25.91 -45.42 -12.62
O2B MGM HA . -27.72 -44.34 -14.03
O3B MGM HA . -26.43 -46.33 -14.92
#